data_8UY6
#
_entry.id   8UY6
#
_cell.length_a   1.00
_cell.length_b   1.00
_cell.length_c   1.00
_cell.angle_alpha   90.00
_cell.angle_beta   90.00
_cell.angle_gamma   90.00
#
_symmetry.space_group_name_H-M   'P 1'
#
loop_
_entity.id
_entity.type
_entity.pdbx_description
1 polymer 'Aquaporin Z'
2 polymer 'anti-ALFA nanobody'
3 non-polymer CARDIOLIPIN
#
loop_
_entity_poly.entity_id
_entity_poly.type
_entity_poly.pdbx_seq_one_letter_code
_entity_poly.pdbx_strand_id
1 'polypeptide(L)'
;MFRKLAAECFGTFWLVFGGCGSAVLAAGFPELGIGFAGVALAFGLTVLTMAFAVGHISGGHFNPAVTIGLWAGGRFPAKE
VVGYVIAQVVGGIVAAALLYLIASGKTGFDAAASGFASNGYGEHSPGGYSMLSALVVELVLSAGFLLVIHGATDKFAPAG
FAPIAIGLALTLIHLISIPVTNTSVNPARSTAVAIFQGGWALEQLWFFWVVPIVGGIIGGLIYRTLLRASRLEEELRRRL
TEPGGGPGASWSHPQFEK
;
A,C,E,G,I,K,M,O
2 'polypeptide(L)'
;SGEVQLQESGGGLVQPGGSLRLSCTASGVTISALNAMAMGWYRQAPGERRVMVAAVSERGNAMYRESVQGRFTVTRDFTN
KMVSLQMDNLKPEDTAVYYCHVLEDRVDSFHDYWGQGTQVTVSS
;
B,D,F,H,J,L,N,P
#
loop_
_chem_comp.id
_chem_comp.type
_chem_comp.name
_chem_comp.formula
CDL non-polymer CARDIOLIPIN 'C81 H156 O17 P2 -2'
#
# COMPACT_ATOMS: atom_id res chain seq x y z
N MET A 1 32.91 17.50 -15.55
CA MET A 1 33.75 17.15 -16.68
C MET A 1 35.19 16.93 -16.24
N PHE A 2 35.62 17.67 -15.22
CA PHE A 2 36.97 17.46 -14.69
C PHE A 2 37.12 16.06 -14.13
N ARG A 3 36.11 15.59 -13.40
CA ARG A 3 36.14 14.22 -12.90
C ARG A 3 36.19 13.22 -14.05
N LYS A 4 35.37 13.43 -15.08
CA LYS A 4 35.34 12.52 -16.21
C LYS A 4 36.67 12.52 -16.97
N LEU A 5 37.24 13.71 -17.18
CA LEU A 5 38.51 13.78 -17.88
C LEU A 5 39.62 13.12 -17.08
N ALA A 6 39.63 13.33 -15.76
CA ALA A 6 40.62 12.67 -14.93
C ALA A 6 40.46 11.16 -14.99
N ALA A 7 39.22 10.67 -14.97
CA ALA A 7 38.99 9.23 -15.05
C ALA A 7 39.50 8.67 -16.37
N GLU A 8 39.21 9.36 -17.48
CA GLU A 8 39.67 8.88 -18.78
C GLU A 8 41.19 8.89 -18.86
N CYS A 9 41.82 9.95 -18.34
CA CYS A 9 43.28 10.04 -18.37
C CYS A 9 43.91 8.90 -17.57
N PHE A 10 43.40 8.67 -16.35
CA PHE A 10 43.94 7.60 -15.53
C PHE A 10 43.71 6.23 -16.18
N GLY A 11 42.54 6.03 -16.78
CA GLY A 11 42.27 4.76 -17.43
C GLY A 11 43.21 4.49 -18.60
N THR A 12 43.44 5.50 -19.43
CA THR A 12 44.36 5.31 -20.55
C THR A 12 45.79 5.12 -20.07
N PHE A 13 46.18 5.84 -19.02
CA PHE A 13 47.49 5.61 -18.42
C PHE A 13 47.63 4.17 -17.98
N TRP A 14 46.62 3.65 -17.28
CA TRP A 14 46.65 2.27 -16.81
C TRP A 14 46.76 1.30 -17.99
N LEU A 15 45.95 1.53 -19.03
CA LEU A 15 45.97 0.64 -20.19
C LEU A 15 47.36 0.59 -20.82
N VAL A 16 47.92 1.76 -21.12
CA VAL A 16 49.21 1.79 -21.79
C VAL A 16 50.28 1.19 -20.89
N PHE A 17 50.36 1.65 -19.64
CA PHE A 17 51.35 1.11 -18.71
C PHE A 17 51.27 -0.41 -18.67
N GLY A 18 50.12 -0.95 -18.25
CA GLY A 18 49.97 -2.39 -18.20
C GLY A 18 50.37 -3.11 -19.46
N GLY A 19 49.67 -2.84 -20.57
CA GLY A 19 49.90 -3.62 -21.77
C GLY A 19 51.31 -3.46 -22.33
N CYS A 20 51.73 -2.23 -22.55
CA CYS A 20 53.03 -2.00 -23.17
C CYS A 20 54.16 -2.43 -22.24
N GLY A 21 54.03 -2.23 -20.93
CA GLY A 21 55.05 -2.67 -20.02
C GLY A 21 55.16 -4.19 -19.95
N SER A 22 54.02 -4.88 -20.00
CA SER A 22 54.08 -6.34 -20.06
C SER A 22 54.76 -6.78 -21.36
N ALA A 23 54.48 -6.10 -22.46
CA ALA A 23 55.14 -6.46 -23.73
C ALA A 23 56.64 -6.20 -23.68
N VAL A 24 57.05 -5.10 -23.07
CA VAL A 24 58.44 -4.65 -23.14
C VAL A 24 59.31 -5.36 -22.10
N LEU A 25 58.80 -5.58 -20.89
CA LEU A 25 59.61 -6.08 -19.79
C LEU A 25 59.52 -7.59 -19.60
N ALA A 26 58.40 -8.22 -19.96
CA ALA A 26 58.16 -9.61 -19.59
C ALA A 26 57.87 -10.54 -20.76
N ALA A 27 57.52 -10.02 -21.93
CA ALA A 27 57.10 -10.90 -23.01
C ALA A 27 58.22 -11.84 -23.46
N GLY A 28 59.43 -11.32 -23.59
CA GLY A 28 60.53 -12.10 -24.10
C GLY A 28 61.53 -12.62 -23.08
N PHE A 29 61.13 -12.65 -21.82
CA PHE A 29 62.06 -13.09 -20.79
C PHE A 29 62.48 -14.54 -21.04
N PRO A 30 63.76 -14.87 -20.85
CA PRO A 30 64.25 -16.20 -21.23
C PRO A 30 63.70 -17.30 -20.34
N GLU A 31 63.03 -18.28 -20.97
CA GLU A 31 62.64 -19.52 -20.32
C GLU A 31 61.45 -19.34 -19.36
N LEU A 32 61.02 -18.10 -19.16
CA LEU A 32 59.90 -17.85 -18.27
C LEU A 32 59.02 -16.70 -18.73
N GLY A 33 59.26 -16.16 -19.93
CA GLY A 33 58.46 -15.04 -20.40
C GLY A 33 57.00 -15.41 -20.61
N ILE A 34 56.16 -14.39 -20.59
CA ILE A 34 54.72 -14.62 -20.67
C ILE A 34 54.25 -14.80 -22.11
N GLY A 35 54.95 -14.19 -23.07
CA GLY A 35 54.61 -14.38 -24.46
C GLY A 35 53.41 -13.56 -24.91
N PHE A 36 52.97 -13.87 -26.14
CA PHE A 36 51.85 -13.15 -26.72
C PHE A 36 50.58 -13.36 -25.91
N ALA A 37 50.35 -14.59 -25.42
CA ALA A 37 49.16 -14.84 -24.63
C ALA A 37 49.16 -14.01 -23.35
N GLY A 38 50.31 -13.93 -22.69
CA GLY A 38 50.41 -13.10 -21.49
C GLY A 38 50.18 -11.63 -21.79
N VAL A 39 50.73 -11.14 -22.91
CA VAL A 39 50.52 -9.75 -23.28
C VAL A 39 49.04 -9.47 -23.54
N ALA A 40 48.37 -10.38 -24.24
CA ALA A 40 46.95 -10.21 -24.52
C ALA A 40 46.14 -10.20 -23.22
N LEU A 41 46.46 -11.11 -22.30
CA LEU A 41 45.77 -11.12 -21.02
C LEU A 41 45.98 -9.82 -20.27
N ALA A 42 47.21 -9.29 -20.28
CA ALA A 42 47.46 -8.03 -19.58
C ALA A 42 46.65 -6.89 -20.20
N PHE A 43 46.61 -6.82 -21.52
CA PHE A 43 45.85 -5.77 -22.17
C PHE A 43 44.37 -5.86 -21.82
N GLY A 44 43.81 -7.07 -21.81
CA GLY A 44 42.42 -7.21 -21.42
C GLY A 44 42.17 -6.85 -19.97
N LEU A 45 43.07 -7.25 -19.08
CA LEU A 45 42.87 -7.02 -17.65
C LEU A 45 42.94 -5.53 -17.32
N THR A 46 43.82 -4.77 -17.98
CA THR A 46 43.86 -3.34 -17.73
C THR A 46 42.50 -2.72 -17.94
N VAL A 47 41.89 -3.00 -19.10
CA VAL A 47 40.58 -2.42 -19.41
C VAL A 47 39.53 -2.93 -18.45
N LEU A 48 39.54 -4.24 -18.14
CA LEU A 48 38.54 -4.78 -17.23
C LEU A 48 38.57 -4.09 -15.87
N THR A 49 39.76 -4.03 -15.25
CA THR A 49 39.87 -3.44 -13.92
C THR A 49 39.55 -1.95 -13.94
N MET A 50 40.08 -1.22 -14.94
CA MET A 50 39.81 0.21 -14.98
C MET A 50 38.35 0.51 -15.24
N ALA A 51 37.68 -0.32 -16.04
CA ALA A 51 36.24 -0.16 -16.22
C ALA A 51 35.51 -0.35 -14.91
N PHE A 52 35.77 -1.46 -14.22
CA PHE A 52 35.12 -1.66 -12.93
C PHE A 52 35.40 -0.50 -11.98
N ALA A 53 36.55 0.16 -12.13
CA ALA A 53 36.92 1.20 -11.18
C ALA A 53 36.27 2.54 -11.49
N VAL A 54 36.25 2.97 -12.76
CA VAL A 54 35.86 4.35 -13.07
C VAL A 54 34.84 4.46 -14.20
N GLY A 55 34.22 3.34 -14.60
CA GLY A 55 33.20 3.41 -15.62
C GLY A 55 31.96 4.13 -15.15
N HIS A 56 31.62 3.96 -13.87
CA HIS A 56 30.51 4.70 -13.29
C HIS A 56 30.77 6.19 -13.23
N ILE A 57 32.02 6.62 -13.43
CA ILE A 57 32.35 8.04 -13.45
C ILE A 57 32.32 8.55 -14.89
N SER A 58 33.16 7.97 -15.74
CA SER A 58 33.32 8.51 -17.09
C SER A 58 32.73 7.64 -18.19
N GLY A 59 32.31 6.43 -17.88
CA GLY A 59 31.88 5.49 -18.90
C GLY A 59 32.96 4.53 -19.35
N GLY A 60 34.22 4.79 -19.00
CA GLY A 60 35.31 3.87 -19.28
C GLY A 60 35.57 3.61 -20.75
N HIS A 61 35.96 4.63 -21.49
CA HIS A 61 36.31 4.47 -22.90
C HIS A 61 37.78 4.10 -23.06
N PHE A 62 38.67 4.98 -22.58
CA PHE A 62 40.12 4.74 -22.62
C PHE A 62 40.64 4.55 -24.04
N ASN A 63 39.86 4.96 -25.03
CA ASN A 63 40.20 4.69 -26.43
C ASN A 63 39.51 5.72 -27.33
N PRO A 64 40.26 6.51 -28.11
CA PRO A 64 39.59 7.46 -29.02
C PRO A 64 38.65 6.78 -29.99
N ALA A 65 39.02 5.61 -30.50
CA ALA A 65 38.14 4.89 -31.41
C ALA A 65 36.83 4.52 -30.73
N VAL A 66 36.89 4.12 -29.46
CA VAL A 66 35.67 3.78 -28.73
C VAL A 66 34.78 5.01 -28.59
N THR A 67 35.37 6.15 -28.22
CA THR A 67 34.57 7.36 -28.06
C THR A 67 33.91 7.77 -29.37
N ILE A 68 34.65 7.75 -30.47
CA ILE A 68 34.09 8.17 -31.74
C ILE A 68 33.03 7.18 -32.22
N GLY A 69 33.26 5.88 -32.00
CA GLY A 69 32.27 4.90 -32.38
C GLY A 69 31.00 5.00 -31.57
N LEU A 70 31.13 5.33 -30.27
CA LEU A 70 29.94 5.55 -29.46
C LEU A 70 29.19 6.79 -29.91
N TRP A 71 29.92 7.83 -30.33
CA TRP A 71 29.25 8.98 -30.91
C TRP A 71 28.49 8.59 -32.17
N ALA A 72 29.12 7.82 -33.05
CA ALA A 72 28.47 7.39 -34.28
C ALA A 72 27.28 6.48 -34.02
N GLY A 73 27.27 5.77 -32.90
CA GLY A 73 26.15 4.93 -32.53
C GLY A 73 25.01 5.64 -31.86
N GLY A 74 25.10 6.95 -31.70
CA GLY A 74 24.05 7.70 -31.05
C GLY A 74 24.00 7.57 -29.54
N ARG A 75 25.15 7.36 -28.90
CA ARG A 75 25.20 7.15 -27.47
C ARG A 75 26.11 8.13 -26.73
N PHE A 76 26.77 9.05 -27.43
CA PHE A 76 27.71 9.96 -26.79
C PHE A 76 27.61 11.34 -27.45
N PRO A 77 27.46 12.40 -26.65
CA PRO A 77 27.32 13.73 -27.25
C PRO A 77 28.58 14.15 -27.99
N ALA A 78 28.37 14.85 -29.11
CA ALA A 78 29.49 15.29 -29.94
C ALA A 78 30.34 16.31 -29.21
N LYS A 79 29.72 17.24 -28.50
CA LYS A 79 30.48 18.35 -27.90
C LYS A 79 31.49 17.87 -26.87
N GLU A 80 31.33 16.66 -26.33
CA GLU A 80 32.25 16.13 -25.34
C GLU A 80 33.37 15.29 -25.96
N VAL A 81 33.33 15.04 -27.27
CA VAL A 81 34.26 14.08 -27.85
C VAL A 81 35.69 14.58 -27.73
N VAL A 82 35.96 15.80 -28.20
CA VAL A 82 37.35 16.25 -28.33
C VAL A 82 38.05 16.17 -26.99
N GLY A 83 37.44 16.74 -25.95
CA GLY A 83 38.04 16.66 -24.63
C GLY A 83 38.47 15.25 -24.28
N TYR A 84 37.53 14.29 -24.38
CA TYR A 84 37.87 12.92 -24.05
C TYR A 84 39.14 12.49 -24.78
N VAL A 85 39.16 12.69 -26.10
CA VAL A 85 40.30 12.22 -26.87
C VAL A 85 41.58 12.79 -26.30
N ILE A 86 41.60 14.11 -26.08
CA ILE A 86 42.83 14.73 -25.59
C ILE A 86 43.27 14.04 -24.30
N ALA A 87 42.34 13.92 -23.35
CA ALA A 87 42.69 13.29 -22.08
C ALA A 87 43.33 11.93 -22.35
N GLN A 88 42.68 11.10 -23.14
CA GLN A 88 43.22 9.76 -23.38
C GLN A 88 44.65 9.87 -23.88
N VAL A 89 44.88 10.66 -24.92
CA VAL A 89 46.22 10.74 -25.47
C VAL A 89 47.20 11.14 -24.38
N VAL A 90 46.87 12.18 -23.63
CA VAL A 90 47.80 12.66 -22.61
C VAL A 90 48.16 11.50 -21.68
N GLY A 91 47.14 10.80 -21.17
CA GLY A 91 47.41 9.70 -20.27
C GLY A 91 48.41 8.74 -20.88
N GLY A 92 48.13 8.28 -22.10
CA GLY A 92 49.03 7.33 -22.72
C GLY A 92 50.46 7.84 -22.72
N ILE A 93 50.66 9.08 -23.16
CA ILE A 93 52.01 9.60 -23.27
C ILE A 93 52.70 9.50 -21.92
N VAL A 94 52.04 9.96 -20.86
CA VAL A 94 52.68 9.92 -19.56
C VAL A 94 53.11 8.49 -19.24
N ALA A 95 52.21 7.54 -19.41
CA ALA A 95 52.57 6.15 -19.15
C ALA A 95 53.82 5.77 -19.91
N ALA A 96 53.82 6.02 -21.23
CA ALA A 96 54.98 5.64 -22.02
C ALA A 96 56.25 6.22 -21.41
N ALA A 97 56.22 7.50 -21.06
CA ALA A 97 57.42 8.13 -20.50
C ALA A 97 57.92 7.32 -19.31
N LEU A 98 57.04 7.05 -18.34
CA LEU A 98 57.48 6.30 -17.18
C LEU A 98 58.01 4.94 -17.60
N LEU A 99 57.29 4.25 -18.49
CA LEU A 99 57.77 2.97 -18.96
C LEU A 99 59.17 3.10 -19.51
N TYR A 100 59.41 4.11 -20.35
CA TYR A 100 60.75 4.31 -20.88
C TYR A 100 61.76 4.35 -19.76
N LEU A 101 61.52 5.19 -18.76
CA LEU A 101 62.46 5.28 -17.65
C LEU A 101 62.74 3.92 -17.06
N ILE A 102 61.67 3.15 -16.76
CA ILE A 102 61.87 1.84 -16.16
C ILE A 102 62.70 0.96 -17.10
N ALA A 103 62.38 0.97 -18.39
CA ALA A 103 63.11 0.12 -19.32
C ALA A 103 64.57 0.50 -19.38
N SER A 104 64.91 1.74 -19.02
CA SER A 104 66.31 2.16 -19.07
C SER A 104 67.13 1.59 -17.91
N GLY A 105 66.49 0.98 -16.92
CA GLY A 105 67.22 0.45 -15.79
C GLY A 105 67.94 -0.86 -16.04
N LYS A 106 67.76 -1.46 -17.22
CA LYS A 106 68.40 -2.72 -17.58
C LYS A 106 69.42 -2.46 -18.68
N THR A 107 70.60 -3.04 -18.52
CA THR A 107 71.67 -2.83 -19.49
C THR A 107 71.28 -3.38 -20.86
N GLY A 108 71.63 -2.63 -21.90
CA GLY A 108 71.38 -3.04 -23.26
C GLY A 108 70.05 -2.63 -23.85
N PHE A 109 69.22 -1.91 -23.10
CA PHE A 109 67.94 -1.48 -23.62
C PHE A 109 68.13 -0.45 -24.73
N ASP A 110 67.36 -0.61 -25.81
CA ASP A 110 67.43 0.30 -26.95
C ASP A 110 66.03 0.40 -27.53
N ALA A 111 65.35 1.53 -27.26
CA ALA A 111 63.97 1.69 -27.72
C ALA A 111 63.88 1.67 -29.24
N ALA A 112 64.78 2.37 -29.92
CA ALA A 112 64.71 2.44 -31.38
C ALA A 112 64.89 1.08 -32.01
N ALA A 113 65.86 0.28 -31.52
CA ALA A 113 66.13 -1.00 -32.14
C ALA A 113 65.06 -2.03 -31.81
N SER A 114 64.58 -2.05 -30.56
CA SER A 114 63.60 -3.04 -30.17
C SER A 114 62.22 -2.72 -30.71
N GLY A 115 61.93 -1.46 -30.97
CA GLY A 115 60.62 -1.02 -31.43
C GLY A 115 59.72 -0.49 -30.35
N PHE A 116 60.01 -0.78 -29.08
CA PHE A 116 59.24 -0.26 -27.95
C PHE A 116 57.76 -0.61 -28.09
N ALA A 117 57.48 -1.81 -28.58
CA ALA A 117 56.10 -2.31 -28.71
C ALA A 117 55.25 -1.39 -29.58
N SER A 118 55.83 -0.90 -30.67
CA SER A 118 55.12 -0.02 -31.59
C SER A 118 54.37 -0.82 -32.63
N ASN A 119 53.27 -0.24 -33.10
CA ASN A 119 52.47 -0.87 -34.15
C ASN A 119 53.05 -0.56 -35.52
N GLY A 120 53.04 -1.55 -36.40
CA GLY A 120 53.56 -1.37 -37.74
C GLY A 120 53.01 -2.42 -38.67
N TYR A 121 53.21 -2.18 -39.97
CA TYR A 121 52.75 -3.09 -41.01
C TYR A 121 53.85 -3.30 -42.03
N GLY A 122 53.62 -4.22 -42.94
CA GLY A 122 54.58 -4.46 -44.00
C GLY A 122 55.91 -4.90 -43.44
N GLU A 123 56.97 -4.18 -43.81
CA GLU A 123 58.32 -4.55 -43.39
C GLU A 123 58.47 -4.50 -41.87
N HIS A 124 57.63 -3.71 -41.19
CA HIS A 124 57.71 -3.56 -39.74
C HIS A 124 56.64 -4.36 -39.01
N SER A 125 55.96 -5.26 -39.69
CA SER A 125 55.02 -6.15 -39.03
C SER A 125 55.78 -7.27 -38.31
N PRO A 126 55.33 -7.68 -37.12
CA PRO A 126 56.05 -8.75 -36.41
C PRO A 126 56.15 -10.04 -37.21
N GLY A 127 55.12 -10.38 -37.98
CA GLY A 127 55.11 -11.56 -38.80
C GLY A 127 55.35 -11.33 -40.28
N GLY A 128 55.73 -10.13 -40.67
CA GLY A 128 55.95 -9.83 -42.08
C GLY A 128 54.70 -9.87 -42.94
N TYR A 129 53.60 -9.30 -42.45
CA TYR A 129 52.37 -9.24 -43.20
C TYR A 129 52.29 -7.96 -44.02
N SER A 130 51.51 -8.00 -45.10
CA SER A 130 51.40 -6.88 -46.01
C SER A 130 50.47 -5.82 -45.44
N MET A 131 50.42 -4.67 -46.13
CA MET A 131 49.57 -3.58 -45.69
C MET A 131 48.10 -3.94 -45.77
N LEU A 132 47.70 -4.69 -46.81
CA LEU A 132 46.30 -5.06 -46.97
C LEU A 132 45.83 -5.93 -45.82
N SER A 133 46.65 -6.89 -45.39
CA SER A 133 46.29 -7.73 -44.27
C SER A 133 46.08 -6.91 -43.00
N ALA A 134 46.99 -5.97 -42.74
CA ALA A 134 46.85 -5.11 -41.58
C ALA A 134 45.57 -4.31 -41.65
N LEU A 135 45.27 -3.74 -42.82
CA LEU A 135 44.05 -2.94 -42.96
C LEU A 135 42.82 -3.78 -42.67
N VAL A 136 42.73 -4.96 -43.29
CA VAL A 136 41.55 -5.80 -43.11
C VAL A 136 41.39 -6.22 -41.66
N VAL A 137 42.47 -6.67 -41.03
CA VAL A 137 42.37 -7.16 -39.66
C VAL A 137 41.98 -6.03 -38.72
N GLU A 138 42.62 -4.86 -38.87
CA GLU A 138 42.30 -3.75 -37.99
C GLU A 138 40.86 -3.31 -38.17
N LEU A 139 40.38 -3.20 -39.41
CA LEU A 139 39.00 -2.79 -39.64
C LEU A 139 38.04 -3.77 -38.99
N VAL A 140 38.21 -5.07 -39.25
CA VAL A 140 37.26 -6.06 -38.73
C VAL A 140 37.28 -6.07 -37.21
N LEU A 141 38.47 -6.05 -36.62
CA LEU A 141 38.54 -6.14 -35.16
C LEU A 141 38.00 -4.89 -34.48
N SER A 142 38.24 -3.71 -35.05
CA SER A 142 37.67 -2.49 -34.49
C SER A 142 36.15 -2.52 -34.58
N ALA A 143 35.61 -2.94 -35.72
CA ALA A 143 34.16 -3.03 -35.85
C ALA A 143 33.58 -4.00 -34.83
N GLY A 144 34.20 -5.17 -34.67
CA GLY A 144 33.72 -6.13 -33.69
C GLY A 144 33.80 -5.60 -32.27
N PHE A 145 34.88 -4.90 -31.94
CA PHE A 145 35.02 -4.32 -30.62
C PHE A 145 33.91 -3.33 -30.33
N LEU A 146 33.63 -2.44 -31.28
CA LEU A 146 32.56 -1.46 -31.07
C LEU A 146 31.20 -2.14 -30.99
N LEU A 147 30.98 -3.18 -31.79
CA LEU A 147 29.72 -3.91 -31.69
C LEU A 147 29.55 -4.54 -30.33
N VAL A 148 30.61 -5.15 -29.80
CA VAL A 148 30.53 -5.76 -28.47
C VAL A 148 30.24 -4.69 -27.41
N ILE A 149 30.91 -3.55 -27.52
CA ILE A 149 30.71 -2.48 -26.53
C ILE A 149 29.27 -1.99 -26.57
N HIS A 150 28.73 -1.77 -27.77
CA HIS A 150 27.35 -1.32 -27.89
C HIS A 150 26.37 -2.35 -27.34
N GLY A 151 26.58 -3.62 -27.67
CA GLY A 151 25.65 -4.64 -27.21
C GLY A 151 25.68 -4.85 -25.71
N ALA A 152 26.88 -4.86 -25.12
CA ALA A 152 27.00 -5.17 -23.70
C ALA A 152 26.45 -4.06 -22.83
N THR A 153 26.51 -2.81 -23.29
CA THR A 153 26.01 -1.68 -22.52
C THR A 153 24.55 -1.37 -22.82
N ASP A 154 23.90 -2.16 -23.67
CA ASP A 154 22.48 -1.96 -23.96
C ASP A 154 21.66 -2.16 -22.70
N LYS A 155 20.56 -1.40 -22.60
CA LYS A 155 19.72 -1.45 -21.41
C LYS A 155 19.09 -2.82 -21.19
N PHE A 156 19.04 -3.66 -22.21
CA PHE A 156 18.47 -5.00 -22.08
C PHE A 156 19.52 -6.07 -21.81
N ALA A 157 20.79 -5.71 -21.74
CA ALA A 157 21.85 -6.66 -21.43
C ALA A 157 21.97 -6.84 -19.92
N PRO A 158 22.60 -7.93 -19.47
CA PRO A 158 22.79 -8.13 -18.03
C PRO A 158 23.51 -6.96 -17.41
N ALA A 159 23.02 -6.52 -16.25
CA ALA A 159 23.52 -5.30 -15.62
C ALA A 159 24.79 -5.60 -14.83
N GLY A 160 25.81 -4.79 -15.03
CA GLY A 160 27.06 -4.90 -14.31
C GLY A 160 28.11 -5.79 -14.92
N PHE A 161 27.78 -6.52 -16.00
CA PHE A 161 28.71 -7.45 -16.61
C PHE A 161 29.51 -6.85 -17.75
N ALA A 162 29.22 -5.61 -18.16
CA ALA A 162 29.86 -5.03 -19.33
C ALA A 162 31.38 -4.99 -19.25
N PRO A 163 31.98 -4.58 -18.12
CA PRO A 163 33.45 -4.53 -18.07
C PRO A 163 34.11 -5.87 -18.38
N ILE A 164 33.52 -6.97 -17.89
CA ILE A 164 34.10 -8.28 -18.15
C ILE A 164 34.09 -8.58 -19.64
N ALA A 165 32.95 -8.36 -20.29
CA ALA A 165 32.84 -8.63 -21.72
C ALA A 165 33.81 -7.78 -22.52
N ILE A 166 33.90 -6.48 -22.20
CA ILE A 166 34.76 -5.59 -22.97
C ILE A 166 36.23 -5.94 -22.79
N GLY A 167 36.65 -6.20 -21.55
CA GLY A 167 38.04 -6.57 -21.32
C GLY A 167 38.42 -7.88 -21.99
N LEU A 168 37.55 -8.90 -21.88
CA LEU A 168 37.86 -10.16 -22.52
C LEU A 168 37.83 -10.04 -24.04
N ALA A 169 36.99 -9.15 -24.58
CA ALA A 169 37.02 -8.89 -26.01
C ALA A 169 38.36 -8.29 -26.44
N LEU A 170 38.89 -7.35 -25.65
CA LEU A 170 40.21 -6.81 -25.98
C LEU A 170 41.28 -7.89 -25.92
N THR A 171 41.21 -8.76 -24.92
CA THR A 171 42.16 -9.88 -24.85
C THR A 171 42.08 -10.75 -26.08
N LEU A 172 40.86 -11.07 -26.53
CA LEU A 172 40.69 -11.89 -27.72
C LEU A 172 41.25 -11.19 -28.96
N ILE A 173 41.01 -9.90 -29.07
CA ILE A 173 41.52 -9.15 -30.23
C ILE A 173 43.04 -9.23 -30.28
N HIS A 174 43.69 -9.06 -29.13
CA HIS A 174 45.15 -9.19 -29.10
C HIS A 174 45.58 -10.59 -29.48
N LEU A 175 44.94 -11.61 -28.90
CA LEU A 175 45.27 -13.00 -29.22
C LEU A 175 45.21 -13.24 -30.72
N ILE A 176 44.25 -12.61 -31.39
CA ILE A 176 44.11 -12.82 -32.83
C ILE A 176 45.20 -12.07 -33.59
N SER A 177 45.38 -10.78 -33.30
CA SER A 177 46.03 -9.88 -34.24
C SER A 177 47.44 -9.47 -33.88
N ILE A 178 48.00 -9.92 -32.75
CA ILE A 178 49.36 -9.49 -32.40
C ILE A 178 50.36 -9.78 -33.51
N PRO A 179 50.39 -10.96 -34.12
CA PRO A 179 51.41 -11.22 -35.15
C PRO A 179 51.29 -10.34 -36.39
N VAL A 180 50.13 -9.75 -36.66
CA VAL A 180 49.94 -9.03 -37.92
C VAL A 180 50.44 -7.60 -37.79
N THR A 181 49.91 -6.84 -36.82
CA THR A 181 50.23 -5.43 -36.68
C THR A 181 50.65 -5.03 -35.27
N ASN A 182 50.67 -5.96 -34.32
CA ASN A 182 50.89 -5.71 -32.90
C ASN A 182 49.61 -5.23 -32.22
N THR A 183 48.45 -5.33 -32.88
CA THR A 183 47.14 -5.16 -32.25
C THR A 183 46.98 -3.78 -31.61
N SER A 184 46.87 -2.77 -32.46
CA SER A 184 46.62 -1.43 -31.95
C SER A 184 45.16 -1.24 -31.56
N VAL A 185 44.25 -1.25 -32.54
CA VAL A 185 42.84 -0.90 -32.37
C VAL A 185 42.64 0.23 -31.36
N ASN A 186 43.66 1.06 -31.15
CA ASN A 186 43.62 2.14 -30.16
C ASN A 186 44.63 3.21 -30.54
N PRO A 187 44.19 4.31 -31.15
CA PRO A 187 45.15 5.33 -31.61
C PRO A 187 46.03 5.89 -30.51
N ALA A 188 45.48 6.09 -29.30
CA ALA A 188 46.27 6.67 -28.22
C ALA A 188 47.41 5.75 -27.81
N ARG A 189 47.13 4.44 -27.71
CA ARG A 189 48.17 3.49 -27.36
C ARG A 189 49.27 3.45 -28.41
N SER A 190 48.89 3.53 -29.69
CA SER A 190 49.89 3.55 -30.75
C SER A 190 50.75 4.80 -30.66
N THR A 191 50.11 5.97 -30.45
CA THR A 191 50.84 7.22 -30.41
C THR A 191 51.83 7.25 -29.25
N ALA A 192 51.39 6.77 -28.07
CA ALA A 192 52.23 6.86 -26.88
C ALA A 192 53.59 6.20 -27.10
N VAL A 193 53.60 5.01 -27.69
CA VAL A 193 54.86 4.31 -27.90
C VAL A 193 55.56 4.76 -29.18
N ALA A 194 54.81 5.19 -30.20
CA ALA A 194 55.45 5.67 -31.42
C ALA A 194 56.27 6.92 -31.14
N ILE A 195 55.81 7.78 -30.22
CA ILE A 195 56.56 8.98 -29.91
C ILE A 195 57.96 8.63 -29.40
N PHE A 196 58.05 7.64 -28.52
CA PHE A 196 59.33 7.28 -27.92
C PHE A 196 60.16 6.37 -28.81
N GLN A 197 59.55 5.63 -29.72
CA GLN A 197 60.35 4.88 -30.70
C GLN A 197 61.13 5.84 -31.59
N GLY A 198 60.47 6.88 -32.08
CA GLY A 198 61.13 7.99 -32.74
C GLY A 198 61.55 7.75 -34.19
N GLY A 199 61.28 6.57 -34.74
CA GLY A 199 61.73 6.27 -36.09
C GLY A 199 60.62 5.94 -37.06
N TRP A 200 60.64 4.72 -37.59
CA TRP A 200 59.62 4.29 -38.53
C TRP A 200 58.23 4.31 -37.91
N ALA A 201 58.13 4.23 -36.58
CA ALA A 201 56.83 4.20 -35.93
C ALA A 201 56.07 5.49 -36.20
N LEU A 202 56.74 6.63 -36.18
CA LEU A 202 56.07 7.89 -36.45
C LEU A 202 55.67 8.01 -37.92
N GLU A 203 56.42 7.37 -38.82
CA GLU A 203 56.07 7.43 -40.24
C GLU A 203 54.76 6.71 -40.50
N GLN A 204 54.52 5.59 -39.84
CA GLN A 204 53.32 4.78 -40.04
C GLN A 204 52.21 5.10 -39.07
N LEU A 205 52.39 6.10 -38.20
CA LEU A 205 51.41 6.36 -37.14
C LEU A 205 50.05 6.71 -37.72
N TRP A 206 50.02 7.48 -38.81
CA TRP A 206 48.75 7.87 -39.40
C TRP A 206 47.85 6.67 -39.65
N PHE A 207 48.42 5.55 -40.12
CA PHE A 207 47.62 4.38 -40.46
C PHE A 207 46.81 3.91 -39.26
N PHE A 208 47.36 4.04 -38.06
CA PHE A 208 46.70 3.56 -36.85
C PHE A 208 45.84 4.61 -36.20
N TRP A 209 45.69 5.78 -36.82
CA TRP A 209 44.65 6.72 -36.43
C TRP A 209 43.43 6.66 -37.33
N VAL A 210 43.61 6.27 -38.59
CA VAL A 210 42.51 6.25 -39.55
C VAL A 210 41.77 4.92 -39.52
N VAL A 211 42.50 3.81 -39.66
CA VAL A 211 41.84 2.50 -39.76
C VAL A 211 41.03 2.16 -38.53
N PRO A 212 41.57 2.24 -37.31
CA PRO A 212 40.74 1.94 -36.13
C PRO A 212 39.49 2.81 -36.04
N ILE A 213 39.65 4.13 -36.11
CA ILE A 213 38.51 5.01 -35.95
C ILE A 213 37.42 4.66 -36.96
N VAL A 214 37.80 4.56 -38.24
CA VAL A 214 36.82 4.19 -39.25
C VAL A 214 36.12 2.89 -38.86
N GLY A 215 36.90 1.87 -38.49
CA GLY A 215 36.30 0.63 -38.08
C GLY A 215 35.30 0.83 -36.95
N GLY A 216 35.70 1.59 -35.93
CA GLY A 216 34.78 1.85 -34.84
C GLY A 216 33.48 2.44 -35.34
N ILE A 217 33.57 3.45 -36.22
CA ILE A 217 32.36 4.06 -36.74
C ILE A 217 31.47 2.99 -37.36
N ILE A 218 32.06 2.14 -38.20
CA ILE A 218 31.27 1.11 -38.85
C ILE A 218 30.54 0.29 -37.80
N GLY A 219 31.27 -0.16 -36.78
CA GLY A 219 30.63 -0.94 -35.73
C GLY A 219 29.42 -0.22 -35.16
N GLY A 220 29.61 1.04 -34.76
CA GLY A 220 28.49 1.77 -34.23
C GLY A 220 27.32 1.77 -35.19
N LEU A 221 27.58 2.11 -36.45
CA LEU A 221 26.50 2.18 -37.41
C LEU A 221 25.73 0.87 -37.45
N ILE A 222 26.44 -0.26 -37.46
CA ILE A 222 25.75 -1.53 -37.55
C ILE A 222 24.76 -1.66 -36.39
N TYR A 223 25.24 -1.46 -35.16
CA TYR A 223 24.35 -1.64 -34.03
C TYR A 223 23.22 -0.63 -34.07
N ARG A 224 23.48 0.55 -34.65
CA ARG A 224 22.44 1.57 -34.69
C ARG A 224 21.35 1.20 -35.68
N THR A 225 21.69 0.47 -36.74
CA THR A 225 20.76 0.31 -37.85
C THR A 225 20.20 -1.10 -37.99
N LEU A 226 20.90 -2.13 -37.49
CA LEU A 226 20.47 -3.50 -37.70
C LEU A 226 20.13 -4.25 -36.42
N LEU A 227 20.64 -3.85 -35.26
CA LEU A 227 20.48 -4.64 -34.05
C LEU A 227 19.70 -3.93 -32.95
N ARG A 228 19.84 -2.62 -32.80
CA ARG A 228 19.13 -1.93 -31.74
C ARG A 228 17.62 -1.96 -31.99
N ALA A 229 16.86 -2.16 -30.92
CA ALA A 229 15.41 -2.19 -31.02
C ALA A 229 14.84 -0.77 -31.04
N SER A 230 13.88 -0.54 -31.93
CA SER A 230 13.24 0.76 -32.02
C SER A 230 12.27 0.96 -30.86
N ARG A 231 11.77 2.19 -30.75
CA ARG A 231 10.81 2.51 -29.70
C ARG A 231 9.55 1.67 -29.82
N LEU A 232 9.02 1.54 -31.04
CA LEU A 232 7.85 0.70 -31.24
C LEU A 232 8.14 -0.74 -30.88
N GLU A 233 9.33 -1.24 -31.22
CA GLU A 233 9.68 -2.62 -30.87
C GLU A 233 9.77 -2.81 -29.37
N GLU A 234 10.33 -1.83 -28.65
CA GLU A 234 10.36 -1.92 -27.20
C GLU A 234 8.96 -1.97 -26.62
N GLU A 235 8.07 -1.10 -27.10
CA GLU A 235 6.70 -1.11 -26.62
C GLU A 235 6.01 -2.43 -26.94
N LEU A 236 6.25 -2.98 -28.13
CA LEU A 236 5.65 -4.25 -28.50
C LEU A 236 6.13 -5.37 -27.58
N ARG A 237 7.42 -5.41 -27.28
CA ARG A 237 7.92 -6.43 -26.36
C ARG A 237 7.29 -6.27 -24.98
N ARG A 238 7.22 -5.04 -24.48
CA ARG A 238 6.59 -4.82 -23.18
C ARG A 238 5.15 -5.32 -23.17
N ARG A 239 4.39 -5.03 -24.22
CA ARG A 239 3.01 -5.48 -24.27
C ARG A 239 2.91 -6.98 -24.42
N LEU A 240 3.83 -7.60 -25.16
CA LEU A 240 3.82 -9.04 -25.35
C LEU A 240 4.23 -9.79 -24.09
N THR A 241 4.88 -9.13 -23.13
CA THR A 241 5.24 -9.76 -21.87
C THR A 241 4.33 -9.35 -20.73
N GLU A 242 3.03 -9.19 -21.00
CA GLU A 242 2.07 -8.81 -19.97
C GLU A 242 1.12 -9.97 -19.68
N PRO A 243 0.93 -10.34 -18.41
CA PRO A 243 0.03 -11.44 -18.09
C PRO A 243 -1.42 -11.08 -18.40
N GLY A 244 -2.21 -12.08 -18.74
CA GLY A 244 -3.62 -11.88 -19.06
C GLY A 244 -4.54 -12.88 -18.39
N GLU B 3 -9.19 8.67 -39.61
CA GLU B 3 -8.54 7.68 -38.76
C GLU B 3 -8.49 6.32 -39.45
N VAL B 4 -7.83 5.37 -38.80
CA VAL B 4 -7.63 4.04 -39.38
C VAL B 4 -8.84 3.18 -39.08
N GLN B 5 -9.28 2.40 -40.07
CA GLN B 5 -10.38 1.47 -39.94
C GLN B 5 -9.87 0.06 -40.22
N LEU B 6 -10.15 -0.86 -39.30
CA LEU B 6 -9.67 -2.23 -39.39
C LEU B 6 -10.83 -3.18 -39.60
N GLN B 7 -10.74 -4.03 -40.62
CA GLN B 7 -11.76 -5.02 -40.92
C GLN B 7 -11.13 -6.41 -40.87
N GLU B 8 -11.65 -7.26 -40.00
CA GLU B 8 -11.12 -8.60 -39.81
C GLU B 8 -11.97 -9.63 -40.54
N SER B 9 -11.45 -10.85 -40.61
CA SER B 9 -12.15 -11.96 -41.24
C SER B 9 -11.60 -13.25 -40.66
N GLY B 10 -12.16 -14.37 -41.11
CA GLY B 10 -11.75 -15.67 -40.63
C GLY B 10 -12.27 -15.97 -39.24
N GLY B 11 -11.75 -17.06 -38.67
CA GLY B 11 -12.15 -17.50 -37.35
C GLY B 11 -13.39 -18.37 -37.38
N GLY B 12 -13.74 -18.88 -36.22
CA GLY B 12 -14.90 -19.73 -36.09
C GLY B 12 -14.62 -20.91 -35.17
N LEU B 13 -15.22 -22.05 -35.50
CA LEU B 13 -15.14 -23.25 -34.70
C LEU B 13 -14.10 -24.20 -35.29
N VAL B 14 -13.29 -24.80 -34.42
CA VAL B 14 -12.28 -25.77 -34.83
C VAL B 14 -12.03 -26.73 -33.69
N GLN B 15 -11.84 -28.00 -34.02
CA GLN B 15 -11.52 -29.01 -33.03
C GLN B 15 -10.06 -28.92 -32.63
N PRO B 16 -9.70 -29.47 -31.47
CA PRO B 16 -8.30 -29.38 -31.03
C PRO B 16 -7.36 -30.01 -32.04
N GLY B 17 -6.19 -29.39 -32.19
CA GLY B 17 -5.21 -29.83 -33.16
C GLY B 17 -5.40 -29.30 -34.57
N GLY B 18 -6.46 -28.54 -34.81
CA GLY B 18 -6.71 -27.98 -36.11
C GLY B 18 -5.95 -26.68 -36.33
N SER B 19 -6.18 -26.07 -37.48
CA SER B 19 -5.53 -24.84 -37.86
C SER B 19 -6.55 -23.83 -38.37
N LEU B 20 -6.24 -22.55 -38.19
CA LEU B 20 -7.10 -21.46 -38.61
C LEU B 20 -6.25 -20.33 -39.16
N ARG B 21 -6.86 -19.47 -39.95
CA ARG B 21 -6.18 -18.31 -40.51
C ARG B 21 -7.07 -17.09 -40.39
N LEU B 22 -6.63 -16.11 -39.60
CA LEU B 22 -7.30 -14.83 -39.48
C LEU B 22 -6.61 -13.81 -40.37
N SER B 23 -7.39 -12.89 -40.92
CA SER B 23 -6.87 -11.83 -41.77
C SER B 23 -7.48 -10.51 -41.33
N CYS B 24 -6.75 -9.42 -41.58
CA CYS B 24 -7.22 -8.09 -41.24
C CYS B 24 -6.68 -7.11 -42.26
N THR B 25 -7.53 -6.19 -42.69
CA THR B 25 -7.17 -5.17 -43.67
C THR B 25 -7.47 -3.79 -43.10
N ALA B 26 -6.60 -2.84 -43.43
CA ALA B 26 -6.73 -1.47 -42.95
C ALA B 26 -7.16 -0.55 -44.09
N SER B 27 -7.92 0.47 -43.73
CA SER B 27 -8.42 1.44 -44.69
C SER B 27 -8.48 2.81 -44.03
N GLY B 28 -8.58 3.84 -44.86
CA GLY B 28 -8.58 5.20 -44.37
C GLY B 28 -7.23 5.76 -44.02
N VAL B 29 -6.15 5.11 -44.46
CA VAL B 29 -4.78 5.56 -44.17
C VAL B 29 -3.93 5.26 -45.40
N THR B 30 -3.02 6.17 -45.71
CA THR B 30 -2.12 5.98 -46.83
C THR B 30 -1.08 4.90 -46.52
N ILE B 31 -0.52 4.33 -47.58
CA ILE B 31 0.47 3.26 -47.40
C ILE B 31 1.69 3.77 -46.66
N SER B 32 2.17 4.96 -47.03
CA SER B 32 3.36 5.51 -46.38
C SER B 32 3.10 5.74 -44.89
N ALA B 33 1.93 6.27 -44.55
CA ALA B 33 1.62 6.51 -43.14
C ALA B 33 1.53 5.20 -42.36
N LEU B 34 0.92 4.17 -42.96
CA LEU B 34 0.79 2.90 -42.27
C LEU B 34 2.12 2.18 -42.12
N ASN B 35 3.04 2.40 -43.06
CA ASN B 35 4.34 1.74 -43.00
C ASN B 35 5.11 2.12 -41.74
N ALA B 36 4.77 3.25 -41.10
CA ALA B 36 5.43 3.68 -39.89
C ALA B 36 4.73 3.22 -38.62
N MET B 37 3.80 2.27 -38.74
CA MET B 37 3.05 1.77 -37.60
C MET B 37 3.25 0.26 -37.47
N ALA B 38 2.92 -0.26 -36.30
CA ALA B 38 3.00 -1.69 -36.02
C ALA B 38 1.63 -2.32 -36.17
N MET B 39 1.58 -3.54 -36.69
CA MET B 39 0.32 -4.25 -36.91
C MET B 39 0.35 -5.58 -36.18
N GLY B 40 -0.64 -5.83 -35.33
CA GLY B 40 -0.63 -7.04 -34.53
C GLY B 40 -1.98 -7.60 -34.16
N TRP B 41 -1.98 -8.55 -33.23
CA TRP B 41 -3.20 -9.25 -32.82
C TRP B 41 -3.28 -9.28 -31.31
N TYR B 42 -4.42 -8.86 -30.77
CA TYR B 42 -4.75 -9.02 -29.36
C TYR B 42 -5.75 -10.18 -29.23
N ARG B 43 -5.88 -10.70 -28.01
CA ARG B 43 -6.90 -11.71 -27.76
C ARG B 43 -7.39 -11.58 -26.33
N GLN B 44 -8.69 -11.79 -26.16
CA GLN B 44 -9.32 -11.77 -24.83
C GLN B 44 -10.07 -13.08 -24.65
N ALA B 45 -9.72 -13.82 -23.61
CA ALA B 45 -10.42 -15.05 -23.28
C ALA B 45 -11.48 -14.76 -22.21
N PRO B 46 -12.50 -15.63 -22.12
CA PRO B 46 -13.62 -15.36 -21.21
C PRO B 46 -13.18 -14.98 -19.80
N GLY B 47 -13.46 -13.74 -19.40
CA GLY B 47 -13.19 -13.29 -18.05
C GLY B 47 -11.77 -12.82 -17.80
N GLU B 48 -10.95 -12.67 -18.82
CA GLU B 48 -9.56 -12.29 -18.64
C GLU B 48 -9.24 -10.99 -19.37
N ARG B 49 -7.96 -10.64 -19.36
CA ARG B 49 -7.47 -9.43 -20.00
C ARG B 49 -7.56 -9.53 -21.51
N ARG B 50 -7.48 -8.38 -22.17
CA ARG B 50 -7.20 -8.32 -23.59
C ARG B 50 -5.71 -8.06 -23.77
N VAL B 51 -4.96 -9.07 -24.22
CA VAL B 51 -3.51 -9.00 -24.26
C VAL B 51 -3.01 -9.32 -25.65
N MET B 52 -1.83 -8.78 -25.98
CA MET B 52 -1.22 -8.98 -27.28
C MET B 52 -0.58 -10.37 -27.37
N VAL B 53 -0.72 -11.01 -28.54
CA VAL B 53 -0.18 -12.35 -28.73
C VAL B 53 0.89 -12.35 -29.81
N ALA B 54 0.78 -11.44 -30.79
CA ALA B 54 1.74 -11.40 -31.88
C ALA B 54 1.68 -10.02 -32.52
N ALA B 55 2.78 -9.66 -33.18
CA ALA B 55 2.83 -8.36 -33.84
C ALA B 55 3.94 -8.36 -34.88
N VAL B 56 3.87 -7.40 -35.81
CA VAL B 56 4.92 -7.12 -36.77
C VAL B 56 5.19 -5.63 -36.71
N SER B 57 6.44 -5.26 -36.46
CA SER B 57 6.82 -3.87 -36.28
C SER B 57 6.99 -3.17 -37.62
N GLU B 58 7.20 -1.87 -37.57
CA GLU B 58 7.34 -1.06 -38.78
C GLU B 58 8.51 -1.51 -39.63
N ARG B 59 9.50 -2.20 -39.05
CA ARG B 59 10.65 -2.67 -39.79
C ARG B 59 10.50 -4.11 -40.26
N GLY B 60 9.37 -4.75 -40.01
CA GLY B 60 9.14 -6.10 -40.48
C GLY B 60 9.57 -7.20 -39.54
N ASN B 61 9.81 -6.90 -38.27
CA ASN B 61 10.24 -7.90 -37.31
C ASN B 61 9.03 -8.52 -36.63
N ALA B 62 8.87 -9.83 -36.79
CA ALA B 62 7.77 -10.55 -36.18
C ALA B 62 8.09 -10.89 -34.74
N MET B 63 7.16 -10.55 -33.83
CA MET B 63 7.33 -10.75 -32.41
C MET B 63 6.14 -11.52 -31.86
N TYR B 64 6.40 -12.41 -30.91
CA TYR B 64 5.38 -13.32 -30.40
C TYR B 64 5.38 -13.33 -28.89
N ARG B 65 4.22 -13.64 -28.31
CA ARG B 65 4.14 -13.96 -26.90
C ARG B 65 4.73 -15.35 -26.66
N GLU B 66 5.37 -15.50 -25.49
CA GLU B 66 6.12 -16.73 -25.23
C GLU B 66 5.23 -17.96 -25.30
N SER B 67 4.02 -17.88 -24.74
CA SER B 67 3.15 -19.04 -24.66
C SER B 67 2.58 -19.45 -26.00
N VAL B 68 2.71 -18.63 -27.04
CA VAL B 68 2.15 -18.94 -28.36
C VAL B 68 3.22 -19.12 -29.44
N GLN B 69 4.46 -18.72 -29.18
CA GLN B 69 5.50 -18.89 -30.18
C GLN B 69 5.74 -20.37 -30.43
N GLY B 70 5.90 -20.73 -31.70
CA GLY B 70 5.99 -22.10 -32.12
C GLY B 70 4.70 -22.68 -32.68
N ARG B 71 3.57 -22.05 -32.40
CA ARG B 71 2.29 -22.44 -32.97
C ARG B 71 1.63 -21.36 -33.81
N PHE B 72 1.94 -20.09 -33.58
CA PHE B 72 1.36 -18.98 -34.31
C PHE B 72 2.39 -18.38 -35.26
N THR B 73 1.92 -17.93 -36.42
CA THR B 73 2.77 -17.28 -37.41
C THR B 73 2.07 -16.02 -37.89
N VAL B 74 2.68 -14.86 -37.64
CA VAL B 74 2.11 -13.58 -38.02
C VAL B 74 2.84 -13.07 -39.25
N THR B 75 2.08 -12.65 -40.26
CA THR B 75 2.64 -12.14 -41.51
C THR B 75 2.03 -10.78 -41.80
N ARG B 76 2.81 -9.91 -42.45
CA ARG B 76 2.36 -8.57 -42.78
C ARG B 76 2.67 -8.28 -44.24
N ASP B 77 1.67 -7.79 -44.97
CA ASP B 77 1.81 -7.33 -46.34
C ASP B 77 1.69 -5.81 -46.31
N PHE B 78 2.83 -5.13 -46.51
CA PHE B 78 2.85 -3.67 -46.43
C PHE B 78 2.13 -3.04 -47.60
N THR B 79 2.33 -3.56 -48.80
CA THR B 79 1.70 -2.98 -49.98
C THR B 79 0.17 -3.06 -49.90
N ASN B 80 -0.35 -4.21 -49.47
CA ASN B 80 -1.78 -4.41 -49.35
C ASN B 80 -2.36 -3.95 -48.02
N LYS B 81 -1.53 -3.42 -47.13
CA LYS B 81 -1.99 -2.95 -45.83
C LYS B 81 -2.73 -4.05 -45.08
N MET B 82 -2.17 -5.26 -45.11
CA MET B 82 -2.85 -6.43 -44.55
C MET B 82 -1.98 -7.09 -43.50
N VAL B 83 -2.61 -7.69 -42.51
CA VAL B 83 -1.91 -8.48 -41.49
C VAL B 83 -2.69 -9.77 -41.26
N SER B 84 -1.99 -10.90 -41.27
CA SER B 84 -2.62 -12.20 -41.15
C SER B 84 -1.95 -13.01 -40.04
N LEU B 85 -2.74 -13.89 -39.44
CA LEU B 85 -2.28 -14.77 -38.37
C LEU B 85 -2.67 -16.20 -38.70
N GLN B 86 -1.69 -17.10 -38.65
CA GLN B 86 -1.92 -18.52 -38.89
C GLN B 86 -1.70 -19.29 -37.59
N MET B 87 -2.71 -20.04 -37.18
CA MET B 87 -2.67 -20.79 -35.93
C MET B 87 -2.71 -22.28 -36.24
N ASP B 88 -1.73 -23.01 -35.71
CA ASP B 88 -1.62 -24.44 -35.93
C ASP B 88 -1.51 -25.15 -34.57
N ASN B 89 -2.03 -26.36 -34.51
CA ASN B 89 -2.06 -27.16 -33.30
C ASN B 89 -2.74 -26.34 -32.20
N LEU B 90 -4.04 -26.14 -32.40
CA LEU B 90 -4.83 -25.33 -31.50
C LEU B 90 -5.14 -26.10 -30.22
N LYS B 91 -5.32 -25.36 -29.13
CA LYS B 91 -5.59 -25.91 -27.81
C LYS B 91 -6.80 -25.24 -27.21
N PRO B 92 -7.41 -25.85 -26.18
CA PRO B 92 -8.59 -25.22 -25.56
C PRO B 92 -8.32 -23.82 -25.04
N GLU B 93 -7.09 -23.54 -24.60
CA GLU B 93 -6.77 -22.21 -24.10
C GLU B 93 -6.73 -21.16 -25.19
N ASP B 94 -6.79 -21.56 -26.45
CA ASP B 94 -6.79 -20.61 -27.56
C ASP B 94 -8.18 -20.07 -27.88
N THR B 95 -9.22 -20.54 -27.20
CA THR B 95 -10.57 -20.05 -27.44
C THR B 95 -10.72 -18.64 -26.89
N ALA B 96 -11.05 -17.68 -27.75
CA ALA B 96 -11.17 -16.30 -27.32
C ALA B 96 -11.64 -15.40 -28.46
N VAL B 97 -11.79 -14.11 -28.16
CA VAL B 97 -12.06 -13.10 -29.18
C VAL B 97 -10.75 -12.46 -29.58
N TYR B 98 -10.42 -12.50 -30.86
CA TYR B 98 -9.18 -11.98 -31.40
C TYR B 98 -9.44 -10.65 -32.11
N TYR B 99 -8.61 -9.65 -31.80
CA TYR B 99 -8.77 -8.31 -32.33
C TYR B 99 -7.56 -7.95 -33.17
N CYS B 100 -7.80 -7.44 -34.38
CA CYS B 100 -6.74 -6.80 -35.15
C CYS B 100 -6.39 -5.47 -34.49
N HIS B 101 -5.10 -5.18 -34.40
CA HIS B 101 -4.63 -4.01 -33.66
C HIS B 101 -3.58 -3.27 -34.47
N VAL B 102 -3.59 -1.95 -34.35
CA VAL B 102 -2.58 -1.10 -34.97
C VAL B 102 -2.03 -0.16 -33.92
N LEU B 103 -0.71 -0.10 -33.81
CA LEU B 103 -0.02 0.76 -32.85
C LEU B 103 0.71 1.87 -33.59
N GLU B 104 0.47 3.11 -33.17
CA GLU B 104 1.05 4.28 -33.79
C GLU B 104 1.87 5.05 -32.78
N ASP B 105 3.06 5.50 -33.20
CA ASP B 105 3.96 6.24 -32.34
C ASP B 105 3.66 7.73 -32.48
N ARG B 106 3.41 8.40 -31.35
CA ARG B 106 3.11 9.83 -31.33
C ARG B 106 4.15 10.60 -30.52
N VAL B 107 5.40 10.14 -30.55
CA VAL B 107 6.51 10.83 -29.90
C VAL B 107 6.43 10.66 -28.40
N ASP B 108 5.45 11.30 -27.76
CA ASP B 108 5.32 11.27 -26.31
C ASP B 108 4.32 10.22 -25.82
N SER B 109 3.74 9.43 -26.73
CA SER B 109 2.78 8.41 -26.33
C SER B 109 2.46 7.56 -27.55
N PHE B 110 1.70 6.50 -27.31
CA PHE B 110 1.28 5.58 -28.35
C PHE B 110 -0.23 5.61 -28.49
N HIS B 111 -0.71 5.38 -29.71
CA HIS B 111 -2.14 5.39 -30.01
C HIS B 111 -2.55 4.04 -30.59
N ASP B 112 -3.69 3.55 -30.15
CA ASP B 112 -4.19 2.23 -30.52
C ASP B 112 -5.40 2.35 -31.44
N TYR B 113 -5.42 1.52 -32.48
CA TYR B 113 -6.58 1.34 -33.33
C TYR B 113 -7.01 -0.12 -33.24
N TRP B 114 -8.30 -0.33 -32.99
CA TRP B 114 -8.83 -1.65 -32.69
C TRP B 114 -9.75 -2.14 -33.81
N GLY B 115 -9.81 -3.46 -33.96
CA GLY B 115 -10.76 -4.07 -34.88
C GLY B 115 -12.06 -4.45 -34.19
N GLN B 116 -12.98 -4.99 -34.98
CA GLN B 116 -14.28 -5.40 -34.44
C GLN B 116 -14.13 -6.58 -33.49
N GLY B 117 -13.37 -7.59 -33.88
CA GLY B 117 -13.20 -8.78 -33.07
C GLY B 117 -13.79 -9.99 -33.78
N THR B 118 -13.14 -11.13 -33.64
CA THR B 118 -13.60 -12.38 -34.25
C THR B 118 -13.47 -13.50 -33.24
N GLN B 119 -14.48 -14.38 -33.22
CA GLN B 119 -14.55 -15.46 -32.25
C GLN B 119 -13.80 -16.68 -32.77
N VAL B 120 -12.95 -17.26 -31.93
CA VAL B 120 -12.27 -18.51 -32.22
C VAL B 120 -12.56 -19.46 -31.09
N THR B 121 -13.26 -20.55 -31.38
CA THR B 121 -13.65 -21.54 -30.38
C THR B 121 -13.06 -22.89 -30.76
N VAL B 122 -12.28 -23.46 -29.85
CA VAL B 122 -11.66 -24.76 -30.08
C VAL B 122 -12.29 -25.77 -29.13
N SER B 123 -13.31 -26.47 -29.61
CA SER B 123 -14.02 -27.46 -28.81
C SER B 123 -14.03 -28.79 -29.56
N SER B 124 -13.67 -29.86 -28.86
CA SER B 124 -13.64 -31.19 -29.46
C SER B 124 -15.05 -31.75 -29.60
N MET C 1 12.53 -11.26 -36.70
CA MET C 1 13.36 -12.37 -37.15
C MET C 1 14.60 -11.86 -37.88
N PHE C 2 14.46 -10.74 -38.58
CA PHE C 2 15.62 -10.16 -39.24
C PHE C 2 16.69 -9.76 -38.23
N ARG C 3 16.27 -9.15 -37.12
CA ARG C 3 17.21 -8.83 -36.06
C ARG C 3 17.87 -10.08 -35.51
N LYS C 4 17.08 -11.13 -35.26
CA LYS C 4 17.63 -12.36 -34.71
C LYS C 4 18.60 -13.03 -35.69
N LEU C 5 18.23 -13.06 -36.97
CA LEU C 5 19.11 -13.68 -37.96
C LEU C 5 20.41 -12.89 -38.09
N ALA C 6 20.32 -11.55 -38.08
CA ALA C 6 21.52 -10.75 -38.14
C ALA C 6 22.40 -11.00 -36.93
N ALA C 7 21.80 -11.11 -35.74
CA ALA C 7 22.58 -11.38 -34.53
C ALA C 7 23.28 -12.73 -34.63
N GLU C 8 22.58 -13.75 -35.09
CA GLU C 8 23.20 -15.08 -35.22
C GLU C 8 24.32 -15.06 -36.24
N CYS C 9 24.11 -14.39 -37.37
CA CYS C 9 25.14 -14.31 -38.40
C CYS C 9 26.39 -13.61 -37.87
N PHE C 10 26.21 -12.47 -37.20
CA PHE C 10 27.35 -11.74 -36.66
C PHE C 10 28.06 -12.56 -35.58
N GLY C 11 27.30 -13.25 -34.73
CA GLY C 11 27.91 -14.07 -33.71
C GLY C 11 28.76 -15.21 -34.28
N THR C 12 28.23 -15.89 -35.29
CA THR C 12 29.00 -16.97 -35.90
C THR C 12 30.22 -16.42 -36.64
N PHE C 13 30.07 -15.27 -37.30
CA PHE C 13 31.23 -14.63 -37.91
C PHE C 13 32.31 -14.36 -36.88
N TRP C 14 31.91 -13.79 -35.74
CA TRP C 14 32.87 -13.49 -34.67
C TRP C 14 33.54 -14.76 -34.18
N LEU C 15 32.75 -15.82 -33.95
CA LEU C 15 33.32 -17.07 -33.46
C LEU C 15 34.37 -17.61 -34.42
N VAL C 16 34.01 -17.74 -35.70
CA VAL C 16 34.93 -18.31 -36.66
C VAL C 16 36.16 -17.43 -36.81
N PHE C 17 35.95 -16.13 -37.03
CA PHE C 17 37.08 -15.22 -37.16
C PHE C 17 38.03 -15.36 -35.98
N GLY C 18 37.55 -15.08 -34.77
CA GLY C 18 38.38 -15.21 -33.60
C GLY C 18 39.12 -16.53 -33.50
N GLY C 19 38.38 -17.63 -33.38
CA GLY C 19 39.03 -18.91 -33.11
C GLY C 19 39.96 -19.35 -34.23
N CYS C 20 39.45 -19.40 -35.45
CA CYS C 20 40.26 -19.90 -36.56
C CYS C 20 41.42 -18.96 -36.86
N GLY C 21 41.22 -17.65 -36.76
CA GLY C 21 42.32 -16.73 -36.98
C GLY C 21 43.40 -16.84 -35.92
N SER C 22 43.01 -17.04 -34.67
CA SER C 22 44.02 -17.28 -33.64
C SER C 22 44.78 -18.56 -33.92
N ALA C 23 44.08 -19.60 -34.39
CA ALA C 23 44.77 -20.86 -34.72
C ALA C 23 45.72 -20.68 -35.90
N VAL C 24 45.32 -19.93 -36.91
CA VAL C 24 46.06 -19.86 -38.17
C VAL C 24 47.22 -18.85 -38.08
N LEU C 25 47.02 -17.73 -37.42
CA LEU C 25 47.99 -16.64 -37.44
C LEU C 25 48.93 -16.63 -36.24
N ALA C 26 48.50 -17.13 -35.08
CA ALA C 26 49.25 -16.95 -33.85
C ALA C 26 49.61 -18.23 -33.12
N ALA C 27 48.96 -19.36 -33.43
CA ALA C 27 49.20 -20.57 -32.64
C ALA C 27 50.64 -21.04 -32.74
N GLY C 28 51.20 -21.03 -33.95
CA GLY C 28 52.52 -21.58 -34.16
C GLY C 28 53.65 -20.56 -34.30
N PHE C 29 53.41 -19.34 -33.85
CA PHE C 29 54.43 -18.31 -34.00
C PHE C 29 55.70 -18.71 -33.24
N PRO C 30 56.88 -18.48 -33.81
CA PRO C 30 58.12 -19.00 -33.21
C PRO C 30 58.47 -18.27 -31.92
N GLU C 31 58.59 -19.05 -30.83
CA GLU C 31 59.14 -18.58 -29.57
C GLU C 31 58.17 -17.69 -28.79
N LEU C 32 57.03 -17.36 -29.40
CA LEU C 32 56.05 -16.52 -28.72
C LEU C 32 54.62 -16.90 -29.06
N GLY C 33 54.40 -18.01 -29.77
CA GLY C 33 53.04 -18.38 -30.13
C GLY C 33 52.19 -18.73 -28.92
N ILE C 34 50.89 -18.64 -29.13
CA ILE C 34 49.96 -18.83 -28.01
C ILE C 34 49.68 -20.31 -27.76
N GLY C 35 49.78 -21.14 -28.79
CA GLY C 35 49.59 -22.57 -28.62
C GLY C 35 48.14 -22.99 -28.49
N PHE C 36 47.97 -24.27 -28.13
CA PHE C 36 46.63 -24.84 -28.00
C PHE C 36 45.85 -24.14 -26.90
N ALA C 37 46.51 -23.81 -25.78
CA ALA C 37 45.81 -23.13 -24.69
C ALA C 37 45.30 -21.76 -25.15
N GLY C 38 46.14 -21.02 -25.88
CA GLY C 38 45.69 -19.73 -26.40
C GLY C 38 44.54 -19.87 -27.37
N VAL C 39 44.59 -20.88 -28.24
CA VAL C 39 43.50 -21.09 -29.18
C VAL C 39 42.20 -21.41 -28.44
N ALA C 40 42.28 -22.26 -27.43
CA ALA C 40 41.09 -22.60 -26.65
C ALA C 40 40.53 -21.36 -25.95
N LEU C 41 41.40 -20.55 -25.37
CA LEU C 41 40.93 -19.32 -24.74
C LEU C 41 40.25 -18.40 -25.74
N ALA C 42 40.82 -18.27 -26.94
CA ALA C 42 40.20 -17.42 -27.96
C ALA C 42 38.82 -17.94 -28.34
N PHE C 43 38.70 -19.24 -28.54
CA PHE C 43 37.40 -19.81 -28.90
C PHE C 43 36.37 -19.56 -27.81
N GLY C 44 36.76 -19.74 -26.55
CA GLY C 44 35.82 -19.46 -25.46
C GLY C 44 35.44 -17.99 -25.38
N LEU C 45 36.41 -17.10 -25.57
CA LEU C 45 36.15 -15.67 -25.42
C LEU C 45 35.24 -15.16 -26.52
N THR C 46 35.38 -15.66 -27.75
CA THR C 46 34.46 -15.24 -28.81
C THR C 46 33.02 -15.46 -28.39
N VAL C 47 32.71 -16.69 -27.93
CA VAL C 47 31.34 -17.00 -27.54
C VAL C 47 30.92 -16.17 -26.34
N LEU C 48 31.80 -16.02 -25.34
CA LEU C 48 31.44 -15.25 -24.16
C LEU C 48 31.06 -13.82 -24.52
N THR C 49 31.92 -13.13 -25.26
CA THR C 49 31.66 -11.73 -25.59
C THR C 49 30.44 -11.59 -26.49
N MET C 50 30.31 -12.46 -27.51
CA MET C 50 29.17 -12.34 -28.40
C MET C 50 27.86 -12.65 -27.69
N ALA C 51 27.88 -13.59 -26.74
CA ALA C 51 26.70 -13.84 -25.93
C ALA C 51 26.33 -12.61 -25.13
N PHE C 52 27.28 -12.04 -24.39
CA PHE C 52 26.96 -10.83 -23.65
C PHE C 52 26.44 -9.73 -24.56
N ALA C 53 26.85 -9.72 -25.83
CA ALA C 53 26.48 -8.63 -26.72
C ALA C 53 25.09 -8.83 -27.33
N VAL C 54 24.75 -10.03 -27.80
CA VAL C 54 23.54 -10.20 -28.60
C VAL C 54 22.66 -11.37 -28.15
N GLY C 55 22.92 -11.93 -26.97
CA GLY C 55 22.08 -13.00 -26.48
C GLY C 55 20.69 -12.53 -26.13
N HIS C 56 20.59 -11.30 -25.62
CA HIS C 56 19.28 -10.71 -25.35
C HIS C 56 18.50 -10.45 -26.62
N ILE C 57 19.14 -10.52 -27.79
CA ILE C 57 18.45 -10.35 -29.06
C ILE C 57 18.04 -11.71 -29.61
N SER C 58 19.02 -12.58 -29.85
CA SER C 58 18.74 -13.83 -30.53
C SER C 58 18.84 -15.07 -29.64
N GLY C 59 19.33 -14.94 -28.42
CA GLY C 59 19.61 -16.09 -27.58
C GLY C 59 21.03 -16.58 -27.65
N GLY C 60 21.82 -16.12 -28.62
CA GLY C 60 23.23 -16.45 -28.69
C GLY C 60 23.55 -17.92 -28.86
N HIS C 61 23.14 -18.51 -29.98
CA HIS C 61 23.46 -19.90 -30.27
C HIS C 61 24.80 -20.00 -30.99
N PHE C 62 24.90 -19.37 -32.16
CA PHE C 62 26.14 -19.35 -32.95
C PHE C 62 26.61 -20.75 -33.33
N ASN C 63 25.73 -21.73 -33.26
CA ASN C 63 26.11 -23.13 -33.47
C ASN C 63 24.88 -23.94 -33.89
N PRO C 64 24.90 -24.56 -35.07
CA PRO C 64 23.74 -25.39 -35.45
C PRO C 64 23.44 -26.50 -34.46
N ALA C 65 24.48 -27.12 -33.90
CA ALA C 65 24.27 -28.16 -32.91
C ALA C 65 23.56 -27.62 -31.69
N VAL C 66 23.91 -26.40 -31.26
CA VAL C 66 23.25 -25.80 -30.11
C VAL C 66 21.77 -25.56 -30.41
N THR C 67 21.47 -25.02 -31.60
CA THR C 67 20.07 -24.76 -31.94
C THR C 67 19.26 -26.06 -31.98
N ILE C 68 19.80 -27.10 -32.60
CA ILE C 68 19.05 -28.35 -32.71
C ILE C 68 18.90 -29.01 -31.34
N GLY C 69 19.94 -28.93 -30.50
CA GLY C 69 19.84 -29.49 -29.17
C GLY C 69 18.85 -28.75 -28.30
N LEU C 70 18.77 -27.42 -28.45
CA LEU C 70 17.77 -26.66 -27.74
C LEU C 70 16.37 -27.01 -28.21
N TRP C 71 16.21 -27.25 -29.52
CA TRP C 71 14.92 -27.73 -30.01
C TRP C 71 14.57 -29.07 -29.37
N ALA C 72 15.52 -29.99 -29.33
CA ALA C 72 15.27 -31.30 -28.75
C ALA C 72 15.00 -31.24 -27.26
N GLY C 73 15.50 -30.21 -26.58
CA GLY C 73 15.23 -30.01 -25.17
C GLY C 73 13.93 -29.34 -24.85
N GLY C 74 13.13 -29.01 -25.87
CA GLY C 74 11.87 -28.34 -25.64
C GLY C 74 11.98 -26.88 -25.32
N ARG C 75 13.00 -26.19 -25.84
CA ARG C 75 13.22 -24.79 -25.53
C ARG C 75 13.27 -23.88 -26.75
N PHE C 76 13.14 -24.43 -27.95
CA PHE C 76 13.26 -23.63 -29.17
C PHE C 76 12.25 -24.11 -30.21
N PRO C 77 11.46 -23.21 -30.79
CA PRO C 77 10.45 -23.64 -31.76
C PRO C 77 11.09 -24.26 -33.00
N ALA C 78 10.44 -25.30 -33.52
CA ALA C 78 10.96 -25.99 -34.70
C ALA C 78 10.95 -25.09 -35.92
N LYS C 79 9.89 -24.32 -36.11
CA LYS C 79 9.74 -23.54 -37.35
C LYS C 79 10.85 -22.52 -37.52
N GLU C 80 11.55 -22.14 -36.46
CA GLU C 80 12.62 -21.17 -36.54
C GLU C 80 13.99 -21.81 -36.74
N VAL C 81 14.09 -23.14 -36.70
CA VAL C 81 15.40 -23.77 -36.68
C VAL C 81 16.14 -23.50 -37.98
N VAL C 82 15.52 -23.81 -39.12
CA VAL C 82 16.26 -23.80 -40.39
C VAL C 82 16.88 -22.43 -40.61
N GLY C 83 16.08 -21.37 -40.50
CA GLY C 83 16.63 -20.04 -40.66
C GLY C 83 17.89 -19.84 -39.85
N TYR C 84 17.82 -20.11 -38.54
CA TYR C 84 19.00 -19.92 -37.71
C TYR C 84 20.21 -20.62 -38.32
N VAL C 85 20.05 -21.90 -38.66
CA VAL C 85 21.19 -22.65 -39.16
C VAL C 85 21.79 -21.94 -40.36
N ILE C 86 20.94 -21.56 -41.32
CA ILE C 86 21.46 -20.92 -42.52
C ILE C 86 22.29 -19.70 -42.13
N ALA C 87 21.70 -18.83 -41.30
CA ALA C 87 22.43 -17.63 -40.90
C ALA C 87 23.80 -18.01 -40.36
N GLN C 88 23.83 -18.94 -39.41
CA GLN C 88 25.12 -19.31 -38.81
C GLN C 88 26.10 -19.70 -39.90
N VAL C 89 25.71 -20.62 -40.78
CA VAL C 89 26.64 -21.07 -41.79
C VAL C 89 27.15 -19.89 -42.59
N VAL C 90 26.24 -19.03 -43.05
CA VAL C 90 26.65 -17.91 -43.88
C VAL C 90 27.72 -17.10 -43.14
N GLY C 91 27.43 -16.76 -41.88
CA GLY C 91 28.40 -15.97 -41.13
C GLY C 91 29.76 -16.63 -41.15
N GLY C 92 29.82 -17.91 -40.79
CA GLY C 92 31.10 -18.58 -40.76
C GLY C 92 31.83 -18.44 -42.08
N ILE C 93 31.14 -18.71 -43.19
CA ILE C 93 31.82 -18.67 -44.48
C ILE C 93 32.44 -17.31 -44.68
N VAL C 94 31.67 -16.24 -44.45
CA VAL C 94 32.22 -14.91 -44.67
C VAL C 94 33.50 -14.74 -43.86
N ALA C 95 33.45 -15.08 -42.58
CA ALA C 95 34.65 -14.97 -41.76
C ALA C 95 35.81 -15.69 -42.40
N ALA C 96 35.61 -16.96 -42.75
CA ALA C 96 36.69 -17.72 -43.35
C ALA C 96 37.28 -16.97 -44.53
N ALA C 97 36.42 -16.47 -45.42
CA ALA C 97 36.92 -15.77 -46.60
C ALA C 97 37.87 -14.66 -46.18
N LEU C 98 37.42 -13.79 -45.27
CA LEU C 98 38.29 -12.69 -44.85
C LEU C 98 39.57 -13.23 -44.25
N LEU C 99 39.46 -14.25 -43.38
CA LEU C 99 40.65 -14.84 -42.81
C LEU C 99 41.60 -15.28 -43.90
N TYR C 100 41.08 -15.97 -44.92
CA TYR C 100 41.93 -16.40 -46.02
C TYR C 100 42.70 -15.22 -46.58
N LEU C 101 41.99 -14.14 -46.90
CA LEU C 101 42.67 -12.97 -47.45
C LEU C 101 43.80 -12.53 -46.54
N ILE C 102 43.53 -12.40 -45.24
CA ILE C 102 44.56 -11.95 -44.32
C ILE C 102 45.74 -12.93 -44.34
N ALA C 103 45.45 -14.23 -44.30
CA ALA C 103 46.52 -15.20 -44.27
C ALA C 103 47.37 -15.13 -45.53
N SER C 104 46.81 -14.60 -46.62
CA SER C 104 47.58 -14.51 -47.86
C SER C 104 48.61 -13.39 -47.83
N GLY C 105 48.57 -12.51 -46.83
CA GLY C 105 49.51 -11.42 -46.77
C GLY C 105 50.90 -11.78 -46.31
N LYS C 106 51.12 -13.03 -45.90
CA LYS C 106 52.42 -13.49 -45.44
C LYS C 106 52.98 -14.48 -46.44
N THR C 107 54.25 -14.33 -46.78
CA THR C 107 54.88 -15.20 -47.76
C THR C 107 54.91 -16.64 -47.28
N GLY C 108 54.64 -17.56 -48.20
CA GLY C 108 54.68 -18.98 -47.91
C GLY C 108 53.39 -19.59 -47.42
N PHE C 109 52.32 -18.81 -47.30
CA PHE C 109 51.05 -19.36 -46.85
C PHE C 109 50.48 -20.32 -47.88
N ASP C 110 49.97 -21.46 -47.39
CA ASP C 110 49.38 -22.48 -48.26
C ASP C 110 48.25 -23.13 -47.49
N ALA C 111 47.01 -22.77 -47.84
CA ALA C 111 45.85 -23.28 -47.11
C ALA C 111 45.74 -24.80 -47.23
N ALA C 112 45.94 -25.33 -48.43
CA ALA C 112 45.79 -26.77 -48.63
C ALA C 112 46.81 -27.55 -47.82
N ALA C 113 48.07 -27.11 -47.81
CA ALA C 113 49.11 -27.85 -47.12
C ALA C 113 49.00 -27.72 -45.61
N SER C 114 48.69 -26.51 -45.12
CA SER C 114 48.62 -26.31 -43.68
C SER C 114 47.36 -26.89 -43.08
N GLY C 115 46.29 -27.00 -43.85
CA GLY C 115 45.02 -27.50 -43.37
C GLY C 115 44.02 -26.42 -43.03
N PHE C 116 44.48 -25.18 -42.84
CA PHE C 116 43.59 -24.05 -42.57
C PHE C 116 42.71 -24.31 -41.36
N ALA C 117 43.28 -24.96 -40.34
CA ALA C 117 42.57 -25.24 -39.09
C ALA C 117 41.30 -26.04 -39.32
N SER C 118 41.37 -27.03 -40.21
CA SER C 118 40.23 -27.87 -40.51
C SER C 118 40.16 -29.05 -39.56
N ASN C 119 38.94 -29.51 -39.32
CA ASN C 119 38.72 -30.68 -38.46
C ASN C 119 38.90 -31.96 -39.26
N GLY C 120 39.52 -32.95 -38.63
CA GLY C 120 39.76 -34.22 -39.29
C GLY C 120 40.00 -35.31 -38.27
N TYR C 121 39.95 -36.55 -38.75
CA TYR C 121 40.17 -37.72 -37.91
C TYR C 121 41.10 -38.69 -38.62
N GLY C 122 41.51 -39.72 -37.90
CA GLY C 122 42.35 -40.74 -38.49
C GLY C 122 43.66 -40.15 -38.97
N GLU C 123 43.96 -40.37 -40.26
CA GLU C 123 45.23 -39.91 -40.81
C GLU C 123 45.36 -38.39 -40.75
N HIS C 124 44.23 -37.68 -40.69
CA HIS C 124 44.24 -36.22 -40.67
C HIS C 124 43.99 -35.66 -39.27
N SER C 125 44.06 -36.48 -38.25
CA SER C 125 43.96 -35.99 -36.88
C SER C 125 45.30 -35.36 -36.46
N PRO C 126 45.27 -34.27 -35.71
CA PRO C 126 46.55 -33.65 -35.29
C PRO C 126 47.44 -34.59 -34.52
N GLY C 127 46.87 -35.45 -33.68
CA GLY C 127 47.62 -36.41 -32.91
C GLY C 127 47.59 -37.83 -33.43
N GLY C 128 47.07 -38.05 -34.63
CA GLY C 128 46.99 -39.40 -35.18
C GLY C 128 46.06 -40.33 -34.43
N TYR C 129 44.88 -39.85 -34.06
CA TYR C 129 43.89 -40.66 -33.39
C TYR C 129 42.95 -41.33 -34.40
N SER C 130 42.36 -42.45 -33.99
CA SER C 130 41.50 -43.22 -34.86
C SER C 130 40.12 -42.59 -34.96
N MET C 131 39.30 -43.13 -35.88
CA MET C 131 37.96 -42.62 -36.07
C MET C 131 37.10 -42.83 -34.83
N LEU C 132 37.25 -43.98 -34.16
CA LEU C 132 36.44 -44.27 -32.98
C LEU C 132 36.71 -43.26 -31.87
N SER C 133 37.97 -42.90 -31.64
CA SER C 133 38.30 -41.91 -30.63
C SER C 133 37.64 -40.58 -30.94
N ALA C 134 37.71 -40.15 -32.21
CA ALA C 134 37.08 -38.90 -32.60
C ALA C 134 35.58 -38.95 -32.35
N LEU C 135 34.94 -40.05 -32.73
CA LEU C 135 33.49 -40.18 -32.53
C LEU C 135 33.14 -40.07 -31.06
N VAL C 136 33.84 -40.82 -30.21
CA VAL C 136 33.50 -40.83 -28.79
C VAL C 136 33.71 -39.45 -28.18
N VAL C 137 34.85 -38.82 -28.48
CA VAL C 137 35.14 -37.53 -27.87
C VAL C 137 34.14 -36.47 -28.33
N GLU C 138 33.83 -36.45 -29.63
CA GLU C 138 32.89 -35.46 -30.13
C GLU C 138 31.51 -35.68 -29.53
N LEU C 139 31.04 -36.92 -29.46
CA LEU C 139 29.73 -37.19 -28.87
C LEU C 139 29.67 -36.71 -27.43
N VAL C 140 30.65 -37.12 -26.62
CA VAL C 140 30.62 -36.79 -25.19
C VAL C 140 30.69 -35.28 -25.00
N LEU C 141 31.58 -34.62 -25.71
CA LEU C 141 31.75 -33.17 -25.51
C LEU C 141 30.54 -32.39 -25.99
N SER C 142 29.92 -32.81 -27.10
CA SER C 142 28.70 -32.13 -27.55
C SER C 142 27.58 -32.31 -26.53
N ALA C 143 27.42 -33.54 -26.01
CA ALA C 143 26.39 -33.76 -25.00
C ALA C 143 26.62 -32.90 -23.77
N GLY C 144 27.87 -32.85 -23.30
CA GLY C 144 28.18 -32.02 -22.14
C GLY C 144 27.93 -30.55 -22.40
N PHE C 145 28.30 -30.07 -23.59
CA PHE C 145 28.07 -28.67 -23.93
C PHE C 145 26.58 -28.35 -23.89
N LEU C 146 25.75 -29.19 -24.49
CA LEU C 146 24.31 -28.93 -24.48
C LEU C 146 23.74 -29.02 -23.07
N LEU C 147 24.24 -29.95 -22.27
CA LEU C 147 23.78 -30.03 -20.88
C LEU C 147 24.11 -28.76 -20.12
N VAL C 148 25.33 -28.24 -20.29
CA VAL C 148 25.72 -27.00 -19.62
C VAL C 148 24.83 -25.84 -20.09
N ILE C 149 24.57 -25.77 -21.39
CA ILE C 149 23.75 -24.68 -21.91
C ILE C 149 22.35 -24.75 -21.33
N HIS C 150 21.76 -25.95 -21.29
CA HIS C 150 20.42 -26.09 -20.74
C HIS C 150 20.38 -25.73 -19.25
N GLY C 151 21.37 -26.19 -18.49
CA GLY C 151 21.37 -25.93 -17.06
C GLY C 151 21.58 -24.46 -16.73
N ALA C 152 22.51 -23.80 -17.44
CA ALA C 152 22.85 -22.42 -17.10
C ALA C 152 21.73 -21.46 -17.45
N THR C 153 20.94 -21.76 -18.47
CA THR C 153 19.83 -20.90 -18.87
C THR C 153 18.52 -21.25 -18.18
N ASP C 154 18.54 -22.22 -17.28
CA ASP C 154 17.34 -22.58 -16.54
C ASP C 154 16.89 -21.40 -15.67
N LYS C 155 15.56 -21.29 -15.50
CA LYS C 155 15.01 -20.17 -14.75
C LYS C 155 15.45 -20.15 -13.30
N PHE C 156 15.94 -21.26 -12.77
CA PHE C 156 16.40 -21.33 -11.39
C PHE C 156 17.90 -21.12 -11.25
N ALA C 157 18.62 -20.93 -12.35
CA ALA C 157 20.05 -20.67 -12.30
C ALA C 157 20.31 -19.19 -12.05
N PRO C 158 21.52 -18.84 -11.60
CA PRO C 158 21.85 -17.43 -11.39
C PRO C 158 21.63 -16.62 -12.65
N ALA C 159 21.01 -15.45 -12.50
CA ALA C 159 20.60 -14.65 -13.65
C ALA C 159 21.77 -13.82 -14.16
N GLY C 160 21.99 -13.88 -15.47
CA GLY C 160 23.02 -13.08 -16.12
C GLY C 160 24.38 -13.74 -16.22
N PHE C 161 24.58 -14.91 -15.62
CA PHE C 161 25.87 -15.57 -15.61
C PHE C 161 26.03 -16.59 -16.75
N ALA C 162 24.98 -16.85 -17.52
CA ALA C 162 25.04 -17.91 -18.52
C ALA C 162 26.15 -17.72 -19.54
N PRO C 163 26.37 -16.52 -20.09
CA PRO C 163 27.44 -16.37 -21.10
C PRO C 163 28.80 -16.80 -20.58
N ILE C 164 29.12 -16.48 -19.32
CA ILE C 164 30.41 -16.86 -18.76
C ILE C 164 30.55 -18.38 -18.73
N ALA C 165 29.53 -19.06 -18.23
CA ALA C 165 29.57 -20.51 -18.14
C ALA C 165 29.72 -21.14 -19.51
N ILE C 166 28.93 -20.67 -20.49
CA ILE C 166 28.96 -21.27 -21.82
C ILE C 166 30.30 -21.04 -22.50
N GLY C 167 30.83 -19.82 -22.43
CA GLY C 167 32.11 -19.55 -23.04
C GLY C 167 33.25 -20.35 -22.42
N LEU C 168 33.27 -20.41 -21.07
CA LEU C 168 34.33 -21.18 -20.42
C LEU C 168 34.17 -22.67 -20.70
N ALA C 169 32.93 -23.16 -20.87
CA ALA C 169 32.73 -24.54 -21.27
C ALA C 169 33.33 -24.82 -22.64
N LEU C 170 33.13 -23.88 -23.59
CA LEU C 170 33.74 -24.07 -24.91
C LEU C 170 35.27 -24.07 -24.80
N THR C 171 35.82 -23.18 -23.99
CA THR C 171 37.27 -23.19 -23.78
C THR C 171 37.75 -24.52 -23.24
N LEU C 172 37.04 -25.07 -22.26
CA LEU C 172 37.42 -26.36 -21.69
C LEU C 172 37.33 -27.47 -22.74
N ILE C 173 36.28 -27.45 -23.56
CA ILE C 173 36.13 -28.47 -24.60
C ILE C 173 37.32 -28.43 -25.55
N HIS C 174 37.74 -27.23 -25.95
CA HIS C 174 38.92 -27.13 -26.82
C HIS C 174 40.16 -27.65 -26.12
N LEU C 175 40.37 -27.24 -24.87
CA LEU C 175 41.53 -27.70 -24.10
C LEU C 175 41.59 -29.22 -24.07
N ILE C 176 40.43 -29.87 -23.99
CA ILE C 176 40.42 -31.33 -23.94
C ILE C 176 40.71 -31.92 -25.31
N SER C 177 40.00 -31.47 -26.34
CA SER C 177 39.86 -32.25 -27.56
C SER C 177 40.66 -31.76 -28.75
N ILE C 178 41.41 -30.66 -28.63
CA ILE C 178 42.15 -30.18 -29.81
C ILE C 178 43.06 -31.25 -30.40
N PRO C 179 43.85 -31.99 -29.63
CA PRO C 179 44.75 -32.98 -30.23
C PRO C 179 44.03 -34.11 -30.97
N VAL C 180 42.76 -34.38 -30.68
CA VAL C 180 42.10 -35.54 -31.25
C VAL C 180 41.53 -35.22 -32.63
N THR C 181 40.67 -34.20 -32.71
CA THR C 181 39.98 -33.87 -33.95
C THR C 181 40.08 -32.40 -34.33
N ASN C 182 40.74 -31.57 -33.54
CA ASN C 182 40.78 -30.12 -33.68
C ASN C 182 39.53 -29.47 -33.10
N THR C 183 38.71 -30.21 -32.35
CA THR C 183 37.64 -29.64 -31.52
C THR C 183 36.63 -28.85 -32.35
N SER C 184 35.84 -29.58 -33.14
CA SER C 184 34.79 -28.93 -33.90
C SER C 184 33.57 -28.61 -33.03
N VAL C 185 32.88 -29.64 -32.55
CA VAL C 185 31.59 -29.51 -31.86
C VAL C 185 30.73 -28.39 -32.42
N ASN C 186 30.95 -28.02 -33.68
CA ASN C 186 30.23 -26.92 -34.32
C ASN C 186 30.27 -27.10 -35.83
N PRO C 187 29.19 -27.61 -36.44
CA PRO C 187 29.22 -27.88 -37.89
C PRO C 187 29.54 -26.66 -38.74
N ALA C 188 29.04 -25.47 -38.37
CA ALA C 188 29.28 -24.28 -39.17
C ALA C 188 30.76 -23.92 -39.19
N ARG C 189 31.42 -23.99 -38.02
CA ARG C 189 32.84 -23.70 -37.96
C ARG C 189 33.65 -24.67 -38.80
N SER C 190 33.28 -25.95 -38.77
CA SER C 190 33.97 -26.94 -39.58
C SER C 190 33.79 -26.65 -41.07
N THR C 191 32.55 -26.34 -41.48
CA THR C 191 32.27 -26.10 -42.88
C THR C 191 33.03 -24.88 -43.40
N ALA C 192 33.06 -23.81 -42.61
CA ALA C 192 33.67 -22.56 -43.08
C ALA C 192 35.11 -22.77 -43.51
N VAL C 193 35.89 -23.50 -42.72
CA VAL C 193 37.29 -23.72 -43.06
C VAL C 193 37.47 -24.88 -44.02
N ALA C 194 36.59 -25.89 -43.97
CA ALA C 194 36.71 -27.00 -44.91
C ALA C 194 36.51 -26.52 -46.34
N ILE C 195 35.63 -25.54 -46.55
CA ILE C 195 35.40 -25.04 -47.90
C ILE C 195 36.70 -24.49 -48.49
N PHE C 196 37.45 -23.73 -47.70
CA PHE C 196 38.66 -23.10 -48.21
C PHE C 196 39.86 -24.04 -48.20
N GLN C 197 39.87 -25.07 -47.36
CA GLN C 197 40.92 -26.08 -47.46
C GLN C 197 40.85 -26.79 -48.81
N GLY C 198 39.64 -27.20 -49.21
CA GLY C 198 39.38 -27.68 -50.55
C GLY C 198 39.81 -29.12 -50.83
N GLY C 199 40.37 -29.83 -49.86
CA GLY C 199 40.86 -31.16 -50.11
C GLY C 199 40.21 -32.23 -49.27
N TRP C 200 41.02 -32.91 -48.45
CA TRP C 200 40.51 -33.95 -47.58
C TRP C 200 39.47 -33.42 -46.59
N ALA C 201 39.50 -32.12 -46.29
CA ALA C 201 38.57 -31.56 -45.33
C ALA C 201 37.13 -31.72 -45.81
N LEU C 202 36.89 -31.52 -47.10
CA LEU C 202 35.54 -31.69 -47.63
C LEU C 202 35.12 -33.15 -47.65
N GLU C 203 36.06 -34.07 -47.78
CA GLU C 203 35.72 -35.49 -47.78
C GLU C 203 35.20 -35.92 -46.41
N GLN C 204 35.79 -35.41 -45.34
CA GLN C 204 35.42 -35.78 -43.98
C GLN C 204 34.40 -34.85 -43.35
N LEU C 205 33.91 -33.85 -44.10
CA LEU C 205 33.04 -32.84 -43.51
C LEU C 205 31.77 -33.46 -42.94
N TRP C 206 31.20 -34.45 -43.63
CA TRP C 206 29.97 -35.07 -43.16
C TRP C 206 30.08 -35.52 -41.72
N PHE C 207 31.24 -36.07 -41.33
CA PHE C 207 31.41 -36.60 -39.98
C PHE C 207 31.14 -35.52 -38.94
N PHE C 208 31.51 -34.28 -39.24
CA PHE C 208 31.38 -33.18 -38.29
C PHE C 208 30.06 -32.46 -38.41
N TRP C 209 29.15 -32.95 -39.26
CA TRP C 209 27.76 -32.51 -39.23
C TRP C 209 26.86 -33.48 -38.49
N VAL C 210 27.21 -34.76 -38.49
CA VAL C 210 26.37 -35.78 -37.87
C VAL C 210 26.70 -35.96 -36.39
N VAL C 211 27.98 -36.18 -36.07
CA VAL C 211 28.34 -36.50 -34.68
C VAL C 211 28.00 -35.36 -33.73
N PRO C 212 28.39 -34.11 -33.99
CA PRO C 212 28.01 -33.04 -33.06
C PRO C 212 26.51 -32.92 -32.87
N ILE C 213 25.74 -32.82 -33.96
CA ILE C 213 24.31 -32.63 -33.83
C ILE C 213 23.70 -33.74 -33.00
N VAL C 214 24.00 -34.99 -33.33
CA VAL C 214 23.48 -36.10 -32.54
C VAL C 214 23.83 -35.91 -31.07
N GLY C 215 25.10 -35.62 -30.79
CA GLY C 215 25.49 -35.40 -29.42
C GLY C 215 24.65 -34.32 -28.76
N GLY C 216 24.48 -33.19 -29.45
CA GLY C 216 23.65 -32.14 -28.90
C GLY C 216 22.27 -32.64 -28.54
N ILE C 217 21.65 -33.38 -29.46
CA ILE C 217 20.32 -33.91 -29.18
C ILE C 217 20.33 -34.70 -27.88
N ILE C 218 21.31 -35.60 -27.75
CA ILE C 218 21.38 -36.42 -26.55
C ILE C 218 21.41 -35.52 -25.32
N GLY C 219 22.29 -34.52 -25.34
CA GLY C 219 22.36 -33.61 -24.21
C GLY C 219 21.00 -33.04 -23.86
N GLY C 220 20.33 -32.47 -24.87
CA GLY C 220 19.01 -31.93 -24.60
C GLY C 220 18.11 -32.95 -23.96
N LEU C 221 18.04 -34.14 -24.54
CA LEU C 221 17.15 -35.16 -24.01
C LEU C 221 17.44 -35.40 -22.54
N ILE C 222 18.71 -35.50 -22.17
CA ILE C 222 19.04 -35.79 -20.79
C ILE C 222 18.43 -34.71 -19.89
N TYR C 223 18.69 -33.44 -20.19
CA TYR C 223 18.18 -32.40 -19.32
C TYR C 223 16.67 -32.39 -19.33
N ARG C 224 16.06 -32.80 -20.44
CA ARG C 224 14.60 -32.79 -20.51
C ARG C 224 14.00 -33.88 -19.66
N THR C 225 14.70 -35.00 -19.48
CA THR C 225 14.08 -36.17 -18.89
C THR C 225 14.59 -36.52 -17.50
N LEU C 226 15.81 -36.10 -17.14
CA LEU C 226 16.39 -36.50 -15.86
C LEU C 226 16.67 -35.35 -14.91
N LEU C 227 16.82 -34.12 -15.40
CA LEU C 227 17.27 -33.02 -14.55
C LEU C 227 16.25 -31.89 -14.42
N ARG C 228 15.50 -31.57 -15.45
CA ARG C 228 14.54 -30.49 -15.36
C ARG C 228 13.42 -30.84 -14.37
N ALA C 229 13.02 -29.85 -13.58
CA ALA C 229 11.95 -30.03 -12.62
C ALA C 229 10.59 -29.92 -13.29
N SER C 230 9.69 -30.82 -12.94
CA SER C 230 8.35 -30.80 -13.50
C SER C 230 7.51 -29.69 -12.86
N ARG C 231 6.32 -29.47 -13.43
CA ARG C 231 5.42 -28.46 -12.90
C ARG C 231 5.03 -28.75 -11.46
N LEU C 232 4.70 -30.01 -11.16
CA LEU C 232 4.37 -30.38 -9.80
C LEU C 232 5.56 -30.18 -8.86
N GLU C 233 6.77 -30.50 -9.34
CA GLU C 233 7.94 -30.31 -8.50
C GLU C 233 8.20 -28.83 -8.21
N GLU C 234 8.00 -27.98 -9.22
CA GLU C 234 8.13 -26.54 -8.99
C GLU C 234 7.13 -26.06 -7.95
N GLU C 235 5.87 -26.49 -8.08
CA GLU C 235 4.86 -26.09 -7.10
C GLU C 235 5.21 -26.60 -5.71
N LEU C 236 5.72 -27.83 -5.62
CA LEU C 236 6.09 -28.39 -4.32
C LEU C 236 7.22 -27.59 -3.69
N ARG C 237 8.22 -27.21 -4.48
CA ARG C 237 9.31 -26.40 -3.93
C ARG C 237 8.79 -25.05 -3.45
N ARG C 238 7.93 -24.41 -4.24
CA ARG C 238 7.35 -23.13 -3.83
C ARG C 238 6.61 -23.28 -2.51
N ARG C 239 5.81 -24.33 -2.37
CA ARG C 239 5.07 -24.52 -1.12
C ARG C 239 5.99 -24.86 0.04
N LEU C 240 7.06 -25.62 -0.20
CA LEU C 240 8.00 -25.96 0.84
C LEU C 240 8.85 -24.78 1.29
N THR C 241 8.93 -23.72 0.50
CA THR C 241 9.66 -22.52 0.89
C THR C 241 8.73 -21.39 1.33
N GLU C 242 7.65 -21.73 2.04
CA GLU C 242 6.72 -20.71 2.53
C GLU C 242 6.78 -20.63 4.06
N PRO C 243 6.93 -19.42 4.62
CA PRO C 243 6.99 -19.30 6.07
C PRO C 243 5.65 -19.65 6.72
N GLY C 244 5.72 -20.17 7.93
CA GLY C 244 4.52 -20.54 8.68
C GLY C 244 4.52 -20.05 10.11
N GLU D 3 -13.94 -38.78 -5.54
CA GLU D 3 -12.77 -38.01 -5.13
C GLU D 3 -11.85 -38.85 -4.25
N VAL D 4 -10.70 -38.29 -3.89
CA VAL D 4 -9.70 -39.01 -3.12
C VAL D 4 -10.03 -38.89 -1.64
N GLN D 5 -9.87 -39.99 -0.91
CA GLN D 5 -10.08 -40.04 0.53
C GLN D 5 -8.77 -40.46 1.20
N LEU D 6 -8.34 -39.67 2.18
CA LEU D 6 -7.07 -39.90 2.86
C LEU D 6 -7.32 -40.29 4.31
N GLN D 7 -6.73 -41.40 4.74
CA GLN D 7 -6.85 -41.89 6.11
C GLN D 7 -5.46 -41.96 6.73
N GLU D 8 -5.25 -41.23 7.82
CA GLU D 8 -3.96 -41.17 8.48
C GLU D 8 -3.94 -42.07 9.71
N SER D 9 -2.74 -42.25 10.26
CA SER D 9 -2.55 -43.06 11.46
C SER D 9 -1.26 -42.60 12.13
N GLY D 10 -0.96 -43.22 13.26
CA GLY D 10 0.23 -42.87 14.02
C GLY D 10 0.08 -41.56 14.76
N GLY D 11 1.21 -41.09 15.30
CA GLY D 11 1.24 -39.87 16.06
C GLY D 11 0.89 -40.08 17.52
N GLY D 12 1.00 -39.01 18.28
CA GLY D 12 0.70 -39.05 19.70
C GLY D 12 1.73 -38.27 20.50
N LEU D 13 2.02 -38.77 21.70
CA LEU D 13 2.91 -38.11 22.64
C LEU D 13 4.29 -38.75 22.58
N VAL D 14 5.32 -37.91 22.61
CA VAL D 14 6.70 -38.38 22.59
C VAL D 14 7.57 -37.34 23.29
N GLN D 15 8.54 -37.81 24.07
CA GLN D 15 9.48 -36.93 24.73
C GLN D 15 10.53 -36.43 23.75
N PRO D 16 11.19 -35.34 24.07
CA PRO D 16 12.20 -34.80 23.14
C PRO D 16 13.29 -35.81 22.85
N GLY D 17 13.75 -35.81 21.60
CA GLY D 17 14.74 -36.76 21.16
C GLY D 17 14.20 -38.11 20.71
N GLY D 18 12.90 -38.32 20.81
CA GLY D 18 12.29 -39.57 20.39
C GLY D 18 12.00 -39.57 18.90
N SER D 19 11.38 -40.66 18.45
CA SER D 19 11.05 -40.84 17.06
C SER D 19 9.59 -41.29 16.91
N LEU D 20 8.99 -40.93 15.78
CA LEU D 20 7.61 -41.28 15.49
C LEU D 20 7.48 -41.63 14.03
N ARG D 21 6.42 -42.35 13.68
CA ARG D 21 6.14 -42.73 12.31
C ARG D 21 4.68 -42.52 12.00
N LEU D 22 4.38 -41.59 11.10
CA LEU D 22 3.03 -41.36 10.61
C LEU D 22 2.85 -42.07 9.28
N SER D 23 1.63 -42.54 9.05
CA SER D 23 1.30 -43.22 7.81
C SER D 23 -0.02 -42.68 7.29
N CYS D 24 -0.21 -42.75 5.97
CA CYS D 24 -1.42 -42.28 5.34
C CYS D 24 -1.70 -43.14 4.12
N THR D 25 -2.96 -43.51 3.95
CA THR D 25 -3.40 -44.34 2.83
C THR D 25 -4.52 -43.63 2.08
N ALA D 26 -4.51 -43.78 0.76
CA ALA D 26 -5.50 -43.15 -0.10
C ALA D 26 -6.47 -44.19 -0.64
N SER D 27 -7.70 -43.76 -0.86
CA SER D 27 -8.75 -44.63 -1.37
C SER D 27 -9.68 -43.82 -2.25
N GLY D 28 -10.46 -44.52 -3.06
CA GLY D 28 -11.35 -43.87 -4.00
C GLY D 28 -10.70 -43.38 -5.27
N VAL D 29 -9.46 -43.81 -5.55
CA VAL D 29 -8.73 -43.40 -6.75
C VAL D 29 -7.93 -44.59 -7.25
N THR D 30 -7.87 -44.73 -8.56
CA THR D 30 -7.11 -45.82 -9.16
C THR D 30 -5.61 -45.57 -9.01
N ILE D 31 -4.84 -46.65 -9.10
CA ILE D 31 -3.39 -46.55 -8.93
C ILE D 31 -2.79 -45.67 -10.02
N SER D 32 -3.23 -45.87 -11.27
CA SER D 32 -2.68 -45.08 -12.37
C SER D 32 -2.98 -43.60 -12.18
N ALA D 33 -4.19 -43.26 -11.76
CA ALA D 33 -4.53 -41.86 -11.54
C ALA D 33 -3.71 -41.25 -10.42
N LEU D 34 -3.50 -42.01 -9.33
CA LEU D 34 -2.75 -41.48 -8.21
C LEU D 34 -1.26 -41.34 -8.54
N ASN D 35 -0.75 -42.19 -9.43
CA ASN D 35 0.66 -42.11 -9.78
C ASN D 35 1.03 -40.78 -10.42
N ALA D 36 0.05 -40.04 -10.94
CA ALA D 36 0.30 -38.74 -11.55
C ALA D 36 0.12 -37.59 -10.57
N MET D 37 0.06 -37.88 -9.27
CA MET D 37 -0.14 -36.86 -8.24
C MET D 37 1.01 -36.89 -7.25
N ALA D 38 1.15 -35.81 -6.50
CA ALA D 38 2.16 -35.72 -5.46
C ALA D 38 1.55 -36.02 -4.10
N MET D 39 2.30 -36.68 -3.23
CA MET D 39 1.82 -37.06 -1.91
C MET D 39 2.75 -36.49 -0.85
N GLY D 40 2.20 -35.75 0.10
CA GLY D 40 3.04 -35.10 1.09
C GLY D 40 2.41 -34.88 2.45
N TRP D 41 3.06 -34.08 3.27
CA TRP D 41 2.63 -33.84 4.65
C TRP D 41 2.65 -32.34 4.93
N TYR D 42 1.53 -31.82 5.43
CA TYR D 42 1.44 -30.47 5.96
C TYR D 42 1.46 -30.54 7.49
N ARG D 43 1.75 -29.42 8.12
CA ARG D 43 1.65 -29.35 9.57
C ARG D 43 1.26 -27.94 9.99
N GLN D 44 0.43 -27.87 11.02
CA GLN D 44 -0.01 -26.60 11.60
C GLN D 44 0.30 -26.62 13.09
N ALA D 45 1.08 -25.66 13.54
CA ALA D 45 1.39 -25.52 14.95
C ALA D 45 0.44 -24.50 15.58
N PRO D 46 0.25 -24.57 16.91
CA PRO D 46 -0.74 -23.70 17.57
C PRO D 46 -0.61 -22.24 17.19
N GLY D 47 -1.63 -21.71 16.51
CA GLY D 47 -1.68 -20.30 16.17
C GLY D 47 -0.92 -19.90 14.92
N GLU D 48 -0.44 -20.85 14.12
CA GLU D 48 0.36 -20.54 12.95
C GLU D 48 -0.29 -21.09 11.68
N ARG D 49 0.44 -20.95 10.59
CA ARG D 49 -0.01 -21.41 9.28
C ARG D 49 -0.07 -22.93 9.22
N ARG D 50 -0.79 -23.44 8.23
CA ARG D 50 -0.66 -24.82 7.81
C ARG D 50 0.27 -24.87 6.61
N VAL D 51 1.48 -25.40 6.81
CA VAL D 51 2.52 -25.34 5.79
C VAL D 51 3.07 -26.72 5.52
N MET D 52 3.58 -26.91 4.30
CA MET D 52 4.13 -28.19 3.87
C MET D 52 5.52 -28.40 4.47
N VAL D 53 5.80 -29.65 4.87
CA VAL D 53 7.08 -29.97 5.49
C VAL D 53 7.85 -30.97 4.63
N ALA D 54 7.13 -31.83 3.91
CA ALA D 54 7.79 -32.85 3.11
C ALA D 54 6.81 -33.33 2.04
N ALA D 55 7.37 -33.87 0.96
CA ALA D 55 6.52 -34.36 -0.12
C ALA D 55 7.32 -35.33 -0.99
N VAL D 56 6.60 -36.13 -1.77
CA VAL D 56 7.17 -36.98 -2.80
C VAL D 56 6.38 -36.72 -4.07
N SER D 57 7.09 -36.35 -5.14
CA SER D 57 6.46 -35.99 -6.39
C SER D 57 6.08 -37.23 -7.20
N GLU D 58 5.37 -37.00 -8.30
CA GLU D 58 4.90 -38.09 -9.14
C GLU D 58 6.05 -38.91 -9.70
N ARG D 59 7.26 -38.36 -9.76
CA ARG D 59 8.42 -39.08 -10.27
C ARG D 59 9.24 -39.73 -9.17
N GLY D 60 8.82 -39.63 -7.91
CA GLY D 60 9.53 -40.27 -6.82
C GLY D 60 10.62 -39.45 -6.18
N ASN D 61 10.64 -38.13 -6.39
CA ASN D 61 11.66 -37.28 -5.80
C ASN D 61 11.18 -36.76 -4.46
N ALA D 62 11.93 -37.08 -3.41
CA ALA D 62 11.59 -36.63 -2.07
C ALA D 62 12.10 -35.22 -1.84
N MET D 63 11.22 -34.35 -1.36
CA MET D 63 11.53 -32.95 -1.14
C MET D 63 11.17 -32.57 0.29
N TYR D 64 11.98 -31.72 0.91
CA TYR D 64 11.83 -31.39 2.32
C TYR D 64 11.89 -29.89 2.52
N ARG D 65 11.24 -29.43 3.59
CA ARG D 65 11.44 -28.07 4.07
C ARG D 65 12.82 -27.96 4.73
N GLU D 66 13.43 -26.78 4.58
CA GLU D 66 14.82 -26.62 5.02
C GLU D 66 14.96 -26.90 6.52
N SER D 67 14.03 -26.41 7.33
CA SER D 67 14.15 -26.53 8.77
C SER D 67 13.94 -27.95 9.27
N VAL D 68 13.47 -28.86 8.45
CA VAL D 68 13.21 -30.24 8.87
C VAL D 68 14.09 -31.26 8.16
N GLN D 69 14.76 -30.88 7.08
CA GLN D 69 15.62 -31.83 6.38
C GLN D 69 16.77 -32.24 7.29
N GLY D 70 17.08 -33.54 7.29
CA GLY D 70 18.05 -34.11 8.18
C GLY D 70 17.44 -34.81 9.39
N ARG D 71 16.19 -34.53 9.70
CA ARG D 71 15.47 -35.22 10.77
C ARG D 71 14.23 -35.97 10.29
N PHE D 72 13.63 -35.56 9.18
CA PHE D 72 12.44 -36.19 8.64
C PHE D 72 12.79 -37.00 7.40
N THR D 73 12.10 -38.11 7.22
CA THR D 73 12.27 -38.97 6.05
C THR D 73 10.90 -39.34 5.52
N VAL D 74 10.59 -38.92 4.29
CA VAL D 74 9.30 -39.18 3.67
C VAL D 74 9.47 -40.28 2.64
N THR D 75 8.60 -41.28 2.70
CA THR D 75 8.63 -42.41 1.80
C THR D 75 7.26 -42.59 1.16
N ARG D 76 7.25 -43.07 -0.09
CA ARG D 76 6.02 -43.27 -0.83
C ARG D 76 6.01 -44.66 -1.44
N ASP D 77 4.91 -45.39 -1.24
CA ASP D 77 4.66 -46.68 -1.85
C ASP D 77 3.57 -46.48 -2.89
N PHE D 78 3.96 -46.53 -4.17
CA PHE D 78 3.02 -46.26 -5.25
C PHE D 78 2.01 -47.40 -5.40
N THR D 79 2.47 -48.64 -5.30
CA THR D 79 1.58 -49.78 -5.47
C THR D 79 0.49 -49.80 -4.39
N ASN D 80 0.88 -49.54 -3.15
CA ASN D 80 -0.06 -49.54 -2.03
C ASN D 80 -0.75 -48.20 -1.82
N LYS D 81 -0.45 -47.20 -2.65
CA LYS D 81 -1.06 -45.88 -2.52
C LYS D 81 -0.86 -45.32 -1.12
N MET D 82 0.35 -45.46 -0.59
CA MET D 82 0.64 -45.09 0.79
C MET D 82 1.76 -44.08 0.85
N VAL D 83 1.71 -43.20 1.84
CA VAL D 83 2.80 -42.25 2.09
C VAL D 83 3.07 -42.23 3.59
N SER D 84 4.35 -42.33 3.96
CA SER D 84 4.74 -42.40 5.36
C SER D 84 5.81 -41.36 5.66
N LEU D 85 5.83 -40.92 6.91
CA LEU D 85 6.79 -39.93 7.40
C LEU D 85 7.43 -40.46 8.67
N GLN D 86 8.77 -40.46 8.70
CA GLN D 86 9.52 -40.88 9.86
C GLN D 86 10.24 -39.68 10.45
N MET D 87 10.00 -39.42 11.74
CA MET D 87 10.57 -38.27 12.43
C MET D 87 11.51 -38.75 13.52
N ASP D 88 12.75 -38.26 13.48
CA ASP D 88 13.78 -38.63 14.44
C ASP D 88 14.37 -37.37 15.07
N ASN D 89 14.78 -37.49 16.32
CA ASN D 89 15.33 -36.38 17.08
C ASN D 89 14.31 -35.24 17.07
N LEU D 90 13.20 -35.49 17.75
CA LEU D 90 12.10 -34.55 17.80
C LEU D 90 12.41 -33.40 18.75
N LYS D 91 11.86 -32.24 18.43
CA LYS D 91 12.06 -31.02 19.20
C LYS D 91 10.72 -30.41 19.58
N PRO D 92 10.71 -29.52 20.57
CA PRO D 92 9.42 -28.91 20.97
C PRO D 92 8.71 -28.19 19.83
N GLU D 93 9.45 -27.65 18.87
CA GLU D 93 8.84 -26.97 17.74
C GLU D 93 8.14 -27.92 16.79
N ASP D 94 8.31 -29.22 16.96
CA ASP D 94 7.64 -30.20 16.11
C ASP D 94 6.24 -30.55 16.59
N THR D 95 5.78 -29.99 17.70
CA THR D 95 4.44 -30.26 18.21
C THR D 95 3.42 -29.55 17.34
N ALA D 96 2.51 -30.30 16.73
CA ALA D 96 1.52 -29.72 15.85
C ALA D 96 0.53 -30.77 15.34
N VAL D 97 -0.42 -30.33 14.53
CA VAL D 97 -1.33 -31.24 13.82
C VAL D 97 -0.78 -31.47 12.43
N TYR D 98 -0.56 -32.73 12.08
CA TYR D 98 0.01 -33.12 10.80
C TYR D 98 -1.09 -33.68 9.90
N TYR D 99 -1.12 -33.21 8.66
CA TYR D 99 -2.14 -33.58 7.70
C TYR D 99 -1.50 -34.29 6.52
N CYS D 100 -2.06 -35.44 6.15
CA CYS D 100 -1.72 -36.06 4.87
C CYS D 100 -2.31 -35.23 3.74
N HIS D 101 -1.54 -35.02 2.68
CA HIS D 101 -1.94 -34.13 1.62
C HIS D 101 -1.66 -34.77 0.26
N VAL D 102 -2.54 -34.49 -0.70
CA VAL D 102 -2.37 -34.94 -2.07
C VAL D 102 -2.55 -33.75 -2.99
N LEU D 103 -1.60 -33.55 -3.89
CA LEU D 103 -1.61 -32.46 -4.84
C LEU D 103 -1.82 -33.02 -6.24
N GLU D 104 -2.81 -32.48 -6.96
CA GLU D 104 -3.17 -32.92 -8.29
C GLU D 104 -3.04 -31.77 -9.27
N ASP D 105 -2.46 -32.05 -10.44
CA ASP D 105 -2.25 -31.05 -11.47
C ASP D 105 -3.46 -31.02 -12.40
N ARG D 106 -4.06 -29.85 -12.57
CA ARG D 106 -5.22 -29.67 -13.43
C ARG D 106 -4.93 -28.71 -14.58
N VAL D 107 -3.69 -28.72 -15.07
CA VAL D 107 -3.29 -27.93 -16.23
C VAL D 107 -3.19 -26.46 -15.85
N ASP D 108 -4.33 -25.81 -15.60
CA ASP D 108 -4.36 -24.39 -15.30
C ASP D 108 -4.39 -24.10 -13.80
N SER D 109 -4.33 -25.12 -12.95
CA SER D 109 -4.36 -24.91 -11.51
C SER D 109 -4.09 -26.23 -10.83
N PHE D 110 -3.94 -26.18 -9.51
CA PHE D 110 -3.68 -27.35 -8.70
C PHE D 110 -4.84 -27.57 -7.73
N HIS D 111 -5.08 -28.84 -7.41
CA HIS D 111 -6.16 -29.22 -6.52
C HIS D 111 -5.59 -29.98 -5.32
N ASP D 112 -6.12 -29.67 -4.14
CA ASP D 112 -5.63 -30.23 -2.88
C ASP D 112 -6.65 -31.21 -2.30
N TYR D 113 -6.14 -32.33 -1.81
CA TYR D 113 -6.93 -33.27 -1.01
C TYR D 113 -6.28 -33.38 0.36
N TRP D 114 -7.09 -33.24 1.40
CA TRP D 114 -6.61 -33.14 2.77
C TRP D 114 -7.01 -34.36 3.59
N GLY D 115 -6.19 -34.68 4.58
CA GLY D 115 -6.53 -35.72 5.54
C GLY D 115 -7.22 -35.16 6.77
N GLN D 116 -7.57 -36.07 7.68
CA GLN D 116 -8.26 -35.66 8.90
C GLN D 116 -7.34 -34.85 9.80
N GLY D 117 -6.11 -35.31 10.00
CA GLY D 117 -5.17 -34.64 10.87
C GLY D 117 -4.84 -35.53 12.06
N THR D 118 -3.59 -35.49 12.50
CA THR D 118 -3.12 -36.26 13.64
C THR D 118 -2.25 -35.39 14.52
N GLN D 119 -2.42 -35.54 15.84
CA GLN D 119 -1.73 -34.71 16.82
C GLN D 119 -0.38 -35.33 17.15
N VAL D 120 0.67 -34.51 17.13
CA VAL D 120 1.99 -34.92 17.56
C VAL D 120 2.45 -33.92 18.61
N THR D 121 2.64 -34.39 19.83
CA THR D 121 3.03 -33.54 20.96
C THR D 121 4.35 -34.04 21.52
N VAL D 122 5.35 -33.16 21.55
CA VAL D 122 6.66 -33.50 22.07
C VAL D 122 6.89 -32.73 23.36
N SER D 123 6.57 -33.35 24.49
CA SER D 123 6.72 -32.72 25.79
C SER D 123 7.57 -33.62 26.68
N SER D 124 8.58 -33.04 27.32
CA SER D 124 9.46 -33.78 28.21
C SER D 124 8.77 -34.08 29.54
N MET E 1 15.62 -36.94 -4.76
CA MET E 1 16.95 -37.46 -4.54
C MET E 1 17.52 -38.05 -5.83
N PHE E 2 16.66 -38.62 -6.66
CA PHE E 2 17.11 -39.13 -7.95
C PHE E 2 17.68 -38.02 -8.81
N ARG E 3 17.00 -36.86 -8.84
CA ARG E 3 17.53 -35.72 -9.56
C ARG E 3 18.87 -35.29 -9.00
N LYS E 4 18.98 -35.21 -7.67
CA LYS E 4 20.23 -34.78 -7.05
C LYS E 4 21.36 -35.77 -7.32
N LEU E 5 21.07 -37.07 -7.22
CA LEU E 5 22.09 -38.07 -7.47
C LEU E 5 22.54 -38.02 -8.93
N ALA E 6 21.59 -37.86 -9.86
CA ALA E 6 21.96 -37.74 -11.26
C ALA E 6 22.82 -36.52 -11.49
N ALA E 7 22.49 -35.39 -10.86
CA ALA E 7 23.29 -34.18 -11.02
C ALA E 7 24.70 -34.40 -10.49
N GLU E 8 24.84 -35.02 -9.33
CA GLU E 8 26.18 -35.26 -8.77
C GLU E 8 26.97 -36.21 -9.67
N CYS E 9 26.33 -37.25 -10.18
CA CYS E 9 27.01 -38.20 -11.05
C CYS E 9 27.51 -37.52 -12.32
N PHE E 10 26.63 -36.73 -12.96
CA PHE E 10 27.03 -36.03 -14.17
C PHE E 10 28.14 -35.02 -13.89
N GLY E 11 28.05 -34.31 -12.77
CA GLY E 11 29.09 -33.36 -12.44
C GLY E 11 30.45 -34.02 -12.23
N THR E 12 30.48 -35.12 -11.51
CA THR E 12 31.75 -35.82 -11.30
C THR E 12 32.28 -36.40 -12.60
N PHE E 13 31.38 -36.92 -13.44
CA PHE E 13 31.80 -37.38 -14.76
C PHE E 13 32.47 -36.26 -15.54
N TRP E 14 31.83 -35.08 -15.55
CA TRP E 14 32.38 -33.93 -16.26
C TRP E 14 33.75 -33.56 -15.70
N LEU E 15 33.86 -33.51 -14.37
CA LEU E 15 35.13 -33.13 -13.75
C LEU E 15 36.24 -34.08 -14.17
N VAL E 16 36.01 -35.39 -14.01
CA VAL E 16 37.05 -36.36 -14.32
C VAL E 16 37.38 -36.31 -15.80
N PHE E 17 36.36 -36.40 -16.66
CA PHE E 17 36.60 -36.34 -18.09
C PHE E 17 37.44 -35.13 -18.46
N GLY E 18 36.94 -33.93 -18.18
CA GLY E 18 37.69 -32.73 -18.49
C GLY E 18 39.12 -32.74 -17.99
N GLY E 19 39.30 -32.81 -16.66
CA GLY E 19 40.64 -32.65 -16.12
C GLY E 19 41.59 -33.75 -16.55
N CYS E 20 41.20 -35.01 -16.34
CA CYS E 20 42.09 -36.11 -16.65
C CYS E 20 42.33 -36.23 -18.15
N GLY E 21 41.33 -35.98 -18.97
CA GLY E 21 41.53 -36.02 -20.40
C GLY E 21 42.44 -34.92 -20.90
N SER E 22 42.33 -33.72 -20.33
CA SER E 22 43.28 -32.67 -20.68
C SER E 22 44.69 -33.06 -20.27
N ALA E 23 44.83 -33.69 -19.10
CA ALA E 23 46.17 -34.13 -18.67
C ALA E 23 46.73 -35.21 -19.59
N VAL E 24 45.89 -36.16 -20.01
CA VAL E 24 46.36 -37.34 -20.72
C VAL E 24 46.56 -37.06 -22.21
N LEU E 25 45.69 -36.29 -22.83
CA LEU E 25 45.70 -36.11 -24.28
C LEU E 25 46.44 -34.87 -24.75
N ALA E 26 46.49 -33.80 -23.94
CA ALA E 26 46.97 -32.51 -24.41
C ALA E 26 48.11 -31.92 -23.60
N ALA E 27 48.36 -32.40 -22.38
CA ALA E 27 49.36 -31.76 -21.53
C ALA E 27 50.76 -31.82 -22.15
N GLY E 28 51.13 -32.98 -22.69
CA GLY E 28 52.47 -33.18 -23.18
C GLY E 28 52.64 -33.12 -24.70
N PHE E 29 51.66 -32.55 -25.39
CA PHE E 29 51.74 -32.51 -26.84
C PHE E 29 52.98 -31.73 -27.28
N PRO E 30 53.70 -32.19 -28.31
CA PRO E 30 54.98 -31.58 -28.66
C PRO E 30 54.81 -30.18 -29.26
N GLU E 31 55.45 -29.20 -28.62
CA GLU E 31 55.59 -27.85 -29.16
C GLU E 31 54.30 -27.05 -29.08
N LEU E 32 53.21 -27.67 -28.65
CA LEU E 32 51.95 -26.96 -28.54
C LEU E 32 51.11 -27.43 -27.36
N GLY E 33 51.65 -28.28 -26.49
CA GLY E 33 50.88 -28.77 -25.36
C GLY E 33 50.51 -27.67 -24.39
N ILE E 34 49.47 -27.94 -23.61
CA ILE E 34 48.94 -26.91 -22.71
C ILE E 34 49.72 -26.86 -21.40
N GLY E 35 50.31 -27.97 -20.99
CA GLY E 35 51.12 -27.98 -19.79
C GLY E 35 50.31 -28.00 -18.50
N PHE E 36 51.05 -27.81 -17.40
CA PHE E 36 50.42 -27.83 -16.08
C PHE E 36 49.41 -26.70 -15.93
N ALA E 37 49.73 -25.51 -16.46
CA ALA E 37 48.79 -24.40 -16.36
C ALA E 37 47.49 -24.71 -17.10
N GLY E 38 47.60 -25.30 -18.29
CA GLY E 38 46.40 -25.69 -19.02
C GLY E 38 45.59 -26.74 -18.29
N VAL E 39 46.27 -27.72 -17.68
CA VAL E 39 45.56 -28.75 -16.94
C VAL E 39 44.82 -28.13 -15.75
N ALA E 40 45.48 -27.22 -15.03
CA ALA E 40 44.84 -26.57 -13.90
C ALA E 40 43.62 -25.76 -14.35
N LEU E 41 43.75 -25.03 -15.45
CA LEU E 41 42.61 -24.29 -15.97
C LEU E 41 41.46 -25.22 -16.33
N ALA E 42 41.76 -26.35 -16.96
CA ALA E 42 40.70 -27.29 -17.31
C ALA E 42 39.99 -27.83 -16.07
N PHE E 43 40.76 -28.19 -15.04
CA PHE E 43 40.16 -28.69 -13.82
C PHE E 43 39.25 -27.65 -13.18
N GLY E 44 39.70 -26.39 -13.14
CA GLY E 44 38.85 -25.34 -12.59
C GLY E 44 37.59 -25.11 -13.41
N LEU E 45 37.73 -25.13 -14.74
CA LEU E 45 36.59 -24.82 -15.61
C LEU E 45 35.53 -25.92 -15.52
N THR E 46 35.94 -27.17 -15.40
CA THR E 46 34.93 -28.23 -15.25
C THR E 46 34.01 -27.94 -14.08
N VAL E 47 34.60 -27.65 -12.91
CA VAL E 47 33.80 -27.38 -11.72
C VAL E 47 32.98 -26.12 -11.90
N LEU E 48 33.57 -25.06 -12.46
CA LEU E 48 32.83 -23.81 -12.64
C LEU E 48 31.58 -24.02 -13.49
N THR E 49 31.75 -24.62 -14.67
CA THR E 49 30.62 -24.80 -15.58
C THR E 49 29.58 -25.75 -14.99
N MET E 50 30.02 -26.87 -14.40
CA MET E 50 29.06 -27.81 -13.85
C MET E 50 28.31 -27.22 -12.66
N ALA E 51 28.98 -26.39 -11.86
CA ALA E 51 28.29 -25.70 -10.78
C ALA E 51 27.22 -24.78 -11.35
N PHE E 52 27.58 -23.92 -12.29
CA PHE E 52 26.57 -23.06 -12.89
C PHE E 52 25.42 -23.86 -13.47
N ALA E 53 25.68 -25.09 -13.92
CA ALA E 53 24.65 -25.87 -14.59
C ALA E 53 23.71 -26.58 -13.61
N VAL E 54 24.25 -27.21 -12.56
CA VAL E 54 23.41 -28.10 -11.74
C VAL E 54 23.55 -27.85 -10.24
N GLY E 55 24.16 -26.73 -9.84
CA GLY E 55 24.25 -26.43 -8.42
C GLY E 55 22.91 -26.12 -7.82
N HIS E 56 22.04 -25.46 -8.59
CA HIS E 56 20.68 -25.21 -8.13
C HIS E 56 19.88 -26.48 -7.97
N ILE E 57 20.37 -27.61 -8.50
CA ILE E 57 19.69 -28.89 -8.33
C ILE E 57 20.27 -29.62 -7.12
N SER E 58 21.57 -29.91 -7.17
CA SER E 58 22.17 -30.75 -6.14
C SER E 58 23.09 -30.01 -5.18
N GLY E 59 23.42 -28.76 -5.44
CA GLY E 59 24.41 -28.05 -4.66
C GLY E 59 25.80 -28.08 -5.24
N GLY E 60 26.05 -28.94 -6.22
CA GLY E 60 27.32 -28.96 -6.93
C GLY E 60 28.53 -29.29 -6.08
N HIS E 61 28.57 -30.49 -5.51
CA HIS E 61 29.73 -30.93 -4.74
C HIS E 61 30.78 -31.57 -5.64
N PHE E 62 30.41 -32.65 -6.33
CA PHE E 62 31.28 -33.35 -7.26
C PHE E 62 32.55 -33.87 -6.59
N ASN E 63 32.54 -33.97 -5.27
CA ASN E 63 33.74 -34.32 -4.51
C ASN E 63 33.35 -34.91 -3.16
N PRO E 64 33.74 -36.15 -2.86
CA PRO E 64 33.40 -36.70 -1.53
C PRO E 64 33.95 -35.87 -0.39
N ALA E 65 35.15 -35.33 -0.54
CA ALA E 65 35.72 -34.48 0.50
C ALA E 65 34.86 -33.25 0.73
N VAL E 66 34.34 -32.66 -0.35
CA VAL E 66 33.48 -31.49 -0.21
C VAL E 66 32.21 -31.85 0.55
N THR E 67 31.58 -32.98 0.20
CA THR E 67 30.36 -33.38 0.88
C THR E 67 30.61 -33.61 2.37
N ILE E 68 31.68 -34.33 2.71
CA ILE E 68 31.95 -34.63 4.11
C ILE E 68 32.31 -33.36 4.87
N GLY E 69 33.07 -32.46 4.24
CA GLY E 69 33.41 -31.20 4.90
C GLY E 69 32.20 -30.32 5.12
N LEU E 70 31.26 -30.32 4.17
CA LEU E 70 30.02 -29.58 4.36
C LEU E 70 29.19 -30.18 5.48
N TRP E 71 29.19 -31.51 5.59
CA TRP E 71 28.53 -32.13 6.73
C TRP E 71 29.17 -31.69 8.03
N ALA E 72 30.50 -31.70 8.10
CA ALA E 72 31.20 -31.30 9.30
C ALA E 72 31.01 -29.82 9.63
N GLY E 73 30.72 -29.00 8.63
CA GLY E 73 30.44 -27.59 8.85
C GLY E 73 29.02 -27.28 9.25
N GLY E 74 28.18 -28.30 9.40
CA GLY E 74 26.80 -28.07 9.77
C GLY E 74 25.92 -27.57 8.66
N ARG E 75 26.20 -27.95 7.40
CA ARG E 75 25.46 -27.45 6.27
C ARG E 75 24.86 -28.55 5.40
N PHE E 76 25.07 -29.82 5.73
CA PHE E 76 24.60 -30.92 4.90
C PHE E 76 24.13 -32.07 5.79
N PRO E 77 22.92 -32.58 5.57
CA PRO E 77 22.42 -33.66 6.42
C PRO E 77 23.27 -34.92 6.30
N ALA E 78 23.45 -35.60 7.43
CA ALA E 78 24.26 -36.82 7.44
C ALA E 78 23.61 -37.93 6.63
N LYS E 79 22.30 -38.09 6.73
CA LYS E 79 21.63 -39.23 6.09
C LYS E 79 21.78 -39.21 4.58
N GLU E 80 22.09 -38.07 3.98
CA GLU E 80 22.25 -37.96 2.54
C GLU E 80 23.69 -38.15 2.08
N VAL E 81 24.64 -38.26 3.00
CA VAL E 81 26.05 -38.24 2.61
C VAL E 81 26.38 -39.45 1.75
N VAL E 82 26.08 -40.65 2.23
CA VAL E 82 26.58 -41.87 1.58
C VAL E 82 26.14 -41.89 0.12
N GLY E 83 24.84 -41.69 -0.12
CA GLY E 83 24.36 -41.66 -1.49
C GLY E 83 25.20 -40.76 -2.36
N TYR E 84 25.37 -39.50 -1.94
CA TYR E 84 26.16 -38.57 -2.75
C TYR E 84 27.50 -39.19 -3.11
N VAL E 85 28.22 -39.69 -2.10
CA VAL E 85 29.56 -40.21 -2.36
C VAL E 85 29.49 -41.27 -3.44
N ILE E 86 28.57 -42.23 -3.29
CA ILE E 86 28.50 -43.31 -4.27
C ILE E 86 28.32 -42.73 -5.66
N ALA E 87 27.33 -41.84 -5.81
CA ALA E 87 27.10 -41.25 -7.13
C ALA E 87 28.40 -40.67 -7.67
N GLN E 88 29.07 -39.84 -6.89
CA GLN E 88 30.29 -39.22 -7.38
C GLN E 88 31.25 -40.28 -7.89
N VAL E 89 31.54 -41.28 -7.06
CA VAL E 89 32.50 -42.29 -7.47
C VAL E 89 32.07 -42.90 -8.79
N VAL E 90 30.81 -43.31 -8.88
CA VAL E 90 30.35 -43.97 -10.10
C VAL E 90 30.63 -43.07 -11.30
N GLY E 91 30.23 -41.81 -11.20
CA GLY E 91 30.46 -40.90 -12.32
C GLY E 91 31.92 -40.92 -12.74
N GLY E 92 32.82 -40.72 -11.78
CA GLY E 92 34.23 -40.69 -12.12
C GLY E 92 34.63 -41.93 -12.89
N ILE E 93 34.26 -43.11 -12.38
CA ILE E 93 34.70 -44.34 -13.02
C ILE E 93 34.26 -44.34 -14.47
N VAL E 94 32.98 -44.02 -14.72
CA VAL E 94 32.51 -44.05 -16.09
C VAL E 94 33.38 -43.15 -16.96
N ALA E 95 33.61 -41.92 -16.50
CA ALA E 95 34.46 -41.02 -17.27
C ALA E 95 35.79 -41.67 -17.59
N ALA E 96 36.46 -42.19 -16.56
CA ALA E 96 37.76 -42.80 -16.79
C ALA E 96 37.67 -43.85 -17.89
N ALA E 97 36.65 -44.72 -17.81
CA ALA E 97 36.53 -45.77 -18.82
C ALA E 97 36.52 -45.16 -20.21
N LEU E 98 35.63 -44.19 -20.43
CA LEU E 98 35.57 -43.58 -21.76
C LEU E 98 36.91 -42.97 -22.13
N LEU E 99 37.53 -42.24 -21.19
CA LEU E 99 38.83 -41.67 -21.47
C LEU E 99 39.80 -42.75 -21.91
N TYR E 100 39.84 -43.87 -21.19
CA TYR E 100 40.72 -44.96 -21.57
C TYR E 100 40.49 -45.32 -23.03
N LEU E 101 39.23 -45.56 -23.41
CA LEU E 101 38.95 -45.92 -24.79
C LEU E 101 39.54 -44.89 -25.75
N ILE E 102 39.29 -43.60 -25.49
CA ILE E 102 39.80 -42.58 -26.38
C ILE E 102 41.32 -42.64 -26.44
N ALA E 103 41.97 -42.78 -25.28
CA ALA E 103 43.42 -42.80 -25.27
C ALA E 103 43.97 -43.98 -26.04
N SER E 104 43.16 -45.04 -26.21
CA SER E 104 43.63 -46.21 -26.94
C SER E 104 43.66 -45.98 -28.45
N GLY E 105 43.08 -44.89 -28.94
CA GLY E 105 43.06 -44.63 -30.36
C GLY E 105 44.36 -44.14 -30.95
N LYS E 106 45.37 -43.87 -30.12
CA LYS E 106 46.66 -43.39 -30.58
C LYS E 106 47.71 -44.47 -30.34
N THR E 107 48.54 -44.70 -31.34
CA THR E 107 49.56 -45.74 -31.24
C THR E 107 50.55 -45.43 -30.13
N GLY E 108 50.93 -46.47 -29.39
CA GLY E 108 51.90 -46.35 -28.33
C GLY E 108 51.36 -46.02 -26.96
N PHE E 109 50.05 -45.87 -26.82
CA PHE E 109 49.48 -45.57 -25.52
C PHE E 109 49.65 -46.74 -24.56
N ASP E 110 50.04 -46.43 -23.32
CA ASP E 110 50.25 -47.45 -22.30
C ASP E 110 49.85 -46.84 -20.96
N ALA E 111 48.67 -47.22 -20.46
CA ALA E 111 48.18 -46.62 -19.22
C ALA E 111 49.09 -46.93 -18.04
N ALA E 112 49.55 -48.18 -17.93
CA ALA E 112 50.38 -48.56 -16.79
C ALA E 112 51.69 -47.79 -16.78
N ALA E 113 52.34 -47.64 -17.94
CA ALA E 113 53.64 -46.98 -17.98
C ALA E 113 53.51 -45.48 -17.82
N SER E 114 52.50 -44.86 -18.44
CA SER E 114 52.36 -43.42 -18.36
C SER E 114 51.83 -42.96 -17.01
N GLY E 115 51.07 -43.82 -16.32
CA GLY E 115 50.46 -43.48 -15.06
C GLY E 115 49.01 -43.07 -15.15
N PHE E 116 48.54 -42.71 -16.35
CA PHE E 116 47.14 -42.36 -16.56
C PHE E 116 46.69 -41.24 -15.63
N ALA E 117 47.58 -40.28 -15.39
CA ALA E 117 47.28 -39.11 -14.56
C ALA E 117 46.85 -39.52 -13.15
N SER E 118 47.53 -40.51 -12.59
CA SER E 118 47.22 -40.99 -11.25
C SER E 118 47.98 -40.19 -10.20
N ASN E 119 47.38 -40.08 -9.02
CA ASN E 119 48.02 -39.39 -7.91
C ASN E 119 48.98 -40.32 -7.19
N GLY E 120 50.12 -39.78 -6.78
CA GLY E 120 51.11 -40.57 -6.08
C GLY E 120 52.05 -39.67 -5.30
N TYR E 121 52.82 -40.29 -4.41
CA TYR E 121 53.78 -39.60 -3.58
C TYR E 121 55.10 -40.36 -3.57
N GLY E 122 56.11 -39.75 -2.98
CA GLY E 122 57.40 -40.40 -2.87
C GLY E 122 57.97 -40.73 -4.23
N GLU E 123 58.30 -42.00 -4.43
CA GLU E 123 58.93 -42.42 -5.68
C GLU E 123 58.02 -42.17 -6.88
N HIS E 124 56.70 -42.10 -6.66
CA HIS E 124 55.74 -41.90 -7.74
C HIS E 124 55.24 -40.46 -7.81
N SER E 125 55.87 -39.54 -7.11
CA SER E 125 55.51 -38.13 -7.24
C SER E 125 56.11 -37.56 -8.52
N PRO E 126 55.39 -36.68 -9.21
CA PRO E 126 55.95 -36.12 -10.46
C PRO E 126 57.27 -35.41 -10.25
N GLY E 127 57.44 -34.72 -9.13
CA GLY E 127 58.66 -34.02 -8.81
C GLY E 127 59.56 -34.71 -7.81
N GLY E 128 59.28 -35.95 -7.46
CA GLY E 128 60.10 -36.67 -6.48
C GLY E 128 60.04 -36.10 -5.08
N TYR E 129 58.85 -35.75 -4.61
CA TYR E 129 58.66 -35.24 -3.26
C TYR E 129 58.37 -36.38 -2.29
N SER E 130 58.69 -36.15 -1.02
CA SER E 130 58.53 -37.16 0.01
C SER E 130 57.07 -37.27 0.44
N MET E 131 56.78 -38.29 1.26
CA MET E 131 55.43 -38.50 1.74
C MET E 131 54.97 -37.35 2.63
N LEU E 132 55.87 -36.81 3.47
CA LEU E 132 55.49 -35.73 4.37
C LEU E 132 55.06 -34.49 3.59
N SER E 133 55.78 -34.15 2.52
CA SER E 133 55.40 -33.01 1.70
C SER E 133 54.01 -33.19 1.11
N ALA E 134 53.74 -34.39 0.59
CA ALA E 134 52.43 -34.67 0.03
C ALA E 134 51.34 -34.52 1.09
N LEU E 135 51.59 -35.08 2.28
CA LEU E 135 50.59 -34.98 3.35
C LEU E 135 50.30 -33.53 3.70
N VAL E 136 51.35 -32.73 3.90
CA VAL E 136 51.16 -31.35 4.32
C VAL E 136 50.42 -30.57 3.24
N VAL E 137 50.84 -30.71 1.98
CA VAL E 137 50.23 -29.94 0.91
C VAL E 137 48.76 -30.33 0.73
N GLU E 138 48.47 -31.63 0.74
CA GLU E 138 47.10 -32.07 0.58
C GLU E 138 46.22 -31.58 1.72
N LEU E 139 46.70 -31.69 2.96
CA LEU E 139 45.92 -31.23 4.10
C LEU E 139 45.62 -29.74 3.98
N VAL E 140 46.64 -28.93 3.74
CA VAL E 140 46.44 -27.48 3.70
C VAL E 140 45.51 -27.10 2.57
N LEU E 141 45.71 -27.68 1.39
CA LEU E 141 44.89 -27.28 0.24
C LEU E 141 43.44 -27.74 0.40
N SER E 142 43.21 -28.93 0.97
CA SER E 142 41.85 -29.37 1.21
C SER E 142 41.16 -28.45 2.22
N ALA E 143 41.86 -28.10 3.30
CA ALA E 143 41.27 -27.19 4.28
C ALA E 143 40.92 -25.85 3.65
N GLY E 144 41.84 -25.30 2.85
CA GLY E 144 41.56 -24.03 2.19
C GLY E 144 40.39 -24.13 1.22
N PHE E 145 40.31 -25.22 0.47
CA PHE E 145 39.20 -25.41 -0.45
C PHE E 145 37.87 -25.43 0.29
N LEU E 146 37.79 -26.18 1.39
CA LEU E 146 36.54 -26.22 2.15
C LEU E 146 36.22 -24.88 2.77
N LEU E 147 37.24 -24.15 3.24
CA LEU E 147 36.99 -22.82 3.78
C LEU E 147 36.42 -21.89 2.72
N VAL E 148 36.98 -21.92 1.51
CA VAL E 148 36.48 -21.09 0.42
C VAL E 148 35.03 -21.46 0.09
N ILE E 149 34.75 -22.76 0.04
CA ILE E 149 33.39 -23.20 -0.29
C ILE E 149 32.41 -22.72 0.76
N HIS E 150 32.76 -22.86 2.04
CA HIS E 150 31.87 -22.41 3.10
C HIS E 150 31.65 -20.90 3.05
N GLY E 151 32.73 -20.14 2.85
CA GLY E 151 32.60 -18.69 2.83
C GLY E 151 31.79 -18.18 1.66
N ALA E 152 32.03 -18.74 0.46
CA ALA E 152 31.38 -18.22 -0.74
C ALA E 152 29.89 -18.52 -0.76
N THR E 153 29.47 -19.62 -0.14
CA THR E 153 28.06 -19.98 -0.11
C THR E 153 27.33 -19.42 1.11
N ASP E 154 28.02 -18.64 1.94
CA ASP E 154 27.37 -18.02 3.10
C ASP E 154 26.29 -17.05 2.63
N LYS E 155 25.23 -16.94 3.44
CA LYS E 155 24.10 -16.10 3.07
C LYS E 155 24.46 -14.63 2.96
N PHE E 156 25.59 -14.21 3.53
CA PHE E 156 26.02 -12.83 3.46
C PHE E 156 27.01 -12.58 2.33
N ALA E 157 27.39 -13.59 1.58
CA ALA E 157 28.29 -13.43 0.45
C ALA E 157 27.51 -12.98 -0.79
N PRO E 158 28.20 -12.42 -1.79
CA PRO E 158 27.52 -12.02 -3.02
C PRO E 158 26.77 -13.20 -3.64
N ALA E 159 25.54 -12.94 -4.07
CA ALA E 159 24.67 -14.01 -4.55
C ALA E 159 24.98 -14.34 -6.00
N GLY E 160 25.13 -15.63 -6.28
CA GLY E 160 25.36 -16.10 -7.63
C GLY E 160 26.81 -16.21 -8.05
N PHE E 161 27.75 -15.73 -7.24
CA PHE E 161 29.16 -15.73 -7.61
C PHE E 161 29.91 -16.97 -7.11
N ALA E 162 29.27 -17.83 -6.32
CA ALA E 162 29.98 -18.94 -5.71
C ALA E 162 30.66 -19.87 -6.72
N PRO E 163 30.01 -20.26 -7.82
CA PRO E 163 30.68 -21.17 -8.77
C PRO E 163 32.00 -20.62 -9.29
N ILE E 164 32.06 -19.31 -9.56
CA ILE E 164 33.30 -18.73 -10.06
C ILE E 164 34.42 -18.86 -9.03
N ALA E 165 34.12 -18.51 -7.78
CA ALA E 165 35.12 -18.60 -6.73
C ALA E 165 35.60 -20.03 -6.53
N ILE E 166 34.66 -20.99 -6.50
CA ILE E 166 35.04 -22.37 -6.24
C ILE E 166 35.87 -22.94 -7.38
N GLY E 167 35.46 -22.69 -8.63
CA GLY E 167 36.22 -23.18 -9.76
C GLY E 167 37.62 -22.59 -9.83
N LEU E 168 37.73 -21.27 -9.62
CA LEU E 168 39.04 -20.65 -9.66
C LEU E 168 39.90 -21.11 -8.50
N ALA E 169 39.29 -21.41 -7.34
CA ALA E 169 40.04 -21.99 -6.24
C ALA E 169 40.62 -23.35 -6.61
N LEU E 170 39.83 -24.19 -7.29
CA LEU E 170 40.37 -25.47 -7.73
C LEU E 170 41.51 -25.28 -8.72
N THR E 171 41.37 -24.33 -9.64
CA THR E 171 42.46 -24.04 -10.57
C THR E 171 43.72 -23.62 -9.83
N LEU E 172 43.59 -22.76 -8.82
CA LEU E 172 44.74 -22.34 -8.04
C LEU E 172 45.38 -23.51 -7.30
N ILE E 173 44.55 -24.38 -6.73
CA ILE E 173 45.08 -25.55 -6.02
C ILE E 173 45.91 -26.41 -6.95
N HIS E 174 45.42 -26.64 -8.17
CA HIS E 174 46.21 -27.41 -9.13
C HIS E 174 47.50 -26.70 -9.47
N LEU E 175 47.43 -25.40 -9.76
CA LEU E 175 48.63 -24.62 -10.08
C LEU E 175 49.68 -24.78 -8.99
N ILE E 176 49.25 -24.85 -7.74
CA ILE E 176 50.20 -24.97 -6.64
C ILE E 176 50.77 -26.39 -6.57
N SER E 177 49.91 -27.40 -6.57
CA SER E 177 50.28 -28.71 -6.06
C SER E 177 50.51 -29.78 -7.11
N ILE E 178 50.35 -29.48 -8.40
CA ILE E 178 50.55 -30.54 -9.41
C ILE E 178 51.91 -31.20 -9.29
N PRO E 179 53.02 -30.48 -9.16
CA PRO E 179 54.33 -31.14 -9.10
C PRO E 179 54.52 -32.05 -7.89
N VAL E 180 53.76 -31.87 -6.82
CA VAL E 180 54.01 -32.62 -5.60
C VAL E 180 53.32 -33.98 -5.64
N THR E 181 52.00 -33.99 -5.83
CA THR E 181 51.23 -35.22 -5.78
C THR E 181 50.31 -35.42 -6.98
N ASN E 182 50.29 -34.48 -7.93
CA ASN E 182 49.35 -34.45 -9.05
C ASN E 182 48.01 -33.88 -8.63
N THR E 183 47.90 -33.28 -7.44
CA THR E 183 46.75 -32.46 -7.05
C THR E 183 45.45 -33.25 -7.07
N SER E 184 45.32 -34.16 -6.12
CA SER E 184 44.07 -34.91 -6.01
C SER E 184 42.97 -34.09 -5.33
N VAL E 185 43.15 -33.77 -4.04
CA VAL E 185 42.13 -33.15 -3.20
C VAL E 185 40.72 -33.63 -3.53
N ASN E 186 40.60 -34.82 -4.12
CA ASN E 186 39.32 -35.35 -4.54
C ASN E 186 39.41 -36.88 -4.63
N PRO E 187 38.91 -37.61 -3.62
CA PRO E 187 39.07 -39.07 -3.63
C PRO E 187 38.48 -39.75 -4.86
N ALA E 188 37.33 -39.27 -5.35
CA ALA E 188 36.69 -39.91 -6.51
C ALA E 188 37.57 -39.78 -7.74
N ARG E 189 38.14 -38.61 -7.98
CA ARG E 189 39.01 -38.42 -9.13
C ARG E 189 40.24 -39.31 -9.05
N SER E 190 40.81 -39.46 -7.85
CA SER E 190 41.95 -40.35 -7.69
C SER E 190 41.57 -41.80 -7.98
N THR E 191 40.43 -42.23 -7.44
CA THR E 191 40.01 -43.62 -7.61
C THR E 191 39.75 -43.94 -9.08
N ALA E 192 39.10 -43.01 -9.79
CA ALA E 192 38.71 -43.30 -11.18
C ALA E 192 39.91 -43.67 -12.03
N VAL E 193 41.00 -42.92 -11.91
CA VAL E 193 42.19 -43.19 -12.71
C VAL E 193 43.06 -44.28 -12.10
N ALA E 194 43.07 -44.41 -10.77
CA ALA E 194 43.86 -45.47 -10.15
C ALA E 194 43.35 -46.83 -10.56
N ILE E 195 42.03 -46.98 -10.73
CA ILE E 195 41.49 -48.27 -11.12
C ILE E 195 42.07 -48.71 -12.46
N PHE E 196 42.16 -47.80 -13.42
CA PHE E 196 42.63 -48.14 -14.75
C PHE E 196 44.15 -48.17 -14.85
N GLN E 197 44.87 -47.46 -13.98
CA GLN E 197 46.32 -47.62 -13.94
C GLN E 197 46.69 -49.05 -13.54
N GLY E 198 46.05 -49.56 -12.49
CA GLY E 198 46.13 -50.96 -12.14
C GLY E 198 47.39 -51.40 -11.40
N GLY E 199 48.31 -50.48 -11.12
CA GLY E 199 49.56 -50.86 -10.49
C GLY E 199 49.81 -50.19 -9.16
N TRP E 200 50.89 -49.41 -9.08
CA TRP E 200 51.23 -48.70 -7.86
C TRP E 200 50.13 -47.72 -7.44
N ALA E 201 49.30 -47.27 -8.38
CA ALA E 201 48.26 -46.31 -8.05
C ALA E 201 47.27 -46.89 -7.04
N LEU E 202 46.92 -48.16 -7.20
CA LEU E 202 46.00 -48.79 -6.26
C LEU E 202 46.64 -49.00 -4.90
N GLU E 203 47.97 -49.20 -4.86
CA GLU E 203 48.65 -49.38 -3.59
C GLU E 203 48.59 -48.12 -2.75
N GLN E 204 48.73 -46.96 -3.37
CA GLN E 204 48.74 -45.67 -2.68
C GLN E 204 47.39 -45.01 -2.61
N LEU E 205 46.33 -45.66 -3.12
CA LEU E 205 45.03 -45.00 -3.22
C LEU E 205 44.51 -44.59 -1.85
N TRP E 206 44.72 -45.43 -0.83
CA TRP E 206 44.21 -45.12 0.50
C TRP E 206 44.65 -43.73 0.95
N PHE E 207 45.89 -43.34 0.65
CA PHE E 207 46.41 -42.06 1.10
C PHE E 207 45.53 -40.91 0.61
N PHE E 208 44.98 -41.04 -0.59
CA PHE E 208 44.19 -39.97 -1.19
C PHE E 208 42.71 -40.09 -0.86
N TRP E 209 42.33 -41.04 -0.01
CA TRP E 209 41.01 -41.04 0.58
C TRP E 209 41.00 -40.49 2.00
N VAL E 210 42.11 -40.61 2.72
CA VAL E 210 42.18 -40.18 4.11
C VAL E 210 42.59 -38.72 4.21
N VAL E 211 43.70 -38.35 3.58
CA VAL E 211 44.22 -36.98 3.75
C VAL E 211 43.25 -35.93 3.25
N PRO E 212 42.71 -36.01 2.04
CA PRO E 212 41.74 -34.99 1.62
C PRO E 212 40.54 -34.88 2.55
N ILE E 213 39.87 -35.99 2.83
CA ILE E 213 38.68 -35.93 3.65
C ILE E 213 38.98 -35.28 4.99
N VAL E 214 40.03 -35.74 5.67
CA VAL E 214 40.40 -35.12 6.94
C VAL E 214 40.58 -33.62 6.76
N GLY E 215 41.35 -33.24 5.74
CA GLY E 215 41.54 -31.82 5.50
C GLY E 215 40.22 -31.09 5.35
N GLY E 216 39.32 -31.65 4.54
CA GLY E 216 38.02 -31.02 4.37
C GLY E 216 37.33 -30.82 5.71
N ILE E 217 37.33 -31.85 6.54
CA ILE E 217 36.69 -31.72 7.85
C ILE E 217 37.26 -30.54 8.59
N ILE E 218 38.60 -30.45 8.63
CA ILE E 218 39.24 -29.35 9.35
C ILE E 218 38.70 -28.03 8.82
N GLY E 219 38.70 -27.87 7.50
CA GLY E 219 38.19 -26.64 6.93
C GLY E 219 36.80 -26.31 7.45
N GLY E 220 35.89 -27.27 7.35
CA GLY E 220 34.56 -27.03 7.84
C GLY E 220 34.58 -26.57 9.28
N LEU E 221 35.29 -27.31 10.13
CA LEU E 221 35.32 -26.95 11.54
C LEU E 221 35.74 -25.50 11.72
N ILE E 222 36.78 -25.07 11.00
CA ILE E 222 37.26 -23.71 11.18
C ILE E 222 36.12 -22.73 10.91
N TYR E 223 35.46 -22.87 9.75
CA TYR E 223 34.42 -21.91 9.43
C TYR E 223 33.28 -22.01 10.43
N ARG E 224 33.06 -23.20 10.99
CA ARG E 224 31.95 -23.37 11.92
C ARG E 224 32.26 -22.68 13.25
N THR E 225 33.53 -22.59 13.63
CA THR E 225 33.86 -22.19 14.99
C THR E 225 34.52 -20.82 15.09
N LEU E 226 35.17 -20.34 14.02
CA LEU E 226 35.91 -19.09 14.10
C LEU E 226 35.39 -17.99 13.19
N LEU E 227 34.67 -18.31 12.12
CA LEU E 227 34.31 -17.32 11.12
C LEU E 227 32.81 -17.10 10.98
N ARG E 228 31.99 -18.14 11.10
CA ARG E 228 30.56 -17.97 10.95
C ARG E 228 29.99 -17.11 12.07
N ALA E 229 29.05 -16.24 11.71
CA ALA E 229 28.41 -15.37 12.67
C ALA E 229 27.29 -16.11 13.40
N SER E 230 27.22 -15.92 14.71
CA SER E 230 26.20 -16.56 15.51
C SER E 230 24.85 -15.84 15.32
N ARG E 231 23.80 -16.45 15.87
CA ARG E 231 22.47 -15.87 15.78
C ARG E 231 22.42 -14.49 16.44
N LEU E 232 23.01 -14.37 17.63
CA LEU E 232 23.06 -13.09 18.31
C LEU E 232 23.85 -12.06 17.50
N GLU E 233 24.95 -12.49 16.87
CA GLU E 233 25.74 -11.56 16.06
C GLU E 233 24.95 -11.10 14.84
N GLU E 234 24.21 -12.00 14.21
CA GLU E 234 23.36 -11.59 13.08
C GLU E 234 22.32 -10.57 13.52
N GLU E 235 21.67 -10.83 14.67
CA GLU E 235 20.68 -9.86 15.16
C GLU E 235 21.33 -8.53 15.49
N LEU E 236 22.52 -8.56 16.08
CA LEU E 236 23.21 -7.32 16.41
C LEU E 236 23.55 -6.52 15.16
N ARG E 237 24.03 -7.20 14.11
CA ARG E 237 24.32 -6.49 12.87
C ARG E 237 23.05 -5.88 12.28
N ARG E 238 21.96 -6.65 12.27
CA ARG E 238 20.69 -6.12 11.76
C ARG E 238 20.28 -4.87 12.52
N ARG E 239 20.39 -4.90 13.86
CA ARG E 239 19.99 -3.74 14.64
C ARG E 239 20.94 -2.57 14.44
N LEU E 240 22.24 -2.84 14.27
CA LEU E 240 23.21 -1.79 14.03
C LEU E 240 23.08 -1.15 12.66
N THR E 241 22.41 -1.80 11.71
CA THR E 241 22.17 -1.23 10.40
C THR E 241 20.75 -0.71 10.23
N GLU E 242 20.18 -0.11 11.29
CA GLU E 242 18.83 0.44 11.22
C GLU E 242 18.87 1.96 11.32
N PRO E 243 18.21 2.67 10.40
CA PRO E 243 18.21 4.13 10.46
C PRO E 243 17.47 4.65 11.69
N GLY E 244 17.90 5.79 12.18
CA GLY E 244 17.27 6.41 13.34
C GLY E 244 17.00 7.89 13.18
N GLU F 3 15.06 -11.02 37.16
CA GLU F 3 15.43 -10.44 35.87
C GLU F 3 16.71 -9.62 36.01
N VAL F 4 17.21 -9.12 34.88
CA VAL F 4 18.46 -8.38 34.85
C VAL F 4 18.19 -6.92 35.17
N GLN F 5 19.05 -6.32 35.98
CA GLN F 5 18.98 -4.91 36.34
C GLN F 5 20.26 -4.22 35.87
N LEU F 6 20.10 -3.12 35.13
CA LEU F 6 21.23 -2.39 34.57
C LEU F 6 21.34 -1.03 35.20
N GLN F 7 22.53 -0.69 35.69
CA GLN F 7 22.81 0.59 36.31
C GLN F 7 23.92 1.28 35.52
N GLU F 8 23.63 2.46 34.99
CA GLU F 8 24.58 3.20 34.18
C GLU F 8 25.23 4.31 34.99
N SER F 9 26.26 4.91 34.41
CA SER F 9 26.97 6.01 35.03
C SER F 9 27.66 6.82 33.93
N GLY F 10 28.33 7.89 34.34
CA GLY F 10 29.02 8.75 33.40
C GLY F 10 28.07 9.64 32.63
N GLY F 11 28.62 10.29 31.61
CA GLY F 11 27.86 11.20 30.78
C GLY F 11 27.79 12.60 31.35
N GLY F 12 27.19 13.49 30.59
CA GLY F 12 27.04 14.87 31.01
C GLY F 12 27.31 15.81 29.86
N LEU F 13 27.90 16.96 30.19
CA LEU F 13 28.17 18.03 29.24
C LEU F 13 29.62 17.99 28.79
N VAL F 14 29.84 18.17 27.50
CA VAL F 14 31.18 18.19 26.92
C VAL F 14 31.17 19.06 25.68
N GLN F 15 32.23 19.84 25.49
CA GLN F 15 32.38 20.66 24.31
C GLN F 15 32.80 19.81 23.12
N PRO F 16 32.58 20.30 21.91
CA PRO F 16 32.94 19.50 20.72
C PRO F 16 34.42 19.16 20.71
N GLY F 17 34.73 17.95 20.25
CA GLY F 17 36.08 17.46 20.24
C GLY F 17 36.55 16.82 21.53
N GLY F 18 35.72 16.82 22.56
CA GLY F 18 36.08 16.21 23.83
C GLY F 18 35.82 14.71 23.83
N SER F 19 36.05 14.10 24.98
CA SER F 19 35.88 12.68 25.16
C SER F 19 35.08 12.39 26.43
N LEU F 20 34.35 11.28 26.41
CA LEU F 20 33.54 10.86 27.54
C LEU F 20 33.63 9.36 27.70
N ARG F 21 33.30 8.87 28.88
CA ARG F 21 33.31 7.44 29.16
C ARG F 21 32.05 7.07 29.94
N LEU F 22 31.19 6.27 29.33
CA LEU F 22 30.01 5.73 29.98
C LEU F 22 30.30 4.31 30.46
N SER F 23 29.69 3.96 31.58
CA SER F 23 29.85 2.62 32.14
C SER F 23 28.49 2.09 32.54
N CYS F 24 28.35 0.77 32.54
CA CYS F 24 27.11 0.12 32.92
C CYS F 24 27.42 -1.22 33.57
N THR F 25 26.72 -1.50 34.66
CA THR F 25 26.90 -2.73 35.42
C THR F 25 25.57 -3.46 35.53
N ALA F 26 25.64 -4.79 35.46
CA ALA F 26 24.45 -5.63 35.53
C ALA F 26 24.40 -6.35 36.87
N SER F 27 23.18 -6.59 37.34
CA SER F 27 22.96 -7.26 38.61
C SER F 27 21.69 -8.10 38.51
N GLY F 28 21.54 -9.03 39.44
CA GLY F 28 20.42 -9.94 39.42
C GLY F 28 20.54 -11.10 38.45
N VAL F 29 21.74 -11.35 37.93
CA VAL F 29 21.97 -12.43 36.98
C VAL F 29 23.34 -13.04 37.27
N THR F 30 23.44 -14.35 37.16
CA THR F 30 24.71 -15.02 37.38
C THR F 30 25.68 -14.75 36.23
N ILE F 31 26.96 -14.92 36.51
CA ILE F 31 27.98 -14.65 35.50
C ILE F 31 27.82 -15.59 34.31
N SER F 32 27.58 -16.88 34.58
CA SER F 32 27.43 -17.84 33.50
C SER F 32 26.23 -17.49 32.62
N ALA F 33 25.11 -17.11 33.23
CA ALA F 33 23.94 -16.75 32.44
C ALA F 33 24.19 -15.51 31.60
N LEU F 34 24.88 -14.51 32.16
CA LEU F 34 25.13 -13.29 31.42
C LEU F 34 26.14 -13.51 30.30
N ASN F 35 27.06 -14.46 30.47
CA ASN F 35 28.05 -14.71 29.43
C ASN F 35 27.42 -15.16 28.12
N ALA F 36 26.19 -15.65 28.15
CA ALA F 36 25.49 -16.08 26.95
C ALA F 36 24.62 -14.98 26.34
N MET F 37 24.81 -13.74 26.76
CA MET F 37 24.02 -12.60 26.28
C MET F 37 24.94 -11.55 25.67
N ALA F 38 24.35 -10.67 24.88
CA ALA F 38 25.08 -9.57 24.28
C ALA F 38 24.87 -8.30 25.08
N MET F 39 25.90 -7.47 25.19
CA MET F 39 25.84 -6.24 25.96
C MET F 39 26.19 -5.06 25.07
N GLY F 40 25.32 -4.06 25.00
CA GLY F 40 25.55 -2.95 24.10
C GLY F 40 24.98 -1.62 24.54
N TRP F 41 24.97 -0.66 23.62
CA TRP F 41 24.52 0.70 23.91
C TRP F 41 23.56 1.16 22.82
N TYR F 42 22.40 1.65 23.24
CA TYR F 42 21.45 2.33 22.37
C TYR F 42 21.57 3.84 22.61
N ARG F 43 21.05 4.62 21.67
CA ARG F 43 21.00 6.06 21.87
C ARG F 43 19.77 6.61 21.15
N GLN F 44 19.14 7.60 21.77
CA GLN F 44 17.99 8.30 21.21
C GLN F 44 18.29 9.79 21.21
N ALA F 45 18.25 10.41 20.04
CA ALA F 45 18.43 11.84 19.92
C ALA F 45 17.07 12.53 19.88
N PRO F 46 17.02 13.82 20.22
CA PRO F 46 15.73 14.51 20.32
C PRO F 46 14.83 14.32 19.11
N GLY F 47 13.71 13.65 19.30
CA GLY F 47 12.72 13.47 18.24
C GLY F 47 12.98 12.34 17.28
N GLU F 48 13.94 11.46 17.57
CA GLU F 48 14.30 10.39 16.65
C GLU F 48 14.14 9.02 17.32
N ARG F 49 14.55 7.99 16.59
CA ARG F 49 14.48 6.62 17.07
C ARG F 49 15.44 6.37 18.22
N ARG F 50 15.20 5.29 18.94
CA ARG F 50 16.21 4.71 19.82
C ARG F 50 16.89 3.58 19.09
N VAL F 51 18.15 3.78 18.70
CA VAL F 51 18.86 2.85 17.84
C VAL F 51 20.17 2.44 18.47
N MET F 52 20.64 1.25 18.11
CA MET F 52 21.88 0.70 18.64
C MET F 52 23.08 1.36 17.95
N VAL F 53 24.13 1.63 18.74
CA VAL F 53 25.33 2.27 18.21
C VAL F 53 26.54 1.36 18.33
N ALA F 54 26.54 0.49 19.35
CA ALA F 54 27.68 -0.39 19.57
C ALA F 54 27.23 -1.56 20.42
N ALA F 55 27.97 -2.67 20.32
CA ALA F 55 27.64 -3.85 21.09
C ALA F 55 28.84 -4.77 21.18
N VAL F 56 28.81 -5.69 22.14
CA VAL F 56 29.76 -6.77 22.25
C VAL F 56 28.96 -8.05 22.42
N SER F 57 29.21 -9.02 21.54
CA SER F 57 28.45 -10.26 21.52
C SER F 57 28.96 -11.22 22.58
N GLU F 58 28.24 -12.33 22.74
CA GLU F 58 28.59 -13.33 23.74
C GLU F 58 29.97 -13.91 23.52
N ARG F 59 30.51 -13.83 22.31
CA ARG F 59 31.84 -14.35 22.01
C ARG F 59 32.92 -13.28 22.09
N GLY F 60 32.58 -12.05 22.45
CA GLY F 60 33.57 -11.01 22.60
C GLY F 60 33.86 -10.20 21.36
N ASN F 61 33.00 -10.26 20.35
CA ASN F 61 33.21 -9.52 19.12
C ASN F 61 32.56 -8.14 19.23
N ALA F 62 33.37 -7.09 19.11
CA ALA F 62 32.87 -5.72 19.18
C ALA F 62 32.32 -5.30 17.83
N MET F 63 31.10 -4.78 17.82
CA MET F 63 30.41 -4.37 16.61
C MET F 63 29.94 -2.93 16.76
N TYR F 64 30.00 -2.17 15.68
CA TYR F 64 29.72 -0.74 15.71
C TYR F 64 28.78 -0.35 14.59
N ARG F 65 28.02 0.72 14.82
CA ARG F 65 27.29 1.37 13.75
C ARG F 65 28.27 2.13 12.84
N GLU F 66 27.94 2.15 11.54
CA GLU F 66 28.89 2.70 10.58
C GLU F 66 29.23 4.15 10.88
N SER F 67 28.23 4.96 11.24
CA SER F 67 28.45 6.38 11.44
C SER F 67 29.25 6.70 12.69
N VAL F 68 29.47 5.74 13.57
CA VAL F 68 30.21 5.98 14.82
C VAL F 68 31.52 5.20 14.90
N GLN F 69 31.73 4.22 14.03
CA GLN F 69 32.98 3.47 14.07
C GLN F 69 34.15 4.39 13.74
N GLY F 70 35.24 4.25 14.49
CA GLY F 70 36.37 5.13 14.39
C GLY F 70 36.42 6.20 15.47
N ARG F 71 35.30 6.47 16.13
CA ARG F 71 35.26 7.40 17.25
C ARG F 71 34.81 6.76 18.56
N PHE F 72 34.06 5.67 18.51
CA PHE F 72 33.56 4.98 19.70
C PHE F 72 34.31 3.68 19.90
N THR F 73 34.54 3.33 21.15
CA THR F 73 35.19 2.07 21.52
C THR F 73 34.39 1.41 22.63
N VAL F 74 33.84 0.23 22.36
CA VAL F 74 33.02 -0.49 23.32
C VAL F 74 33.85 -1.63 23.90
N THR F 75 33.86 -1.75 25.22
CA THR F 75 34.60 -2.78 25.91
C THR F 75 33.67 -3.52 26.86
N ARG F 76 33.95 -4.81 27.07
CA ARG F 76 33.13 -5.65 27.93
C ARG F 76 34.02 -6.42 28.89
N ASP F 77 33.68 -6.38 30.17
CA ASP F 77 34.34 -7.15 31.21
C ASP F 77 33.35 -8.23 31.65
N PHE F 78 33.63 -9.48 31.25
CA PHE F 78 32.71 -10.58 31.54
C PHE F 78 32.71 -10.93 33.02
N THR F 79 33.88 -10.95 33.65
CA THR F 79 33.95 -11.30 35.06
C THR F 79 33.19 -10.30 35.93
N ASN F 80 33.35 -9.02 35.65
CA ASN F 80 32.69 -7.97 36.42
C ASN F 80 31.29 -7.65 35.91
N LYS F 81 30.82 -8.32 34.87
CA LYS F 81 29.50 -8.07 34.31
C LYS F 81 29.32 -6.61 33.95
N MET F 82 30.34 -6.03 33.32
CA MET F 82 30.36 -4.60 33.04
C MET F 82 30.53 -4.35 31.55
N VAL F 83 29.94 -3.26 31.07
CA VAL F 83 30.14 -2.83 29.68
C VAL F 83 30.38 -1.33 29.69
N SER F 84 31.41 -0.89 28.96
CA SER F 84 31.80 0.51 28.94
C SER F 84 31.93 1.00 27.50
N LEU F 85 31.69 2.29 27.32
CA LEU F 85 31.77 2.95 26.03
C LEU F 85 32.64 4.19 26.16
N GLN F 86 33.64 4.30 25.28
CA GLN F 86 34.52 5.45 25.25
C GLN F 86 34.28 6.23 23.96
N MET F 87 33.98 7.52 24.09
CA MET F 87 33.66 8.37 22.97
C MET F 87 34.73 9.45 22.84
N ASP F 88 35.32 9.55 21.66
CA ASP F 88 36.37 10.52 21.37
C ASP F 88 36.00 11.33 20.14
N ASN F 89 36.43 12.58 20.12
CA ASN F 89 36.13 13.51 19.03
C ASN F 89 34.62 13.57 18.86
N LEU F 90 33.98 14.14 19.87
CA LEU F 90 32.52 14.23 19.90
C LEU F 90 32.03 15.33 18.98
N LYS F 91 30.84 15.13 18.44
CA LYS F 91 30.21 16.04 17.50
C LYS F 91 28.82 16.41 17.99
N PRO F 92 28.25 17.50 17.46
CA PRO F 92 26.89 17.89 17.91
C PRO F 92 25.85 16.81 17.71
N GLU F 93 26.01 15.96 16.69
CA GLU F 93 25.06 14.89 16.44
C GLU F 93 25.14 13.78 17.49
N ASP F 94 26.13 13.80 18.36
CA ASP F 94 26.26 12.80 19.41
C ASP F 94 25.45 13.15 20.65
N THR F 95 24.78 14.30 20.69
CA THR F 95 23.97 14.68 21.84
C THR F 95 22.70 13.84 21.87
N ALA F 96 22.50 13.09 22.95
CA ALA F 96 21.35 12.22 23.06
C ALA F 96 21.28 11.54 24.42
N VAL F 97 20.25 10.72 24.62
CA VAL F 97 20.15 9.86 25.80
C VAL F 97 20.66 8.49 25.42
N TYR F 98 21.65 8.00 26.16
CA TYR F 98 22.30 6.72 25.91
C TYR F 98 21.81 5.69 26.93
N TYR F 99 21.44 4.53 26.44
CA TYR F 99 20.89 3.46 27.26
C TYR F 99 21.80 2.24 27.21
N CYS F 100 22.13 1.71 28.38
CA CYS F 100 22.75 0.39 28.45
C CYS F 100 21.72 -0.67 28.07
N HIS F 101 22.13 -1.64 27.27
CA HIS F 101 21.20 -2.62 26.73
C HIS F 101 21.78 -4.03 26.85
N VAL F 102 20.91 -5.00 27.10
CA VAL F 102 21.29 -6.40 27.14
C VAL F 102 20.34 -7.18 26.26
N LEU F 103 20.89 -7.99 25.36
CA LEU F 103 20.12 -8.80 24.44
C LEU F 103 20.29 -10.27 24.81
N GLU F 104 19.17 -10.97 24.96
CA GLU F 104 19.14 -12.37 25.36
C GLU F 104 18.45 -13.19 24.29
N ASP F 105 19.03 -14.35 23.97
CA ASP F 105 18.49 -15.23 22.94
C ASP F 105 17.54 -16.23 23.61
N ARG F 106 16.31 -16.30 23.11
CA ARG F 106 15.29 -17.20 23.64
C ARG F 106 14.84 -18.20 22.58
N VAL F 107 15.75 -18.62 21.71
CA VAL F 107 15.48 -19.65 20.70
C VAL F 107 14.60 -19.08 19.60
N ASP F 108 13.33 -18.83 19.91
CA ASP F 108 12.37 -18.36 18.91
C ASP F 108 12.20 -16.85 18.92
N SER F 109 12.96 -16.12 19.74
CA SER F 109 12.84 -14.67 19.79
C SER F 109 13.95 -14.13 20.68
N PHE F 110 14.07 -12.82 20.72
CA PHE F 110 15.07 -12.13 21.52
C PHE F 110 14.37 -11.27 22.58
N HIS F 111 15.04 -11.12 23.72
CA HIS F 111 14.52 -10.35 24.83
C HIS F 111 15.49 -9.22 25.18
N ASP F 112 14.93 -8.05 25.44
CA ASP F 112 15.70 -6.84 25.70
C ASP F 112 15.61 -6.44 27.17
N TYR F 113 16.75 -6.06 27.73
CA TYR F 113 16.81 -5.44 29.05
C TYR F 113 17.41 -4.05 28.88
N TRP F 114 16.75 -3.05 29.45
CA TRP F 114 17.09 -1.65 29.24
C TRP F 114 17.62 -1.02 30.51
N GLY F 115 18.48 -0.02 30.34
CA GLY F 115 18.95 0.79 31.45
C GLY F 115 18.10 2.03 31.66
N GLN F 116 18.46 2.80 32.69
CA GLN F 116 17.72 4.02 32.99
C GLN F 116 17.90 5.07 31.91
N GLY F 117 19.13 5.27 31.46
CA GLY F 117 19.43 6.29 30.46
C GLY F 117 20.30 7.38 31.06
N THR F 118 21.22 7.89 30.26
CA THR F 118 22.13 8.96 30.68
C THR F 118 22.23 10.00 29.57
N GLN F 119 22.25 11.27 29.97
CA GLN F 119 22.25 12.38 29.02
C GLN F 119 23.68 12.72 28.64
N VAL F 120 23.92 12.86 27.33
CA VAL F 120 25.20 13.33 26.82
C VAL F 120 24.91 14.51 25.92
N THR F 121 25.40 15.68 26.30
CA THR F 121 25.17 16.92 25.56
C THR F 121 26.51 17.50 25.13
N VAL F 122 26.68 17.70 23.83
CA VAL F 122 27.91 18.25 23.28
C VAL F 122 27.61 19.64 22.72
N SER F 123 27.82 20.66 23.54
CA SER F 123 27.56 22.04 23.15
C SER F 123 28.82 22.86 23.37
N SER F 124 29.21 23.64 22.36
CA SER F 124 30.39 24.48 22.44
C SER F 124 30.12 25.71 23.29
N MET G 1 35.99 -8.18 16.39
CA MET G 1 37.34 -7.94 15.93
C MET G 1 38.11 -9.26 15.81
N PHE G 2 37.82 -10.20 16.70
CA PHE G 2 38.46 -11.51 16.61
C PHE G 2 38.11 -12.20 15.29
N ARG G 3 36.84 -12.12 14.89
CA ARG G 3 36.45 -12.68 13.60
C ARG G 3 37.19 -11.98 12.47
N LYS G 4 37.27 -10.65 12.51
CA LYS G 4 37.93 -9.91 11.45
C LYS G 4 39.43 -10.22 11.40
N LEU G 5 40.07 -10.30 12.57
CA LEU G 5 41.49 -10.61 12.59
C LEU G 5 41.75 -12.02 12.08
N ALA G 6 40.90 -12.98 12.46
CA ALA G 6 41.05 -14.33 11.95
C ALA G 6 40.88 -14.36 10.44
N ALA G 7 39.91 -13.62 9.92
CA ALA G 7 39.70 -13.58 8.48
C ALA G 7 40.92 -13.00 7.76
N GLU G 8 41.47 -11.91 8.29
CA GLU G 8 42.65 -11.30 7.66
C GLU G 8 43.84 -12.25 7.71
N CYS G 9 44.03 -12.93 8.84
CA CYS G 9 45.15 -13.86 8.98
C CYS G 9 45.02 -15.01 7.98
N PHE G 10 43.82 -15.60 7.89
CA PHE G 10 43.62 -16.69 6.96
C PHE G 10 43.79 -16.22 5.51
N GLY G 11 43.29 -15.03 5.19
CA GLY G 11 43.45 -14.52 3.84
C GLY G 11 44.91 -14.31 3.46
N THR G 12 45.69 -13.73 4.35
CA THR G 12 47.11 -13.53 4.06
C THR G 12 47.84 -14.85 3.97
N PHE G 13 47.49 -15.80 4.83
CA PHE G 13 48.07 -17.14 4.73
C PHE G 13 47.80 -17.74 3.35
N TRP G 14 46.53 -17.65 2.91
CA TRP G 14 46.17 -18.18 1.60
C TRP G 14 46.96 -17.49 0.49
N LEU G 15 47.06 -16.16 0.55
CA LEU G 15 47.78 -15.42 -0.48
C LEU G 15 49.23 -15.88 -0.56
N VAL G 16 49.92 -15.89 0.57
CA VAL G 16 51.33 -16.25 0.56
C VAL G 16 51.51 -17.70 0.12
N PHE G 17 50.76 -18.62 0.74
CA PHE G 17 50.86 -20.02 0.36
C PHE G 17 50.68 -20.18 -1.15
N GLY G 18 49.52 -19.80 -1.66
CA GLY G 18 49.27 -19.91 -3.08
C GLY G 18 50.36 -19.32 -3.95
N GLY G 19 50.59 -18.01 -3.85
CA GLY G 19 51.51 -17.37 -4.78
C GLY G 19 52.93 -17.87 -4.65
N CYS G 20 53.48 -17.83 -3.44
CA CYS G 20 54.87 -18.22 -3.25
C CYS G 20 55.07 -19.70 -3.52
N GLY G 21 54.13 -20.55 -3.15
CA GLY G 21 54.26 -21.97 -3.44
C GLY G 21 54.20 -22.27 -4.92
N SER G 22 53.34 -21.56 -5.66
CA SER G 22 53.34 -21.73 -7.11
C SER G 22 54.67 -21.28 -7.70
N ALA G 23 55.23 -20.19 -7.18
CA ALA G 23 56.54 -19.73 -7.67
C ALA G 23 57.65 -20.73 -7.36
N VAL G 24 57.63 -21.32 -6.17
CA VAL G 24 58.74 -22.13 -5.69
C VAL G 24 58.66 -23.57 -6.23
N LEU G 25 57.47 -24.15 -6.31
CA LEU G 25 57.31 -25.55 -6.63
C LEU G 25 57.03 -25.82 -8.10
N ALA G 26 56.39 -24.89 -8.82
CA ALA G 26 55.88 -25.18 -10.15
C ALA G 26 56.37 -24.23 -11.24
N ALA G 27 56.91 -23.06 -10.88
CA ALA G 27 57.26 -22.09 -11.91
C ALA G 27 58.33 -22.62 -12.86
N GLY G 28 59.36 -23.26 -12.33
CA GLY G 28 60.48 -23.70 -13.13
C GLY G 28 60.52 -25.18 -13.48
N PHE G 29 59.38 -25.85 -13.35
CA PHE G 29 59.37 -27.29 -13.62
C PHE G 29 59.76 -27.55 -15.08
N PRO G 30 60.57 -28.58 -15.34
CA PRO G 30 61.11 -28.78 -16.69
C PRO G 30 60.04 -29.21 -17.68
N GLU G 31 59.90 -28.42 -18.75
CA GLU G 31 59.09 -28.79 -19.91
C GLU G 31 57.59 -28.69 -19.64
N LEU G 32 57.20 -28.41 -18.41
CA LEU G 32 55.79 -28.29 -18.08
C LEU G 32 55.52 -27.22 -17.03
N GLY G 33 56.51 -26.43 -16.66
CA GLY G 33 56.29 -25.42 -15.62
C GLY G 33 55.32 -24.35 -16.07
N ILE G 34 54.73 -23.68 -15.08
CA ILE G 34 53.69 -22.70 -15.36
C ILE G 34 54.29 -21.35 -15.75
N GLY G 35 55.48 -21.03 -15.26
CA GLY G 35 56.14 -19.80 -15.62
C GLY G 35 55.59 -18.57 -14.92
N PHE G 36 56.05 -17.42 -15.40
CA PHE G 36 55.64 -16.14 -14.80
C PHE G 36 54.14 -15.92 -14.95
N ALA G 37 53.57 -16.28 -16.11
CA ALA G 37 52.14 -16.11 -16.30
C ALA G 37 51.35 -16.96 -15.30
N GLY G 38 51.78 -18.21 -15.10
CA GLY G 38 51.11 -19.05 -14.11
C GLY G 38 51.23 -18.50 -12.71
N VAL G 39 52.41 -17.98 -12.35
CA VAL G 39 52.58 -17.40 -11.03
C VAL G 39 51.66 -16.20 -10.84
N ALA G 40 51.58 -15.34 -11.86
CA ALA G 40 50.70 -14.18 -11.77
C ALA G 40 49.24 -14.60 -11.61
N LEU G 41 48.81 -15.60 -12.39
CA LEU G 41 47.45 -16.09 -12.25
C LEU G 41 47.19 -16.63 -10.85
N ALA G 42 48.15 -17.37 -10.30
CA ALA G 42 47.96 -17.90 -8.94
C ALA G 42 47.83 -16.78 -7.92
N PHE G 43 48.68 -15.76 -8.02
CA PHE G 43 48.60 -14.65 -7.09
C PHE G 43 47.25 -13.94 -7.18
N GLY G 44 46.76 -13.72 -8.41
CA GLY G 44 45.45 -13.11 -8.55
C GLY G 44 44.32 -13.97 -8.00
N LEU G 45 44.39 -15.28 -8.25
CA LEU G 45 43.31 -16.17 -7.84
C LEU G 45 43.24 -16.29 -6.31
N THR G 46 44.38 -16.29 -5.64
CA THR G 46 44.33 -16.33 -4.17
C THR G 46 43.49 -15.19 -3.63
N VAL G 47 43.78 -13.96 -4.08
CA VAL G 47 43.04 -12.80 -3.59
C VAL G 47 41.59 -12.88 -4.01
N LEU G 48 41.31 -13.27 -5.26
CA LEU G 48 39.93 -13.34 -5.71
C LEU G 48 39.10 -14.29 -4.85
N THR G 49 39.58 -15.52 -4.66
CA THR G 49 38.82 -16.51 -3.91
C THR G 49 38.69 -16.11 -2.44
N MET G 50 39.79 -15.63 -1.83
CA MET G 50 39.71 -15.26 -0.43
C MET G 50 38.80 -14.05 -0.21
N ALA G 51 38.78 -13.11 -1.16
CA ALA G 51 37.83 -12.01 -1.08
C ALA G 51 36.41 -12.53 -1.12
N PHE G 52 36.08 -13.34 -2.12
CA PHE G 52 34.73 -13.89 -2.17
C PHE G 52 34.38 -14.64 -0.89
N ALA G 53 35.38 -15.21 -0.22
CA ALA G 53 35.10 -16.03 0.96
C ALA G 53 34.89 -15.21 2.22
N VAL G 54 35.75 -14.21 2.48
CA VAL G 54 35.74 -13.55 3.79
C VAL G 54 35.73 -12.03 3.72
N GLY G 55 35.46 -11.46 2.54
CA GLY G 55 35.38 -10.02 2.44
C GLY G 55 34.19 -9.46 3.18
N HIS G 56 33.07 -10.20 3.16
CA HIS G 56 31.90 -9.80 3.93
C HIS G 56 32.15 -9.84 5.42
N ILE G 57 33.24 -10.47 5.87
CA ILE G 57 33.59 -10.50 7.28
C ILE G 57 34.55 -9.36 7.60
N SER G 58 35.71 -9.35 6.94
CA SER G 58 36.76 -8.40 7.31
C SER G 58 36.99 -7.30 6.28
N GLY G 59 36.39 -7.39 5.10
CA GLY G 59 36.69 -6.47 4.03
C GLY G 59 37.74 -6.96 3.05
N GLY G 60 38.46 -8.03 3.39
CA GLY G 60 39.40 -8.65 2.48
C GLY G 60 40.55 -7.77 2.04
N HIS G 61 41.39 -7.35 2.97
CA HIS G 61 42.58 -6.56 2.63
C HIS G 61 43.76 -7.46 2.30
N PHE G 62 44.16 -8.30 3.26
CA PHE G 62 45.26 -9.26 3.07
C PHE G 62 46.57 -8.58 2.71
N ASN G 63 46.68 -7.28 2.96
CA ASN G 63 47.84 -6.50 2.53
C ASN G 63 47.97 -5.25 3.40
N PRO G 64 49.10 -5.08 4.10
CA PRO G 64 49.26 -3.85 4.91
C PRO G 64 49.15 -2.59 4.08
N ALA G 65 49.69 -2.60 2.86
CA ALA G 65 49.59 -1.43 2.00
C ALA G 65 48.14 -1.11 1.68
N VAL G 66 47.32 -2.14 1.45
CA VAL G 66 45.91 -1.91 1.17
C VAL G 66 45.22 -1.28 2.37
N THR G 67 45.49 -1.80 3.58
CA THR G 67 44.86 -1.24 4.77
C THR G 67 45.25 0.21 4.98
N ILE G 68 46.53 0.52 4.84
CA ILE G 68 46.98 1.89 5.07
C ILE G 68 46.44 2.83 3.99
N GLY G 69 46.39 2.36 2.74
CA GLY G 69 45.84 3.17 1.68
C GLY G 69 44.35 3.43 1.85
N LEU G 70 43.62 2.43 2.35
CA LEU G 70 42.20 2.63 2.64
C LEU G 70 42.02 3.61 3.78
N TRP G 71 42.91 3.56 4.78
CA TRP G 71 42.87 4.58 5.82
C TRP G 71 43.09 5.97 5.24
N ALA G 72 44.10 6.11 4.38
CA ALA G 72 44.39 7.40 3.78
C ALA G 72 43.28 7.89 2.86
N GLY G 73 42.49 6.97 2.31
CA GLY G 73 41.35 7.35 1.48
C GLY G 73 40.10 7.69 2.24
N GLY G 74 40.15 7.66 3.57
CA GLY G 74 38.97 7.97 4.36
C GLY G 74 37.94 6.88 4.43
N ARG G 75 38.36 5.61 4.35
CA ARG G 75 37.44 4.50 4.33
C ARG G 75 37.69 3.46 5.42
N PHE G 76 38.71 3.65 6.26
CA PHE G 76 39.05 2.67 7.28
C PHE G 76 39.49 3.38 8.56
N PRO G 77 38.92 3.03 9.70
CA PRO G 77 39.28 3.71 10.95
C PRO G 77 40.74 3.49 11.31
N ALA G 78 41.37 4.54 11.83
CA ALA G 78 42.78 4.45 12.19
C ALA G 78 43.01 3.46 13.33
N LYS G 79 42.13 3.47 14.34
CA LYS G 79 42.37 2.67 15.53
C LYS G 79 42.42 1.17 15.23
N GLU G 80 41.87 0.74 14.10
CA GLU G 80 41.87 -0.67 13.73
C GLU G 80 43.06 -1.05 12.86
N VAL G 81 43.88 -0.09 12.43
CA VAL G 81 44.91 -0.40 11.44
C VAL G 81 45.93 -1.37 12.00
N VAL G 82 46.52 -1.05 13.15
CA VAL G 82 47.67 -1.82 13.63
C VAL G 82 47.30 -3.29 13.75
N GLY G 83 46.20 -3.58 14.43
CA GLY G 83 45.77 -4.96 14.54
C GLY G 83 45.77 -5.67 13.21
N TYR G 84 45.08 -5.10 12.21
CA TYR G 84 45.03 -5.73 10.91
C TYR G 84 46.43 -6.08 10.43
N VAL G 85 47.34 -5.10 10.45
CA VAL G 85 48.67 -5.34 9.92
C VAL G 85 49.29 -6.54 10.61
N ILE G 86 49.24 -6.56 11.95
CA ILE G 86 49.87 -7.66 12.66
C ILE G 86 49.31 -8.98 12.17
N ALA G 87 47.97 -9.09 12.14
CA ALA G 87 47.36 -10.33 11.69
C ALA G 87 47.93 -10.73 10.34
N GLN G 88 47.91 -9.80 9.38
CA GLN G 88 48.40 -10.15 8.05
C GLN G 88 49.80 -10.71 8.13
N VAL G 89 50.71 -9.99 8.79
CA VAL G 89 52.08 -10.47 8.85
C VAL G 89 52.13 -11.88 9.42
N VAL G 90 51.45 -12.09 10.54
CA VAL G 90 51.50 -13.41 11.17
C VAL G 90 51.08 -14.47 10.16
N GLY G 91 49.94 -14.24 9.50
CA GLY G 91 49.48 -15.22 8.54
C GLY G 91 50.57 -15.55 7.53
N GLY G 92 51.14 -14.53 6.91
CA GLY G 92 52.16 -14.77 5.92
C GLY G 92 53.26 -15.66 6.47
N ILE G 93 53.78 -15.31 7.65
CA ILE G 93 54.90 -16.07 8.19
C ILE G 93 54.52 -17.54 8.29
N VAL G 94 53.35 -17.83 8.87
CA VAL G 94 52.97 -19.22 9.02
C VAL G 94 52.99 -19.91 7.66
N ALA G 95 52.37 -19.30 6.66
CA ALA G 95 52.38 -19.90 5.33
C ALA G 95 53.80 -20.21 4.90
N ALA G 96 54.68 -19.21 4.97
CA ALA G 96 56.05 -19.43 4.54
C ALA G 96 56.63 -20.65 5.23
N ALA G 97 56.46 -20.74 6.55
CA ALA G 97 57.03 -21.87 7.28
C ALA G 97 56.56 -23.18 6.65
N LEU G 98 55.25 -23.34 6.49
CA LEU G 98 54.76 -24.59 5.91
C LEU G 98 55.35 -24.80 4.52
N LEU G 99 55.36 -23.74 3.70
CA LEU G 99 55.95 -23.86 2.38
C LEU G 99 57.37 -24.38 2.48
N TYR G 100 58.17 -23.79 3.38
CA TYR G 100 59.53 -24.26 3.55
C TYR G 100 59.56 -25.75 3.78
N LEU G 101 58.76 -26.23 4.74
CA LEU G 101 58.74 -27.66 5.00
C LEU G 101 58.47 -28.45 3.73
N ILE G 102 57.43 -28.05 2.98
CA ILE G 102 57.11 -28.79 1.77
C ILE G 102 58.29 -28.75 0.80
N ALA G 103 58.90 -27.58 0.63
CA ALA G 103 60.01 -27.48 -0.31
C ALA G 103 61.17 -28.36 0.10
N SER G 104 61.26 -28.70 1.39
CA SER G 104 62.36 -29.53 1.85
C SER G 104 62.18 -31.00 1.47
N GLY G 105 61.01 -31.39 0.97
CA GLY G 105 60.78 -32.77 0.61
C GLY G 105 61.40 -33.22 -0.69
N LYS G 106 62.01 -32.30 -1.44
CA LYS G 106 62.65 -32.60 -2.71
C LYS G 106 64.15 -32.44 -2.57
N THR G 107 64.89 -33.41 -3.09
CA THR G 107 66.34 -33.37 -2.97
C THR G 107 66.92 -32.17 -3.70
N GLY G 108 67.92 -31.54 -3.09
CA GLY G 108 68.60 -30.42 -3.69
C GLY G 108 68.02 -29.06 -3.39
N PHE G 109 66.95 -28.98 -2.62
CA PHE G 109 66.36 -27.69 -2.29
C PHE G 109 67.30 -26.87 -1.41
N ASP G 110 67.43 -25.58 -1.74
CA ASP G 110 68.29 -24.67 -0.98
C ASP G 110 67.63 -23.30 -1.00
N ALA G 111 67.02 -22.92 0.12
CA ALA G 111 66.30 -21.65 0.17
C ALA G 111 67.23 -20.46 -0.05
N ALA G 112 68.40 -20.48 0.58
CA ALA G 112 69.31 -19.35 0.46
C ALA G 112 69.78 -19.16 -0.97
N ALA G 113 70.13 -20.25 -1.66
CA ALA G 113 70.66 -20.13 -3.01
C ALA G 113 69.57 -19.79 -4.02
N SER G 114 68.40 -20.40 -3.88
CA SER G 114 67.33 -20.16 -4.85
C SER G 114 66.67 -18.80 -4.65
N GLY G 115 66.72 -18.26 -3.43
CA GLY G 115 66.08 -17.01 -3.11
C GLY G 115 64.71 -17.14 -2.47
N PHE G 116 64.08 -18.31 -2.59
CA PHE G 116 62.79 -18.58 -1.95
C PHE G 116 61.74 -17.54 -2.36
N ALA G 117 61.78 -17.13 -3.62
CA ALA G 117 60.81 -16.18 -4.18
C ALA G 117 60.80 -14.87 -3.41
N SER G 118 61.99 -14.39 -3.05
CA SER G 118 62.12 -13.13 -2.32
C SER G 118 62.19 -11.96 -3.28
N ASN G 119 61.71 -10.81 -2.82
CA ASN G 119 61.77 -9.58 -3.59
C ASN G 119 63.14 -8.92 -3.44
N GLY G 120 63.63 -8.38 -4.54
CA GLY G 120 64.93 -7.71 -4.52
C GLY G 120 65.06 -6.78 -5.70
N TYR G 121 66.08 -5.92 -5.63
CA TYR G 121 66.36 -4.96 -6.68
C TYR G 121 67.86 -4.97 -6.97
N GLY G 122 68.23 -4.24 -8.02
CA GLY G 122 69.63 -4.13 -8.37
C GLY G 122 70.23 -5.48 -8.69
N GLU G 123 71.32 -5.82 -7.99
CA GLU G 123 72.01 -7.06 -8.26
C GLU G 123 71.12 -8.28 -8.00
N HIS G 124 70.10 -8.13 -7.16
CA HIS G 124 69.22 -9.24 -6.81
C HIS G 124 67.88 -9.17 -7.55
N SER G 125 67.77 -8.32 -8.55
CA SER G 125 66.57 -8.30 -9.37
C SER G 125 66.60 -9.47 -10.37
N PRO G 126 65.45 -10.10 -10.63
CA PRO G 126 65.45 -11.23 -11.58
C PRO G 126 65.98 -10.85 -12.95
N GLY G 127 65.69 -9.64 -13.42
CA GLY G 127 66.15 -9.17 -14.71
C GLY G 127 67.31 -8.21 -14.66
N GLY G 128 67.94 -8.03 -13.51
CA GLY G 128 69.06 -7.10 -13.39
C GLY G 128 68.68 -5.64 -13.59
N TYR G 129 67.57 -5.21 -13.00
CA TYR G 129 67.15 -3.82 -13.08
C TYR G 129 67.71 -3.01 -11.92
N SER G 130 67.84 -1.71 -12.13
CA SER G 130 68.42 -0.82 -11.14
C SER G 130 67.41 -0.50 -10.04
N MET G 131 67.90 0.18 -8.99
CA MET G 131 67.05 0.55 -7.88
C MET G 131 65.97 1.53 -8.31
N LEU G 132 66.32 2.48 -9.19
CA LEU G 132 65.35 3.49 -9.62
C LEU G 132 64.18 2.84 -10.36
N SER G 133 64.46 1.86 -11.22
CA SER G 133 63.39 1.17 -11.92
C SER G 133 62.45 0.47 -10.95
N ALA G 134 63.02 -0.21 -9.95
CA ALA G 134 62.20 -0.88 -8.95
C ALA G 134 61.33 0.12 -8.21
N LEU G 135 61.92 1.25 -7.80
CA LEU G 135 61.15 2.26 -7.08
C LEU G 135 59.98 2.76 -7.91
N VAL G 136 60.25 3.13 -9.17
CA VAL G 136 59.20 3.69 -10.01
C VAL G 136 58.09 2.67 -10.24
N VAL G 137 58.46 1.43 -10.57
CA VAL G 137 57.46 0.42 -10.88
C VAL G 137 56.61 0.11 -9.65
N GLU G 138 57.26 -0.05 -8.50
CA GLU G 138 56.51 -0.36 -7.28
C GLU G 138 55.58 0.79 -6.92
N LEU G 139 56.04 2.03 -6.99
CA LEU G 139 55.19 3.17 -6.67
C LEU G 139 53.97 3.20 -7.59
N VAL G 140 54.19 3.13 -8.89
CA VAL G 140 53.09 3.25 -9.84
C VAL G 140 52.10 2.11 -9.65
N LEU G 141 52.59 0.89 -9.51
CA LEU G 141 51.68 -0.25 -9.41
C LEU G 141 50.90 -0.24 -8.10
N SER G 142 51.54 0.16 -7.00
CA SER G 142 50.82 0.28 -5.73
C SER G 142 49.73 1.34 -5.82
N ALA G 143 50.06 2.49 -6.41
CA ALA G 143 49.05 3.54 -6.57
C ALA G 143 47.88 3.06 -7.41
N GLY G 144 48.17 2.38 -8.53
CA GLY G 144 47.10 1.86 -9.37
C GLY G 144 46.25 0.82 -8.65
N PHE G 145 46.89 -0.06 -7.88
CA PHE G 145 46.16 -1.07 -7.13
C PHE G 145 45.20 -0.41 -6.15
N LEU G 146 45.67 0.58 -5.40
CA LEU G 146 44.79 1.25 -4.44
C LEU G 146 43.68 2.00 -5.14
N LEU G 147 43.98 2.62 -6.28
CA LEU G 147 42.93 3.30 -7.04
C LEU G 147 41.85 2.33 -7.49
N VAL G 148 42.25 1.16 -7.99
CA VAL G 148 41.29 0.15 -8.42
C VAL G 148 40.44 -0.31 -7.23
N ILE G 149 41.08 -0.54 -6.09
CA ILE G 149 40.35 -1.00 -4.92
C ILE G 149 39.33 0.04 -4.48
N HIS G 150 39.73 1.31 -4.44
CA HIS G 150 38.80 2.36 -4.05
C HIS G 150 37.64 2.48 -5.03
N GLY G 151 37.93 2.43 -6.33
CA GLY G 151 36.88 2.59 -7.31
C GLY G 151 35.89 1.43 -7.32
N ALA G 152 36.40 0.20 -7.21
CA ALA G 152 35.54 -0.97 -7.33
C ALA G 152 34.62 -1.12 -6.13
N THR G 153 35.05 -0.67 -4.96
CA THR G 153 34.23 -0.76 -3.76
C THR G 153 33.36 0.46 -3.53
N ASP G 154 33.38 1.42 -4.45
CA ASP G 154 32.53 2.60 -4.33
C ASP G 154 31.06 2.19 -4.39
N LYS G 155 30.22 2.94 -3.67
CA LYS G 155 28.80 2.60 -3.59
C LYS G 155 28.10 2.69 -4.93
N PHE G 156 28.69 3.38 -5.92
CA PHE G 156 28.09 3.50 -7.23
C PHE G 156 28.63 2.48 -8.22
N ALA G 157 29.56 1.63 -7.81
CA ALA G 157 30.08 0.59 -8.68
C ALA G 157 29.16 -0.63 -8.66
N PRO G 158 29.27 -1.51 -9.66
CA PRO G 158 28.46 -2.73 -9.66
C PRO G 158 28.66 -3.53 -8.39
N ALA G 159 27.55 -4.00 -7.82
CA ALA G 159 27.59 -4.66 -6.52
C ALA G 159 28.00 -6.12 -6.66
N GLY G 160 28.95 -6.55 -5.85
CA GLY G 160 29.39 -7.92 -5.83
C GLY G 160 30.53 -8.27 -6.76
N PHE G 161 30.95 -7.34 -7.63
CA PHE G 161 32.00 -7.61 -8.61
C PHE G 161 33.39 -7.23 -8.13
N ALA G 162 33.51 -6.59 -6.96
CA ALA G 162 34.80 -6.07 -6.53
C ALA G 162 35.88 -7.14 -6.42
N PRO G 163 35.62 -8.32 -5.84
CA PRO G 163 36.69 -9.32 -5.74
C PRO G 163 37.30 -9.69 -7.09
N ILE G 164 36.47 -9.80 -8.13
CA ILE G 164 37.00 -10.15 -9.45
C ILE G 164 37.96 -9.07 -9.95
N ALA G 165 37.54 -7.82 -9.85
CA ALA G 165 38.38 -6.72 -10.30
C ALA G 165 39.69 -6.67 -9.54
N ILE G 166 39.63 -6.80 -8.20
CA ILE G 166 40.84 -6.69 -7.39
C ILE G 166 41.79 -7.84 -7.67
N GLY G 167 41.28 -9.07 -7.75
CA GLY G 167 42.14 -10.20 -8.03
C GLY G 167 42.79 -10.12 -9.41
N LEU G 168 42.00 -9.75 -10.43
CA LEU G 168 42.58 -9.63 -11.76
C LEU G 168 43.57 -8.48 -11.83
N ALA G 169 43.35 -7.41 -11.05
CA ALA G 169 44.33 -6.34 -10.98
C ALA G 169 45.66 -6.83 -10.40
N LEU G 170 45.59 -7.66 -9.35
CA LEU G 170 46.83 -8.22 -8.81
C LEU G 170 47.52 -9.10 -9.84
N THR G 171 46.76 -9.90 -10.57
CA THR G 171 47.35 -10.72 -11.64
C THR G 171 48.05 -9.86 -12.67
N LEU G 172 47.41 -8.76 -13.09
CA LEU G 172 48.02 -7.87 -14.06
C LEU G 172 49.30 -7.24 -13.51
N ILE G 173 49.27 -6.83 -12.25
CA ILE G 173 50.46 -6.23 -11.64
C ILE G 173 51.63 -7.21 -11.68
N HIS G 174 51.37 -8.47 -11.34
CA HIS G 174 52.44 -9.47 -11.42
C HIS G 174 52.93 -9.64 -12.84
N LEU G 175 52.00 -9.77 -13.79
CA LEU G 175 52.37 -9.92 -15.20
C LEU G 175 53.30 -8.80 -15.64
N ILE G 176 53.07 -7.59 -15.14
CA ILE G 176 53.90 -6.46 -15.53
C ILE G 176 55.26 -6.53 -14.85
N SER G 177 55.28 -6.70 -13.53
CA SER G 177 56.45 -6.33 -12.74
C SER G 177 57.29 -7.49 -12.24
N ILE G 178 56.94 -8.74 -12.53
CA ILE G 178 57.74 -9.86 -12.01
C ILE G 178 59.21 -9.73 -12.40
N PRO G 179 59.57 -9.44 -13.66
CA PRO G 179 60.99 -9.38 -14.02
C PRO G 179 61.77 -8.28 -13.31
N VAL G 180 61.12 -7.24 -12.80
CA VAL G 180 61.85 -6.11 -12.25
C VAL G 180 62.23 -6.36 -10.79
N THR G 181 61.24 -6.62 -9.94
CA THR G 181 61.48 -6.78 -8.51
C THR G 181 60.88 -8.04 -7.92
N ASN G 182 60.22 -8.87 -8.72
CA ASN G 182 59.46 -10.03 -8.27
C ASN G 182 58.09 -9.64 -7.76
N THR G 183 57.65 -8.40 -7.98
CA THR G 183 56.26 -7.98 -7.77
C THR G 183 55.80 -8.18 -6.33
N SER G 184 56.34 -7.35 -5.45
CA SER G 184 55.91 -7.41 -4.05
C SER G 184 54.56 -6.70 -3.86
N VAL G 185 54.53 -5.38 -4.03
CA VAL G 185 53.38 -4.53 -3.71
C VAL G 185 52.63 -5.01 -2.46
N ASN G 186 53.31 -5.74 -1.58
CA ASN G 186 52.69 -6.31 -0.38
C ASN G 186 53.77 -6.57 0.66
N PRO G 187 53.91 -5.70 1.66
CA PRO G 187 55.00 -5.87 2.64
C PRO G 187 54.96 -7.20 3.37
N ALA G 188 53.77 -7.70 3.71
CA ALA G 188 53.68 -8.95 4.45
C ALA G 188 54.21 -10.12 3.62
N ARG G 189 53.85 -10.17 2.34
CA ARG G 189 54.34 -11.24 1.48
C ARG G 189 55.85 -11.19 1.34
N SER G 190 56.42 -9.98 1.23
CA SER G 190 57.86 -9.86 1.15
C SER G 190 58.53 -10.34 2.43
N THR G 191 57.99 -9.93 3.58
CA THR G 191 58.58 -10.30 4.86
C THR G 191 58.55 -11.81 5.08
N ALA G 192 57.43 -12.45 4.74
CA ALA G 192 57.27 -13.87 5.02
C ALA G 192 58.39 -14.69 4.38
N VAL G 193 58.72 -14.41 3.12
CA VAL G 193 59.76 -15.17 2.44
C VAL G 193 61.15 -14.63 2.75
N ALA G 194 61.29 -13.33 3.01
CA ALA G 194 62.61 -12.79 3.36
C ALA G 194 63.11 -13.39 4.65
N ILE G 195 62.22 -13.66 5.60
CA ILE G 195 62.65 -14.24 6.87
C ILE G 195 63.33 -15.59 6.63
N PHE G 196 62.76 -16.42 5.77
CA PHE G 196 63.30 -17.75 5.53
C PHE G 196 64.45 -17.76 4.54
N GLN G 197 64.55 -16.77 3.66
CA GLN G 197 65.75 -16.66 2.82
C GLN G 197 66.98 -16.41 3.69
N GLY G 198 66.87 -15.47 4.63
CA GLY G 198 67.87 -15.29 5.66
C GLY G 198 69.13 -14.53 5.25
N GLY G 199 69.22 -14.08 4.00
CA GLY G 199 70.43 -13.42 3.54
C GLY G 199 70.21 -12.01 3.05
N TRP G 200 70.51 -11.77 1.77
CA TRP G 200 70.32 -10.45 1.19
C TRP G 200 68.88 -9.99 1.24
N ALA G 201 67.93 -10.92 1.33
CA ALA G 201 66.52 -10.55 1.34
C ALA G 201 66.21 -9.67 2.56
N LEU G 202 66.77 -10.01 3.72
CA LEU G 202 66.53 -9.21 4.91
C LEU G 202 67.20 -7.84 4.82
N GLU G 203 68.32 -7.75 4.10
CA GLU G 203 68.99 -6.46 3.95
C GLU G 203 68.14 -5.49 3.16
N GLN G 204 67.46 -5.96 2.13
CA GLN G 204 66.64 -5.11 1.26
C GLN G 204 65.19 -5.05 1.67
N LEU G 205 64.82 -5.70 2.79
CA LEU G 205 63.41 -5.79 3.15
C LEU G 205 62.78 -4.42 3.37
N TRP G 206 63.53 -3.50 3.98
CA TRP G 206 62.99 -2.18 4.25
C TRP G 206 62.41 -1.54 3.01
N PHE G 207 63.08 -1.71 1.86
CA PHE G 207 62.63 -1.08 0.62
C PHE G 207 61.20 -1.48 0.29
N PHE G 208 60.83 -2.72 0.59
CA PHE G 208 59.51 -3.23 0.25
C PHE G 208 58.49 -3.02 1.35
N TRP G 209 58.86 -2.32 2.42
CA TRP G 209 57.90 -1.81 3.38
C TRP G 209 57.57 -0.35 3.15
N VAL G 210 58.51 0.42 2.62
CA VAL G 210 58.32 1.85 2.43
C VAL G 210 57.66 2.16 1.08
N VAL G 211 58.22 1.65 -0.01
CA VAL G 211 57.72 2.01 -1.34
C VAL G 211 56.28 1.59 -1.53
N PRO G 212 55.88 0.34 -1.28
CA PRO G 212 54.47 -0.02 -1.46
C PRO G 212 53.53 0.84 -0.63
N ILE G 213 53.77 0.96 0.68
CA ILE G 213 52.87 1.70 1.53
C ILE G 213 52.70 3.12 1.02
N VAL G 214 53.82 3.81 0.76
CA VAL G 214 53.73 5.16 0.23
C VAL G 214 52.87 5.18 -1.02
N GLY G 215 53.15 4.27 -1.96
CA GLY G 215 52.35 4.21 -3.16
C GLY G 215 50.87 4.06 -2.85
N GLY G 216 50.54 3.14 -1.94
CA GLY G 216 49.15 2.97 -1.57
C GLY G 216 48.54 4.27 -1.10
N ILE G 217 49.25 4.98 -0.21
CA ILE G 217 48.73 6.23 0.28
C ILE G 217 48.40 7.15 -0.88
N ILE G 218 49.34 7.28 -1.82
CA ILE G 218 49.12 8.17 -2.95
C ILE G 218 47.83 7.78 -3.66
N GLY G 219 47.67 6.49 -3.94
CA GLY G 219 46.46 6.03 -4.59
C GLY G 219 45.22 6.50 -3.85
N GLY G 220 45.17 6.23 -2.54
CA GLY G 220 44.03 6.67 -1.78
C GLY G 220 43.79 8.15 -1.95
N LEU G 221 44.84 8.95 -1.76
CA LEU G 221 44.67 10.39 -1.86
C LEU G 221 44.03 10.77 -3.19
N ILE G 222 44.50 10.18 -4.29
CA ILE G 222 43.97 10.54 -5.58
C ILE G 222 42.45 10.32 -5.59
N TYR G 223 42.01 9.12 -5.21
CA TYR G 223 40.59 8.85 -5.27
C TYR G 223 39.84 9.76 -4.32
N ARG G 224 40.48 10.15 -3.22
CA ARG G 224 39.79 10.99 -2.24
C ARG G 224 39.61 12.40 -2.77
N THR G 225 40.52 12.87 -3.63
CA THR G 225 40.54 14.29 -3.97
C THR G 225 40.13 14.59 -5.40
N LEU G 226 40.26 13.64 -6.33
CA LEU G 226 40.00 13.90 -7.73
C LEU G 226 38.84 13.10 -8.32
N LEU G 227 38.49 11.96 -7.74
CA LEU G 227 37.51 11.07 -8.37
C LEU G 227 36.25 10.86 -7.56
N ARG G 228 36.34 10.81 -6.24
CA ARG G 228 35.14 10.58 -5.44
C ARG G 228 34.18 11.76 -5.55
N ALA G 229 32.89 11.45 -5.63
CA ALA G 229 31.87 12.48 -5.72
C ALA G 229 31.55 13.04 -4.34
N SER G 230 31.43 14.36 -4.26
CA SER G 230 31.10 15.01 -3.01
C SER G 230 29.61 14.82 -2.69
N ARG G 231 29.24 15.22 -1.47
CA ARG G 231 27.85 15.10 -1.04
C ARG G 231 26.93 15.94 -1.94
N LEU G 232 27.33 17.17 -2.25
CA LEU G 232 26.54 18.00 -3.14
C LEU G 232 26.43 17.36 -4.51
N GLU G 233 27.51 16.77 -5.01
CA GLU G 233 27.46 16.11 -6.32
C GLU G 233 26.52 14.92 -6.31
N GLU G 234 26.53 14.13 -5.23
CA GLU G 234 25.59 13.03 -5.13
C GLU G 234 24.15 13.52 -5.14
N GLU G 235 23.86 14.57 -4.37
CA GLU G 235 22.51 15.13 -4.37
C GLU G 235 22.13 15.65 -5.74
N LEU G 236 23.06 16.31 -6.43
CA LEU G 236 22.77 16.83 -7.76
C LEU G 236 22.46 15.70 -8.73
N ARG G 237 23.22 14.62 -8.69
CA ARG G 237 22.93 13.48 -9.56
C ARG G 237 21.56 12.90 -9.25
N ARG G 238 21.25 12.73 -7.97
CA ARG G 238 19.93 12.20 -7.60
C ARG G 238 18.82 13.09 -8.14
N ARG G 239 18.96 14.40 -8.01
CA ARG G 239 17.93 15.31 -8.51
C ARG G 239 17.86 15.30 -10.02
N LEU G 240 19.01 15.18 -10.70
CA LEU G 240 19.03 15.13 -12.15
C LEU G 240 18.46 13.84 -12.72
N THR G 241 18.36 12.78 -11.92
CA THR G 241 17.75 11.53 -12.36
C THR G 241 16.34 11.34 -11.83
N GLU G 242 15.56 12.43 -11.76
CA GLU G 242 14.18 12.34 -11.29
C GLU G 242 13.21 12.62 -12.42
N PRO G 243 12.21 11.76 -12.63
CA PRO G 243 11.25 11.99 -13.71
C PRO G 243 10.39 13.22 -13.43
N GLY G 244 9.96 13.88 -14.50
CA GLY G 244 9.13 15.07 -14.39
C GLY G 244 7.94 15.06 -15.32
N GLU H 3 19.81 36.43 3.09
CA GLU H 3 19.66 35.25 2.24
C GLU H 3 20.07 35.56 0.81
N VAL H 4 20.08 34.53 -0.03
CA VAL H 4 20.53 34.67 -1.41
C VAL H 4 19.37 35.14 -2.27
N GLN H 5 19.65 36.07 -3.18
CA GLN H 5 18.68 36.59 -4.13
C GLN H 5 19.16 36.30 -5.54
N LEU H 6 18.29 35.68 -6.35
CA LEU H 6 18.63 35.27 -7.71
C LEU H 6 17.83 36.09 -8.70
N GLN H 7 18.52 36.69 -9.67
CA GLN H 7 17.89 37.46 -10.73
C GLN H 7 18.25 36.83 -12.07
N GLU H 8 17.23 36.43 -12.83
CA GLU H 8 17.42 35.77 -14.10
C GLU H 8 17.21 36.75 -15.25
N SER H 9 17.56 36.31 -16.45
CA SER H 9 17.38 37.11 -17.66
C SER H 9 17.32 36.16 -18.85
N GLY H 10 17.13 36.74 -20.03
CA GLY H 10 17.05 35.94 -21.24
C GLY H 10 15.72 35.22 -21.37
N GLY H 11 15.66 34.33 -22.36
CA GLY H 11 14.47 33.57 -22.64
C GLY H 11 13.50 34.31 -23.55
N GLY H 12 12.45 33.62 -23.92
CA GLY H 12 11.43 34.19 -24.77
C GLY H 12 10.97 33.18 -25.81
N LEU H 13 10.67 33.69 -27.00
CA LEU H 13 10.12 32.89 -28.10
C LEU H 13 11.23 32.53 -29.08
N VAL H 14 11.22 31.28 -29.53
CA VAL H 14 12.19 30.80 -30.51
C VAL H 14 11.57 29.67 -31.30
N GLN H 15 11.85 29.65 -32.60
CA GLN H 15 11.37 28.58 -33.47
C GLN H 15 12.21 27.32 -33.27
N PRO H 16 11.68 26.17 -33.65
CA PRO H 16 12.43 24.93 -33.45
C PRO H 16 13.77 24.97 -34.18
N GLY H 17 14.79 24.38 -33.54
CA GLY H 17 16.13 24.39 -34.08
C GLY H 17 16.94 25.62 -33.74
N GLY H 18 16.36 26.60 -33.06
CA GLY H 18 17.08 27.79 -32.68
C GLY H 18 17.88 27.60 -31.40
N SER H 19 18.49 28.69 -30.95
CA SER H 19 19.31 28.68 -29.76
C SER H 19 18.94 29.86 -28.86
N LEU H 20 19.13 29.66 -27.55
CA LEU H 20 18.84 30.68 -26.56
C LEU H 20 19.90 30.65 -25.49
N ARG H 21 20.02 31.76 -24.76
CA ARG H 21 20.97 31.85 -23.66
C ARG H 21 20.30 32.50 -22.46
N LEU H 22 20.17 31.75 -21.38
CA LEU H 22 19.67 32.26 -20.11
C LEU H 22 20.84 32.58 -19.19
N SER H 23 20.67 33.62 -18.38
CA SER H 23 21.69 34.02 -17.42
C SER H 23 21.03 34.26 -16.08
N CYS H 24 21.82 34.10 -15.01
CA CYS H 24 21.31 34.31 -13.67
C CYS H 24 22.45 34.82 -12.80
N THR H 25 22.16 35.82 -11.98
CA THR H 25 23.13 36.44 -11.09
C THR H 25 22.62 36.37 -9.65
N ALA H 26 23.54 36.15 -8.73
CA ALA H 26 23.22 36.05 -7.31
C ALA H 26 23.70 37.29 -6.57
N SER H 27 22.96 37.64 -5.53
CA SER H 27 23.28 38.81 -4.72
C SER H 27 22.88 38.53 -3.27
N GLY H 28 23.42 39.33 -2.36
CA GLY H 28 23.18 39.13 -0.95
C GLY H 28 24.00 38.04 -0.30
N VAL H 29 25.06 37.57 -0.98
CA VAL H 29 25.92 36.52 -0.45
C VAL H 29 27.35 36.82 -0.87
N THR H 30 28.29 36.55 0.02
CA THR H 30 29.69 36.77 -0.29
C THR H 30 30.20 35.72 -1.28
N ILE H 31 31.28 36.06 -1.97
CA ILE H 31 31.84 35.15 -2.98
C ILE H 31 32.30 33.85 -2.33
N SER H 32 32.98 33.95 -1.18
CA SER H 32 33.47 32.75 -0.51
C SER H 32 32.31 31.84 -0.09
N ALA H 33 31.24 32.42 0.44
CA ALA H 33 30.09 31.62 0.84
C ALA H 33 29.43 30.95 -0.35
N LEU H 34 29.31 31.67 -1.47
CA LEU H 34 28.66 31.10 -2.64
C LEU H 34 29.52 30.02 -3.29
N ASN H 35 30.85 30.13 -3.17
CA ASN H 35 31.72 29.14 -3.77
C ASN H 35 31.51 27.75 -3.20
N ALA H 36 30.90 27.64 -2.02
CA ALA H 36 30.63 26.35 -1.39
C ALA H 36 29.23 25.83 -1.72
N MET H 37 28.56 26.41 -2.71
CA MET H 37 27.21 26.02 -3.09
C MET H 37 27.18 25.60 -4.55
N ALA H 38 26.13 24.88 -4.92
CA ALA H 38 25.92 24.46 -6.30
C ALA H 38 24.95 25.40 -6.99
N MET H 39 25.18 25.67 -8.27
CA MET H 39 24.34 26.58 -9.04
C MET H 39 23.80 25.86 -10.26
N GLY H 40 22.48 25.86 -10.43
CA GLY H 40 21.88 25.12 -11.52
C GLY H 40 20.59 25.67 -12.07
N TRP H 41 19.91 24.87 -12.90
CA TRP H 41 18.69 25.29 -13.57
C TRP H 41 17.63 24.22 -13.41
N TYR H 42 16.45 24.62 -12.96
CA TYR H 42 15.26 23.79 -12.96
C TYR H 42 14.36 24.21 -14.11
N ARG H 43 13.43 23.33 -14.47
CA ARG H 43 12.43 23.71 -15.47
C ARG H 43 11.13 22.98 -15.18
N GLN H 44 10.03 23.68 -15.40
CA GLN H 44 8.68 23.13 -15.23
C GLN H 44 7.92 23.33 -16.53
N ALA H 45 7.45 22.24 -17.11
CA ALA H 45 6.63 22.31 -18.31
C ALA H 45 5.15 22.26 -17.92
N PRO H 46 4.27 22.76 -18.80
CA PRO H 46 2.85 22.86 -18.45
C PRO H 46 2.27 21.57 -17.88
N GLY H 47 1.87 21.61 -16.61
CA GLY H 47 1.21 20.49 -15.97
C GLY H 47 2.13 19.42 -15.43
N GLU H 48 3.44 19.65 -15.38
CA GLU H 48 4.38 18.64 -14.94
C GLU H 48 5.19 19.13 -13.73
N ARG H 49 6.15 18.31 -13.35
CA ARG H 49 7.02 18.60 -12.21
C ARG H 49 7.94 19.78 -12.53
N ARG H 50 8.51 20.34 -11.46
CA ARG H 50 9.66 21.22 -11.58
C ARG H 50 10.91 20.40 -11.29
N VAL H 51 11.71 20.11 -12.33
CA VAL H 51 12.83 19.19 -12.21
C VAL H 51 14.10 19.84 -12.70
N MET H 52 15.23 19.38 -12.17
CA MET H 52 16.54 19.91 -12.52
C MET H 52 16.98 19.39 -13.88
N VAL H 53 17.62 20.26 -14.67
CA VAL H 53 18.06 19.89 -16.01
C VAL H 53 19.58 19.98 -16.11
N ALA H 54 20.19 20.88 -15.35
CA ALA H 54 21.63 21.06 -15.42
C ALA H 54 22.10 21.74 -14.14
N ALA H 55 23.38 21.55 -13.83
CA ALA H 55 23.93 22.15 -12.62
C ALA H 55 25.45 22.19 -12.73
N VAL H 56 26.07 23.04 -11.90
CA VAL H 56 27.51 23.09 -11.72
C VAL H 56 27.76 23.04 -10.21
N SER H 57 28.56 22.07 -9.78
CA SER H 57 28.81 21.85 -8.37
C SER H 57 29.86 22.83 -7.86
N GLU H 58 30.07 22.80 -6.54
CA GLU H 58 31.02 23.70 -5.89
C GLU H 58 32.43 23.49 -6.41
N ARG H 59 32.75 22.33 -6.98
CA ARG H 59 34.07 22.06 -7.51
C ARG H 59 34.18 22.33 -9.00
N GLY H 60 33.12 22.82 -9.64
CA GLY H 60 33.18 23.16 -11.05
C GLY H 60 32.82 22.05 -12.00
N ASN H 61 32.18 20.98 -11.53
CA ASN H 61 31.80 19.86 -12.37
C ASN H 61 30.40 20.10 -12.95
N ALA H 62 30.31 20.16 -14.27
CA ALA H 62 29.04 20.35 -14.94
C ALA H 62 28.31 19.03 -15.06
N MET H 63 27.04 19.02 -14.65
CA MET H 63 26.21 17.82 -14.65
C MET H 63 24.91 18.12 -15.39
N TYR H 64 24.42 17.14 -16.14
CA TYR H 64 23.26 17.33 -17.01
C TYR H 64 22.27 16.20 -16.82
N ARG H 65 21.00 16.51 -17.09
CA ARG H 65 19.98 15.48 -17.22
C ARG H 65 20.18 14.74 -18.54
N GLU H 66 19.88 13.43 -18.52
CA GLU H 66 20.19 12.60 -19.68
C GLU H 66 19.49 13.09 -20.94
N SER H 67 18.23 13.48 -20.83
CA SER H 67 17.45 13.87 -21.99
C SER H 67 17.88 15.19 -22.60
N VAL H 68 18.72 15.97 -21.92
CA VAL H 68 19.15 17.28 -22.42
C VAL H 68 20.65 17.35 -22.70
N GLN H 69 21.43 16.38 -22.22
CA GLN H 69 22.87 16.41 -22.49
C GLN H 69 23.12 16.26 -23.98
N GLY H 70 24.05 17.05 -24.50
CA GLY H 70 24.31 17.13 -25.91
C GLY H 70 23.67 18.33 -26.60
N ARG H 71 22.68 18.95 -25.97
CA ARG H 71 22.08 20.17 -26.48
C ARG H 71 22.21 21.37 -25.54
N PHE H 72 22.36 21.14 -24.24
CA PHE H 72 22.48 22.20 -23.26
C PHE H 72 23.92 22.29 -22.76
N THR H 73 24.36 23.51 -22.48
CA THR H 73 25.70 23.76 -21.94
C THR H 73 25.57 24.73 -20.78
N VAL H 74 25.92 24.28 -19.58
CA VAL H 74 25.83 25.10 -18.37
C VAL H 74 27.22 25.58 -18.00
N THR H 75 27.35 26.88 -17.75
CA THR H 75 28.61 27.50 -17.38
C THR H 75 28.44 28.29 -16.10
N ARG H 76 29.50 28.35 -15.30
CA ARG H 76 29.48 29.05 -14.02
C ARG H 76 30.68 29.96 -13.92
N ASP H 77 30.45 31.22 -13.55
CA ASP H 77 31.49 32.20 -13.28
C ASP H 77 31.47 32.44 -11.77
N PHE H 78 32.50 31.92 -11.09
CA PHE H 78 32.55 32.02 -9.63
C PHE H 78 32.82 33.44 -9.17
N THR H 79 33.73 34.13 -9.85
CA THR H 79 34.07 35.49 -9.45
C THR H 79 32.87 36.43 -9.57
N ASN H 80 32.13 36.31 -10.66
CA ASN H 80 30.96 37.16 -10.91
C ASN H 80 29.69 36.61 -10.28
N LYS H 81 29.75 35.46 -9.62
CA LYS H 81 28.58 34.86 -9.00
C LYS H 81 27.46 34.66 -10.02
N MET H 82 27.82 34.17 -11.20
CA MET H 82 26.88 34.07 -12.30
C MET H 82 26.79 32.64 -12.80
N VAL H 83 25.61 32.25 -13.28
CA VAL H 83 25.43 30.94 -13.91
C VAL H 83 24.62 31.14 -15.18
N SER H 84 25.07 30.53 -16.28
CA SER H 84 24.44 30.71 -17.57
C SER H 84 24.16 29.35 -18.21
N LEU H 85 23.12 29.32 -19.02
CA LEU H 85 22.70 28.12 -19.74
C LEU H 85 22.54 28.45 -21.21
N GLN H 86 23.18 27.66 -22.07
CA GLN H 86 23.08 27.82 -23.51
C GLN H 86 22.34 26.62 -24.09
N MET H 87 21.27 26.89 -24.83
CA MET H 87 20.42 25.84 -25.40
C MET H 87 20.50 25.93 -26.92
N ASP H 88 20.83 24.80 -27.54
CA ASP H 88 20.96 24.71 -28.98
C ASP H 88 20.12 23.56 -29.50
N ASN H 89 19.63 23.71 -30.73
CA ASN H 89 18.75 22.72 -31.35
C ASN H 89 17.57 22.46 -30.41
N LEU H 90 16.74 23.49 -30.30
CA LEU H 90 15.60 23.44 -29.39
C LEU H 90 14.47 22.62 -30.00
N LYS H 91 13.67 22.03 -29.13
CA LYS H 91 12.56 21.16 -29.51
C LYS H 91 11.30 21.59 -28.80
N PRO H 92 10.14 21.17 -29.29
CA PRO H 92 8.87 21.57 -28.63
C PRO H 92 8.82 21.17 -27.18
N GLU H 93 9.46 20.06 -26.79
CA GLU H 93 9.46 19.64 -25.40
C GLU H 93 10.28 20.55 -24.49
N ASP H 94 11.04 21.47 -25.06
CA ASP H 94 11.82 22.41 -24.26
C ASP H 94 11.03 23.64 -23.82
N THR H 95 9.77 23.75 -24.22
CA THR H 95 8.95 24.89 -23.82
C THR H 95 8.55 24.74 -22.36
N ALA H 96 8.94 25.72 -21.53
CA ALA H 96 8.66 25.65 -20.11
C ALA H 96 9.11 26.91 -19.38
N VAL H 97 8.89 26.95 -18.06
CA VAL H 97 9.41 28.00 -17.21
C VAL H 97 10.70 27.50 -16.58
N TYR H 98 11.79 28.23 -16.78
CA TYR H 98 13.11 27.86 -16.29
C TYR H 98 13.46 28.72 -15.08
N TYR H 99 13.94 28.07 -14.03
CA TYR H 99 14.26 28.73 -12.77
C TYR H 99 15.74 28.58 -12.48
N CYS H 100 16.39 29.70 -12.15
CA CYS H 100 17.73 29.65 -11.57
C CYS H 100 17.64 29.08 -10.16
N HIS H 101 18.56 28.20 -9.81
CA HIS H 101 18.50 27.49 -8.55
C HIS H 101 19.87 27.48 -7.88
N VAL H 102 19.87 27.55 -6.55
CA VAL H 102 21.08 27.45 -5.76
C VAL H 102 20.86 26.42 -4.67
N LEU H 103 21.77 25.47 -4.55
CA LEU H 103 21.71 24.41 -3.56
C LEU H 103 22.81 24.61 -2.54
N GLU H 104 22.45 24.61 -1.26
CA GLU H 104 23.37 24.83 -0.16
C GLU H 104 23.36 23.63 0.77
N ASP H 105 24.55 23.20 1.20
CA ASP H 105 24.69 22.05 2.07
C ASP H 105 24.66 22.53 3.52
N ARG H 106 23.77 21.95 4.32
CA ARG H 106 23.62 22.30 5.73
C ARG H 106 23.91 21.11 6.63
N VAL H 107 24.84 20.25 6.22
CA VAL H 107 25.29 19.12 7.03
C VAL H 107 24.22 18.03 7.05
N ASP H 108 23.11 18.29 7.74
CA ASP H 108 22.05 17.30 7.90
C ASP H 108 20.92 17.48 6.89
N SER H 109 21.03 18.43 5.96
CA SER H 109 19.99 18.65 4.97
C SER H 109 20.49 19.66 3.96
N PHE H 110 19.71 19.87 2.92
CA PHE H 110 20.02 20.81 1.85
C PHE H 110 18.98 21.91 1.81
N HIS H 111 19.41 23.10 1.41
CA HIS H 111 18.55 24.26 1.33
C HIS H 111 18.54 24.80 -0.10
N ASP H 112 17.35 25.17 -0.56
CA ASP H 112 17.14 25.62 -1.93
C ASP H 112 16.86 27.12 -1.97
N TYR H 113 17.48 27.79 -2.94
CA TYR H 113 17.15 29.18 -3.27
C TYR H 113 16.68 29.21 -4.71
N TRP H 114 15.54 29.86 -4.93
CA TRP H 114 14.86 29.83 -6.23
C TRP H 114 14.88 31.20 -6.87
N GLY H 115 14.86 31.20 -8.21
CA GLY H 115 14.71 32.44 -8.96
C GLY H 115 13.26 32.74 -9.30
N GLN H 116 13.06 33.87 -9.97
CA GLN H 116 11.71 34.28 -10.34
C GLN H 116 11.11 33.34 -11.38
N GLY H 117 11.88 33.00 -12.40
CA GLY H 117 11.40 32.15 -13.48
C GLY H 117 11.35 32.92 -14.78
N THR H 118 11.67 32.25 -15.88
CA THR H 118 11.66 32.85 -17.21
C THR H 118 11.01 31.89 -18.19
N GLN H 119 10.20 32.44 -19.09
CA GLN H 119 9.43 31.64 -20.04
C GLN H 119 10.26 31.37 -21.29
N VAL H 120 10.30 30.12 -21.72
CA VAL H 120 10.93 29.74 -22.98
C VAL H 120 9.91 28.97 -23.78
N THR H 121 9.51 29.52 -24.92
CA THR H 121 8.50 28.92 -25.78
C THR H 121 9.10 28.65 -27.15
N VAL H 122 9.05 27.39 -27.57
CA VAL H 122 9.59 26.99 -28.87
C VAL H 122 8.42 26.59 -29.77
N SER H 123 7.93 27.54 -30.56
CA SER H 123 6.81 27.30 -31.46
C SER H 123 7.22 27.69 -32.87
N SER H 124 6.96 26.81 -33.83
CA SER H 124 7.29 27.07 -35.22
C SER H 124 6.30 28.04 -35.85
N MET I 1 -9.69 27.84 27.59
CA MET I 1 -10.71 27.87 28.64
C MET I 1 -11.66 29.04 28.44
N PHE I 2 -11.15 30.15 27.92
CA PHE I 2 -12.01 31.29 27.64
C PHE I 2 -13.07 30.93 26.61
N ARG I 3 -12.67 30.21 25.55
CA ARG I 3 -13.64 29.74 24.57
C ARG I 3 -14.67 28.83 25.22
N LYS I 4 -14.22 27.89 26.06
CA LYS I 4 -15.14 26.96 26.69
C LYS I 4 -16.09 27.68 27.64
N LEU I 5 -15.57 28.62 28.43
CA LEU I 5 -16.43 29.36 29.35
C LEU I 5 -17.45 30.20 28.59
N ALA I 6 -17.03 30.84 27.49
CA ALA I 6 -17.96 31.60 26.69
C ALA I 6 -19.04 30.70 26.11
N ALA I 7 -18.66 29.51 25.64
CA ALA I 7 -19.64 28.58 25.09
C ALA I 7 -20.65 28.16 26.16
N GLU I 8 -20.17 27.84 27.36
CA GLU I 8 -21.08 27.44 28.43
C GLU I 8 -22.01 28.58 28.82
N CYS I 9 -21.48 29.80 28.91
CA CYS I 9 -22.30 30.95 29.26
C CYS I 9 -23.39 31.19 28.22
N PHE I 10 -23.02 31.17 26.93
CA PHE I 10 -24.00 31.37 25.88
C PHE I 10 -25.04 30.25 25.87
N GLY I 11 -24.61 29.01 26.08
CA GLY I 11 -25.55 27.91 26.11
C GLY I 11 -26.56 28.03 27.24
N THR I 12 -26.10 28.38 28.43
CA THR I 12 -27.03 28.54 29.55
C THR I 12 -27.94 29.74 29.33
N PHE I 13 -27.42 30.82 28.76
CA PHE I 13 -28.28 31.95 28.40
C PHE I 13 -29.37 31.51 27.46
N TRP I 14 -29.01 30.76 26.41
CA TRP I 14 -30.00 30.27 25.46
C TRP I 14 -31.04 29.40 26.14
N LEU I 15 -30.59 28.48 27.00
CA LEU I 15 -31.52 27.58 27.68
C LEU I 15 -32.53 28.38 28.51
N VAL I 16 -32.04 29.27 29.36
CA VAL I 16 -32.93 30.02 30.23
C VAL I 16 -33.86 30.90 29.41
N PHE I 17 -33.30 31.68 28.49
CA PHE I 17 -34.12 32.54 27.65
C PHE I 17 -35.23 31.74 26.99
N GLY I 18 -34.87 30.75 26.17
CA GLY I 18 -35.87 29.93 25.51
C GLY I 18 -36.93 29.38 26.44
N GLY I 19 -36.52 28.53 27.39
CA GLY I 19 -37.51 27.84 28.21
C GLY I 19 -38.35 28.78 29.05
N CYS I 20 -37.70 29.63 29.83
CA CYS I 20 -38.45 30.50 30.74
C CYS I 20 -39.28 31.53 29.97
N GLY I 21 -38.77 32.04 28.85
CA GLY I 21 -39.54 32.97 28.06
C GLY I 21 -40.76 32.32 27.42
N SER I 22 -40.62 31.08 26.96
CA SER I 22 -41.78 30.37 26.45
C SER I 22 -42.80 30.16 27.56
N ALA I 23 -42.33 29.84 28.77
CA ALA I 23 -43.25 29.66 29.89
C ALA I 23 -43.97 30.96 30.25
N VAL I 24 -43.25 32.08 30.24
CA VAL I 24 -43.76 33.34 30.76
C VAL I 24 -44.63 34.07 29.73
N LEU I 25 -44.23 34.04 28.46
CA LEU I 25 -44.88 34.86 27.44
C LEU I 25 -45.95 34.11 26.64
N ALA I 26 -45.83 32.79 26.48
CA ALA I 26 -46.67 32.06 25.55
C ALA I 26 -47.45 30.90 26.16
N ALA I 27 -47.07 30.43 27.35
CA ALA I 27 -47.72 29.23 27.88
C ALA I 27 -49.21 29.44 28.13
N GLY I 28 -49.57 30.58 28.70
CA GLY I 28 -50.94 30.83 29.09
C GLY I 28 -51.73 31.74 28.17
N PHE I 29 -51.26 31.93 26.94
CA PHE I 29 -51.95 32.83 26.03
C PHE I 29 -53.37 32.33 25.77
N PRO I 30 -54.36 33.22 25.72
CA PRO I 30 -55.76 32.78 25.64
C PRO I 30 -56.09 32.16 24.29
N GLU I 31 -56.56 30.92 24.32
CA GLU I 31 -57.15 30.24 23.17
C GLU I 31 -56.10 29.80 22.14
N LEU I 32 -54.84 30.18 22.37
CA LEU I 32 -53.79 29.79 21.44
C LEU I 32 -52.46 29.50 22.14
N GLY I 33 -52.44 29.48 23.47
CA GLY I 33 -51.19 29.24 24.17
C GLY I 33 -50.64 27.85 23.92
N ILE I 34 -49.33 27.73 24.14
CA ILE I 34 -48.65 26.47 23.82
C ILE I 34 -48.80 25.45 24.94
N GLY I 35 -48.97 25.91 26.18
CA GLY I 35 -49.18 25.00 27.28
C GLY I 35 -47.91 24.31 27.77
N PHE I 36 -48.13 23.33 28.65
CA PHE I 36 -47.02 22.59 29.23
C PHE I 36 -46.24 21.83 28.16
N ALA I 37 -46.95 21.24 27.19
CA ALA I 37 -46.26 20.51 26.14
C ALA I 37 -45.36 21.44 25.32
N GLY I 38 -45.86 22.63 25.00
CA GLY I 38 -45.04 23.60 24.28
C GLY I 38 -43.83 24.04 25.08
N VAL I 39 -44.01 24.26 26.39
CA VAL I 39 -42.89 24.65 27.23
C VAL I 39 -41.84 23.54 27.27
N ALA I 40 -42.27 22.30 27.41
CA ALA I 40 -41.33 21.18 27.43
C ALA I 40 -40.57 21.08 26.11
N LEU I 41 -41.28 21.23 24.99
CA LEU I 41 -40.61 21.21 23.70
C LEU I 41 -39.58 22.33 23.59
N ALA I 42 -39.92 23.53 24.06
CA ALA I 42 -38.96 24.63 23.99
C ALA I 42 -37.72 24.34 24.83
N PHE I 43 -37.91 23.81 26.04
CA PHE I 43 -36.78 23.49 26.88
C PHE I 43 -35.87 22.45 26.22
N GLY I 44 -36.47 21.42 25.62
CA GLY I 44 -35.66 20.42 24.93
C GLY I 44 -34.92 21.00 23.73
N LEU I 45 -35.60 21.85 22.96
CA LEU I 45 -35.00 22.38 21.74
C LEU I 45 -33.84 23.31 22.04
N THR I 46 -33.93 24.11 23.12
CA THR I 46 -32.80 24.96 23.47
C THR I 46 -31.54 24.13 23.63
N VAL I 47 -31.62 23.06 24.43
CA VAL I 47 -30.44 22.22 24.67
C VAL I 47 -30.00 21.54 23.39
N LEU I 48 -30.95 21.02 22.60
CA LEU I 48 -30.57 20.34 21.36
C LEU I 48 -29.79 21.26 20.43
N THR I 49 -30.33 22.44 20.15
CA THR I 49 -29.68 23.35 19.21
C THR I 49 -28.35 23.85 19.76
N MET I 50 -28.30 24.22 21.05
CA MET I 50 -27.05 24.72 21.60
C MET I 50 -25.98 23.64 21.65
N ALA I 51 -26.38 22.39 21.90
CA ALA I 51 -25.43 21.30 21.84
C ALA I 51 -24.86 21.16 20.43
N PHE I 52 -25.73 21.08 19.43
CA PHE I 52 -25.23 20.99 18.07
C PHE I 52 -24.31 22.16 17.73
N ALA I 53 -24.53 23.32 18.36
CA ALA I 53 -23.76 24.51 18.01
C ALA I 53 -22.39 24.55 18.68
N VAL I 54 -22.32 24.25 19.99
CA VAL I 54 -21.08 24.52 20.73
C VAL I 54 -20.61 23.33 21.58
N GLY I 55 -21.18 22.15 21.37
CA GLY I 55 -20.71 20.98 22.10
C GLY I 55 -19.32 20.58 21.71
N HIS I 56 -18.98 20.75 20.43
CA HIS I 56 -17.61 20.49 19.98
C HIS I 56 -16.62 21.46 20.58
N ILE I 57 -17.08 22.56 21.18
CA ILE I 57 -16.20 23.51 21.83
C ILE I 57 -16.08 23.18 23.31
N SER I 58 -17.20 23.19 24.02
CA SER I 58 -17.17 23.05 25.47
C SER I 58 -17.70 21.72 25.99
N GLY I 59 -18.31 20.91 25.15
CA GLY I 59 -18.99 19.71 25.59
C GLY I 59 -20.47 19.88 25.84
N GLY I 60 -20.96 21.11 25.89
CA GLY I 60 -22.39 21.37 25.99
C GLY I 60 -23.05 20.86 27.25
N HIS I 61 -22.64 21.37 28.40
CA HIS I 61 -23.27 21.00 29.67
C HIS I 61 -24.48 21.89 29.96
N PHE I 62 -24.25 23.20 30.06
CA PHE I 62 -25.32 24.18 30.30
C PHE I 62 -26.07 23.92 31.60
N ASN I 63 -25.49 23.13 32.49
CA ASN I 63 -26.18 22.70 33.71
C ASN I 63 -25.16 22.32 34.78
N PRO I 64 -25.16 22.98 35.94
CA PRO I 64 -24.22 22.58 37.00
C PRO I 64 -24.36 21.13 37.41
N ALA I 65 -25.59 20.62 37.47
CA ALA I 65 -25.80 19.23 37.82
C ALA I 65 -25.15 18.31 36.80
N VAL I 66 -25.23 18.66 35.51
CA VAL I 66 -24.60 17.84 34.48
C VAL I 66 -23.09 17.83 34.66
N THR I 67 -22.49 19.00 34.90
CA THR I 67 -21.04 19.07 35.07
C THR I 67 -20.60 18.23 36.27
N ILE I 68 -21.29 18.36 37.40
CA ILE I 68 -20.88 17.62 38.59
C ILE I 68 -21.10 16.13 38.41
N GLY I 69 -22.20 15.74 37.74
CA GLY I 69 -22.43 14.34 37.49
C GLY I 69 -21.41 13.74 36.54
N LEU I 70 -20.97 14.51 35.54
CA LEU I 70 -19.92 14.05 34.65
C LEU I 70 -18.60 13.91 35.40
N TRP I 71 -18.33 14.82 36.34
CA TRP I 71 -17.16 14.65 37.19
C TRP I 71 -17.25 13.36 38.00
N ALA I 72 -18.41 13.10 38.60
CA ALA I 72 -18.59 11.91 39.40
C ALA I 72 -18.52 10.63 38.57
N GLY I 73 -18.83 10.72 37.28
CA GLY I 73 -18.73 9.58 36.39
C GLY I 73 -17.34 9.33 35.84
N GLY I 74 -16.36 10.13 36.24
CA GLY I 74 -15.01 9.95 35.74
C GLY I 74 -14.78 10.45 34.33
N ARG I 75 -15.50 11.49 33.91
CA ARG I 75 -15.40 11.99 32.55
C ARG I 75 -15.05 13.47 32.47
N PHE I 76 -14.89 14.17 33.60
CA PHE I 76 -14.63 15.60 33.58
C PHE I 76 -13.65 15.95 34.69
N PRO I 77 -12.58 16.68 34.37
CA PRO I 77 -11.59 17.01 35.40
C PRO I 77 -12.18 17.88 36.50
N ALA I 78 -11.75 17.62 37.74
CA ALA I 78 -12.26 18.38 38.88
C ALA I 78 -11.85 19.84 38.81
N LYS I 79 -10.60 20.11 38.42
CA LYS I 79 -10.09 21.48 38.48
C LYS I 79 -10.86 22.43 37.57
N GLU I 80 -11.58 21.92 36.58
CA GLU I 80 -12.35 22.75 35.67
C GLU I 80 -13.80 22.95 36.11
N VAL I 81 -14.24 22.27 37.17
CA VAL I 81 -15.66 22.27 37.50
C VAL I 81 -16.11 23.67 37.89
N VAL I 82 -15.44 24.30 38.85
CA VAL I 82 -15.96 25.54 39.43
C VAL I 82 -16.17 26.57 38.34
N GLY I 83 -15.16 26.80 37.51
CA GLY I 83 -15.31 27.75 36.42
C GLY I 83 -16.58 27.51 35.64
N TYR I 84 -16.77 26.27 35.16
CA TYR I 84 -17.96 25.98 34.38
C TYR I 84 -19.21 26.44 35.12
N VAL I 85 -19.34 26.04 36.39
CA VAL I 85 -20.56 26.37 37.12
C VAL I 85 -20.77 27.87 37.10
N ILE I 86 -19.74 28.64 37.44
CA ILE I 86 -19.90 30.08 37.49
C ILE I 86 -20.43 30.59 36.16
N ALA I 87 -19.76 30.19 35.06
CA ALA I 87 -20.20 30.65 33.75
C ALA I 87 -21.69 30.36 33.58
N GLN I 88 -22.09 29.12 33.82
CA GLN I 88 -23.50 28.77 33.62
C GLN I 88 -24.39 29.72 34.39
N VAL I 89 -24.13 29.88 35.69
CA VAL I 89 -24.99 30.73 36.49
C VAL I 89 -25.06 32.12 35.87
N VAL I 90 -23.90 32.69 35.55
CA VAL I 90 -23.90 34.05 35.01
C VAL I 90 -24.81 34.12 33.79
N GLY I 91 -24.62 33.18 32.86
CA GLY I 91 -25.45 33.20 31.67
C GLY I 91 -26.92 33.24 32.03
N GLY I 92 -27.36 32.31 32.88
CA GLY I 92 -28.76 32.28 33.24
C GLY I 92 -29.23 33.63 33.74
N ILE I 93 -28.49 34.23 34.67
CA ILE I 93 -28.94 35.49 35.24
C ILE I 93 -29.16 36.50 34.14
N VAL I 94 -28.19 36.65 33.24
CA VAL I 94 -28.34 37.64 32.19
C VAL I 94 -29.63 37.39 31.43
N ALA I 95 -29.85 36.14 31.01
CA ALA I 95 -31.08 35.83 30.30
C ALA I 95 -32.29 36.30 31.08
N ALA I 96 -32.37 35.90 32.35
CA ALA I 96 -33.52 36.28 33.16
C ALA I 96 -33.73 37.79 33.10
N ALA I 97 -32.65 38.55 33.29
CA ALA I 97 -32.78 40.01 33.29
C ALA I 97 -33.46 40.46 32.01
N LEU I 98 -32.93 40.04 30.86
CA LEU I 98 -33.54 40.46 29.60
C LEU I 98 -34.99 40.02 29.55
N LEU I 99 -35.27 38.77 29.92
CA LEU I 99 -36.64 38.30 29.92
C LEU I 99 -37.51 39.23 30.75
N TYR I 100 -37.05 39.59 31.95
CA TYR I 100 -37.81 40.49 32.79
C TYR I 100 -38.17 41.75 32.01
N LEU I 101 -37.17 42.38 31.39
CA LEU I 101 -37.44 43.59 30.63
C LEU I 101 -38.53 43.36 29.61
N ILE I 102 -38.42 42.27 28.83
CA ILE I 102 -39.43 42.01 27.81
C ILE I 102 -40.80 41.83 28.46
N ALA I 103 -40.86 41.08 29.56
CA ALA I 103 -42.15 40.84 30.20
C ALA I 103 -42.76 42.13 30.70
N SER I 104 -41.93 43.15 30.94
CA SER I 104 -42.47 44.41 31.44
C SER I 104 -43.17 45.22 30.35
N GLY I 105 -43.05 44.83 29.09
CA GLY I 105 -43.67 45.57 28.01
C GLY I 105 -45.16 45.37 27.86
N LYS I 106 -45.75 44.46 28.64
CA LYS I 106 -47.18 44.18 28.59
C LYS I 106 -47.83 44.65 29.88
N THR I 107 -48.96 45.33 29.75
CA THR I 107 -49.65 45.87 30.92
C THR I 107 -50.10 44.75 31.85
N GLY I 108 -49.95 44.98 33.15
CA GLY I 108 -50.40 44.04 34.15
C GLY I 108 -49.40 42.98 34.57
N PHE I 109 -48.19 43.01 34.01
CA PHE I 109 -47.17 42.03 34.39
C PHE I 109 -46.73 42.25 35.83
N ASP I 110 -46.61 41.15 36.58
CA ASP I 110 -46.18 41.21 37.98
C ASP I 110 -45.37 39.95 38.25
N ALA I 111 -44.04 40.10 38.32
CA ALA I 111 -43.18 38.94 38.51
C ALA I 111 -43.45 38.25 39.84
N ALA I 112 -43.60 39.03 40.91
CA ALA I 112 -43.80 38.43 42.23
C ALA I 112 -45.08 37.63 42.29
N ALA I 113 -46.18 38.16 41.73
CA ALA I 113 -47.46 37.49 41.83
C ALA I 113 -47.53 36.28 40.91
N SER I 114 -47.00 36.41 39.69
CA SER I 114 -47.09 35.30 38.74
C SER I 114 -46.11 34.19 39.07
N GLY I 115 -45.01 34.50 39.74
CA GLY I 115 -43.99 33.53 40.06
C GLY I 115 -42.80 33.53 39.13
N PHE I 116 -42.95 34.12 37.94
CA PHE I 116 -41.85 34.23 36.98
C PHE I 116 -41.25 32.87 36.66
N ALA I 117 -42.10 31.85 36.56
CA ALA I 117 -41.68 30.50 36.19
C ALA I 117 -40.63 29.96 37.16
N SER I 118 -40.83 30.21 38.46
CA SER I 118 -39.91 29.75 39.48
C SER I 118 -40.28 28.35 39.94
N ASN I 119 -39.26 27.60 40.37
CA ASN I 119 -39.48 26.26 40.89
C ASN I 119 -39.88 26.32 42.36
N GLY I 120 -40.81 25.45 42.74
CA GLY I 120 -41.26 25.41 44.12
C GLY I 120 -41.92 24.09 44.43
N TYR I 121 -42.13 23.86 45.73
CA TYR I 121 -42.75 22.63 46.20
C TYR I 121 -43.79 22.96 47.25
N GLY I 122 -44.55 21.95 47.65
CA GLY I 122 -45.54 22.15 48.69
C GLY I 122 -46.56 23.19 48.28
N GLU I 123 -46.73 24.20 49.13
CA GLU I 123 -47.74 25.23 48.87
C GLU I 123 -47.48 25.97 47.57
N HIS I 124 -46.23 25.99 47.11
CA HIS I 124 -45.86 26.71 45.89
C HIS I 124 -45.68 25.78 44.70
N SER I 125 -46.10 24.53 44.81
CA SER I 125 -46.07 23.63 43.66
C SER I 125 -47.25 23.94 42.74
N PRO I 126 -47.05 23.86 41.42
CA PRO I 126 -48.17 24.16 40.50
C PRO I 126 -49.38 23.27 40.73
N GLY I 127 -49.17 22.00 41.07
CA GLY I 127 -50.24 21.07 41.33
C GLY I 127 -50.50 20.79 42.79
N GLY I 128 -49.89 21.53 43.70
CA GLY I 128 -50.09 21.28 45.13
C GLY I 128 -49.54 19.96 45.62
N TYR I 129 -48.34 19.60 45.19
CA TYR I 129 -47.69 18.37 45.64
C TYR I 129 -46.83 18.63 46.86
N SER I 130 -46.61 17.58 47.65
CA SER I 130 -45.86 17.69 48.88
C SER I 130 -44.37 17.74 48.61
N MET I 131 -43.59 18.01 49.67
CA MET I 131 -42.15 18.08 49.54
C MET I 131 -41.56 16.73 49.16
N LEU I 132 -42.10 15.64 49.72
CA LEU I 132 -41.56 14.31 49.43
C LEU I 132 -41.71 13.97 47.95
N SER I 133 -42.86 14.29 47.36
CA SER I 133 -43.06 14.04 45.94
C SER I 133 -42.05 14.79 45.10
N ALA I 134 -41.82 16.07 45.43
CA ALA I 134 -40.84 16.86 44.70
C ALA I 134 -39.46 16.24 44.82
N LEU I 135 -39.07 15.84 46.03
CA LEU I 135 -37.75 15.24 46.22
C LEU I 135 -37.59 13.99 45.38
N VAL I 136 -38.58 13.09 45.44
CA VAL I 136 -38.46 11.83 44.71
C VAL I 136 -38.39 12.07 43.21
N VAL I 137 -39.27 12.93 42.69
CA VAL I 137 -39.31 13.15 41.26
C VAL I 137 -38.01 13.80 40.78
N GLU I 138 -37.53 14.81 41.51
CA GLU I 138 -36.30 15.48 41.10
C GLU I 138 -35.11 14.51 41.14
N LEU I 139 -35.01 13.72 42.20
CA LEU I 139 -33.90 12.76 42.29
C LEU I 139 -33.93 11.79 41.12
N VAL I 140 -35.09 11.17 40.87
CA VAL I 140 -35.17 10.15 39.82
C VAL I 140 -34.88 10.77 38.46
N LEU I 141 -35.46 11.92 38.18
CA LEU I 141 -35.28 12.52 36.85
C LEU I 141 -33.85 13.00 36.64
N SER I 142 -33.21 13.55 37.67
CA SER I 142 -31.81 13.94 37.54
C SER I 142 -30.92 12.72 37.29
N ALA I 143 -31.16 11.64 38.03
CA ALA I 143 -30.37 10.43 37.81
C ALA I 143 -30.55 9.91 36.40
N GLY I 144 -31.80 9.86 35.92
CA GLY I 144 -32.04 9.40 34.56
C GLY I 144 -31.39 10.29 33.52
N PHE I 145 -31.45 11.61 33.72
CA PHE I 145 -30.82 12.54 32.79
C PHE I 145 -29.32 12.28 32.71
N LEU I 146 -28.66 12.14 33.86
CA LEU I 146 -27.22 11.89 33.84
C LEU I 146 -26.90 10.54 33.22
N LEU I 147 -27.73 9.54 33.47
CA LEU I 147 -27.50 8.24 32.85
C LEU I 147 -27.60 8.33 31.33
N VAL I 148 -28.61 9.05 30.83
CA VAL I 148 -28.76 9.22 29.39
C VAL I 148 -27.55 9.96 28.81
N ILE I 149 -27.10 11.00 29.50
CA ILE I 149 -25.96 11.77 29.00
C ILE I 149 -24.71 10.90 28.94
N HIS I 150 -24.46 10.11 29.99
CA HIS I 150 -23.30 9.23 29.99
C HIS I 150 -23.38 8.19 28.89
N GLY I 151 -24.55 7.57 28.71
CA GLY I 151 -24.69 6.53 27.71
C GLY I 151 -24.55 7.05 26.29
N ALA I 152 -25.17 8.20 26.00
CA ALA I 152 -25.19 8.71 24.64
C ALA I 152 -23.83 9.19 24.19
N THR I 153 -23.00 9.68 25.11
CA THR I 153 -21.67 10.16 24.77
C THR I 153 -20.60 9.08 24.87
N ASP I 154 -20.99 7.84 25.18
CA ASP I 154 -20.04 6.74 25.23
C ASP I 154 -19.43 6.51 23.85
N LYS I 155 -18.16 6.08 23.85
CA LYS I 155 -17.45 5.89 22.59
C LYS I 155 -18.07 4.81 21.72
N PHE I 156 -18.90 3.94 22.28
CA PHE I 156 -19.55 2.88 21.52
C PHE I 156 -20.96 3.26 21.06
N ALA I 157 -21.44 4.44 21.40
CA ALA I 157 -22.74 4.91 20.96
C ALA I 157 -22.65 5.51 19.56
N PRO I 158 -23.78 5.63 18.86
CA PRO I 158 -23.76 6.25 17.53
C PRO I 158 -23.17 7.64 17.59
N ALA I 159 -22.29 7.94 16.63
CA ALA I 159 -21.54 9.19 16.65
C ALA I 159 -22.36 10.33 16.08
N GLY I 160 -22.41 11.44 16.81
CA GLY I 160 -23.10 12.64 16.36
C GLY I 160 -24.55 12.74 16.78
N PHE I 161 -25.12 11.71 17.38
CA PHE I 161 -26.54 11.70 17.74
C PHE I 161 -26.79 12.16 19.18
N ALA I 162 -25.74 12.40 19.96
CA ALA I 162 -25.94 12.71 21.38
C ALA I 162 -26.80 13.93 21.62
N PRO I 163 -26.62 15.05 20.90
CA PRO I 163 -27.47 16.22 21.18
C PRO I 163 -28.95 15.93 21.06
N ILE I 164 -29.35 15.13 20.06
CA ILE I 164 -30.76 14.81 19.89
C ILE I 164 -31.29 14.06 21.10
N ALA I 165 -30.55 13.04 21.53
CA ALA I 165 -30.99 12.25 22.68
C ALA I 165 -31.09 13.10 23.93
N ILE I 166 -30.08 13.95 24.18
CA ILE I 166 -30.07 14.74 25.40
C ILE I 166 -31.20 15.77 25.40
N GLY I 167 -31.40 16.46 24.27
CA GLY I 167 -32.48 17.43 24.21
C GLY I 167 -33.85 16.80 24.37
N LEU I 168 -34.09 15.67 23.68
CA LEU I 168 -35.38 15.02 23.81
C LEU I 168 -35.57 14.46 25.21
N ALA I 169 -34.49 14.03 25.88
CA ALA I 169 -34.60 13.62 27.27
C ALA I 169 -35.05 14.76 28.16
N LEU I 170 -34.48 15.97 27.94
CA LEU I 170 -34.93 17.12 28.73
C LEU I 170 -36.40 17.42 28.45
N THR I 171 -36.82 17.34 27.20
CA THR I 171 -38.24 17.53 26.88
C THR I 171 -39.11 16.54 27.62
N LEU I 172 -38.71 15.27 27.64
CA LEU I 172 -39.49 14.25 28.34
C LEU I 172 -39.54 14.54 29.84
N ILE I 173 -38.42 14.95 30.42
CA ILE I 173 -38.39 15.26 31.85
C ILE I 173 -39.38 16.37 32.17
N HIS I 174 -39.41 17.41 31.34
CA HIS I 174 -40.40 18.48 31.57
C HIS I 174 -41.81 17.96 31.44
N LEU I 175 -42.09 17.19 30.39
CA LEU I 175 -43.42 16.62 30.18
C LEU I 175 -43.87 15.85 31.41
N ILE I 176 -42.95 15.16 32.07
CA ILE I 176 -43.31 14.38 33.25
C ILE I 176 -43.55 15.29 34.45
N SER I 177 -42.61 16.18 34.74
CA SER I 177 -42.51 16.76 36.07
C SER I 177 -42.97 18.20 36.20
N ILE I 178 -43.44 18.85 35.13
CA ILE I 178 -43.85 20.25 35.25
C ILE I 178 -44.91 20.43 36.34
N PRO I 179 -45.95 19.62 36.42
CA PRO I 179 -46.99 19.85 37.44
C PRO I 179 -46.49 19.71 38.88
N VAL I 180 -45.39 19.01 39.12
CA VAL I 180 -44.98 18.73 40.48
C VAL I 180 -44.15 19.88 41.05
N THR I 181 -43.05 20.24 40.37
CA THR I 181 -42.14 21.25 40.88
C THR I 181 -41.80 22.33 39.86
N ASN I 182 -42.33 22.26 38.65
CA ASN I 182 -41.97 23.12 37.52
C ASN I 182 -40.70 22.64 36.85
N THR I 183 -40.21 21.44 37.16
CA THR I 183 -39.16 20.78 36.39
C THR I 183 -37.87 21.60 36.34
N SER I 184 -37.19 21.68 37.48
CA SER I 184 -35.90 22.36 37.51
C SER I 184 -34.79 21.49 36.94
N VAL I 185 -34.46 20.40 37.63
CA VAL I 185 -33.29 19.56 37.32
C VAL I 185 -32.10 20.37 36.83
N ASN I 186 -32.04 21.66 37.18
CA ASN I 186 -30.98 22.55 36.72
C ASN I 186 -30.85 23.72 37.69
N PRO I 187 -29.86 23.68 38.59
CA PRO I 187 -29.76 24.75 39.60
C PRO I 187 -29.63 26.15 39.02
N ALA I 188 -28.90 26.31 37.91
CA ALA I 188 -28.71 27.64 37.33
C ALA I 188 -30.03 28.21 36.83
N ARG I 189 -30.84 27.38 36.16
CA ARG I 189 -32.14 27.84 35.68
C ARG I 189 -33.04 28.25 36.83
N SER I 190 -33.01 27.49 37.93
CA SER I 190 -33.82 27.84 39.09
C SER I 190 -33.36 29.17 39.68
N THR I 191 -32.04 29.34 39.83
CA THR I 191 -31.51 30.55 40.44
C THR I 191 -31.85 31.79 39.61
N ALA I 192 -31.72 31.68 38.29
CA ALA I 192 -31.91 32.85 37.43
C ALA I 192 -33.28 33.47 37.63
N VAL I 193 -34.33 32.65 37.69
CA VAL I 193 -35.67 33.18 37.86
C VAL I 193 -36.01 33.44 39.32
N ALA I 194 -35.43 32.67 40.25
CA ALA I 194 -35.70 32.91 41.67
C ALA I 194 -35.19 34.28 42.08
N ILE I 195 -34.06 34.72 41.51
CA ILE I 195 -33.52 36.03 41.87
C ILE I 195 -34.54 37.13 41.55
N PHE I 196 -35.18 37.05 40.39
CA PHE I 196 -36.10 38.09 39.97
C PHE I 196 -37.49 37.93 40.57
N GLN I 197 -37.88 36.72 40.97
CA GLN I 197 -39.13 36.56 41.71
C GLN I 197 -39.05 37.30 43.04
N GLY I 198 -37.95 37.11 43.77
CA GLY I 198 -37.64 37.91 44.93
C GLY I 198 -38.37 37.54 46.22
N GLY I 199 -39.23 36.52 46.19
CA GLY I 199 -40.01 36.18 47.36
C GLY I 199 -39.78 34.77 47.87
N TRP I 200 -40.84 33.97 47.87
CA TRP I 200 -40.74 32.59 48.33
C TRP I 200 -39.76 31.78 47.49
N ALA I 201 -39.50 32.20 46.25
CA ALA I 201 -38.59 31.44 45.40
C ALA I 201 -37.19 31.38 46.00
N LEU I 202 -36.72 32.49 46.57
CA LEU I 202 -35.40 32.49 47.18
C LEU I 202 -35.36 31.66 48.46
N GLU I 203 -36.49 31.56 49.16
CA GLU I 203 -36.53 30.76 50.38
C GLU I 203 -36.34 29.28 50.06
N GLN I 204 -36.92 28.80 48.97
CA GLN I 204 -36.86 27.40 48.58
C GLN I 204 -35.73 27.09 47.62
N LEU I 205 -34.90 28.08 47.28
CA LEU I 205 -33.89 27.88 46.23
C LEU I 205 -32.91 26.77 46.62
N TRP I 206 -32.52 26.70 47.89
CA TRP I 206 -31.57 25.69 48.32
C TRP I 206 -32.00 24.29 47.88
N PHE I 207 -33.30 23.99 47.97
CA PHE I 207 -33.79 22.65 47.64
C PHE I 207 -33.41 22.27 46.21
N PHE I 208 -33.40 23.23 45.30
CA PHE I 208 -33.12 22.97 43.90
C PHE I 208 -31.66 23.09 43.55
N TRP I 209 -30.80 23.31 44.55
CA TRP I 209 -29.37 23.15 44.37
C TRP I 209 -28.85 21.82 44.90
N VAL I 210 -29.52 21.26 45.90
CA VAL I 210 -29.07 20.02 46.53
C VAL I 210 -29.63 18.80 45.82
N VAL I 211 -30.95 18.75 45.65
CA VAL I 211 -31.58 17.54 45.09
C VAL I 211 -31.09 17.24 43.68
N PRO I 212 -31.11 18.18 42.73
CA PRO I 212 -30.60 17.86 41.39
C PRO I 212 -29.16 17.38 41.41
N ILE I 213 -28.25 18.13 42.02
CA ILE I 213 -26.85 17.76 42.00
C ILE I 213 -26.67 16.35 42.54
N VAL I 214 -27.23 16.08 43.72
CA VAL I 214 -27.13 14.73 44.28
C VAL I 214 -27.62 13.71 43.27
N GLY I 215 -28.81 13.94 42.69
CA GLY I 215 -29.31 13.02 41.70
C GLY I 215 -28.32 12.80 40.58
N GLY I 216 -27.77 13.90 40.05
CA GLY I 216 -26.79 13.76 38.99
C GLY I 216 -25.65 12.86 39.40
N ILE I 217 -25.11 13.08 40.61
CA ILE I 217 -24.02 12.25 41.07
C ILE I 217 -24.42 10.78 41.02
N ILE I 218 -25.60 10.47 41.55
CA ILE I 218 -26.05 9.08 41.56
C ILE I 218 -26.02 8.53 40.14
N GLY I 219 -26.60 9.28 39.20
CA GLY I 219 -26.60 8.82 37.82
C GLY I 219 -25.21 8.48 37.36
N GLY I 220 -24.27 9.41 37.53
CA GLY I 220 -22.91 9.13 37.12
C GLY I 220 -22.40 7.85 37.74
N LEU I 221 -22.55 7.71 39.06
CA LEU I 221 -22.04 6.53 39.73
C LEU I 221 -22.58 5.28 39.08
N ILE I 222 -23.88 5.25 38.79
CA ILE I 222 -24.47 4.05 38.21
C ILE I 222 -23.73 3.69 36.93
N TYR I 223 -23.61 4.65 36.01
CA TYR I 223 -22.98 4.32 34.74
C TYR I 223 -21.53 3.94 34.95
N ARG I 224 -20.90 4.50 35.99
CA ARG I 224 -19.49 4.19 36.22
C ARG I 224 -19.30 2.78 36.74
N THR I 225 -20.30 2.25 37.46
CA THR I 225 -20.08 1.01 38.20
C THR I 225 -20.86 -0.18 37.65
N LEU I 226 -21.97 0.05 36.94
CA LEU I 226 -22.81 -1.05 36.49
C LEU I 226 -22.91 -1.19 34.98
N LEU I 227 -22.68 -0.13 34.20
CA LEU I 227 -22.93 -0.17 32.77
C LEU I 227 -21.70 0.03 31.91
N ARG I 228 -20.75 0.86 32.32
CA ARG I 228 -19.57 1.07 31.51
C ARG I 228 -18.73 -0.20 31.42
N ALA I 229 -18.20 -0.46 30.22
CA ALA I 229 -17.36 -1.62 30.00
C ALA I 229 -15.93 -1.36 30.47
N SER I 230 -15.35 -2.33 31.14
CA SER I 230 -13.99 -2.21 31.63
C SER I 230 -12.99 -2.39 30.48
N ARG I 231 -11.72 -2.12 30.78
CA ARG I 231 -10.66 -2.28 29.78
C ARG I 231 -10.58 -3.71 29.28
N LEU I 232 -10.62 -4.67 30.21
CA LEU I 232 -10.60 -6.07 29.82
C LEU I 232 -11.81 -6.43 28.97
N GLU I 233 -12.99 -5.90 29.32
CA GLU I 233 -14.18 -6.19 28.54
C GLU I 233 -14.08 -5.62 27.13
N GLU I 234 -13.53 -4.41 27.00
CA GLU I 234 -13.32 -3.84 25.67
C GLU I 234 -12.39 -4.71 24.84
N GLU I 235 -11.28 -5.16 25.46
CA GLU I 235 -10.35 -6.02 24.73
C GLU I 235 -11.01 -7.33 24.34
N LEU I 236 -11.82 -7.89 25.24
CA LEU I 236 -12.50 -9.15 24.94
C LEU I 236 -13.47 -8.98 23.77
N ARG I 237 -14.22 -7.87 23.75
CA ARG I 237 -15.12 -7.64 22.63
C ARG I 237 -14.34 -7.50 21.32
N ARG I 238 -13.25 -6.74 21.35
CA ARG I 238 -12.43 -6.58 20.15
C ARG I 238 -11.94 -7.94 19.65
N ARG I 239 -11.46 -8.79 20.56
CA ARG I 239 -10.98 -10.10 20.13
C ARG I 239 -12.11 -11.00 19.65
N LEU I 240 -13.30 -10.90 20.26
CA LEU I 240 -14.44 -11.70 19.84
C LEU I 240 -15.01 -11.26 18.50
N THR I 241 -14.70 -10.05 18.04
CA THR I 241 -15.14 -9.58 16.74
C THR I 241 -14.03 -9.61 15.69
N GLU I 242 -13.18 -10.65 15.73
CA GLU I 242 -12.10 -10.78 14.76
C GLU I 242 -12.35 -11.98 13.85
N PRO I 243 -12.27 -11.80 12.53
CA PRO I 243 -12.50 -12.92 11.62
C PRO I 243 -11.40 -13.98 11.75
N GLY I 244 -11.76 -15.23 11.50
CA GLY I 244 -10.83 -16.32 11.57
C GLY I 244 -10.89 -17.27 10.38
N GLU J 3 4.15 -18.51 37.00
CA GLU J 3 3.17 -18.16 35.98
C GLU J 3 1.96 -19.08 36.06
N VAL J 4 0.95 -18.79 35.24
CA VAL J 4 -0.30 -19.53 35.27
C VAL J 4 -0.17 -20.78 34.40
N GLN J 5 -0.70 -21.90 34.89
CA GLN J 5 -0.72 -23.16 34.17
C GLN J 5 -2.17 -23.59 33.97
N LEU J 6 -2.52 -23.89 32.72
CA LEU J 6 -3.89 -24.25 32.37
C LEU J 6 -3.94 -25.70 31.93
N GLN J 7 -4.86 -26.47 32.52
CA GLN J 7 -5.06 -27.87 32.20
C GLN J 7 -6.51 -28.05 31.72
N GLU J 8 -6.67 -28.54 30.50
CA GLU J 8 -7.98 -28.71 29.90
C GLU J 8 -8.41 -30.17 29.97
N SER J 9 -9.67 -30.41 29.65
CA SER J 9 -10.23 -31.76 29.64
C SER J 9 -11.44 -31.76 28.70
N GLY J 10 -12.04 -32.93 28.54
CA GLY J 10 -13.20 -33.07 27.68
C GLY J 10 -12.83 -33.06 26.21
N GLY J 11 -13.86 -32.99 25.38
CA GLY J 11 -13.69 -32.99 23.94
C GLY J 11 -13.61 -34.39 23.37
N GLY J 12 -13.55 -34.45 22.05
CA GLY J 12 -13.47 -35.72 21.36
C GLY J 12 -14.37 -35.72 20.13
N LEU J 13 -14.94 -36.88 19.85
CA LEU J 13 -15.76 -37.11 18.67
C LEU J 13 -17.24 -37.03 19.03
N VAL J 14 -18.01 -36.36 18.17
CA VAL J 14 -19.45 -36.23 18.38
C VAL J 14 -20.11 -36.06 17.01
N GLN J 15 -21.27 -36.69 16.84
CA GLN J 15 -22.03 -36.55 15.62
C GLN J 15 -22.77 -35.22 15.60
N PRO J 16 -23.17 -34.76 14.42
CA PRO J 16 -23.86 -33.46 14.34
C PRO J 16 -25.13 -33.46 15.18
N GLY J 17 -25.39 -32.31 15.81
CA GLY J 17 -26.52 -32.16 16.69
C GLY J 17 -26.28 -32.61 18.12
N GLY J 18 -25.11 -33.14 18.43
CA GLY J 18 -24.79 -33.57 19.78
C GLY J 18 -24.30 -32.42 20.63
N SER J 19 -23.92 -32.75 21.86
CA SER J 19 -23.45 -31.78 22.82
C SER J 19 -22.16 -32.26 23.47
N LEU J 20 -21.33 -31.30 23.88
CA LEU J 20 -20.06 -31.59 24.52
C LEU J 20 -19.81 -30.59 25.63
N ARG J 21 -18.94 -30.94 26.56
CA ARG J 21 -18.59 -30.07 27.67
C ARG J 21 -17.08 -30.09 27.87
N LEU J 22 -16.43 -28.95 27.63
CA LEU J 22 -15.02 -28.78 27.90
C LEU J 22 -14.83 -28.09 29.25
N SER J 23 -13.76 -28.45 29.93
CA SER J 23 -13.44 -27.85 31.22
C SER J 23 -11.97 -27.48 31.24
N CYS J 24 -11.63 -26.48 32.05
CA CYS J 24 -10.25 -26.04 32.17
C CYS J 24 -10.03 -25.54 33.59
N THR J 25 -8.89 -25.90 34.17
CA THR J 25 -8.53 -25.51 35.53
C THR J 25 -7.17 -24.82 35.51
N ALA J 26 -7.04 -23.81 36.35
CA ALA J 26 -5.81 -23.03 36.44
C ALA J 26 -5.07 -23.36 37.74
N SER J 27 -3.75 -23.28 37.67
CA SER J 27 -2.90 -23.56 38.82
C SER J 27 -1.68 -22.66 38.76
N GLY J 28 -1.00 -22.55 39.89
CA GLY J 28 0.15 -21.68 40.00
C GLY J 28 -0.17 -20.21 40.19
N VAL J 29 -1.42 -19.89 40.53
CA VAL J 29 -1.84 -18.50 40.74
C VAL J 29 -2.84 -18.48 41.88
N THR J 30 -2.75 -17.45 42.71
CA THR J 30 -3.68 -17.31 43.82
C THR J 30 -5.07 -16.92 43.33
N ILE J 31 -6.07 -17.20 44.16
CA ILE J 31 -7.45 -16.91 43.78
C ILE J 31 -7.65 -15.41 43.57
N SER J 32 -7.10 -14.60 44.47
CA SER J 32 -7.27 -13.15 44.35
C SER J 32 -6.63 -12.64 43.06
N ALA J 33 -5.44 -13.13 42.72
CA ALA J 33 -4.79 -12.69 41.50
C ALA J 33 -5.57 -13.11 40.26
N LEU J 34 -6.12 -14.33 40.26
CA LEU J 34 -6.86 -14.79 39.11
C LEU J 34 -8.20 -14.07 38.97
N ASN J 35 -8.78 -13.63 40.08
CA ASN J 35 -10.06 -12.93 40.01
C ASN J 35 -9.99 -11.65 39.21
N ALA J 36 -8.79 -11.09 39.02
CA ALA J 36 -8.60 -9.88 38.25
C ALA J 36 -8.27 -10.15 36.78
N MET J 37 -8.47 -11.38 36.32
CA MET J 37 -8.17 -11.77 34.95
C MET J 37 -9.42 -12.32 34.28
N ALA J 38 -9.38 -12.36 32.94
CA ALA J 38 -10.47 -12.91 32.16
C ALA J 38 -10.15 -14.34 31.75
N MET J 39 -11.16 -15.19 31.73
CA MET J 39 -10.99 -16.60 31.39
C MET J 39 -11.88 -16.95 30.20
N GLY J 40 -11.30 -17.51 29.15
CA GLY J 40 -12.07 -17.78 27.95
C GLY J 40 -11.60 -18.95 27.12
N TRP J 41 -12.14 -19.05 25.90
CA TRP J 41 -11.85 -20.17 25.02
C TRP J 41 -11.53 -19.64 23.63
N TYR J 42 -10.40 -20.10 23.08
CA TYR J 42 -10.04 -19.88 21.69
C TYR J 42 -10.29 -21.17 20.91
N ARG J 43 -10.37 -21.04 19.59
CA ARG J 43 -10.48 -22.23 18.75
C ARG J 43 -9.79 -21.98 17.42
N GLN J 44 -9.12 -23.00 16.92
CA GLN J 44 -8.45 -22.95 15.61
C GLN J 44 -8.97 -24.12 14.77
N ALA J 45 -9.53 -23.80 13.62
CA ALA J 45 -9.99 -24.82 12.69
C ALA J 45 -8.91 -25.07 11.63
N PRO J 46 -8.93 -26.25 10.99
CA PRO J 46 -7.86 -26.61 10.06
C PRO J 46 -7.55 -25.52 9.04
N GLY J 47 -6.35 -24.96 9.12
CA GLY J 47 -5.89 -23.98 8.15
C GLY J 47 -6.34 -22.56 8.39
N GLU J 48 -6.92 -22.25 9.55
CA GLU J 48 -7.44 -20.93 9.81
C GLU J 48 -6.79 -20.32 11.06
N ARG J 49 -7.29 -19.16 11.44
CA ARG J 49 -6.79 -18.43 12.60
C ARG J 49 -7.12 -19.16 13.89
N ARG J 50 -6.42 -18.78 14.95
CA ARG J 50 -6.85 -19.10 16.31
C ARG J 50 -7.57 -17.90 16.88
N VAL J 51 -8.90 -18.01 17.03
CA VAL J 51 -9.73 -16.87 17.39
C VAL J 51 -10.57 -17.20 18.61
N MET J 52 -10.94 -16.17 19.36
CA MET J 52 -11.73 -16.31 20.57
C MET J 52 -13.20 -16.55 20.22
N VAL J 53 -13.84 -17.44 20.98
CA VAL J 53 -15.24 -17.78 20.74
C VAL J 53 -16.11 -17.38 21.92
N ALA J 54 -15.54 -17.41 23.12
CA ALA J 54 -16.32 -17.08 24.31
C ALA J 54 -15.36 -16.69 25.43
N ALA J 55 -15.87 -15.94 26.40
CA ALA J 55 -15.05 -15.50 27.51
C ALA J 55 -15.93 -15.07 28.67
N VAL J 56 -15.34 -15.02 29.86
CA VAL J 56 -15.96 -14.45 31.04
C VAL J 56 -14.96 -13.47 31.64
N SER J 57 -15.39 -12.22 31.81
CA SER J 57 -14.51 -11.17 32.28
C SER J 57 -14.35 -11.22 33.80
N GLU J 58 -13.47 -10.38 34.32
CA GLU J 58 -13.18 -10.35 35.75
C GLU J 58 -14.41 -10.01 36.57
N ARG J 59 -15.41 -9.38 35.97
CA ARG J 59 -16.63 -9.02 36.68
C ARG J 59 -17.75 -10.04 36.50
N GLY J 60 -17.50 -11.14 35.79
CA GLY J 60 -18.48 -12.18 35.62
C GLY J 60 -19.41 -12.02 34.44
N ASN J 61 -19.06 -11.17 33.47
CA ASN J 61 -19.90 -10.96 32.29
C ASN J 61 -19.50 -11.94 31.20
N ALA J 62 -20.45 -12.78 30.79
CA ALA J 62 -20.20 -13.74 29.73
C ALA J 62 -20.36 -13.09 28.37
N MET J 63 -19.36 -13.27 27.51
CA MET J 63 -19.32 -12.67 26.19
C MET J 63 -19.08 -13.75 25.15
N TYR J 64 -19.72 -13.63 23.99
CA TYR J 64 -19.70 -14.66 22.97
C TYR J 64 -19.40 -14.06 21.61
N ARG J 65 -18.81 -14.88 20.74
CA ARG J 65 -18.72 -14.54 19.33
C ARG J 65 -20.10 -14.68 18.68
N GLU J 66 -20.37 -13.80 17.70
CA GLU J 66 -21.71 -13.73 17.14
C GLU J 66 -22.13 -15.07 16.53
N SER J 67 -21.23 -15.73 15.81
CA SER J 67 -21.57 -16.95 15.10
C SER J 67 -21.81 -18.13 16.03
N VAL J 68 -21.49 -18.03 17.31
CA VAL J 68 -21.64 -19.14 18.24
C VAL J 68 -22.64 -18.84 19.35
N GLN J 69 -23.03 -17.58 19.53
CA GLN J 69 -24.01 -17.27 20.58
C GLN J 69 -25.34 -17.92 20.26
N GLY J 70 -25.97 -18.49 21.28
CA GLY J 70 -27.17 -19.27 21.13
C GLY J 70 -26.94 -20.78 21.13
N ARG J 71 -25.71 -21.22 20.91
CA ARG J 71 -25.36 -22.62 21.00
C ARG J 71 -24.30 -22.93 22.05
N PHE J 72 -23.46 -21.96 22.41
CA PHE J 72 -22.40 -22.14 23.39
C PHE J 72 -22.77 -21.43 24.69
N THR J 73 -22.38 -22.02 25.80
CA THR J 73 -22.59 -21.44 27.13
C THR J 73 -21.30 -21.54 27.92
N VAL J 74 -20.72 -20.39 28.27
CA VAL J 74 -19.47 -20.34 29.01
C VAL J 74 -19.77 -20.01 30.46
N THR J 75 -19.20 -20.79 31.38
CA THR J 75 -19.40 -20.60 32.80
C THR J 75 -18.05 -20.51 33.50
N ARG J 76 -17.98 -19.73 34.57
CA ARG J 76 -16.75 -19.53 35.32
C ARG J 76 -17.01 -19.74 36.80
N ASP J 77 -16.17 -20.54 37.45
CA ASP J 77 -16.19 -20.75 38.88
C ASP J 77 -14.94 -20.07 39.44
N PHE J 78 -15.15 -18.94 40.12
CA PHE J 78 -14.02 -18.16 40.63
C PHE J 78 -13.33 -18.86 41.79
N THR J 79 -14.10 -19.45 42.69
CA THR J 79 -13.52 -20.12 43.85
C THR J 79 -12.64 -21.30 43.43
N ASN J 80 -13.11 -22.09 42.48
CA ASN J 80 -12.38 -23.26 42.00
C ASN J 80 -11.40 -22.94 40.88
N LYS J 81 -11.31 -21.67 40.47
CA LYS J 81 -10.41 -21.27 39.40
C LYS J 81 -10.66 -22.09 38.13
N MET J 82 -11.93 -22.29 37.79
CA MET J 82 -12.30 -23.17 36.69
C MET J 82 -13.12 -22.42 35.67
N VAL J 83 -13.00 -22.80 34.41
CA VAL J 83 -13.82 -22.26 33.33
C VAL J 83 -14.29 -23.41 32.46
N SER J 84 -15.58 -23.44 32.15
CA SER J 84 -16.17 -24.53 31.40
C SER J 84 -16.98 -23.98 30.22
N LEU J 85 -17.06 -24.78 29.17
CA LEU J 85 -17.79 -24.44 27.95
C LEU J 85 -18.72 -25.59 27.60
N GLN J 86 -20.00 -25.28 27.40
CA GLN J 86 -20.99 -26.25 27.00
C GLN J 86 -21.45 -25.95 25.58
N MET J 87 -21.34 -26.94 24.70
CA MET J 87 -21.67 -26.79 23.30
C MET J 87 -22.86 -27.69 22.97
N ASP J 88 -23.91 -27.10 22.41
CA ASP J 88 -25.13 -27.81 22.04
C ASP J 88 -25.45 -27.54 20.58
N ASN J 89 -26.06 -28.53 19.94
CA ASN J 89 -26.41 -28.46 18.52
C ASN J 89 -25.14 -28.13 17.73
N LEU J 90 -24.24 -29.11 17.72
CA LEU J 90 -22.95 -28.96 17.08
C LEU J 90 -23.09 -29.08 15.57
N LYS J 91 -22.21 -28.38 14.86
CA LYS J 91 -22.21 -28.35 13.41
C LYS J 91 -20.82 -28.70 12.88
N PRO J 92 -20.72 -29.07 11.60
CA PRO J 92 -19.39 -29.42 11.06
C PRO J 92 -18.36 -28.31 11.20
N GLU J 93 -18.80 -27.05 11.17
CA GLU J 93 -17.88 -25.93 11.31
C GLU J 93 -17.31 -25.81 12.72
N ASP J 94 -17.84 -26.56 13.67
CA ASP J 94 -17.33 -26.52 15.04
C ASP J 94 -16.14 -27.46 15.27
N THR J 95 -15.73 -28.21 14.25
CA THR J 95 -14.59 -29.10 14.39
C THR J 95 -13.30 -28.29 14.42
N ALA J 96 -12.54 -28.41 15.51
CA ALA J 96 -11.32 -27.64 15.65
C ALA J 96 -10.57 -28.00 16.93
N VAL J 97 -9.43 -27.35 17.15
CA VAL J 97 -8.70 -27.46 18.41
C VAL J 97 -9.08 -26.29 19.29
N TYR J 98 -9.57 -26.57 20.48
CA TYR J 98 -10.04 -25.57 21.43
C TYR J 98 -9.01 -25.40 22.53
N TYR J 99 -8.68 -24.13 22.83
CA TYR J 99 -7.66 -23.79 23.81
C TYR J 99 -8.29 -23.01 24.95
N CYS J 100 -8.00 -23.43 26.18
CA CYS J 100 -8.30 -22.60 27.34
C CYS J 100 -7.37 -21.40 27.35
N HIS J 101 -7.90 -20.22 27.65
CA HIS J 101 -7.14 -18.99 27.55
C HIS J 101 -7.37 -18.13 28.79
N VAL J 102 -6.33 -17.43 29.21
CA VAL J 102 -6.41 -16.47 30.31
C VAL J 102 -5.81 -15.16 29.85
N LEU J 103 -6.54 -14.07 30.04
CA LEU J 103 -6.11 -12.74 29.67
C LEU J 103 -5.85 -11.92 30.92
N GLU J 104 -4.67 -11.31 31.00
CA GLU J 104 -4.26 -10.53 32.15
C GLU J 104 -3.94 -9.11 31.71
N ASP J 105 -4.40 -8.14 32.51
CA ASP J 105 -4.20 -6.73 32.21
C ASP J 105 -2.91 -6.26 32.87
N ARG J 106 -2.01 -5.68 32.08
CA ARG J 106 -0.73 -5.18 32.57
C ARG J 106 -0.60 -3.67 32.36
N VAL J 107 -1.72 -2.95 32.47
CA VAL J 107 -1.73 -1.49 32.39
C VAL J 107 -1.51 -1.04 30.95
N ASP J 108 -0.29 -1.22 30.44
CA ASP J 108 0.07 -0.76 29.11
C ASP J 108 -0.04 -1.86 28.06
N SER J 109 -0.48 -3.05 28.42
CA SER J 109 -0.60 -4.15 27.47
C SER J 109 -1.31 -5.31 28.15
N PHE J 110 -1.61 -6.33 27.37
CA PHE J 110 -2.28 -7.52 27.85
C PHE J 110 -1.36 -8.73 27.66
N HIS J 111 -1.50 -9.70 28.58
CA HIS J 111 -0.68 -10.90 28.55
C HIS J 111 -1.60 -12.13 28.44
N ASP J 112 -1.18 -13.08 27.61
CA ASP J 112 -1.97 -14.27 27.32
C ASP J 112 -1.33 -15.50 27.95
N TYR J 113 -2.18 -16.35 28.54
CA TYR J 113 -1.78 -17.68 28.99
C TYR J 113 -2.62 -18.70 28.24
N TRP J 114 -1.95 -19.69 27.67
CA TRP J 114 -2.58 -20.64 26.77
C TRP J 114 -2.63 -22.04 27.39
N GLY J 115 -3.62 -22.81 26.98
CA GLY J 115 -3.71 -24.21 27.37
C GLY J 115 -3.08 -25.12 26.33
N GLN J 116 -3.10 -26.43 26.64
CA GLN J 116 -2.51 -27.40 25.72
C GLN J 116 -3.31 -27.50 24.44
N GLY J 117 -4.63 -27.58 24.54
CA GLY J 117 -5.49 -27.72 23.37
C GLY J 117 -6.19 -29.07 23.41
N THR J 118 -7.44 -29.08 22.96
CA THR J 118 -8.25 -30.30 22.92
C THR J 118 -8.98 -30.37 21.59
N GLN J 119 -9.04 -31.57 21.01
CA GLN J 119 -9.63 -31.78 19.70
C GLN J 119 -11.13 -32.02 19.84
N VAL J 120 -11.92 -31.32 19.02
CA VAL J 120 -13.35 -31.55 18.94
C VAL J 120 -13.67 -31.79 17.48
N THR J 121 -14.15 -32.99 17.17
CA THR J 121 -14.46 -33.38 15.79
C THR J 121 -15.93 -33.77 15.71
N VAL J 122 -16.66 -33.09 14.83
CA VAL J 122 -18.09 -33.35 14.64
C VAL J 122 -18.29 -33.97 13.26
N SER J 123 -18.30 -35.29 13.20
CA SER J 123 -18.48 -36.01 11.96
C SER J 123 -19.64 -36.98 12.09
N SER J 124 -20.54 -36.96 11.12
CA SER J 124 -21.69 -37.84 11.12
C SER J 124 -21.30 -39.27 10.74
N MET K 1 -23.74 -10.64 30.88
CA MET K 1 -25.19 -10.74 31.01
C MET K 1 -25.70 -9.83 32.11
N PHE K 2 -24.90 -9.65 33.16
CA PHE K 2 -25.29 -8.73 34.23
C PHE K 2 -25.43 -7.31 33.70
N ARG K 3 -24.48 -6.89 32.86
CA ARG K 3 -24.58 -5.57 32.23
C ARG K 3 -25.84 -5.48 31.38
N LYS K 4 -26.11 -6.51 30.58
CA LYS K 4 -27.27 -6.48 29.70
C LYS K 4 -28.57 -6.47 30.51
N LEU K 5 -28.64 -7.28 31.57
CA LEU K 5 -29.85 -7.31 32.39
C LEU K 5 -30.06 -5.96 33.09
N ALA K 6 -28.98 -5.36 33.59
CA ALA K 6 -29.10 -4.05 34.21
C ALA K 6 -29.58 -3.02 33.20
N ALA K 7 -29.06 -3.06 31.98
CA ALA K 7 -29.49 -2.12 30.96
C ALA K 7 -30.97 -2.30 30.64
N GLU K 8 -31.43 -3.54 30.50
CA GLU K 8 -32.84 -3.77 30.21
C GLU K 8 -33.72 -3.31 31.36
N CYS K 9 -33.31 -3.58 32.60
CA CYS K 9 -34.08 -3.16 33.76
C CYS K 9 -34.20 -1.64 33.82
N PHE K 10 -33.07 -0.93 33.64
CA PHE K 10 -33.10 0.52 33.67
C PHE K 10 -33.94 1.08 32.53
N GLY K 11 -33.84 0.49 31.34
CA GLY K 11 -34.63 0.96 30.23
C GLY K 11 -36.12 0.81 30.45
N THR K 12 -36.54 -0.34 30.98
CA THR K 12 -37.96 -0.53 31.26
C THR K 12 -38.43 0.38 32.38
N PHE K 13 -37.60 0.59 33.40
CA PHE K 13 -37.92 1.55 34.44
C PHE K 13 -38.15 2.93 33.84
N TRP K 14 -37.25 3.36 32.97
CA TRP K 14 -37.38 4.67 32.33
C TRP K 14 -38.67 4.75 31.52
N LEU K 15 -38.95 3.70 30.74
CA LEU K 15 -40.15 3.71 29.91
C LEU K 15 -41.41 3.86 30.77
N VAL K 16 -41.54 3.01 31.79
CA VAL K 16 -42.74 3.05 32.61
C VAL K 16 -42.84 4.38 33.34
N PHE K 17 -41.76 4.78 34.02
CA PHE K 17 -41.77 6.05 34.73
C PHE K 17 -42.22 7.18 33.81
N GLY K 18 -41.47 7.43 32.74
CA GLY K 18 -41.83 8.47 31.81
C GLY K 18 -43.27 8.42 31.34
N GLY K 19 -43.65 7.34 30.65
CA GLY K 19 -44.97 7.31 30.03
C GLY K 19 -46.10 7.36 31.04
N CYS K 20 -46.08 6.46 32.02
CA CYS K 20 -47.17 6.38 32.97
C CYS K 20 -47.22 7.63 33.85
N GLY K 21 -46.08 8.17 34.24
CA GLY K 21 -46.08 9.38 35.03
C GLY K 21 -46.60 10.58 34.26
N SER K 22 -46.27 10.69 32.98
CA SER K 22 -46.85 11.75 32.17
C SER K 22 -48.36 11.58 32.07
N ALA K 23 -48.82 10.33 31.93
CA ALA K 23 -50.26 10.10 31.86
C ALA K 23 -50.96 10.46 33.18
N VAL K 24 -50.34 10.12 34.31
CA VAL K 24 -50.99 10.22 35.61
C VAL K 24 -50.90 11.65 36.17
N LEU K 25 -49.78 12.32 35.99
CA LEU K 25 -49.54 13.61 36.64
C LEU K 25 -49.86 14.81 35.76
N ALA K 26 -49.75 14.69 34.43
CA ALA K 26 -49.81 15.85 33.56
C ALA K 26 -50.87 15.77 32.46
N ALA K 27 -51.40 14.59 32.16
CA ALA K 27 -52.32 14.47 31.02
C ALA K 27 -53.58 15.31 31.22
N GLY K 28 -54.16 15.27 32.41
CA GLY K 28 -55.42 15.92 32.66
C GLY K 28 -55.35 17.23 33.42
N PHE K 29 -54.18 17.85 33.46
CA PHE K 29 -54.03 19.09 34.21
C PHE K 29 -54.96 20.16 33.63
N PRO K 30 -55.61 20.96 34.47
CA PRO K 30 -56.63 21.90 33.98
C PRO K 30 -56.03 23.04 33.18
N GLU K 31 -56.48 23.17 31.94
CA GLU K 31 -56.19 24.33 31.10
C GLU K 31 -54.76 24.34 30.57
N LEU K 32 -53.94 23.39 31.00
CA LEU K 32 -52.57 23.33 30.53
C LEU K 32 -52.06 21.91 30.39
N GLY K 33 -52.92 20.90 30.54
CA GLY K 33 -52.46 19.53 30.44
C GLY K 33 -51.96 19.18 29.04
N ILE K 34 -51.13 18.14 28.99
CA ILE K 34 -50.50 17.78 27.73
C ILE K 34 -51.42 16.92 26.86
N GLY K 35 -52.33 16.17 27.46
CA GLY K 35 -53.27 15.38 26.71
C GLY K 35 -52.69 14.11 26.13
N PHE K 36 -53.50 13.48 25.27
CA PHE K 36 -53.09 12.22 24.65
C PHE K 36 -51.85 12.41 23.78
N ALA K 37 -51.77 13.52 23.04
CA ALA K 37 -50.61 13.76 22.21
C ALA K 37 -49.34 13.88 23.05
N GLY K 38 -49.43 14.60 24.17
CA GLY K 38 -48.28 14.69 25.06
C GLY K 38 -47.88 13.35 25.64
N VAL K 39 -48.86 12.53 26.03
CA VAL K 39 -48.55 11.21 26.57
C VAL K 39 -47.86 10.36 25.51
N ALA K 40 -48.35 10.40 24.27
CA ALA K 40 -47.73 9.62 23.20
C ALA K 40 -46.30 10.08 22.96
N LEU K 41 -46.08 11.40 22.94
CA LEU K 41 -44.73 11.90 22.77
C LEU K 41 -43.82 11.44 23.89
N ALA K 42 -44.30 11.47 25.13
CA ALA K 42 -43.48 11.01 26.25
C ALA K 42 -43.12 9.53 26.11
N PHE K 43 -44.09 8.71 25.75
CA PHE K 43 -43.82 7.29 25.57
C PHE K 43 -42.77 7.05 24.49
N GLY K 44 -42.88 7.77 23.37
CA GLY K 44 -41.88 7.62 22.32
C GLY K 44 -40.50 8.09 22.76
N LEU K 45 -40.44 9.21 23.48
CA LEU K 45 -39.17 9.78 23.86
C LEU K 45 -38.43 8.90 24.86
N THR K 46 -39.16 8.27 25.78
CA THR K 46 -38.49 7.35 26.71
C THR K 46 -37.71 6.30 25.96
N VAL K 47 -38.36 5.63 24.99
CA VAL K 47 -37.69 4.58 24.24
C VAL K 47 -36.56 5.15 23.41
N LEU K 48 -36.78 6.30 22.76
CA LEU K 48 -35.72 6.88 21.93
C LEU K 48 -34.46 7.16 22.75
N THR K 49 -34.61 7.88 23.87
CA THR K 49 -33.45 8.25 24.67
C THR K 49 -32.78 7.02 25.28
N MET K 50 -33.58 6.08 25.82
CA MET K 50 -32.97 4.91 26.42
C MET K 50 -32.28 4.03 25.39
N ALA K 51 -32.81 3.96 24.18
CA ALA K 51 -32.13 3.24 23.12
C ALA K 51 -30.79 3.89 22.82
N PHE K 52 -30.78 5.20 22.57
CA PHE K 52 -29.51 5.86 22.33
C PHE K 52 -28.54 5.65 23.48
N ALA K 53 -29.04 5.46 24.70
CA ALA K 53 -28.15 5.36 25.85
C ALA K 53 -27.57 3.95 26.03
N VAL K 54 -28.40 2.91 25.90
CA VAL K 54 -27.95 1.57 26.31
C VAL K 54 -28.23 0.49 25.26
N GLY K 55 -28.58 0.88 24.04
CA GLY K 55 -28.79 -0.11 23.00
C GLY K 55 -27.51 -0.80 22.59
N HIS K 56 -26.40 -0.05 22.60
CA HIS K 56 -25.10 -0.66 22.34
C HIS K 56 -24.69 -1.64 23.41
N ILE K 57 -25.36 -1.64 24.56
CA ILE K 57 -25.07 -2.60 25.62
C ILE K 57 -25.98 -3.81 25.48
N SER K 58 -27.29 -3.59 25.55
CA SER K 58 -28.23 -4.70 25.61
C SER K 58 -29.06 -4.89 24.34
N GLY K 59 -29.01 -3.96 23.40
CA GLY K 59 -29.88 -4.00 22.26
C GLY K 59 -31.14 -3.17 22.40
N GLY K 60 -31.46 -2.73 23.61
CA GLY K 60 -32.58 -1.83 23.84
C GLY K 60 -33.94 -2.39 23.47
N HIS K 61 -34.36 -3.45 24.14
CA HIS K 61 -35.70 -4.01 23.92
C HIS K 61 -36.74 -3.32 24.80
N PHE K 62 -36.55 -3.40 26.12
CA PHE K 62 -37.45 -2.74 27.08
C PHE K 62 -38.88 -3.24 26.97
N ASN K 63 -39.09 -4.38 26.33
CA ASN K 63 -40.44 -4.87 26.04
C ASN K 63 -40.40 -6.38 25.83
N PRO K 64 -41.13 -7.16 26.64
CA PRO K 64 -41.14 -8.62 26.42
C PRO K 64 -41.61 -9.00 25.03
N ALA K 65 -42.61 -8.29 24.49
CA ALA K 65 -43.08 -8.58 23.15
C ALA K 65 -41.97 -8.37 22.13
N VAL K 66 -41.17 -7.32 22.31
CA VAL K 66 -40.07 -7.07 21.38
C VAL K 66 -39.05 -8.20 21.44
N THR K 67 -38.70 -8.64 22.66
CA THR K 67 -37.72 -9.72 22.78
C THR K 67 -38.23 -11.00 22.13
N ILE K 68 -39.48 -11.36 22.38
CA ILE K 68 -40.02 -12.61 21.83
C ILE K 68 -40.15 -12.50 20.31
N GLY K 69 -40.55 -11.33 19.81
CA GLY K 69 -40.64 -11.16 18.36
C GLY K 69 -39.29 -11.20 17.68
N LEU K 70 -38.26 -10.66 18.34
CA LEU K 70 -36.91 -10.77 17.79
C LEU K 70 -36.43 -12.20 17.80
N TRP K 71 -36.79 -12.96 18.84
CA TRP K 71 -36.48 -14.39 18.82
C TRP K 71 -37.16 -15.08 17.65
N ALA K 72 -38.44 -14.80 17.44
CA ALA K 72 -39.18 -15.41 16.35
C ALA K 72 -38.66 -14.99 14.97
N GLY K 73 -38.03 -13.82 14.89
CA GLY K 73 -37.44 -13.37 13.64
C GLY K 73 -36.06 -13.91 13.37
N GLY K 74 -35.53 -14.75 14.24
CA GLY K 74 -34.21 -15.30 14.05
C GLY K 74 -33.08 -14.35 14.37
N ARG K 75 -33.27 -13.44 15.32
CA ARG K 75 -32.28 -12.44 15.64
C ARG K 75 -31.86 -12.43 17.11
N PHE K 76 -32.44 -13.29 17.94
CA PHE K 76 -32.15 -13.28 19.37
C PHE K 76 -32.12 -14.71 19.90
N PRO K 77 -31.07 -15.10 20.61
CA PRO K 77 -30.98 -16.47 21.11
C PRO K 77 -32.10 -16.79 22.10
N ALA K 78 -32.61 -18.02 22.02
CA ALA K 78 -33.70 -18.43 22.90
C ALA K 78 -33.25 -18.48 24.35
N LYS K 79 -32.05 -18.98 24.61
CA LYS K 79 -31.61 -19.20 25.99
C LYS K 79 -31.54 -17.91 26.79
N GLU K 80 -31.45 -16.76 26.13
CA GLU K 80 -31.38 -15.48 26.81
C GLU K 80 -32.74 -14.82 27.01
N VAL K 81 -33.81 -15.40 26.46
CA VAL K 81 -35.09 -14.70 26.46
C VAL K 81 -35.60 -14.51 27.89
N VAL K 82 -35.69 -15.59 28.65
CA VAL K 82 -36.38 -15.53 29.94
C VAL K 82 -35.76 -14.46 30.82
N GLY K 83 -34.44 -14.49 30.97
CA GLY K 83 -33.78 -13.47 31.76
C GLY K 83 -34.23 -12.08 31.38
N TYR K 84 -34.13 -11.75 30.08
CA TYR K 84 -34.53 -10.42 29.65
C TYR K 84 -35.92 -10.08 30.17
N VAL K 85 -36.88 -10.98 29.92
CA VAL K 85 -38.25 -10.68 30.31
C VAL K 85 -38.31 -10.34 31.79
N ILE K 86 -37.70 -11.18 32.62
CA ILE K 86 -37.77 -10.94 34.05
C ILE K 86 -37.25 -9.55 34.37
N ALA K 87 -36.06 -9.22 33.85
CA ALA K 87 -35.50 -7.91 34.12
C ALA K 87 -36.51 -6.83 33.76
N GLN K 88 -37.05 -6.89 32.55
CA GLN K 88 -37.99 -5.85 32.13
C GLN K 88 -39.11 -5.72 33.15
N VAL K 89 -39.76 -6.84 33.48
CA VAL K 89 -40.88 -6.75 34.40
C VAL K 89 -40.44 -6.08 35.69
N VAL K 90 -39.33 -6.54 36.25
CA VAL K 90 -38.88 -5.99 37.53
C VAL K 90 -38.76 -4.47 37.41
N GLY K 91 -38.06 -4.02 36.37
CA GLY K 91 -37.89 -2.58 36.20
C GLY K 91 -39.23 -1.87 36.24
N GLY K 92 -40.17 -2.33 35.42
CA GLY K 92 -41.46 -1.67 35.38
C GLY K 92 -42.06 -1.56 36.78
N ILE K 93 -42.08 -2.67 37.51
CA ILE K 93 -42.72 -2.64 38.82
C ILE K 93 -42.10 -1.56 39.67
N VAL K 94 -40.76 -1.52 39.73
CA VAL K 94 -40.13 -0.52 40.57
C VAL K 94 -40.60 0.86 40.17
N ALA K 95 -40.57 1.17 38.88
CA ALA K 95 -41.04 2.47 38.44
C ALA K 95 -42.44 2.75 38.96
N ALA K 96 -43.36 1.81 38.73
CA ALA K 96 -44.73 2.03 39.18
C ALA K 96 -44.75 2.38 40.66
N ALA K 97 -44.02 1.62 41.48
CA ALA K 97 -44.03 1.89 42.91
C ALA K 97 -43.66 3.34 43.17
N LEU K 98 -42.53 3.79 42.62
CA LEU K 98 -42.14 5.17 42.85
C LEU K 98 -43.21 6.13 42.36
N LEU K 99 -43.74 5.88 41.16
CA LEU K 99 -44.80 6.73 40.65
C LEU K 99 -45.94 6.80 41.65
N TYR K 100 -46.37 5.65 42.18
CA TYR K 100 -47.43 5.65 43.16
C TYR K 100 -47.11 6.61 44.29
N LEU K 101 -45.91 6.48 44.87
CA LEU K 101 -45.54 7.37 45.96
C LEU K 101 -45.70 8.82 45.55
N ILE K 102 -45.17 9.19 44.38
CA ILE K 102 -45.26 10.58 43.96
C ILE K 102 -46.73 10.99 43.82
N ALA K 103 -47.55 10.12 43.21
CA ALA K 103 -48.95 10.47 43.02
C ALA K 103 -49.66 10.66 44.34
N SER K 104 -49.14 10.06 45.42
CA SER K 104 -49.79 10.20 46.71
C SER K 104 -49.54 11.57 47.35
N GLY K 105 -48.64 12.37 46.79
CA GLY K 105 -48.35 13.67 47.37
C GLY K 105 -49.38 14.74 47.10
N LYS K 106 -50.39 14.45 46.28
CA LYS K 106 -51.45 15.40 45.95
C LYS K 106 -52.75 14.93 46.56
N THR K 107 -53.47 15.85 47.18
CA THR K 107 -54.73 15.51 47.85
C THR K 107 -55.75 14.99 46.85
N GLY K 108 -56.48 13.96 47.24
CA GLY K 108 -57.53 13.40 46.43
C GLY K 108 -57.12 12.30 45.48
N PHE K 109 -55.85 11.91 45.47
CA PHE K 109 -55.40 10.85 44.58
C PHE K 109 -56.01 9.51 45.01
N ASP K 110 -56.48 8.74 44.01
CA ASP K 110 -57.08 7.44 44.27
C ASP K 110 -56.73 6.55 43.08
N ALA K 111 -55.78 5.63 43.29
CA ALA K 111 -55.33 4.78 42.19
C ALA K 111 -56.45 3.89 41.67
N ALA K 112 -57.22 3.29 42.58
CA ALA K 112 -58.27 2.38 42.15
C ALA K 112 -59.33 3.09 41.33
N ALA K 113 -59.75 4.29 41.75
CA ALA K 113 -60.81 4.98 41.05
C ALA K 113 -60.33 5.57 39.73
N SER K 114 -59.12 6.14 39.71
CA SER K 114 -58.63 6.76 38.49
C SER K 114 -58.19 5.74 37.45
N GLY K 115 -57.79 4.55 37.89
CA GLY K 115 -57.29 3.52 37.01
C GLY K 115 -55.79 3.43 36.92
N PHE K 116 -55.08 4.48 37.35
CA PHE K 116 -53.61 4.47 37.37
C PHE K 116 -53.03 4.15 36.00
N ALA K 117 -53.67 4.66 34.95
CA ALA K 117 -53.20 4.48 33.57
C ALA K 117 -53.09 3.01 33.20
N SER K 118 -54.07 2.22 33.62
CA SER K 118 -54.09 0.79 33.32
C SER K 118 -54.75 0.53 31.98
N ASN K 119 -54.31 -0.55 31.33
CA ASN K 119 -54.91 -0.96 30.06
C ASN K 119 -56.17 -1.77 30.30
N GLY K 120 -57.18 -1.55 29.47
CA GLY K 120 -58.43 -2.27 29.60
C GLY K 120 -59.21 -2.22 28.30
N TYR K 121 -60.23 -3.07 28.22
CA TYR K 121 -61.09 -3.15 27.05
C TYR K 121 -62.54 -3.21 27.50
N GLY K 122 -63.44 -3.12 26.52
CA GLY K 122 -64.85 -3.22 26.82
C GLY K 122 -65.29 -2.11 27.75
N GLU K 123 -65.90 -2.50 28.87
CA GLU K 123 -66.43 -1.52 29.81
C GLU K 123 -65.33 -0.63 30.38
N HIS K 124 -64.09 -1.12 30.39
CA HIS K 124 -62.97 -0.37 30.95
C HIS K 124 -62.10 0.28 29.88
N SER K 125 -62.57 0.32 28.64
CA SER K 125 -61.85 1.04 27.60
C SER K 125 -62.10 2.55 27.75
N PRO K 126 -61.08 3.38 27.50
CA PRO K 126 -61.29 4.83 27.64
C PRO K 126 -62.40 5.36 26.75
N GLY K 127 -62.55 4.82 25.55
CA GLY K 127 -63.58 5.22 24.62
C GLY K 127 -64.76 4.28 24.52
N GLY K 128 -64.86 3.30 25.39
CA GLY K 128 -65.96 2.34 25.33
C GLY K 128 -65.95 1.45 24.10
N TYR K 129 -64.79 0.93 23.73
CA TYR K 129 -64.68 0.02 22.60
C TYR K 129 -64.83 -1.42 23.05
N SER K 130 -65.25 -2.27 22.12
CA SER K 130 -65.50 -3.67 22.41
C SER K 130 -64.20 -4.45 22.47
N MET K 131 -64.30 -5.71 22.90
CA MET K 131 -63.13 -6.57 23.00
C MET K 131 -62.52 -6.84 21.64
N LEU K 132 -63.36 -7.03 20.61
CA LEU K 132 -62.85 -7.33 19.27
C LEU K 132 -62.01 -6.17 18.74
N SER K 133 -62.46 -4.93 18.94
CA SER K 133 -61.68 -3.78 18.50
C SER K 133 -60.32 -3.74 19.17
N ALA K 134 -60.30 -3.98 20.49
CA ALA K 134 -59.03 -4.00 21.20
C ALA K 134 -58.11 -5.08 20.66
N LEU K 135 -58.65 -6.28 20.43
CA LEU K 135 -57.83 -7.36 19.90
C LEU K 135 -57.23 -7.00 18.55
N VAL K 136 -58.06 -6.50 17.64
CA VAL K 136 -57.57 -6.19 16.30
C VAL K 136 -56.51 -5.10 16.35
N VAL K 137 -56.78 -4.03 17.10
CA VAL K 137 -55.84 -2.91 17.13
C VAL K 137 -54.51 -3.34 17.76
N GLU K 138 -54.58 -4.08 18.87
CA GLU K 138 -53.34 -4.51 19.51
C GLU K 138 -52.54 -5.44 18.60
N LEU K 139 -53.21 -6.39 17.96
CA LEU K 139 -52.50 -7.30 17.05
C LEU K 139 -51.81 -6.53 15.94
N VAL K 140 -52.55 -5.66 15.25
CA VAL K 140 -51.98 -4.95 14.10
C VAL K 140 -50.83 -4.06 14.55
N LEU K 141 -51.00 -3.33 15.64
CA LEU K 141 -49.96 -2.40 16.06
C LEU K 141 -48.71 -3.13 16.55
N SER K 142 -48.89 -4.25 17.26
CA SER K 142 -47.72 -5.03 17.67
C SER K 142 -46.97 -5.58 16.46
N ALA K 143 -47.71 -6.11 15.48
CA ALA K 143 -47.05 -6.61 14.28
C ALA K 143 -46.28 -5.51 13.57
N GLY K 144 -46.90 -4.33 13.42
CA GLY K 144 -46.22 -3.22 12.78
C GLY K 144 -44.99 -2.77 13.55
N PHE K 145 -45.08 -2.73 14.87
CA PHE K 145 -43.94 -2.34 15.69
C PHE K 145 -42.77 -3.31 15.48
N LEU K 146 -43.05 -4.61 15.51
CA LEU K 146 -41.97 -5.58 15.31
C LEU K 146 -41.41 -5.50 13.92
N LEU K 147 -42.26 -5.26 12.91
CA LEU K 147 -41.76 -5.10 11.55
C LEU K 147 -40.83 -3.90 11.45
N VAL K 148 -41.21 -2.77 12.06
CA VAL K 148 -40.35 -1.59 12.03
C VAL K 148 -39.02 -1.87 12.71
N ILE K 149 -39.07 -2.56 13.86
CA ILE K 149 -37.85 -2.86 14.60
C ILE K 149 -36.92 -3.73 13.77
N HIS K 150 -37.48 -4.77 13.13
CA HIS K 150 -36.66 -5.65 12.30
C HIS K 150 -36.06 -4.90 11.12
N GLY K 151 -36.87 -4.07 10.45
CA GLY K 151 -36.37 -3.36 9.29
C GLY K 151 -35.31 -2.34 9.62
N ALA K 152 -35.50 -1.58 10.70
CA ALA K 152 -34.58 -0.50 11.02
C ALA K 152 -33.23 -1.01 11.48
N THR K 153 -33.19 -2.18 12.11
CA THR K 153 -31.94 -2.75 12.59
C THR K 153 -31.28 -3.66 11.57
N ASP K 154 -31.85 -3.78 10.37
CA ASP K 154 -31.23 -4.59 9.32
C ASP K 154 -29.89 -4.00 8.93
N LYS K 155 -28.96 -4.88 8.55
CA LYS K 155 -27.61 -4.45 8.21
C LYS K 155 -27.57 -3.52 7.01
N PHE K 156 -28.62 -3.49 6.19
CA PHE K 156 -28.66 -2.63 5.03
C PHE K 156 -29.39 -1.31 5.29
N ALA K 157 -29.90 -1.11 6.50
CA ALA K 157 -30.56 0.14 6.85
C ALA K 157 -29.52 1.19 7.27
N PRO K 158 -29.91 2.47 7.26
CA PRO K 158 -28.97 3.51 7.69
C PRO K 158 -28.47 3.24 9.11
N ALA K 159 -27.17 3.41 9.30
CA ALA K 159 -26.54 3.05 10.57
C ALA K 159 -26.71 4.15 11.59
N GLY K 160 -27.16 3.77 12.79
CA GLY K 160 -27.31 4.71 13.89
C GLY K 160 -28.66 5.37 14.00
N PHE K 161 -29.55 5.19 13.03
CA PHE K 161 -30.85 5.85 13.03
C PHE K 161 -31.96 5.01 13.67
N ALA K 162 -31.68 3.77 14.04
CA ALA K 162 -32.74 2.89 14.53
C ALA K 162 -33.47 3.43 15.74
N PRO K 163 -32.79 3.97 16.77
CA PRO K 163 -33.53 4.47 17.94
C PRO K 163 -34.58 5.51 17.58
N ILE K 164 -34.27 6.41 16.64
CA ILE K 164 -35.23 7.43 16.26
C ILE K 164 -36.48 6.80 15.65
N ALA K 165 -36.27 5.87 14.72
CA ALA K 165 -37.40 5.21 14.08
C ALA K 165 -38.26 4.46 15.08
N ILE K 166 -37.61 3.70 15.99
CA ILE K 166 -38.37 2.89 16.93
C ILE K 166 -39.14 3.77 17.91
N GLY K 167 -38.51 4.81 18.44
CA GLY K 167 -39.21 5.69 19.36
C GLY K 167 -40.38 6.41 18.71
N LEU K 168 -40.17 6.93 17.49
CA LEU K 168 -41.27 7.62 16.82
C LEU K 168 -42.37 6.64 16.44
N ALA K 169 -42.03 5.38 16.15
CA ALA K 169 -43.05 4.37 15.91
C ALA K 169 -43.91 4.14 17.16
N LEU K 170 -43.27 4.08 18.33
CA LEU K 170 -44.05 3.94 19.56
C LEU K 170 -44.95 5.15 19.78
N THR K 171 -44.44 6.34 19.52
CA THR K 171 -45.28 7.54 19.63
C THR K 171 -46.49 7.45 18.70
N LEU K 172 -46.28 7.02 17.46
CA LEU K 172 -47.38 6.89 16.52
C LEU K 172 -48.40 5.85 17.00
N ILE K 173 -47.91 4.73 17.52
CA ILE K 173 -48.81 3.69 18.02
C ILE K 173 -49.70 4.24 19.12
N HIS K 174 -49.11 5.00 20.05
CA HIS K 174 -49.93 5.61 21.10
C HIS K 174 -50.94 6.59 20.52
N LEU K 175 -50.50 7.45 19.61
CA LEU K 175 -51.40 8.42 18.98
C LEU K 175 -52.59 7.71 18.36
N ILE K 176 -52.38 6.53 17.79
CA ILE K 176 -53.48 5.81 17.16
C ILE K 176 -54.39 5.19 18.21
N SER K 177 -53.82 4.46 19.17
CA SER K 177 -54.59 3.48 19.92
C SER K 177 -54.93 3.86 21.34
N ILE K 178 -54.53 5.04 21.83
CA ILE K 178 -54.84 5.39 23.22
C ILE K 178 -56.34 5.31 23.51
N PRO K 179 -57.22 5.84 22.68
CA PRO K 179 -58.66 5.80 23.01
C PRO K 179 -59.24 4.39 23.09
N VAL K 180 -58.62 3.40 22.45
CA VAL K 180 -59.23 2.08 22.37
C VAL K 180 -58.91 1.26 23.61
N THR K 181 -57.62 1.07 23.91
CA THR K 181 -57.21 0.21 25.01
C THR K 181 -56.21 0.87 25.95
N ASN K 182 -55.82 2.12 25.71
CA ASN K 182 -54.75 2.81 26.43
C ASN K 182 -53.38 2.41 25.91
N THR K 183 -53.30 1.71 24.78
CA THR K 183 -52.04 1.50 24.05
C THR K 183 -50.99 0.78 24.90
N SER K 184 -51.24 -0.50 25.15
CA SER K 184 -50.25 -1.29 25.87
C SER K 184 -49.09 -1.71 24.98
N VAL K 185 -49.36 -2.57 23.99
CA VAL K 185 -48.34 -3.22 23.16
C VAL K 185 -47.07 -3.54 23.94
N ASN K 186 -47.18 -3.69 25.26
CA ASN K 186 -46.03 -3.94 26.12
C ASN K 186 -46.50 -4.61 27.41
N PRO K 187 -46.35 -5.94 27.53
CA PRO K 187 -46.88 -6.62 28.72
C PRO K 187 -46.31 -6.10 30.03
N ALA K 188 -45.02 -5.75 30.07
CA ALA K 188 -44.41 -5.28 31.32
C ALA K 188 -45.04 -3.97 31.77
N ARG K 189 -45.25 -3.04 30.85
CA ARG K 189 -45.88 -1.77 31.20
C ARG K 189 -47.29 -1.97 31.72
N SER K 190 -48.04 -2.89 31.11
CA SER K 190 -49.39 -3.17 31.59
C SER K 190 -49.36 -3.76 32.99
N THR K 191 -48.46 -4.72 33.22
CA THR K 191 -48.38 -5.38 34.52
C THR K 191 -48.01 -4.40 35.63
N ALA K 192 -47.05 -3.51 35.35
CA ALA K 192 -46.55 -2.61 36.39
C ALA K 192 -47.68 -1.78 36.99
N VAL K 193 -48.55 -1.23 36.15
CA VAL K 193 -49.63 -0.40 36.65
C VAL K 193 -50.83 -1.23 37.09
N ALA K 194 -51.06 -2.39 36.46
CA ALA K 194 -52.18 -3.23 36.89
C ALA K 194 -51.99 -3.71 38.31
N ILE K 195 -50.75 -3.98 38.72
CA ILE K 195 -50.49 -4.45 40.07
C ILE K 195 -50.97 -3.41 41.08
N PHE K 196 -50.69 -2.14 40.84
CA PHE K 196 -51.04 -1.09 41.78
C PHE K 196 -52.49 -0.63 41.65
N GLN K 197 -53.12 -0.81 40.49
CA GLN K 197 -54.55 -0.55 40.39
C GLN K 197 -55.33 -1.50 41.30
N GLY K 198 -55.00 -2.79 41.24
CA GLY K 198 -55.48 -3.76 42.20
C GLY K 198 -56.90 -4.27 41.97
N GLY K 199 -57.59 -3.80 40.93
CA GLY K 199 -58.96 -4.20 40.72
C GLY K 199 -59.22 -4.89 39.40
N TRP K 200 -60.06 -4.29 38.57
CA TRP K 200 -60.37 -4.85 37.26
C TRP K 200 -59.14 -4.99 36.39
N ALA K 201 -58.10 -4.19 36.65
CA ALA K 201 -56.90 -4.25 35.82
C ALA K 201 -56.25 -5.63 35.89
N LEU K 202 -56.21 -6.23 37.07
CA LEU K 202 -55.62 -7.56 37.20
C LEU K 202 -56.49 -8.63 36.55
N GLU K 203 -57.81 -8.41 36.50
CA GLU K 203 -58.69 -9.38 35.85
C GLU K 203 -58.43 -9.45 34.36
N GLN K 204 -58.17 -8.32 33.73
CA GLN K 204 -57.96 -8.24 32.29
C GLN K 204 -56.49 -8.31 31.89
N LEU K 205 -55.58 -8.49 32.86
CA LEU K 205 -54.16 -8.41 32.55
C LEU K 205 -53.75 -9.47 31.54
N TRP K 206 -54.30 -10.69 31.65
CA TRP K 206 -53.93 -11.75 30.73
C TRP K 206 -54.05 -11.31 29.28
N PHE K 207 -55.10 -10.55 28.95
CA PHE K 207 -55.33 -10.15 27.57
C PHE K 207 -54.13 -9.39 27.01
N PHE K 208 -53.46 -8.60 27.85
CA PHE K 208 -52.34 -7.78 27.41
C PHE K 208 -51.01 -8.48 27.54
N TRP K 209 -51.01 -9.76 27.91
CA TRP K 209 -49.83 -10.59 27.77
C TRP K 209 -49.88 -11.49 26.55
N VAL K 210 -51.07 -11.86 26.10
CA VAL K 210 -51.23 -12.77 24.97
C VAL K 210 -51.26 -12.01 23.65
N VAL K 211 -52.14 -11.02 23.53
CA VAL K 211 -52.31 -10.34 22.24
C VAL K 211 -51.04 -9.65 21.77
N PRO K 212 -50.37 -8.82 22.58
CA PRO K 212 -49.12 -8.21 22.11
C PRO K 212 -48.08 -9.23 21.67
N ILE K 213 -47.76 -10.20 22.53
CA ILE K 213 -46.72 -11.16 22.21
C ILE K 213 -47.03 -11.85 20.89
N VAL K 214 -48.25 -12.38 20.75
CA VAL K 214 -48.62 -13.02 19.50
C VAL K 214 -48.38 -12.07 18.33
N GLY K 215 -48.88 -10.83 18.45
CA GLY K 215 -48.66 -9.88 17.39
C GLY K 215 -47.19 -9.72 17.06
N GLY K 216 -46.36 -9.57 18.09
CA GLY K 216 -44.93 -9.45 17.85
C GLY K 216 -44.41 -10.62 17.05
N ILE K 217 -44.79 -11.84 17.45
CA ILE K 217 -44.32 -13.00 16.72
C ILE K 217 -44.69 -12.87 15.26
N ILE K 218 -45.94 -12.53 14.97
CA ILE K 218 -46.37 -12.41 13.59
C ILE K 218 -45.44 -11.44 12.85
N GLY K 219 -45.21 -10.27 13.44
CA GLY K 219 -44.33 -9.31 12.81
C GLY K 219 -43.00 -9.93 12.46
N GLY K 220 -42.36 -10.56 13.43
CA GLY K 220 -41.09 -11.19 13.15
C GLY K 220 -41.19 -12.15 11.98
N LEU K 221 -42.18 -13.04 12.02
CA LEU K 221 -42.31 -14.01 10.95
C LEU K 221 -42.37 -13.32 9.60
N ILE K 222 -43.15 -12.25 9.49
CA ILE K 222 -43.29 -11.58 8.20
C ILE K 222 -41.91 -11.16 7.70
N TYR K 223 -41.15 -10.44 8.54
CA TYR K 223 -39.86 -9.97 8.07
C TYR K 223 -38.94 -11.13 7.77
N ARG K 224 -39.12 -12.24 8.48
CA ARG K 224 -38.23 -13.39 8.26
C ARG K 224 -38.53 -14.06 6.93
N THR K 225 -39.78 -14.00 6.47
CA THR K 225 -40.18 -14.84 5.34
C THR K 225 -40.48 -14.06 4.07
N LEU K 226 -40.82 -12.77 4.16
CA LEU K 226 -41.23 -12.01 2.98
C LEU K 226 -40.31 -10.84 2.65
N LEU K 227 -39.56 -10.30 3.60
CA LEU K 227 -38.81 -9.08 3.37
C LEU K 227 -37.31 -9.23 3.48
N ARG K 228 -36.81 -10.07 4.40
CA ARG K 228 -35.38 -10.23 4.54
C ARG K 228 -34.77 -10.87 3.29
N ALA K 229 -33.60 -10.37 2.90
CA ALA K 229 -32.90 -10.89 1.75
C ALA K 229 -32.12 -12.15 2.12
N SER K 230 -32.19 -13.16 1.26
CA SER K 230 -31.48 -14.40 1.49
C SER K 230 -29.99 -14.23 1.19
N ARG K 231 -29.22 -15.26 1.55
CA ARG K 231 -27.79 -15.24 1.30
C ARG K 231 -27.48 -15.10 -0.19
N LEU K 232 -28.18 -15.87 -1.02
CA LEU K 232 -27.99 -15.77 -2.46
C LEU K 232 -28.36 -14.39 -2.97
N GLU K 233 -29.44 -13.80 -2.43
CA GLU K 233 -29.84 -12.47 -2.86
C GLU K 233 -28.80 -11.43 -2.48
N GLU K 234 -28.23 -11.54 -1.28
CA GLU K 234 -27.15 -10.63 -0.89
C GLU K 234 -25.96 -10.74 -1.83
N GLU K 235 -25.56 -11.99 -2.14
CA GLU K 235 -24.44 -12.17 -3.06
C GLU K 235 -24.76 -11.60 -4.44
N LEU K 236 -26.00 -11.79 -4.90
CA LEU K 236 -26.39 -11.27 -6.21
C LEU K 236 -26.33 -9.75 -6.23
N ARG K 237 -26.82 -9.10 -5.16
CA ARG K 237 -26.73 -7.64 -5.11
C ARG K 237 -25.27 -7.18 -5.11
N ARG K 238 -24.43 -7.83 -4.32
CA ARG K 238 -23.01 -7.47 -4.30
C ARG K 238 -22.41 -7.58 -5.68
N ARG K 239 -22.70 -8.67 -6.41
CA ARG K 239 -22.14 -8.84 -7.74
C ARG K 239 -22.72 -7.84 -8.73
N LEU K 240 -24.00 -7.49 -8.59
CA LEU K 240 -24.63 -6.52 -9.47
C LEU K 240 -24.14 -5.10 -9.23
N THR K 241 -23.54 -4.82 -8.08
CA THR K 241 -22.98 -3.51 -7.80
C THR K 241 -21.46 -3.47 -7.94
N GLU K 242 -20.91 -4.19 -8.93
CA GLU K 242 -19.47 -4.20 -9.15
C GLU K 242 -19.13 -3.51 -10.47
N PRO K 243 -18.19 -2.56 -10.46
CA PRO K 243 -17.83 -1.88 -11.70
C PRO K 243 -17.15 -2.82 -12.69
N GLY K 244 -17.34 -2.55 -13.97
CA GLY K 244 -16.76 -3.35 -15.02
C GLY K 244 -16.08 -2.54 -16.11
N GLU L 3 -22.46 -32.34 -13.35
CA GLU L 3 -22.50 -30.89 -13.17
C GLU L 3 -23.52 -30.26 -14.11
N VAL L 4 -23.71 -28.95 -13.97
CA VAL L 4 -24.72 -28.24 -14.74
C VAL L 4 -24.12 -27.84 -16.08
N GLN L 5 -24.91 -27.98 -17.14
CA GLN L 5 -24.53 -27.59 -18.49
C GLN L 5 -25.51 -26.53 -18.99
N LEU L 6 -24.97 -25.41 -19.47
CA LEU L 6 -25.78 -24.28 -19.91
C LEU L 6 -25.62 -24.10 -21.41
N GLN L 7 -26.75 -24.02 -22.12
CA GLN L 7 -26.77 -23.80 -23.56
C GLN L 7 -27.55 -22.53 -23.85
N GLU L 8 -26.89 -21.57 -24.50
CA GLU L 8 -27.50 -20.28 -24.80
C GLU L 8 -27.95 -20.23 -26.26
N SER L 9 -28.70 -19.18 -26.58
CA SER L 9 -29.19 -18.96 -27.93
C SER L 9 -29.48 -17.47 -28.08
N GLY L 10 -29.90 -17.10 -29.29
CA GLY L 10 -30.22 -15.71 -29.57
C GLY L 10 -28.96 -14.87 -29.75
N GLY L 11 -29.18 -13.56 -29.81
CA GLY L 11 -28.10 -12.61 -30.00
C GLY L 11 -27.75 -12.40 -31.46
N GLY L 12 -26.84 -11.48 -31.69
CA GLY L 12 -26.41 -11.18 -33.04
C GLY L 12 -26.27 -9.67 -33.24
N LEU L 13 -26.58 -9.22 -34.45
CA LEU L 13 -26.42 -7.83 -34.85
C LEU L 13 -27.77 -7.11 -34.76
N VAL L 14 -27.74 -5.89 -34.24
CA VAL L 14 -28.93 -5.06 -34.13
C VAL L 14 -28.52 -3.60 -34.17
N GLN L 15 -29.32 -2.78 -34.85
CA GLN L 15 -29.08 -1.36 -34.91
C GLN L 15 -29.53 -0.70 -33.61
N PRO L 16 -29.03 0.49 -33.32
CA PRO L 16 -29.41 1.17 -32.07
C PRO L 16 -30.91 1.38 -32.00
N GLY L 17 -31.45 1.23 -30.79
CA GLY L 17 -32.87 1.35 -30.56
C GLY L 17 -33.67 0.08 -30.81
N GLY L 18 -33.02 -0.99 -31.25
CA GLY L 18 -33.70 -2.25 -31.49
C GLY L 18 -33.83 -3.07 -30.22
N SER L 19 -34.37 -4.27 -30.38
CA SER L 19 -34.60 -5.17 -29.28
C SER L 19 -34.09 -6.57 -29.62
N LEU L 20 -33.68 -7.31 -28.60
CA LEU L 20 -33.16 -8.66 -28.76
C LEU L 20 -33.65 -9.52 -27.61
N ARG L 21 -33.64 -10.82 -27.81
CA ARG L 21 -34.05 -11.78 -26.78
C ARG L 21 -33.04 -12.93 -26.73
N LEU L 22 -32.34 -13.04 -25.61
CA LEU L 22 -31.45 -14.16 -25.36
C LEU L 22 -32.16 -15.19 -24.49
N SER L 23 -31.82 -16.45 -24.72
CA SER L 23 -32.40 -17.54 -23.95
C SER L 23 -31.29 -18.48 -23.53
N CYS L 24 -31.51 -19.19 -22.42
CA CYS L 24 -30.53 -20.14 -21.92
C CYS L 24 -31.26 -21.28 -21.22
N THR L 25 -30.82 -22.50 -21.48
CA THR L 25 -31.42 -23.70 -20.90
C THR L 25 -30.35 -24.50 -20.17
N ALA L 26 -30.74 -25.09 -19.06
CA ALA L 26 -29.83 -25.88 -18.23
C ALA L 26 -30.16 -27.36 -18.36
N SER L 27 -29.12 -28.18 -18.25
CA SER L 27 -29.26 -29.62 -18.35
C SER L 27 -28.25 -30.28 -17.43
N GLY L 28 -28.48 -31.56 -17.15
CA GLY L 28 -27.63 -32.29 -16.23
C GLY L 28 -27.91 -32.04 -14.76
N VAL L 29 -29.05 -31.43 -14.43
CA VAL L 29 -29.42 -31.14 -13.06
C VAL L 29 -30.92 -31.32 -12.91
N THR L 30 -31.34 -31.87 -11.78
CA THR L 30 -32.75 -32.06 -11.52
C THR L 30 -33.45 -30.73 -11.26
N ILE L 31 -34.76 -30.71 -11.45
CA ILE L 31 -35.52 -29.48 -11.26
C ILE L 31 -35.44 -29.02 -9.81
N SER L 32 -35.58 -29.95 -8.87
CA SER L 32 -35.53 -29.58 -7.46
C SER L 32 -34.17 -28.98 -7.10
N ALA L 33 -33.09 -29.58 -7.59
CA ALA L 33 -31.76 -29.05 -7.29
C ALA L 33 -31.56 -27.67 -7.89
N LEU L 34 -32.05 -27.45 -9.12
CA LEU L 34 -31.87 -26.16 -9.76
C LEU L 34 -32.73 -25.09 -9.10
N ASN L 35 -33.88 -25.47 -8.54
CA ASN L 35 -34.74 -24.49 -7.90
C ASN L 35 -34.08 -23.79 -6.74
N ALA L 36 -33.02 -24.38 -6.17
CA ALA L 36 -32.30 -23.79 -5.06
C ALA L 36 -31.10 -22.95 -5.51
N MET L 37 -31.02 -22.63 -6.80
CA MET L 37 -29.91 -21.86 -7.35
C MET L 37 -30.44 -20.60 -8.02
N ALA L 38 -29.53 -19.64 -8.24
CA ALA L 38 -29.87 -18.40 -8.93
C ALA L 38 -29.44 -18.49 -10.37
N MET L 39 -30.24 -17.90 -11.26
CA MET L 39 -29.98 -17.93 -12.71
C MET L 39 -29.88 -16.52 -13.23
N GLY L 40 -28.78 -16.18 -13.90
CA GLY L 40 -28.59 -14.82 -14.35
C GLY L 40 -27.76 -14.66 -15.61
N TRP L 41 -27.37 -13.41 -15.89
CA TRP L 41 -26.64 -13.09 -17.10
C TRP L 41 -25.44 -12.21 -16.75
N TYR L 42 -24.27 -12.60 -17.23
CA TYR L 42 -23.07 -11.78 -17.19
C TYR L 42 -22.82 -11.19 -18.57
N ARG L 43 -22.00 -10.16 -18.63
CA ARG L 43 -21.61 -9.61 -19.92
C ARG L 43 -20.19 -9.05 -19.82
N GLN L 44 -19.42 -9.24 -20.88
CA GLN L 44 -18.06 -8.71 -20.98
C GLN L 44 -17.96 -7.89 -22.26
N ALA L 45 -17.60 -6.62 -22.11
CA ALA L 45 -17.39 -5.76 -23.26
C ALA L 45 -15.91 -5.72 -23.61
N PRO L 46 -15.58 -5.37 -24.86
CA PRO L 46 -14.18 -5.44 -25.31
C PRO L 46 -13.21 -4.76 -24.36
N GLY L 47 -12.32 -5.54 -23.75
CA GLY L 47 -11.28 -5.01 -22.89
C GLY L 47 -11.68 -4.72 -21.46
N GLU L 48 -12.87 -5.15 -21.04
CA GLU L 48 -13.35 -4.85 -19.69
C GLU L 48 -13.64 -6.13 -18.91
N ARG L 49 -14.20 -5.94 -17.73
CA ARG L 49 -14.55 -7.04 -16.84
C ARG L 49 -15.69 -7.86 -17.41
N ARG L 50 -15.85 -9.07 -16.86
CA ARG L 50 -17.08 -9.83 -17.01
C ARG L 50 -17.92 -9.62 -15.77
N VAL L 51 -19.02 -8.87 -15.91
CA VAL L 51 -19.81 -8.45 -14.76
C VAL L 51 -21.26 -8.83 -14.96
N MET L 52 -21.97 -9.02 -13.84
CA MET L 52 -23.37 -9.41 -13.86
C MET L 52 -24.25 -8.21 -14.19
N VAL L 53 -25.30 -8.45 -14.99
CA VAL L 53 -26.20 -7.39 -15.41
C VAL L 53 -27.61 -7.63 -14.89
N ALA L 54 -27.98 -8.90 -14.73
CA ALA L 54 -29.33 -9.24 -14.28
C ALA L 54 -29.32 -10.65 -13.72
N ALA L 55 -30.30 -10.93 -12.86
CA ALA L 55 -30.39 -12.25 -12.25
C ALA L 55 -31.79 -12.47 -11.71
N VAL L 56 -32.12 -13.74 -11.48
CA VAL L 56 -33.33 -14.13 -10.78
C VAL L 56 -32.92 -15.12 -9.69
N SER L 57 -33.28 -14.81 -8.45
CA SER L 57 -32.86 -15.61 -7.32
C SER L 57 -33.76 -16.84 -7.18
N GLU L 58 -33.38 -17.71 -6.24
CA GLU L 58 -34.11 -18.96 -6.01
C GLU L 58 -35.55 -18.71 -5.61
N ARG L 59 -35.86 -17.53 -5.09
CA ARG L 59 -37.23 -17.21 -4.68
C ARG L 59 -38.00 -16.46 -5.76
N GLY L 60 -37.41 -16.23 -6.92
CA GLY L 60 -38.11 -15.57 -8.00
C GLY L 60 -38.01 -14.07 -8.04
N ASN L 61 -37.05 -13.48 -7.32
CA ASN L 61 -36.89 -12.04 -7.28
C ASN L 61 -35.93 -11.60 -8.39
N ALA L 62 -36.42 -10.77 -9.30
CA ALA L 62 -35.60 -10.26 -10.40
C ALA L 62 -34.78 -9.08 -9.93
N MET L 63 -33.47 -9.13 -10.19
CA MET L 63 -32.54 -8.10 -9.77
C MET L 63 -31.74 -7.62 -10.97
N TYR L 64 -31.45 -6.33 -11.01
CA TYR L 64 -30.82 -5.71 -12.17
C TYR L 64 -29.66 -4.83 -11.74
N ARG L 65 -28.70 -4.67 -12.65
CA ARG L 65 -27.68 -3.65 -12.50
C ARG L 65 -28.29 -2.27 -12.76
N GLU L 66 -27.79 -1.27 -12.03
CA GLU L 66 -28.42 0.05 -12.08
C GLU L 66 -28.41 0.62 -13.50
N SER L 67 -27.30 0.47 -14.22
CA SER L 67 -27.17 1.07 -15.53
C SER L 67 -28.03 0.41 -16.59
N VAL L 68 -28.63 -0.74 -16.31
CA VAL L 68 -29.44 -1.47 -17.29
C VAL L 68 -30.90 -1.59 -16.89
N GLN L 69 -31.23 -1.31 -15.63
CA GLN L 69 -32.63 -1.40 -15.21
C GLN L 69 -33.47 -0.36 -15.94
N GLY L 70 -34.64 -0.77 -16.40
CA GLY L 70 -35.49 0.04 -17.23
C GLY L 70 -35.41 -0.29 -18.71
N ARG L 71 -34.36 -0.99 -19.14
CA ARG L 71 -34.25 -1.46 -20.51
C ARG L 71 -34.17 -2.98 -20.63
N PHE L 72 -33.72 -3.68 -19.60
CA PHE L 72 -33.59 -5.13 -19.61
C PHE L 72 -34.67 -5.76 -18.76
N THR L 73 -35.15 -6.92 -19.18
CA THR L 73 -36.15 -7.69 -18.44
C THR L 73 -35.71 -9.14 -18.39
N VAL L 74 -35.44 -9.64 -17.19
CA VAL L 74 -34.99 -11.02 -17.00
C VAL L 74 -36.15 -11.85 -16.49
N THR L 75 -36.38 -13.00 -17.12
CA THR L 75 -37.45 -13.90 -16.76
C THR L 75 -36.90 -15.29 -16.53
N ARG L 76 -37.51 -16.04 -15.61
CA ARG L 76 -37.06 -17.39 -15.28
C ARG L 76 -38.25 -18.33 -15.30
N ASP L 77 -38.10 -19.46 -15.98
CA ASP L 77 -39.07 -20.54 -16.00
C ASP L 77 -38.46 -21.70 -15.22
N PHE L 78 -39.00 -21.93 -14.01
CA PHE L 78 -38.44 -22.95 -13.13
C PHE L 78 -38.73 -24.35 -13.65
N THR L 79 -39.95 -24.58 -14.14
CA THR L 79 -40.31 -25.90 -14.63
C THR L 79 -39.45 -26.32 -15.83
N ASN L 80 -39.23 -25.40 -16.76
CA ASN L 80 -38.44 -25.67 -17.95
C ASN L 80 -36.95 -25.45 -17.75
N LYS L 81 -36.53 -25.05 -16.54
CA LYS L 81 -35.12 -24.80 -16.26
C LYS L 81 -34.52 -23.81 -17.25
N MET L 82 -35.26 -22.74 -17.52
CA MET L 82 -34.87 -21.78 -18.55
C MET L 82 -34.75 -20.38 -17.97
N VAL L 83 -33.86 -19.59 -18.51
CA VAL L 83 -33.73 -18.18 -18.14
C VAL L 83 -33.58 -17.37 -19.42
N SER L 84 -34.35 -16.29 -19.53
CA SER L 84 -34.36 -15.46 -20.73
C SER L 84 -34.15 -14.00 -20.36
N LEU L 85 -33.55 -13.27 -21.30
CA LEU L 85 -33.29 -11.84 -21.15
C LEU L 85 -33.82 -11.10 -22.36
N GLN L 86 -34.62 -10.06 -22.12
CA GLN L 86 -35.17 -9.23 -23.17
C GLN L 86 -34.56 -7.84 -23.08
N MET L 87 -33.96 -7.38 -24.17
CA MET L 87 -33.27 -6.10 -24.21
C MET L 87 -34.00 -5.18 -25.19
N ASP L 88 -34.37 -4.00 -24.71
CA ASP L 88 -35.08 -3.01 -25.50
C ASP L 88 -34.35 -1.68 -25.44
N ASN L 89 -34.44 -0.92 -26.52
CA ASN L 89 -33.76 0.36 -26.65
C ASN L 89 -32.27 0.15 -26.39
N LEU L 90 -31.66 -0.56 -27.33
CA LEU L 90 -30.25 -0.92 -27.22
C LEU L 90 -29.37 0.28 -27.55
N LYS L 91 -28.20 0.31 -26.92
CA LYS L 91 -27.23 1.38 -27.07
C LYS L 91 -25.87 0.80 -27.44
N PRO L 92 -24.98 1.64 -27.97
CA PRO L 92 -23.64 1.12 -28.35
C PRO L 92 -22.90 0.48 -27.20
N GLU L 93 -23.13 0.93 -25.97
CA GLU L 93 -22.47 0.36 -24.81
C GLU L 93 -22.96 -1.05 -24.48
N ASP L 94 -24.03 -1.50 -25.12
CA ASP L 94 -24.55 -2.84 -24.88
C ASP L 94 -23.87 -3.90 -25.74
N THR L 95 -22.93 -3.52 -26.60
CA THR L 95 -22.22 -4.48 -27.44
C THR L 95 -21.23 -5.26 -26.59
N ALA L 96 -21.39 -6.58 -26.53
CA ALA L 96 -20.52 -7.41 -25.71
C ALA L 96 -20.83 -8.89 -25.88
N VAL L 97 -20.08 -9.73 -25.16
CA VAL L 97 -20.37 -11.16 -25.09
C VAL L 97 -21.16 -11.41 -23.82
N TYR L 98 -22.34 -12.01 -23.96
CA TYR L 98 -23.24 -12.28 -22.86
C TYR L 98 -23.19 -13.76 -22.50
N TYR L 99 -23.07 -14.04 -21.21
CA TYR L 99 -22.93 -15.40 -20.71
C TYR L 99 -24.10 -15.73 -19.80
N CYS L 100 -24.72 -16.88 -20.05
CA CYS L 100 -25.67 -17.44 -19.08
C CYS L 100 -24.90 -17.93 -17.86
N HIS L 101 -25.42 -17.65 -16.67
CA HIS L 101 -24.71 -17.94 -15.44
C HIS L 101 -25.65 -18.59 -14.43
N VAL L 102 -25.10 -19.51 -13.65
CA VAL L 102 -25.83 -20.15 -12.56
C VAL L 102 -24.99 -20.06 -11.30
N LEU L 103 -25.60 -19.59 -10.22
CA LEU L 103 -24.94 -19.43 -8.94
C LEU L 103 -25.53 -20.43 -7.95
N GLU L 104 -24.67 -21.20 -7.30
CA GLU L 104 -25.06 -22.23 -6.35
C GLU L 104 -24.45 -21.94 -5.00
N ASP L 105 -25.26 -22.11 -3.94
CA ASP L 105 -24.82 -21.85 -2.58
C ASP L 105 -24.26 -23.14 -1.99
N ARG L 106 -23.03 -23.08 -1.49
CA ARG L 106 -22.36 -24.23 -0.89
C ARG L 106 -22.04 -23.98 0.58
N VAL L 107 -22.90 -23.24 1.27
CA VAL L 107 -22.77 -22.99 2.71
C VAL L 107 -21.62 -22.02 2.98
N ASP L 108 -20.38 -22.48 2.77
CA ASP L 108 -19.21 -21.67 3.07
C ASP L 108 -18.66 -20.95 1.84
N SER L 109 -19.31 -21.07 0.68
CA SER L 109 -18.84 -20.42 -0.53
C SER L 109 -19.89 -20.59 -1.61
N PHE L 110 -19.66 -19.94 -2.74
CA PHE L 110 -20.56 -19.99 -3.89
C PHE L 110 -19.82 -20.61 -5.07
N HIS L 111 -20.58 -21.31 -5.91
CA HIS L 111 -20.03 -21.98 -7.08
C HIS L 111 -20.72 -21.44 -8.34
N ASP L 112 -19.92 -21.22 -9.38
CA ASP L 112 -20.39 -20.62 -10.62
C ASP L 112 -20.41 -21.66 -11.74
N TYR L 113 -21.48 -21.64 -12.53
CA TYR L 113 -21.57 -22.39 -13.77
C TYR L 113 -21.76 -21.40 -14.91
N TRP L 114 -20.95 -21.54 -15.95
CA TRP L 114 -20.89 -20.57 -17.04
C TRP L 114 -21.41 -21.17 -18.33
N GLY L 115 -21.94 -20.30 -19.18
CA GLY L 115 -22.35 -20.70 -20.52
C GLY L 115 -21.25 -20.46 -21.54
N GLN L 116 -21.54 -20.83 -22.78
CA GLN L 116 -20.56 -20.67 -23.86
C GLN L 116 -20.32 -19.19 -24.15
N GLY L 117 -21.37 -18.40 -24.25
CA GLY L 117 -21.26 -16.99 -24.59
C GLY L 117 -21.89 -16.71 -25.94
N THR L 118 -22.53 -15.55 -26.05
CA THR L 118 -23.18 -15.13 -27.29
C THR L 118 -22.86 -13.67 -27.55
N GLN L 119 -22.60 -13.35 -28.82
CA GLN L 119 -22.19 -12.01 -29.23
C GLN L 119 -23.41 -11.15 -29.50
N VAL L 120 -23.42 -9.95 -28.94
CA VAL L 120 -24.45 -8.96 -29.22
C VAL L 120 -23.75 -7.69 -29.66
N THR L 121 -23.97 -7.30 -30.91
CA THR L 121 -23.33 -6.12 -31.49
C THR L 121 -24.40 -5.13 -31.93
N VAL L 122 -24.32 -3.92 -31.39
CA VAL L 122 -25.28 -2.87 -31.73
C VAL L 122 -24.56 -1.79 -32.52
N SER L 123 -24.61 -1.89 -33.85
CA SER L 123 -23.96 -0.94 -34.73
C SER L 123 -24.98 -0.39 -35.71
N SER L 124 -25.01 0.93 -35.85
CA SER L 124 -25.93 1.59 -36.76
C SER L 124 -25.48 1.44 -38.21
N MET M 1 -38.81 -8.41 -7.29
CA MET M 1 -39.99 -7.55 -7.42
C MET M 1 -41.05 -7.92 -6.38
N PHE M 2 -41.13 -9.20 -6.04
CA PHE M 2 -42.07 -9.62 -5.00
C PHE M 2 -41.73 -8.97 -3.67
N ARG M 3 -40.44 -8.93 -3.33
CA ARG M 3 -40.02 -8.24 -2.11
C ARG M 3 -40.39 -6.76 -2.17
N LYS M 4 -40.13 -6.11 -3.31
CA LYS M 4 -40.43 -4.69 -3.44
C LYS M 4 -41.93 -4.43 -3.36
N LEU M 5 -42.73 -5.26 -4.03
CA LEU M 5 -44.17 -5.08 -3.98
C LEU M 5 -44.71 -5.29 -2.57
N ALA M 6 -44.20 -6.31 -1.87
CA ALA M 6 -44.61 -6.53 -0.50
C ALA M 6 -44.25 -5.34 0.38
N ALA M 7 -43.05 -4.78 0.19
CA ALA M 7 -42.64 -3.63 0.97
C ALA M 7 -43.56 -2.44 0.71
N GLU M 8 -43.88 -2.18 -0.55
CA GLU M 8 -44.76 -1.05 -0.87
C GLU M 8 -46.15 -1.27 -0.29
N CYS M 9 -46.67 -2.49 -0.38
CA CYS M 9 -48.00 -2.79 0.16
C CYS M 9 -48.03 -2.57 1.67
N PHE M 10 -47.02 -3.11 2.38
CA PHE M 10 -46.97 -2.94 3.82
C PHE M 10 -46.81 -1.47 4.20
N GLY M 11 -45.99 -0.72 3.47
CA GLY M 11 -45.82 0.68 3.76
C GLY M 11 -47.10 1.47 3.58
N THR M 12 -47.83 1.24 2.51
CA THR M 12 -49.08 1.95 2.31
C THR M 12 -50.12 1.54 3.34
N PHE M 13 -50.16 0.26 3.71
CA PHE M 13 -51.03 -0.18 4.79
C PHE M 13 -50.72 0.58 6.06
N TRP M 14 -49.43 0.67 6.42
CA TRP M 14 -49.03 1.39 7.62
C TRP M 14 -49.46 2.86 7.55
N LEU M 15 -49.22 3.50 6.40
CA LEU M 15 -49.57 4.91 6.26
C LEU M 15 -51.07 5.12 6.48
N VAL M 16 -51.89 4.36 5.76
CA VAL M 16 -53.33 4.55 5.87
C VAL M 16 -53.81 4.23 7.28
N PHE M 17 -53.42 3.06 7.80
CA PHE M 17 -53.82 2.70 9.16
C PHE M 17 -53.47 3.81 10.14
N GLY M 18 -52.19 4.13 10.27
CA GLY M 18 -51.79 5.18 11.17
C GLY M 18 -52.56 6.48 11.01
N GLY M 19 -52.45 7.11 9.84
CA GLY M 19 -53.03 8.43 9.69
C GLY M 19 -54.54 8.44 9.83
N CYS M 20 -55.23 7.60 9.06
CA CYS M 20 -56.68 7.61 9.08
C CYS M 20 -57.23 7.14 10.43
N GLY M 21 -56.59 6.16 11.05
CA GLY M 21 -57.04 5.72 12.36
C GLY M 21 -56.85 6.78 13.43
N SER M 22 -55.74 7.52 13.37
CA SER M 22 -55.58 8.64 14.30
C SER M 22 -56.65 9.69 14.06
N ALA M 23 -56.98 9.95 12.80
CA ALA M 23 -58.03 10.92 12.50
C ALA M 23 -59.40 10.45 13.00
N VAL M 24 -59.71 9.16 12.85
CA VAL M 24 -61.04 8.65 13.10
C VAL M 24 -61.26 8.35 14.58
N LEU M 25 -60.26 7.82 15.27
CA LEU M 25 -60.43 7.34 16.63
C LEU M 25 -60.01 8.34 17.70
N ALA M 26 -59.06 9.24 17.41
CA ALA M 26 -58.46 10.06 18.45
C ALA M 26 -58.53 11.56 18.19
N ALA M 27 -58.80 11.99 16.96
CA ALA M 27 -58.74 13.42 16.67
C ALA M 27 -59.76 14.22 17.48
N GLY M 28 -60.99 13.71 17.57
CA GLY M 28 -62.06 14.45 18.21
C GLY M 28 -62.43 14.00 19.61
N PHE M 29 -61.53 13.26 20.27
CA PHE M 29 -61.85 12.76 21.60
C PHE M 29 -62.09 13.93 22.56
N PRO M 30 -63.09 13.84 23.43
CA PRO M 30 -63.47 14.99 24.27
C PRO M 30 -62.41 15.32 25.31
N GLU M 31 -61.92 16.56 25.26
CA GLU M 31 -61.08 17.13 26.31
C GLU M 31 -59.66 16.57 26.30
N LEU M 32 -59.39 15.59 25.44
CA LEU M 32 -58.06 15.02 25.37
C LEU M 32 -57.67 14.62 23.96
N GLY M 33 -58.47 14.96 22.95
CA GLY M 33 -58.15 14.56 21.59
C GLY M 33 -56.88 15.23 21.08
N ILE M 34 -56.29 14.59 20.07
CA ILE M 34 -55.00 15.06 19.57
C ILE M 34 -55.17 16.21 18.57
N GLY M 35 -56.30 16.28 17.87
CA GLY M 35 -56.56 17.36 16.97
C GLY M 35 -55.81 17.25 15.65
N PHE M 36 -55.89 18.35 14.88
CA PHE M 36 -55.26 18.39 13.57
C PHE M 36 -53.75 18.23 13.68
N ALA M 37 -53.13 18.86 14.69
CA ALA M 37 -51.69 18.73 14.86
C ALA M 37 -51.29 17.28 15.13
N GLY M 38 -52.05 16.60 15.98
CA GLY M 38 -51.77 15.19 16.23
C GLY M 38 -51.94 14.33 15.00
N VAL M 39 -52.98 14.61 14.20
CA VAL M 39 -53.19 13.84 12.98
C VAL M 39 -52.02 14.06 12.01
N ALA M 40 -51.57 15.31 11.87
CA ALA M 40 -50.45 15.60 10.98
C ALA M 40 -49.19 14.88 11.46
N LEU M 41 -48.93 14.91 12.76
CA LEU M 41 -47.77 14.20 13.29
C LEU M 41 -47.86 12.71 13.01
N ALA M 42 -49.04 12.12 13.18
CA ALA M 42 -49.19 10.69 12.90
C ALA M 42 -48.92 10.38 11.43
N PHE M 43 -49.46 11.19 10.53
CA PHE M 43 -49.23 10.97 9.11
C PHE M 43 -47.75 11.05 8.77
N GLY M 44 -47.05 12.04 9.33
CA GLY M 44 -45.61 12.14 9.08
C GLY M 44 -44.84 10.95 9.65
N LEU M 45 -45.20 10.52 10.86
CA LEU M 45 -44.46 9.45 11.53
C LEU M 45 -44.63 8.12 10.79
N THR M 46 -45.82 7.85 10.27
CA THR M 46 -45.99 6.61 9.51
C THR M 46 -44.97 6.52 8.39
N VAL M 47 -44.87 7.59 7.58
CA VAL M 47 -43.93 7.58 6.46
C VAL M 47 -42.50 7.51 6.96
N LEU M 48 -42.17 8.27 8.00
CA LEU M 48 -40.79 8.25 8.50
C LEU M 48 -40.37 6.85 8.93
N THR M 49 -41.17 6.21 9.78
CA THR M 49 -40.81 4.89 10.29
C THR M 49 -40.79 3.85 9.17
N MET M 50 -41.80 3.86 8.30
CA MET M 50 -41.82 2.86 7.23
C MET M 50 -40.68 3.07 6.25
N ALA M 51 -40.28 4.32 6.00
CA ALA M 51 -39.12 4.56 5.17
C ALA M 51 -37.87 3.97 5.82
N PHE M 52 -37.62 4.31 7.09
CA PHE M 52 -36.46 3.72 7.76
C PHE M 52 -36.50 2.20 7.72
N ALA M 53 -37.70 1.61 7.68
CA ALA M 53 -37.81 0.16 7.76
C ALA M 53 -37.57 -0.53 6.41
N VAL M 54 -38.18 -0.01 5.33
CA VAL M 54 -38.19 -0.77 4.07
C VAL M 54 -37.77 0.06 2.85
N GLY M 55 -37.21 1.25 3.07
CA GLY M 55 -36.74 2.03 1.95
C GLY M 55 -35.56 1.41 1.26
N HIS M 56 -34.69 0.75 2.03
CA HIS M 56 -33.58 0.02 1.44
C HIS M 56 -34.04 -1.17 0.62
N ILE M 57 -35.30 -1.57 0.75
CA ILE M 57 -35.84 -2.66 -0.05
C ILE M 57 -36.51 -2.10 -1.30
N SER M 58 -37.53 -1.26 -1.11
CA SER M 58 -38.33 -0.82 -2.24
C SER M 58 -38.12 0.64 -2.62
N GLY M 59 -37.41 1.42 -1.83
CA GLY M 59 -37.31 2.84 -2.04
C GLY M 59 -38.30 3.67 -1.24
N GLY M 60 -39.31 3.04 -0.65
CA GLY M 60 -40.24 3.72 0.22
C GLY M 60 -41.05 4.82 -0.42
N HIS M 61 -41.88 4.48 -1.40
CA HIS M 61 -42.76 5.46 -2.03
C HIS M 61 -44.08 5.59 -1.27
N PHE M 62 -44.82 4.48 -1.16
CA PHE M 62 -46.08 4.43 -0.42
C PHE M 62 -47.11 5.41 -0.97
N ASN M 63 -46.92 5.88 -2.19
CA ASN M 63 -47.76 6.93 -2.76
C ASN M 63 -47.70 6.87 -4.28
N PRO M 64 -48.82 6.66 -4.97
CA PRO M 64 -48.78 6.66 -6.45
C PRO M 64 -48.23 7.96 -7.02
N ALA M 65 -48.58 9.09 -6.43
CA ALA M 65 -48.06 10.37 -6.91
C ALA M 65 -46.55 10.41 -6.79
N VAL M 66 -46.00 9.88 -5.70
CA VAL M 66 -44.55 9.86 -5.54
C VAL M 66 -43.90 9.01 -6.62
N THR M 67 -44.46 7.82 -6.88
CA THR M 67 -43.88 6.96 -7.91
C THR M 67 -43.91 7.62 -9.27
N ILE M 68 -45.04 8.22 -9.64
CA ILE M 68 -45.14 8.83 -10.96
C ILE M 68 -44.24 10.06 -11.06
N GLY M 69 -44.14 10.83 -9.98
CA GLY M 69 -43.25 11.98 -10.00
C GLY M 69 -41.79 11.59 -10.09
N LEU M 70 -41.41 10.48 -9.43
CA LEU M 70 -40.05 9.98 -9.57
C LEU M 70 -39.78 9.49 -10.97
N TRP M 71 -40.78 8.87 -11.60
CA TRP M 71 -40.63 8.50 -13.01
C TRP M 71 -40.41 9.74 -13.86
N ALA M 72 -41.21 10.78 -13.65
CA ALA M 72 -41.08 12.00 -14.43
C ALA M 72 -39.76 12.72 -14.17
N GLY M 73 -39.16 12.51 -13.01
CA GLY M 73 -37.86 13.09 -12.70
C GLY M 73 -36.68 12.32 -13.23
N GLY M 74 -36.92 11.22 -13.94
CA GLY M 74 -35.83 10.42 -14.46
C GLY M 74 -35.13 9.54 -13.44
N ARG M 75 -35.85 9.09 -12.42
CA ARG M 75 -35.25 8.30 -11.35
C ARG M 75 -35.91 6.95 -11.14
N PHE M 76 -36.96 6.61 -11.90
CA PHE M 76 -37.68 5.36 -11.69
C PHE M 76 -38.10 4.78 -13.04
N PRO M 77 -37.80 3.51 -13.29
CA PRO M 77 -38.15 2.92 -14.59
C PRO M 77 -39.66 2.89 -14.80
N ALA M 78 -40.06 3.14 -16.05
CA ALA M 78 -41.49 3.16 -16.38
C ALA M 78 -42.11 1.78 -16.23
N LYS M 79 -41.42 0.73 -16.65
CA LYS M 79 -42.02 -0.61 -16.67
C LYS M 79 -42.40 -1.09 -15.28
N GLU M 80 -41.84 -0.52 -14.22
CA GLU M 80 -42.14 -0.92 -12.86
C GLU M 80 -43.26 -0.09 -12.23
N VAL M 81 -43.74 0.96 -12.91
CA VAL M 81 -44.65 1.89 -12.26
C VAL M 81 -45.96 1.20 -11.91
N VAL M 82 -46.60 0.56 -12.88
CA VAL M 82 -47.97 0.08 -12.68
C VAL M 82 -48.01 -0.86 -11.48
N GLY M 83 -47.13 -1.85 -11.45
CA GLY M 83 -47.09 -2.75 -10.31
C GLY M 83 -47.08 -2.00 -8.99
N TYR M 84 -46.13 -1.07 -8.83
CA TYR M 84 -46.06 -0.32 -7.58
C TYR M 84 -47.43 0.26 -7.23
N VAL M 85 -48.04 0.96 -8.19
CA VAL M 85 -49.31 1.62 -7.88
C VAL M 85 -50.30 0.61 -7.36
N ILE M 86 -50.45 -0.51 -8.06
CA ILE M 86 -51.43 -1.50 -7.63
C ILE M 86 -51.17 -1.90 -6.19
N ALA M 87 -49.91 -2.28 -5.90
CA ALA M 87 -49.59 -2.69 -4.54
C ALA M 87 -50.04 -1.62 -3.56
N GLN M 88 -49.65 -0.37 -3.79
CA GLN M 88 -50.01 0.68 -2.85
C GLN M 88 -51.51 0.69 -2.63
N VAL M 89 -52.29 0.74 -3.71
CA VAL M 89 -53.73 0.81 -3.54
C VAL M 89 -54.22 -0.36 -2.70
N VAL M 90 -53.78 -1.57 -3.04
CA VAL M 90 -54.25 -2.74 -2.31
C VAL M 90 -53.98 -2.55 -0.82
N GLY M 91 -52.75 -2.19 -0.47
CA GLY M 91 -52.42 -2.00 0.92
C GLY M 91 -53.41 -1.06 1.59
N GLY M 92 -53.60 0.12 1.00
CA GLY M 92 -54.50 1.08 1.60
C GLY M 92 -55.85 0.47 1.88
N ILE M 93 -56.43 -0.21 0.87
CA ILE M 93 -57.77 -0.75 1.05
C ILE M 93 -57.80 -1.66 2.25
N VAL M 94 -56.84 -2.58 2.34
CA VAL M 94 -56.85 -3.51 3.46
C VAL M 94 -56.86 -2.73 4.77
N ALA M 95 -55.96 -1.76 4.90
CA ALA M 95 -55.94 -0.96 6.12
C ALA M 95 -57.32 -0.40 6.42
N ALA M 96 -57.91 0.28 5.42
CA ALA M 96 -59.22 0.87 5.65
C ALA M 96 -60.19 -0.16 6.20
N ALA M 97 -60.23 -1.35 5.58
CA ALA M 97 -61.17 -2.36 6.03
C ALA M 97 -60.97 -2.63 7.52
N LEU M 98 -59.73 -2.91 7.94
CA LEU M 98 -59.51 -3.18 9.34
C LEU M 98 -59.92 -1.99 10.19
N LEU M 99 -59.55 -0.78 9.76
CA LEU M 99 -59.96 0.40 10.51
C LEU M 99 -61.46 0.42 10.67
N TYR M 100 -62.20 0.18 9.58
CA TYR M 100 -63.65 0.15 9.68
C TYR M 100 -64.09 -0.78 10.79
N LEU M 101 -63.58 -2.02 10.77
CA LEU M 101 -63.97 -2.96 11.81
C LEU M 101 -63.72 -2.38 13.19
N ILE M 102 -62.54 -1.82 13.42
CA ILE M 102 -62.24 -1.27 14.74
C ILE M 102 -63.22 -0.16 15.07
N ALA M 103 -63.49 0.73 14.11
CA ALA M 103 -64.39 1.84 14.39
C ALA M 103 -65.78 1.36 14.72
N SER M 104 -66.14 0.15 14.29
CA SER M 104 -67.47 -0.37 14.57
C SER M 104 -67.62 -0.84 16.02
N GLY M 105 -66.53 -0.92 16.77
CA GLY M 105 -66.62 -1.38 18.14
C GLY M 105 -67.14 -0.37 19.13
N LYS M 106 -67.38 0.87 18.70
CA LYS M 106 -67.88 1.92 19.57
C LYS M 106 -69.30 2.28 19.13
N THR M 107 -70.19 2.41 20.11
CA THR M 107 -71.59 2.70 19.82
C THR M 107 -71.72 4.06 19.14
N GLY M 108 -72.60 4.13 18.14
CA GLY M 108 -72.89 5.36 17.45
C GLY M 108 -72.02 5.65 16.24
N PHE M 109 -71.08 4.78 15.90
CA PHE M 109 -70.23 5.00 14.75
C PHE M 109 -71.05 4.94 13.46
N ASP M 110 -70.79 5.89 12.55
CA ASP M 110 -71.49 5.94 11.27
C ASP M 110 -70.50 6.48 10.24
N ALA M 111 -69.98 5.58 9.40
CA ALA M 111 -68.97 5.99 8.43
C ALA M 111 -69.52 7.01 7.44
N ALA M 112 -70.74 6.78 6.94
CA ALA M 112 -71.30 7.69 5.94
C ALA M 112 -71.50 9.08 6.50
N ALA M 113 -72.02 9.19 7.73
CA ALA M 113 -72.31 10.50 8.29
C ALA M 113 -71.04 11.22 8.72
N SER M 114 -70.09 10.51 9.32
CA SER M 114 -68.88 11.16 9.79
C SER M 114 -67.92 11.51 8.66
N GLY M 115 -67.99 10.78 7.55
CA GLY M 115 -67.10 10.98 6.43
C GLY M 115 -65.92 10.04 6.38
N PHE M 116 -65.60 9.38 7.49
CA PHE M 116 -64.53 8.39 7.54
C PHE M 116 -63.21 8.98 7.06
N ALA M 117 -62.96 10.24 7.41
CA ALA M 117 -61.71 10.92 7.07
C ALA M 117 -61.47 10.95 5.57
N SER M 118 -62.53 11.20 4.80
CA SER M 118 -62.44 11.26 3.35
C SER M 118 -62.07 12.66 2.89
N ASN M 119 -61.37 12.72 1.75
CA ASN M 119 -61.00 14.00 1.16
C ASN M 119 -62.16 14.56 0.34
N GLY M 120 -62.35 15.87 0.43
CA GLY M 120 -63.42 16.52 -0.31
C GLY M 120 -63.14 18.00 -0.46
N TYR M 121 -63.91 18.64 -1.35
CA TYR M 121 -63.79 20.05 -1.61
C TYR M 121 -65.17 20.68 -1.66
N GLY M 122 -65.19 22.01 -1.73
CA GLY M 122 -66.45 22.71 -1.83
C GLY M 122 -67.33 22.45 -0.63
N GLU M 123 -68.55 21.98 -0.89
CA GLU M 123 -69.50 21.75 0.19
C GLU M 123 -69.00 20.70 1.18
N HIS M 124 -68.11 19.82 0.74
CA HIS M 124 -67.59 18.75 1.59
C HIS M 124 -66.20 19.05 2.12
N SER M 125 -65.73 20.27 1.99
CA SER M 125 -64.46 20.66 2.59
C SER M 125 -64.64 20.89 4.09
N PRO M 126 -63.67 20.50 4.92
CA PRO M 126 -63.83 20.72 6.37
C PRO M 126 -64.04 22.17 6.74
N GLY M 127 -63.39 23.09 6.04
CA GLY M 127 -63.53 24.51 6.28
C GLY M 127 -64.40 25.25 5.30
N GLY M 128 -65.12 24.55 4.43
CA GLY M 128 -65.96 25.21 3.44
C GLY M 128 -65.20 26.01 2.40
N TYR M 129 -64.11 25.46 1.88
CA TYR M 129 -63.34 26.11 0.83
C TYR M 129 -63.84 25.71 -0.54
N SER M 130 -63.59 26.57 -1.53
CA SER M 130 -64.06 26.35 -2.88
C SER M 130 -63.17 25.35 -3.60
N MET M 131 -63.61 24.94 -4.80
CA MET M 131 -62.86 24.00 -5.60
C MET M 131 -61.51 24.57 -6.03
N LEU M 132 -61.48 25.86 -6.37
CA LEU M 132 -60.23 26.48 -6.83
C LEU M 132 -59.18 26.45 -5.73
N SER M 133 -59.57 26.75 -4.49
CA SER M 133 -58.63 26.70 -3.39
C SER M 133 -58.05 25.31 -3.21
N ALA M 134 -58.91 24.29 -3.27
CA ALA M 134 -58.44 22.92 -3.15
C ALA M 134 -57.45 22.58 -4.26
N LEU M 135 -57.78 22.97 -5.49
CA LEU M 135 -56.89 22.68 -6.62
C LEU M 135 -55.53 23.32 -6.41
N VAL M 136 -55.52 24.61 -6.07
CA VAL M 136 -54.24 25.32 -5.92
C VAL M 136 -53.42 24.71 -4.79
N VAL M 137 -54.04 24.46 -3.64
CA VAL M 137 -53.29 23.95 -2.50
C VAL M 137 -52.74 22.55 -2.80
N GLU M 138 -53.56 21.69 -3.39
CA GLU M 138 -53.10 20.34 -3.69
C GLU M 138 -51.95 20.37 -4.71
N LEU M 139 -52.09 21.18 -5.75
CA LEU M 139 -51.02 21.27 -6.75
C LEU M 139 -49.71 21.73 -6.10
N VAL M 140 -49.76 22.83 -5.36
CA VAL M 140 -48.53 23.39 -4.79
C VAL M 140 -47.91 22.40 -3.81
N LEU M 141 -48.71 21.80 -2.95
CA LEU M 141 -48.15 20.91 -1.93
C LEU M 141 -47.59 19.63 -2.55
N SER M 142 -48.26 19.09 -3.57
CA SER M 142 -47.71 17.92 -4.26
C SER M 142 -46.38 18.25 -4.93
N ALA M 143 -46.32 19.40 -5.61
CA ALA M 143 -45.06 19.79 -6.24
C ALA M 143 -43.95 19.94 -5.22
N GLY M 144 -44.24 20.60 -4.10
CA GLY M 144 -43.24 20.76 -3.06
C GLY M 144 -42.79 19.43 -2.47
N PHE M 145 -43.74 18.52 -2.26
CA PHE M 145 -43.40 17.20 -1.74
C PHE M 145 -42.45 16.47 -2.68
N LEU M 146 -42.76 16.47 -3.97
CA LEU M 146 -41.88 15.79 -4.92
C LEU M 146 -40.53 16.46 -5.00
N LEU M 147 -40.49 17.79 -4.92
CA LEU M 147 -39.21 18.49 -4.93
C LEU M 147 -38.36 18.10 -3.73
N VAL M 148 -38.98 18.03 -2.54
CA VAL M 148 -38.25 17.63 -1.35
C VAL M 148 -37.72 16.21 -1.49
N ILE M 149 -38.56 15.31 -2.02
CA ILE M 149 -38.14 13.91 -2.17
C ILE M 149 -36.96 13.82 -3.13
N HIS M 150 -37.02 14.53 -4.26
CA HIS M 150 -35.92 14.49 -5.21
C HIS M 150 -34.64 15.06 -4.60
N GLY M 151 -34.75 16.19 -3.90
CA GLY M 151 -33.57 16.81 -3.33
C GLY M 151 -32.92 15.98 -2.24
N ALA M 152 -33.74 15.40 -1.35
CA ALA M 152 -33.19 14.69 -0.20
C ALA M 152 -32.52 13.39 -0.61
N THR M 153 -32.98 12.75 -1.68
CA THR M 153 -32.39 11.50 -2.14
C THR M 153 -31.28 11.71 -3.16
N ASP M 154 -30.92 12.96 -3.45
CA ASP M 154 -29.82 13.24 -4.37
C ASP M 154 -28.52 12.70 -3.79
N LYS M 155 -27.62 12.26 -4.68
CA LYS M 155 -26.37 11.67 -4.25
C LYS M 155 -25.48 12.64 -3.49
N PHE M 156 -25.72 13.95 -3.60
CA PHE M 156 -24.94 14.94 -2.90
C PHE M 156 -25.58 15.38 -1.59
N ALA M 157 -26.74 14.86 -1.24
CA ALA M 157 -27.39 15.18 0.02
C ALA M 157 -26.83 14.32 1.15
N PRO M 158 -27.03 14.73 2.40
CA PRO M 158 -26.54 13.91 3.52
C PRO M 158 -27.13 12.50 3.46
N ALA M 159 -26.27 11.52 3.69
CA ALA M 159 -26.66 10.12 3.52
C ALA M 159 -27.40 9.61 4.75
N GLY M 160 -28.54 8.97 4.52
CA GLY M 160 -29.32 8.37 5.58
C GLY M 160 -30.36 9.26 6.21
N PHE M 161 -30.40 10.55 5.87
CA PHE M 161 -31.33 11.49 6.48
C PHE M 161 -32.63 11.64 5.70
N ALA M 162 -32.75 11.04 4.52
CA ALA M 162 -33.91 11.27 3.67
C ALA M 162 -35.24 10.93 4.34
N PRO M 163 -35.37 9.78 5.04
CA PRO M 163 -36.67 9.47 5.66
C PRO M 163 -37.15 10.55 6.62
N ILE M 164 -36.24 11.15 7.39
CA ILE M 164 -36.65 12.19 8.32
C ILE M 164 -37.22 13.39 7.58
N ALA M 165 -36.51 13.83 6.54
CA ALA M 165 -36.97 14.98 5.76
C ALA M 165 -38.32 14.71 5.12
N ILE M 166 -38.48 13.52 4.51
CA ILE M 166 -39.72 13.22 3.81
C ILE M 166 -40.90 13.12 4.77
N GLY M 167 -40.71 12.43 5.91
CA GLY M 167 -41.78 12.32 6.87
C GLY M 167 -42.18 13.66 7.46
N LEU M 168 -41.19 14.49 7.83
CA LEU M 168 -41.53 15.80 8.38
C LEU M 168 -42.16 16.69 7.32
N ALA M 169 -41.79 16.53 6.05
CA ALA M 169 -42.46 17.26 4.98
C ALA M 169 -43.94 16.87 4.89
N LEU M 170 -44.24 15.58 5.00
CA LEU M 170 -45.64 15.16 5.00
C LEU M 170 -46.39 15.75 6.19
N THR M 171 -45.76 15.75 7.36
CA THR M 171 -46.39 16.36 8.53
C THR M 171 -46.68 17.84 8.29
N LEU M 172 -45.74 18.57 7.70
CA LEU M 172 -45.95 19.98 7.41
C LEU M 172 -47.09 20.17 6.41
N ILE M 173 -47.14 19.33 5.39
CA ILE M 173 -48.21 19.43 4.39
C ILE M 173 -49.57 19.27 5.06
N HIS M 174 -49.69 18.29 5.95
CA HIS M 174 -50.96 18.12 6.66
C HIS M 174 -51.27 19.34 7.52
N LEU M 175 -50.29 19.82 8.27
CA LEU M 175 -50.48 21.00 9.11
C LEU M 175 -51.02 22.16 8.30
N ILE M 176 -50.55 22.30 7.06
CA ILE M 176 -51.00 23.41 6.22
C ILE M 176 -52.42 23.16 5.72
N SER M 177 -52.67 21.99 5.14
CA SER M 177 -53.80 21.83 4.24
C SER M 177 -54.97 21.05 4.79
N ILE M 178 -54.92 20.56 6.04
CA ILE M 178 -56.05 19.78 6.56
C ILE M 178 -57.37 20.54 6.46
N PRO M 179 -57.46 21.81 6.86
CA PRO M 179 -58.75 22.51 6.81
C PRO M 179 -59.32 22.67 5.40
N VAL M 180 -58.49 22.62 4.36
CA VAL M 180 -58.98 22.92 3.01
C VAL M 180 -59.61 21.69 2.38
N THR M 181 -58.86 20.60 2.27
CA THR M 181 -59.32 19.40 1.58
C THR M 181 -59.16 18.13 2.39
N ASN M 182 -58.63 18.20 3.60
CA ASN M 182 -58.26 17.04 4.43
C ASN M 182 -56.92 16.47 4.01
N THR M 183 -56.15 17.16 3.16
CA THR M 183 -54.74 16.85 2.91
C THR M 183 -54.56 15.44 2.34
N SER M 184 -54.99 15.26 1.10
CA SER M 184 -54.78 13.97 0.44
C SER M 184 -53.35 13.81 -0.06
N VAL M 185 -52.95 14.62 -1.04
CA VAL M 185 -51.68 14.49 -1.76
C VAL M 185 -51.26 13.02 -1.93
N ASN M 186 -52.22 12.10 -1.91
CA ASN M 186 -51.94 10.68 -2.01
C ASN M 186 -53.19 9.95 -2.52
N PRO M 187 -53.24 9.61 -3.81
CA PRO M 187 -54.47 8.99 -4.35
C PRO M 187 -54.87 7.71 -3.65
N ALA M 188 -53.91 6.87 -3.25
CA ALA M 188 -54.25 5.61 -2.61
C ALA M 188 -54.94 5.84 -1.27
N ARG M 189 -54.43 6.78 -0.48
CA ARG M 189 -55.05 7.08 0.80
C ARG M 189 -56.46 7.61 0.63
N SER M 190 -56.68 8.45 -0.39
CA SER M 190 -58.02 8.95 -0.65
C SER M 190 -58.96 7.82 -1.05
N THR M 191 -58.50 6.94 -1.94
CA THR M 191 -59.34 5.85 -2.42
C THR M 191 -59.73 4.91 -1.29
N ALA M 192 -58.77 4.58 -0.41
CA ALA M 192 -59.03 3.59 0.63
C ALA M 192 -60.22 3.99 1.50
N VAL M 193 -60.28 5.25 1.91
CA VAL M 193 -61.38 5.70 2.76
C VAL M 193 -62.61 6.08 1.95
N ALA M 194 -62.45 6.55 0.71
CA ALA M 194 -63.62 6.87 -0.11
C ALA M 194 -64.44 5.63 -0.39
N ILE M 195 -63.78 4.48 -0.56
CA ILE M 195 -64.53 3.26 -0.83
C ILE M 195 -65.49 2.95 0.31
N PHE M 196 -65.04 3.10 1.55
CA PHE M 196 -65.86 2.76 2.70
C PHE M 196 -66.83 3.87 3.08
N GLN M 197 -66.54 5.12 2.73
CA GLN M 197 -67.54 6.18 2.93
C GLN M 197 -68.78 5.90 2.08
N GLY M 198 -68.56 5.57 0.81
CA GLY M 198 -69.62 5.07 -0.05
C GLY M 198 -70.57 6.11 -0.63
N GLY M 199 -70.36 7.39 -0.32
CA GLY M 199 -71.28 8.41 -0.78
C GLY M 199 -70.65 9.47 -1.66
N TRP M 200 -70.69 10.72 -1.19
CA TRP M 200 -70.10 11.83 -1.94
C TRP M 200 -68.60 11.64 -2.14
N ALA M 201 -67.95 10.85 -1.29
CA ALA M 201 -66.50 10.67 -1.41
C ALA M 201 -66.15 10.02 -2.75
N LEU M 202 -66.94 9.04 -3.19
CA LEU M 202 -66.67 8.40 -4.46
C LEU M 202 -66.95 9.33 -5.64
N GLU M 203 -67.89 10.26 -5.48
CA GLU M 203 -68.18 11.21 -6.55
C GLU M 203 -67.01 12.13 -6.81
N GLN M 204 -66.33 12.56 -5.76
CA GLN M 204 -65.21 13.50 -5.87
C GLN M 204 -63.86 12.81 -5.94
N LEU M 205 -63.83 11.48 -5.96
CA LEU M 205 -62.55 10.77 -5.87
C LEU M 205 -61.64 11.12 -7.04
N TRP M 206 -62.20 11.26 -8.25
CA TRP M 206 -61.39 11.56 -9.41
C TRP M 206 -60.49 12.77 -9.16
N PHE M 207 -61.01 13.80 -8.49
CA PHE M 207 -60.25 15.02 -8.28
C PHE M 207 -58.93 14.73 -7.57
N PHE M 208 -58.94 13.76 -6.65
CA PHE M 208 -57.76 13.46 -5.86
C PHE M 208 -56.89 12.39 -6.49
N TRP M 209 -57.22 11.95 -7.71
CA TRP M 209 -56.29 11.17 -8.52
C TRP M 209 -55.58 12.01 -9.56
N VAL M 210 -56.20 13.08 -10.03
CA VAL M 210 -55.63 13.91 -11.08
C VAL M 210 -54.73 15.00 -10.51
N VAL M 211 -55.25 15.79 -9.57
CA VAL M 211 -54.48 16.94 -9.07
C VAL M 211 -53.18 16.52 -8.41
N PRO M 212 -53.16 15.58 -7.46
CA PRO M 212 -51.87 15.18 -6.87
C PRO M 212 -50.87 14.69 -7.90
N ILE M 213 -51.27 13.73 -8.75
CA ILE M 213 -50.33 13.17 -9.70
C ILE M 213 -49.73 14.26 -10.57
N VAL M 214 -50.59 15.11 -11.15
CA VAL M 214 -50.08 16.20 -11.96
C VAL M 214 -49.07 17.02 -11.17
N GLY M 215 -49.45 17.41 -9.94
CA GLY M 215 -48.53 18.16 -9.13
C GLY M 215 -47.20 17.45 -8.97
N GLY M 216 -47.25 16.16 -8.65
CA GLY M 216 -46.01 15.41 -8.52
C GLY M 216 -45.16 15.52 -9.77
N ILE M 217 -45.79 15.33 -10.93
CA ILE M 217 -45.03 15.42 -12.17
C ILE M 217 -44.32 16.75 -12.24
N ILE M 218 -45.05 17.84 -11.97
CA ILE M 218 -44.45 19.16 -12.05
C ILE M 218 -43.22 19.21 -11.16
N GLY M 219 -43.36 18.76 -9.92
CA GLY M 219 -42.22 18.75 -9.02
C GLY M 219 -41.03 18.07 -9.63
N GLY M 220 -41.23 16.84 -10.12
CA GLY M 220 -40.13 16.13 -10.74
C GLY M 220 -39.50 16.95 -11.84
N LEU M 221 -40.32 17.47 -12.75
CA LEU M 221 -39.78 18.23 -13.86
C LEU M 221 -38.89 19.35 -13.35
N ILE M 222 -39.33 20.08 -12.33
CA ILE M 222 -38.54 21.20 -11.84
C ILE M 222 -37.15 20.71 -11.45
N TYR M 223 -37.09 19.68 -10.60
CA TYR M 223 -35.79 19.22 -10.14
C TYR M 223 -34.97 18.70 -11.31
N ARG M 224 -35.64 18.16 -12.32
CA ARG M 224 -34.91 17.60 -13.46
C ARG M 224 -34.29 18.70 -14.31
N THR M 225 -34.92 19.87 -14.35
CA THR M 225 -34.53 20.87 -15.34
C THR M 225 -33.86 22.10 -14.75
N LEU M 226 -34.10 22.42 -13.47
CA LEU M 226 -33.58 23.65 -12.89
C LEU M 226 -32.60 23.43 -11.74
N LEU M 227 -32.63 22.29 -11.06
CA LEU M 227 -31.84 22.11 -9.85
C LEU M 227 -30.81 21.01 -9.94
N ARG M 228 -31.09 19.91 -10.63
CA ARG M 228 -30.12 18.84 -10.72
C ARG M 228 -28.88 19.28 -11.49
N ALA M 229 -27.72 18.85 -11.01
CA ALA M 229 -26.46 19.18 -11.67
C ALA M 229 -26.21 18.24 -12.84
N SER M 230 -25.76 18.81 -13.96
CA SER M 230 -25.45 18.02 -15.13
C SER M 230 -24.13 17.28 -14.94
N ARG M 231 -23.85 16.38 -15.88
CA ARG M 231 -22.61 15.61 -15.83
C ARG M 231 -21.39 16.53 -15.89
N LEU M 232 -21.41 17.51 -16.80
CA LEU M 232 -20.31 18.46 -16.88
C LEU M 232 -20.17 19.24 -15.59
N GLU M 233 -21.30 19.63 -14.98
CA GLU M 233 -21.22 20.37 -13.72
C GLU M 233 -20.64 19.52 -12.60
N GLU M 234 -21.00 18.23 -12.54
CA GLU M 234 -20.40 17.35 -11.56
C GLU M 234 -18.89 17.25 -11.75
N GLU M 235 -18.46 17.07 -13.00
CA GLU M 235 -17.03 16.99 -13.27
C GLU M 235 -16.33 18.29 -12.90
N LEU M 236 -16.96 19.43 -13.19
CA LEU M 236 -16.36 20.71 -12.86
C LEU M 236 -16.21 20.87 -11.35
N ARG M 237 -17.22 20.48 -10.59
CA ARG M 237 -17.12 20.56 -9.13
C ARG M 237 -15.99 19.65 -8.62
N ARG M 238 -15.93 18.43 -9.14
CA ARG M 238 -14.85 17.53 -8.73
C ARG M 238 -13.48 18.13 -9.01
N ARG M 239 -13.30 18.72 -10.18
CA ARG M 239 -12.01 19.33 -10.50
C ARG M 239 -11.74 20.56 -9.67
N LEU M 240 -12.76 21.34 -9.34
CA LEU M 240 -12.59 22.53 -8.53
C LEU M 240 -12.30 22.20 -7.07
N THR M 241 -12.59 20.98 -6.62
CA THR M 241 -12.27 20.56 -5.26
C THR M 241 -11.04 19.67 -5.20
N GLU M 242 -10.03 19.95 -6.02
CA GLU M 242 -8.80 19.17 -6.01
C GLU M 242 -7.63 19.99 -5.49
N PRO M 243 -6.87 19.47 -4.52
CA PRO M 243 -5.73 20.23 -3.99
C PRO M 243 -4.64 20.40 -5.03
N GLY M 244 -3.92 21.51 -4.93
CA GLY M 244 -2.83 21.80 -5.85
C GLY M 244 -1.57 22.26 -5.17
N GLU N 3 -10.02 20.86 -34.55
CA GLU N 3 -10.07 20.93 -33.09
C GLU N 3 -10.18 22.37 -32.62
N VAL N 4 -10.33 22.55 -31.31
CA VAL N 4 -10.53 23.87 -30.73
C VAL N 4 -9.18 24.52 -30.49
N GLN N 5 -9.08 25.81 -30.80
CA GLN N 5 -7.88 26.61 -30.57
C GLN N 5 -8.21 27.75 -29.62
N LEU N 6 -7.43 27.88 -28.56
CA LEU N 6 -7.67 28.88 -27.52
C LEU N 6 -6.55 29.91 -27.54
N GLN N 7 -6.92 31.19 -27.59
CA GLN N 7 -5.97 32.29 -27.57
C GLN N 7 -6.28 33.18 -26.37
N GLU N 8 -5.31 33.33 -25.48
CA GLU N 8 -5.48 34.11 -24.27
C GLU N 8 -4.85 35.50 -24.42
N SER N 9 -5.14 36.36 -23.45
CA SER N 9 -4.60 37.71 -23.42
C SER N 9 -4.62 38.19 -21.98
N GLY N 10 -4.12 39.41 -21.78
CA GLY N 10 -4.08 39.99 -20.45
C GLY N 10 -2.97 39.40 -19.60
N GLY N 11 -3.01 39.74 -18.31
CA GLY N 11 -2.02 39.29 -17.37
C GLY N 11 -0.78 40.16 -17.34
N GLY N 12 0.11 39.84 -16.43
CA GLY N 12 1.34 40.58 -16.29
C GLY N 12 1.67 40.82 -14.81
N LEU N 13 2.26 41.97 -14.54
CA LEU N 13 2.73 42.33 -13.21
C LEU N 13 1.72 43.24 -12.53
N VAL N 14 1.47 42.99 -11.25
CA VAL N 14 0.55 43.80 -10.46
C VAL N 14 0.97 43.73 -9.00
N GLN N 15 0.88 44.86 -8.31
CA GLN N 15 1.19 44.91 -6.89
C GLN N 15 0.03 44.33 -6.08
N PRO N 16 0.30 43.93 -4.84
CA PRO N 16 -0.78 43.34 -4.03
C PRO N 16 -1.94 44.30 -3.86
N GLY N 17 -3.15 43.74 -3.86
CA GLY N 17 -4.35 44.53 -3.77
C GLY N 17 -4.87 45.09 -5.09
N GLY N 18 -4.16 44.86 -6.18
CA GLY N 18 -4.58 45.33 -7.48
C GLY N 18 -5.57 44.38 -8.13
N SER N 19 -5.95 44.72 -9.36
CA SER N 19 -6.90 43.94 -10.12
C SER N 19 -6.37 43.70 -11.53
N LEU N 20 -6.79 42.57 -12.11
CA LEU N 20 -6.38 42.20 -13.45
C LEU N 20 -7.56 41.56 -14.17
N ARG N 21 -7.50 41.54 -15.49
CA ARG N 21 -8.54 40.93 -16.31
C ARG N 21 -7.90 40.10 -17.41
N LEU N 22 -8.12 38.79 -17.36
CA LEU N 22 -7.69 37.88 -18.40
C LEU N 22 -8.86 37.58 -19.33
N SER N 23 -8.54 37.39 -20.61
CA SER N 23 -9.54 37.06 -21.61
C SER N 23 -9.04 35.90 -22.44
N CYS N 24 -9.98 35.15 -23.01
CA CYS N 24 -9.64 34.01 -23.85
C CYS N 24 -10.72 33.84 -24.91
N THR N 25 -10.30 33.59 -26.14
CA THR N 25 -11.20 33.41 -27.26
C THR N 25 -10.93 32.07 -27.93
N ALA N 26 -12.00 31.43 -28.38
CA ALA N 26 -11.91 30.13 -29.03
C ALA N 26 -12.16 30.26 -30.52
N SER N 27 -11.51 29.39 -31.28
CA SER N 27 -11.63 29.39 -32.73
C SER N 27 -11.53 27.95 -33.23
N GLY N 28 -11.96 27.74 -34.47
CA GLY N 28 -11.99 26.42 -35.04
C GLY N 28 -13.14 25.55 -34.62
N VAL N 29 -14.17 26.13 -34.00
CA VAL N 29 -15.34 25.39 -33.54
C VAL N 29 -16.58 26.26 -33.76
N THR N 30 -17.67 25.63 -34.16
CA THR N 30 -18.91 26.36 -34.37
C THR N 30 -19.52 26.78 -33.04
N ILE N 31 -20.37 27.80 -33.10
CA ILE N 31 -21.00 28.31 -31.87
C ILE N 31 -21.86 27.24 -31.22
N SER N 32 -22.65 26.51 -32.02
CA SER N 32 -23.52 25.48 -31.47
C SER N 32 -22.70 24.39 -30.78
N ALA N 33 -21.60 23.97 -31.40
CA ALA N 33 -20.77 22.93 -30.80
C ALA N 33 -20.14 23.41 -29.50
N LEU N 34 -19.68 24.66 -29.47
CA LEU N 34 -19.05 25.18 -28.26
C LEU N 34 -20.06 25.39 -27.14
N ASN N 35 -21.31 25.69 -27.49
CA ASN N 35 -22.33 25.91 -26.47
C ASN N 35 -22.55 24.69 -25.59
N ALA N 36 -22.17 23.50 -26.06
CA ALA N 36 -22.32 22.27 -25.31
C ALA N 36 -21.08 21.91 -24.50
N MET N 37 -20.14 22.85 -24.35
CA MET N 37 -18.90 22.61 -23.62
C MET N 37 -18.77 23.61 -22.47
N ALA N 38 -17.88 23.29 -21.53
CA ALA N 38 -17.62 24.16 -20.40
C ALA N 38 -16.34 24.94 -20.67
N MET N 39 -16.32 26.20 -20.22
CA MET N 39 -15.18 27.08 -20.44
C MET N 39 -14.67 27.59 -19.09
N GLY N 40 -13.38 27.39 -18.82
CA GLY N 40 -12.85 27.76 -17.52
C GLY N 40 -11.40 28.16 -17.50
N TRP N 41 -10.84 28.26 -16.28
CA TRP N 41 -9.47 28.71 -16.10
C TRP N 41 -8.76 27.77 -15.14
N TYR N 42 -7.58 27.30 -15.55
CA TYR N 42 -6.66 26.58 -14.70
C TYR N 42 -5.52 27.50 -14.29
N ARG N 43 -4.81 27.12 -13.23
CA ARG N 43 -3.62 27.88 -12.85
C ARG N 43 -2.60 26.94 -12.24
N GLN N 44 -1.33 27.19 -12.54
CA GLN N 44 -0.22 26.43 -11.98
C GLN N 44 0.75 27.41 -11.33
N ALA N 45 1.00 27.22 -10.05
CA ALA N 45 1.97 28.03 -9.33
C ALA N 45 3.32 27.31 -9.29
N PRO N 46 4.41 28.06 -9.10
CA PRO N 46 5.75 27.45 -9.18
C PRO N 46 5.89 26.19 -8.35
N GLY N 47 6.10 25.06 -9.02
CA GLY N 47 6.35 23.79 -8.35
C GLY N 47 5.12 23.04 -7.88
N GLU N 48 3.93 23.46 -8.29
CA GLU N 48 2.70 22.83 -7.83
C GLU N 48 1.89 22.29 -9.01
N ARG N 49 0.70 21.80 -8.68
CA ARG N 49 -0.22 21.24 -9.67
C ARG N 49 -0.75 22.32 -10.59
N ARG N 50 -1.30 21.88 -11.72
CA ARG N 50 -2.17 22.71 -12.54
C ARG N 50 -3.61 22.38 -12.20
N VAL N 51 -4.29 23.30 -11.51
CA VAL N 51 -5.62 23.02 -10.97
C VAL N 51 -6.60 24.08 -11.42
N MET N 52 -7.87 23.70 -11.48
CA MET N 52 -8.93 24.59 -11.92
C MET N 52 -9.30 25.57 -10.80
N VAL N 53 -9.57 26.82 -11.19
CA VAL N 53 -9.90 27.85 -10.20
C VAL N 53 -11.32 28.37 -10.44
N ALA N 54 -11.78 28.35 -11.69
CA ALA N 54 -13.10 28.87 -12.00
C ALA N 54 -13.56 28.28 -13.33
N ALA N 55 -14.88 28.26 -13.53
CA ALA N 55 -15.43 27.71 -14.76
C ALA N 55 -16.84 28.21 -14.95
N VAL N 56 -17.32 28.10 -16.19
CA VAL N 56 -18.72 28.34 -16.53
C VAL N 56 -19.19 27.15 -17.35
N SER N 57 -20.26 26.51 -16.90
CA SER N 57 -20.74 25.29 -17.53
C SER N 57 -21.58 25.63 -18.76
N GLU N 58 -21.97 24.58 -19.48
CA GLU N 58 -22.74 24.75 -20.71
C GLU N 58 -24.08 25.43 -20.46
N ARG N 59 -24.58 25.40 -19.23
CA ARG N 59 -25.85 26.04 -18.90
C ARG N 59 -25.67 27.44 -18.33
N GLY N 60 -24.45 27.94 -18.23
CA GLY N 60 -24.21 29.28 -17.75
C GLY N 60 -24.03 29.42 -16.26
N ASN N 61 -23.75 28.33 -15.55
CA ASN N 61 -23.56 28.37 -14.11
C ASN N 61 -22.09 28.60 -13.79
N ALA N 62 -21.80 29.70 -13.11
CA ALA N 62 -20.43 30.03 -12.72
C ALA N 62 -20.05 29.28 -11.46
N MET N 63 -18.90 28.60 -11.49
CA MET N 63 -18.42 27.79 -10.39
C MET N 63 -17.00 28.21 -10.05
N TYR N 64 -16.67 28.21 -8.76
CA TYR N 64 -15.40 28.72 -8.28
C TYR N 64 -14.76 27.75 -7.32
N ARG N 65 -13.43 27.80 -7.24
CA ARG N 65 -12.70 27.13 -6.18
C ARG N 65 -12.90 27.90 -4.87
N GLU N 66 -12.95 27.15 -3.76
CA GLU N 66 -13.30 27.76 -2.49
C GLU N 66 -12.33 28.87 -2.11
N SER N 67 -11.03 28.65 -2.31
CA SER N 67 -10.03 29.61 -1.88
C SER N 67 -10.01 30.88 -2.70
N VAL N 68 -10.72 30.93 -3.83
CA VAL N 68 -10.72 32.11 -4.70
C VAL N 68 -12.09 32.76 -4.82
N GLN N 69 -13.15 32.08 -4.39
CA GLN N 69 -14.48 32.69 -4.47
C GLN N 69 -14.56 33.91 -3.56
N GLY N 70 -15.16 34.97 -4.07
CA GLY N 70 -15.19 36.24 -3.40
C GLY N 70 -14.18 37.25 -3.93
N ARG N 71 -13.16 36.79 -4.64
CA ARG N 71 -12.20 37.67 -5.28
C ARG N 71 -12.15 37.53 -6.80
N PHE N 72 -12.54 36.38 -7.34
CA PHE N 72 -12.52 36.13 -8.78
C PHE N 72 -13.94 36.14 -9.33
N THR N 73 -14.09 36.63 -10.55
CA THR N 73 -15.37 36.65 -11.24
C THR N 73 -15.16 36.15 -12.66
N VAL N 74 -15.79 35.02 -13.00
CA VAL N 74 -15.66 34.42 -14.31
C VAL N 74 -16.92 34.71 -15.11
N THR N 75 -16.74 35.19 -16.34
CA THR N 75 -17.85 35.53 -17.22
C THR N 75 -17.67 34.82 -18.55
N ARG N 76 -18.77 34.46 -19.19
CA ARG N 76 -18.75 33.75 -20.46
C ARG N 76 -19.68 34.43 -21.45
N ASP N 77 -19.18 34.71 -22.65
CA ASP N 77 -19.96 35.24 -23.75
C ASP N 77 -20.10 34.11 -24.77
N PHE N 78 -21.32 33.55 -24.86
CA PHE N 78 -21.54 32.41 -25.75
C PHE N 78 -21.51 32.81 -27.21
N THR N 79 -22.10 33.96 -27.54
CA THR N 79 -22.13 34.40 -28.93
C THR N 79 -20.73 34.66 -29.46
N ASN N 80 -19.89 35.32 -28.67
CA ASN N 80 -18.53 35.64 -29.07
C ASN N 80 -17.54 34.52 -28.78
N LYS N 81 -17.98 33.41 -28.20
CA LYS N 81 -17.10 32.30 -27.88
C LYS N 81 -15.94 32.75 -27.00
N MET N 82 -16.24 33.57 -26.00
CA MET N 82 -15.21 34.19 -25.18
C MET N 82 -15.43 33.85 -23.71
N VAL N 83 -14.35 33.76 -22.96
CA VAL N 83 -14.41 33.57 -21.52
C VAL N 83 -13.40 34.50 -20.86
N SER N 84 -13.83 35.23 -19.83
CA SER N 84 -13.00 36.22 -19.19
C SER N 84 -12.99 35.99 -17.68
N LEU N 85 -11.89 36.38 -17.05
CA LEU N 85 -11.70 36.26 -15.61
C LEU N 85 -11.25 37.60 -15.06
N GLN N 86 -11.95 38.08 -14.03
CA GLN N 86 -11.61 39.32 -13.36
C GLN N 86 -11.13 39.01 -11.94
N MET N 87 -9.93 39.47 -11.61
CA MET N 87 -9.31 39.20 -10.32
C MET N 87 -9.16 40.51 -9.57
N ASP N 88 -9.68 40.55 -8.35
CA ASP N 88 -9.63 41.73 -7.50
C ASP N 88 -9.03 41.36 -6.15
N ASN N 89 -8.34 42.32 -5.54
CA ASN N 89 -7.67 42.11 -4.26
C ASN N 89 -6.74 40.91 -4.39
N LEU N 90 -5.70 41.11 -5.20
CA LEU N 90 -4.75 40.05 -5.48
C LEU N 90 -3.80 39.84 -4.31
N LYS N 91 -3.31 38.62 -4.18
CA LYS N 91 -2.42 38.22 -3.10
C LYS N 91 -1.20 37.53 -3.67
N PRO N 92 -0.12 37.42 -2.88
CA PRO N 92 1.09 36.75 -3.40
C PRO N 92 0.83 35.33 -3.86
N GLU N 93 -0.12 34.63 -3.24
CA GLU N 93 -0.42 33.26 -3.65
C GLU N 93 -1.10 33.19 -5.01
N ASP N 94 -1.51 34.31 -5.58
CA ASP N 94 -2.13 34.33 -6.89
C ASP N 94 -1.12 34.37 -8.03
N THR N 95 0.17 34.45 -7.74
CA THR N 95 1.19 34.47 -8.78
C THR N 95 1.32 33.10 -9.40
N ALA N 96 1.09 33.00 -10.71
CA ALA N 96 1.14 31.71 -11.39
C ALA N 96 0.93 31.86 -12.90
N VAL N 97 0.97 30.74 -13.61
CA VAL N 97 0.61 30.70 -15.03
C VAL N 97 -0.83 30.26 -15.14
N TYR N 98 -1.66 31.07 -15.78
CA TYR N 98 -3.08 30.82 -15.94
C TYR N 98 -3.37 30.34 -17.36
N TYR N 99 -4.14 29.28 -17.46
CA TYR N 99 -4.45 28.65 -18.74
C TYR N 99 -5.95 28.72 -18.99
N CYS N 100 -6.33 29.17 -20.18
CA CYS N 100 -7.70 29.01 -20.64
C CYS N 100 -7.97 27.54 -20.94
N HIS N 101 -9.13 27.04 -20.52
CA HIS N 101 -9.43 25.62 -20.63
C HIS N 101 -10.83 25.42 -21.17
N VAL N 102 -11.00 24.37 -21.96
CA VAL N 102 -12.30 23.97 -22.48
C VAL N 102 -12.50 22.50 -22.19
N LEU N 103 -13.64 22.16 -21.60
CA LEU N 103 -13.99 20.78 -21.26
C LEU N 103 -15.14 20.32 -22.14
N GLU N 104 -14.96 19.17 -22.78
CA GLU N 104 -15.94 18.60 -23.69
C GLU N 104 -16.37 17.24 -23.20
N ASP N 105 -17.68 16.98 -23.26
CA ASP N 105 -18.24 15.72 -22.82
C ASP N 105 -18.29 14.75 -24.00
N ARG N 106 -17.70 13.57 -23.82
CA ARG N 106 -17.67 12.56 -24.86
C ARG N 106 -18.38 11.27 -24.42
N VAL N 107 -19.43 11.43 -23.62
CA VAL N 107 -20.26 10.30 -23.18
C VAL N 107 -19.52 9.47 -22.15
N ASP N 108 -18.49 8.73 -22.59
CA ASP N 108 -17.75 7.84 -21.71
C ASP N 108 -16.48 8.47 -21.13
N SER N 109 -16.22 9.75 -21.43
CA SER N 109 -15.02 10.41 -20.93
C SER N 109 -15.10 11.88 -21.28
N PHE N 110 -14.15 12.64 -20.76
CA PHE N 110 -14.06 14.08 -21.00
C PHE N 110 -12.78 14.39 -21.75
N HIS N 111 -12.83 15.44 -22.57
CA HIS N 111 -11.69 15.86 -23.37
C HIS N 111 -11.34 17.31 -23.03
N ASP N 112 -10.05 17.58 -22.91
CA ASP N 112 -9.54 18.88 -22.50
C ASP N 112 -8.88 19.59 -23.68
N TYR N 113 -9.16 20.89 -23.80
CA TYR N 113 -8.45 21.77 -24.71
C TYR N 113 -7.78 22.86 -23.89
N TRP N 114 -6.49 23.08 -24.13
CA TRP N 114 -5.67 23.95 -23.31
C TRP N 114 -5.25 25.19 -24.09
N GLY N 115 -5.03 26.28 -23.36
CA GLY N 115 -4.47 27.49 -23.94
C GLY N 115 -2.96 27.54 -23.80
N GLN N 116 -2.39 28.62 -24.34
CA GLN N 116 -0.93 28.78 -24.29
C GLN N 116 -0.46 29.01 -22.86
N GLY N 117 -1.14 29.88 -22.13
CA GLY N 117 -0.74 30.22 -20.77
C GLY N 117 -0.31 31.67 -20.69
N THR N 118 -0.64 32.32 -19.58
CA THR N 118 -0.28 33.71 -19.34
C THR N 118 0.22 33.87 -17.92
N GLN N 119 1.27 34.68 -17.76
CA GLN N 119 1.93 34.86 -16.48
C GLN N 119 1.25 35.98 -15.70
N VAL N 120 0.94 35.72 -14.43
CA VAL N 120 0.42 36.72 -13.52
C VAL N 120 1.31 36.74 -12.30
N THR N 121 2.00 37.86 -12.08
CA THR N 121 2.94 38.00 -10.97
C THR N 121 2.49 39.15 -10.09
N VAL N 122 2.27 38.86 -8.81
CA VAL N 122 1.84 39.86 -7.84
C VAL N 122 2.97 40.10 -6.86
N SER N 123 3.80 41.10 -7.14
CA SER N 123 4.93 41.44 -6.29
C SER N 123 4.84 42.91 -5.90
N SER N 124 5.00 43.19 -4.61
CA SER N 124 4.94 44.55 -4.11
C SER N 124 6.23 45.30 -4.43
N MET O 1 -24.77 30.08 -10.58
CA MET O 1 -25.52 31.06 -9.79
C MET O 1 -27.01 30.95 -10.05
N PHE O 2 -27.38 30.60 -11.28
CA PHE O 2 -28.79 30.40 -11.59
C PHE O 2 -29.38 29.27 -10.76
N ARG O 3 -28.63 28.17 -10.63
CA ARG O 3 -29.08 27.07 -9.77
C ARG O 3 -29.23 27.54 -8.33
N LYS O 4 -28.24 28.29 -7.83
CA LYS O 4 -28.29 28.75 -6.45
C LYS O 4 -29.45 29.71 -6.23
N LEU O 5 -29.66 30.64 -7.17
CA LEU O 5 -30.76 31.58 -7.03
C LEU O 5 -32.10 30.87 -7.07
N ALA O 6 -32.25 29.89 -7.97
CA ALA O 6 -33.48 29.12 -8.02
C ALA O 6 -33.71 28.38 -6.72
N ALA O 7 -32.65 27.79 -6.15
CA ALA O 7 -32.79 27.07 -4.88
C ALA O 7 -33.23 28.02 -3.77
N GLU O 8 -32.62 29.20 -3.70
CA GLU O 8 -33.00 30.15 -2.65
C GLU O 8 -34.44 30.62 -2.84
N CYS O 9 -34.84 30.89 -4.07
CA CYS O 9 -36.21 31.32 -4.34
C CYS O 9 -37.22 30.25 -3.93
N PHE O 10 -36.97 28.99 -4.33
CA PHE O 10 -37.87 27.92 -3.97
C PHE O 10 -37.91 27.71 -2.46
N GLY O 11 -36.76 27.80 -1.80
CA GLY O 11 -36.74 27.64 -0.36
C GLY O 11 -37.53 28.70 0.37
N THR O 12 -37.39 29.96 -0.04
CA THR O 12 -38.15 31.02 0.60
C THR O 12 -39.63 30.90 0.29
N PHE O 13 -39.98 30.50 -0.93
CA PHE O 13 -41.37 30.22 -1.25
C PHE O 13 -41.93 29.17 -0.32
N TRP O 14 -41.20 28.06 -0.14
CA TRP O 14 -41.65 27.00 0.75
C TRP O 14 -41.83 27.51 2.17
N LEU O 15 -40.86 28.27 2.66
CA LEU O 15 -40.94 28.78 4.03
C LEU O 15 -42.19 29.64 4.22
N VAL O 16 -42.39 30.62 3.34
CA VAL O 16 -43.52 31.52 3.49
C VAL O 16 -44.83 30.75 3.35
N PHE O 17 -44.96 29.97 2.27
CA PHE O 17 -46.17 29.19 2.08
C PHE O 17 -46.49 28.36 3.32
N GLY O 18 -45.60 27.46 3.70
CA GLY O 18 -45.82 26.65 4.87
C GLY O 18 -46.21 27.43 6.11
N GLY O 19 -45.32 28.30 6.59
CA GLY O 19 -45.57 28.96 7.86
C GLY O 19 -46.80 29.86 7.83
N CYS O 20 -46.85 30.78 6.87
CA CYS O 20 -47.95 31.73 6.84
C CYS O 20 -49.28 31.04 6.53
N GLY O 21 -49.28 30.03 5.67
CA GLY O 21 -50.50 29.31 5.39
C GLY O 21 -51.00 28.52 6.59
N SER O 22 -50.09 27.91 7.35
CA SER O 22 -50.51 27.26 8.58
C SER O 22 -51.09 28.28 9.56
N ALA O 23 -50.49 29.46 9.64
CA ALA O 23 -51.02 30.49 10.53
C ALA O 23 -52.40 30.97 10.08
N VAL O 24 -52.61 31.13 8.78
CA VAL O 24 -53.81 31.77 8.25
C VAL O 24 -54.98 30.78 8.15
N LEU O 25 -54.71 29.54 7.74
CA LEU O 25 -55.76 28.59 7.43
C LEU O 25 -56.10 27.64 8.59
N ALA O 26 -55.14 27.33 9.46
CA ALA O 26 -55.32 26.27 10.44
C ALA O 26 -55.11 26.69 11.89
N ALA O 27 -54.47 27.83 12.15
CA ALA O 27 -54.15 28.17 13.53
C ALA O 27 -55.39 28.35 14.39
N GLY O 28 -56.41 29.03 13.86
CA GLY O 28 -57.59 29.35 14.63
C GLY O 28 -58.81 28.50 14.36
N PHE O 29 -58.62 27.34 13.75
CA PHE O 29 -59.76 26.50 13.42
C PHE O 29 -60.51 26.10 14.69
N PRO O 30 -61.84 26.10 14.68
CA PRO O 30 -62.60 25.87 15.92
C PRO O 30 -62.48 24.44 16.42
N GLU O 31 -62.01 24.30 17.66
CA GLU O 31 -62.03 23.04 18.39
C GLU O 31 -60.99 22.03 17.88
N LEU O 32 -60.29 22.38 16.81
CA LEU O 32 -59.28 21.48 16.28
C LEU O 32 -58.08 22.22 15.71
N GLY O 33 -57.99 23.54 15.88
CA GLY O 33 -56.88 24.28 15.32
C GLY O 33 -55.55 23.90 15.95
N ILE O 34 -54.48 24.17 15.21
CA ILE O 34 -53.15 23.75 15.64
C ILE O 34 -52.56 24.73 16.64
N GLY O 35 -52.93 26.00 16.58
CA GLY O 35 -52.47 26.97 17.54
C GLY O 35 -51.04 27.46 17.28
N PHE O 36 -50.53 28.19 18.26
CA PHE O 36 -49.18 28.76 18.15
C PHE O 36 -48.14 27.65 18.06
N ALA O 37 -48.30 26.58 18.84
CA ALA O 37 -47.34 25.48 18.79
C ALA O 37 -47.31 24.85 17.40
N GLY O 38 -48.49 24.63 16.81
CA GLY O 38 -48.53 24.09 15.45
C GLY O 38 -47.89 25.02 14.44
N VAL O 39 -48.13 26.33 14.57
CA VAL O 39 -47.52 27.28 13.65
C VAL O 39 -46.00 27.25 13.77
N ALA O 40 -45.50 27.21 15.01
CA ALA O 40 -44.05 27.15 15.21
C ALA O 40 -43.46 25.88 14.61
N LEU O 41 -44.13 24.75 14.82
CA LEU O 41 -43.65 23.51 14.22
C LEU O 41 -43.63 23.60 12.70
N ALA O 42 -44.66 24.18 12.10
CA ALA O 42 -44.69 24.31 10.65
C ALA O 42 -43.53 25.18 10.15
N PHE O 43 -43.29 26.30 10.82
CA PHE O 43 -42.19 27.17 10.42
C PHE O 43 -40.86 26.45 10.51
N GLY O 44 -40.63 25.69 11.59
CA GLY O 44 -39.40 24.94 11.70
C GLY O 44 -39.26 23.86 10.62
N LEU O 45 -40.35 23.16 10.34
CA LEU O 45 -40.30 22.05 9.40
C LEU O 45 -40.04 22.53 7.98
N THR O 46 -40.60 23.69 7.59
CA THR O 46 -40.30 24.21 6.26
C THR O 46 -38.80 24.35 6.06
N VAL O 47 -38.12 25.01 7.01
CA VAL O 47 -36.69 25.23 6.89
C VAL O 47 -35.95 23.90 6.94
N LEU O 48 -36.34 22.99 7.84
CA LEU O 48 -35.64 21.71 7.93
C LEU O 48 -35.69 20.94 6.61
N THR O 49 -36.90 20.77 6.06
CA THR O 49 -37.04 19.99 4.83
C THR O 49 -36.35 20.68 3.66
N MET O 50 -36.53 22.01 3.52
CA MET O 50 -35.90 22.69 2.40
C MET O 50 -34.38 22.68 2.50
N ALA O 51 -33.84 22.76 3.72
CA ALA O 51 -32.41 22.62 3.89
C ALA O 51 -31.95 21.24 3.44
N PHE O 52 -32.57 20.18 3.94
CA PHE O 52 -32.18 18.86 3.49
C PHE O 52 -32.29 18.73 1.97
N ALA O 53 -33.19 19.47 1.35
CA ALA O 53 -33.42 19.31 -0.09
C ALA O 53 -32.40 20.08 -0.93
N VAL O 54 -32.10 21.33 -0.59
CA VAL O 54 -31.32 22.18 -1.50
C VAL O 54 -30.16 22.91 -0.83
N GLY O 55 -29.81 22.51 0.40
CA GLY O 55 -28.66 23.13 1.05
C GLY O 55 -27.37 22.79 0.36
N HIS O 56 -27.26 21.55 -0.14
CA HIS O 56 -26.09 21.17 -0.91
C HIS O 56 -25.97 21.93 -2.21
N ILE O 57 -27.02 22.63 -2.63
CA ILE O 57 -26.97 23.44 -3.84
C ILE O 57 -26.61 24.88 -3.47
N SER O 58 -27.44 25.52 -2.65
CA SER O 58 -27.27 26.94 -2.38
C SER O 58 -26.77 27.26 -0.98
N GLY O 59 -26.72 26.29 -0.08
CA GLY O 59 -26.41 26.55 1.31
C GLY O 59 -27.63 26.72 2.19
N GLY O 60 -28.81 26.88 1.61
CA GLY O 60 -30.04 26.93 2.37
C GLY O 60 -30.16 28.07 3.36
N HIS O 61 -30.15 29.30 2.86
CA HIS O 61 -30.34 30.47 3.72
C HIS O 61 -31.82 30.79 3.89
N PHE O 62 -32.51 31.06 2.79
CA PHE O 62 -33.95 31.35 2.80
C PHE O 62 -34.30 32.56 3.66
N ASN O 63 -33.31 33.39 3.98
CA ASN O 63 -33.51 34.50 4.91
C ASN O 63 -32.45 35.57 4.66
N PRO O 64 -32.85 36.80 4.32
CA PRO O 64 -31.85 37.86 4.13
C PRO O 64 -30.98 38.09 5.35
N ALA O 65 -31.56 38.01 6.55
CA ALA O 65 -30.78 38.18 7.76
C ALA O 65 -29.72 37.10 7.88
N VAL O 66 -30.06 35.86 7.50
CA VAL O 66 -29.08 34.78 7.56
C VAL O 66 -27.94 35.04 6.60
N THR O 67 -28.26 35.47 5.37
CA THR O 67 -27.21 35.74 4.38
C THR O 67 -26.28 36.85 4.86
N ILE O 68 -26.85 37.94 5.38
CA ILE O 68 -26.02 39.06 5.81
C ILE O 68 -25.20 38.68 7.04
N GLY O 69 -25.78 37.91 7.95
CA GLY O 69 -25.03 37.47 9.11
C GLY O 69 -23.91 36.53 8.76
N LEU O 70 -24.13 35.66 7.77
CA LEU O 70 -23.05 34.79 7.30
C LEU O 70 -21.96 35.59 6.63
N TRP O 71 -22.32 36.65 5.90
CA TRP O 71 -21.30 37.54 5.36
C TRP O 71 -20.50 38.18 6.48
N ALA O 72 -21.17 38.68 7.52
CA ALA O 72 -20.49 39.32 8.63
C ALA O 72 -19.62 38.34 9.42
N GLY O 73 -19.95 37.05 9.39
CA GLY O 73 -19.15 36.04 10.04
C GLY O 73 -17.97 35.55 9.24
N GLY O 74 -17.75 36.10 8.06
CA GLY O 74 -16.64 35.67 7.23
C GLY O 74 -16.84 34.35 6.52
N ARG O 75 -18.08 34.01 6.18
CA ARG O 75 -18.38 32.74 5.56
C ARG O 75 -19.11 32.85 4.22
N PHE O 76 -19.41 34.07 3.75
CA PHE O 76 -20.16 34.24 2.52
C PHE O 76 -19.62 35.44 1.76
N PRO O 77 -19.31 35.28 0.47
CA PRO O 77 -18.75 36.41 -0.29
C PRO O 77 -19.75 37.56 -0.40
N ALA O 78 -19.21 38.78 -0.33
CA ALA O 78 -20.05 39.97 -0.40
C ALA O 78 -20.71 40.10 -1.76
N LYS O 79 -19.97 39.82 -2.84
CA LYS O 79 -20.49 40.08 -4.19
C LYS O 79 -21.73 39.25 -4.50
N GLU O 80 -21.97 38.16 -3.77
CA GLU O 80 -23.12 37.31 -4.00
C GLU O 80 -24.32 37.68 -3.13
N VAL O 81 -24.16 38.62 -2.20
CA VAL O 81 -25.22 38.86 -1.22
C VAL O 81 -26.47 39.38 -1.91
N VAL O 82 -26.35 40.45 -2.69
CA VAL O 82 -27.54 41.15 -3.19
C VAL O 82 -28.42 40.17 -3.95
N GLY O 83 -27.84 39.45 -4.90
CA GLY O 83 -28.62 38.47 -5.64
C GLY O 83 -29.44 37.59 -4.73
N TYR O 84 -28.78 36.96 -3.76
CA TYR O 84 -29.50 36.07 -2.85
C TYR O 84 -30.71 36.78 -2.28
N VAL O 85 -30.51 37.98 -1.72
CA VAL O 85 -31.61 38.67 -1.07
C VAL O 85 -32.77 38.82 -2.04
N ILE O 86 -32.49 39.31 -3.25
CA ILE O 86 -33.56 39.52 -4.20
C ILE O 86 -34.34 38.23 -4.40
N ALA O 87 -33.61 37.14 -4.69
CA ALA O 87 -34.29 35.87 -4.91
C ALA O 87 -35.22 35.57 -3.74
N GLN O 88 -34.69 35.64 -2.52
CA GLN O 88 -35.52 35.30 -1.37
C GLN O 88 -36.79 36.13 -1.38
N VAL O 89 -36.65 37.45 -1.50
CA VAL O 89 -37.84 38.29 -1.46
C VAL O 89 -38.83 37.85 -2.52
N VAL O 90 -38.36 37.66 -3.74
CA VAL O 90 -39.27 37.30 -4.83
C VAL O 90 -40.03 36.04 -4.43
N GLY O 91 -39.31 35.01 -3.99
CA GLY O 91 -39.98 33.78 -3.61
C GLY O 91 -41.10 34.06 -2.62
N GLY O 92 -40.78 34.76 -1.54
CA GLY O 92 -41.79 35.03 -0.54
C GLY O 92 -43.03 35.65 -1.16
N ILE O 93 -42.84 36.69 -1.97
CA ILE O 93 -43.99 37.39 -2.53
C ILE O 93 -44.86 36.40 -3.28
N VAL O 94 -44.26 35.59 -4.15
CA VAL O 94 -45.07 34.66 -4.92
C VAL O 94 -45.89 33.79 -3.98
N ALA O 95 -45.25 33.21 -2.97
CA ALA O 95 -45.99 32.39 -2.02
C ALA O 95 -47.17 33.15 -1.46
N ALA O 96 -46.92 34.37 -0.95
CA ALA O 96 -48.01 35.13 -0.37
C ALA O 96 -49.17 35.24 -1.35
N ALA O 97 -48.86 35.59 -2.61
CA ALA O 97 -49.92 35.75 -3.59
C ALA O 97 -50.77 34.49 -3.65
N LEU O 98 -50.13 33.34 -3.83
CA LEU O 98 -50.91 32.11 -3.91
C LEU O 98 -51.71 31.90 -2.63
N LEU O 99 -51.07 32.11 -1.48
CA LEU O 99 -51.80 31.97 -0.23
C LEU O 99 -53.04 32.85 -0.23
N TYR O 100 -52.88 34.12 -0.64
CA TYR O 100 -54.03 35.00 -0.71
C TYR O 100 -55.15 34.36 -1.50
N LEU O 101 -54.84 33.88 -2.71
CA LEU O 101 -55.88 33.25 -3.52
C LEU O 101 -56.57 32.15 -2.76
N ILE O 102 -55.79 31.26 -2.13
CA ILE O 102 -56.40 30.15 -1.41
C ILE O 102 -57.29 30.69 -0.29
N ALA O 103 -56.79 31.68 0.45
CA ALA O 103 -57.59 32.21 1.57
C ALA O 103 -58.88 32.83 1.09
N SER O 104 -58.94 33.24 -0.19
CA SER O 104 -60.16 33.84 -0.70
C SER O 104 -61.25 32.82 -0.98
N GLY O 105 -60.94 31.53 -0.93
CA GLY O 105 -61.93 30.52 -1.21
C GLY O 105 -62.92 30.25 -0.10
N LYS O 106 -62.73 30.88 1.06
CA LYS O 106 -63.62 30.70 2.21
C LYS O 106 -64.37 32.00 2.46
N THR O 107 -65.67 31.89 2.68
CA THR O 107 -66.51 33.07 2.89
C THR O 107 -66.08 33.82 4.14
N GLY O 108 -66.07 35.14 4.05
CA GLY O 108 -65.75 36.00 5.17
C GLY O 108 -64.29 36.35 5.33
N PHE O 109 -63.42 35.87 4.45
CA PHE O 109 -62.00 36.19 4.55
C PHE O 109 -61.77 37.68 4.29
N ASP O 110 -60.92 38.29 5.12
CA ASP O 110 -60.59 39.71 4.98
C ASP O 110 -59.14 39.88 5.41
N ALA O 111 -58.25 40.05 4.43
CA ALA O 111 -56.83 40.16 4.74
C ALA O 111 -56.53 41.38 5.60
N ALA O 112 -57.13 42.52 5.28
CA ALA O 112 -56.82 43.74 6.02
C ALA O 112 -57.26 43.62 7.47
N ALA O 113 -58.45 43.07 7.72
CA ALA O 113 -58.96 43.00 9.08
C ALA O 113 -58.25 41.94 9.90
N SER O 114 -57.97 40.78 9.29
CA SER O 114 -57.34 39.70 10.04
C SER O 114 -55.86 39.95 10.27
N GLY O 115 -55.22 40.72 9.40
CA GLY O 115 -53.79 40.99 9.48
C GLY O 115 -52.94 40.14 8.58
N PHE O 116 -53.48 39.02 8.09
CA PHE O 116 -52.77 38.15 7.15
C PHE O 116 -51.42 37.71 7.72
N ALA O 117 -51.39 37.44 9.02
CA ALA O 117 -50.19 36.94 9.69
C ALA O 117 -49.02 37.90 9.53
N SER O 118 -49.29 39.20 9.64
CA SER O 118 -48.26 40.21 9.51
C SER O 118 -47.59 40.48 10.85
N ASN O 119 -46.32 40.87 10.79
CA ASN O 119 -45.58 41.22 12.00
C ASN O 119 -45.86 42.65 12.40
N GLY O 120 -45.98 42.88 13.70
CA GLY O 120 -46.24 44.22 14.22
C GLY O 120 -45.85 44.31 15.67
N TYR O 121 -45.80 45.55 16.15
CA TYR O 121 -45.44 45.83 17.53
C TYR O 121 -46.41 46.86 18.11
N GLY O 122 -46.30 47.09 19.40
CA GLY O 122 -47.13 48.08 20.05
C GLY O 122 -48.60 47.74 19.91
N GLU O 123 -49.37 48.68 19.37
CA GLU O 123 -50.81 48.49 19.26
C GLU O 123 -51.15 47.30 18.36
N HIS O 124 -50.25 46.93 17.46
CA HIS O 124 -50.49 45.83 16.53
C HIS O 124 -49.78 44.55 16.95
N SER O 125 -49.26 44.48 18.16
CA SER O 125 -48.68 43.24 18.66
C SER O 125 -49.80 42.28 19.08
N PRO O 126 -49.64 40.98 18.83
CA PRO O 126 -50.71 40.04 19.23
C PRO O 126 -51.02 40.08 20.71
N GLY O 127 -50.01 40.28 21.56
CA GLY O 127 -50.19 40.36 22.99
C GLY O 127 -50.15 41.75 23.57
N GLY O 128 -50.15 42.78 22.74
CA GLY O 128 -50.09 44.16 23.23
C GLY O 128 -48.78 44.52 23.91
N TYR O 129 -47.66 44.12 23.33
CA TYR O 129 -46.35 44.45 23.87
C TYR O 129 -45.84 45.76 23.27
N SER O 130 -44.95 46.42 24.00
CA SER O 130 -44.42 47.71 23.59
C SER O 130 -43.34 47.54 22.53
N MET O 131 -42.91 48.67 21.96
CA MET O 131 -41.87 48.64 20.95
C MET O 131 -40.55 48.14 21.50
N LEU O 132 -40.21 48.53 22.74
CA LEU O 132 -38.94 48.11 23.33
C LEU O 132 -38.88 46.60 23.48
N SER O 133 -39.97 45.97 23.93
CA SER O 133 -40.00 44.53 24.06
C SER O 133 -39.77 43.85 22.72
N ALA O 134 -40.44 44.34 21.67
CA ALA O 134 -40.25 43.78 20.35
C ALA O 134 -38.80 43.90 19.90
N LEU O 135 -38.21 45.08 20.11
CA LEU O 135 -36.82 45.28 19.70
C LEU O 135 -35.89 44.31 20.42
N VAL O 136 -36.03 44.20 21.74
CA VAL O 136 -35.13 43.33 22.50
C VAL O 136 -35.29 41.88 22.07
N VAL O 137 -36.53 41.41 21.95
CA VAL O 137 -36.76 40.01 21.62
C VAL O 137 -36.24 39.70 20.22
N GLU O 138 -36.52 40.58 19.26
CA GLU O 138 -36.05 40.33 17.90
C GLU O 138 -34.52 40.33 17.83
N LEU O 139 -33.88 41.29 18.49
CA LEU O 139 -32.42 41.33 18.48
C LEU O 139 -31.84 40.05 19.07
N VAL O 140 -32.30 39.65 20.26
CA VAL O 140 -31.72 38.49 20.93
C VAL O 140 -31.96 37.23 20.10
N LEU O 141 -33.17 37.05 19.59
CA LEU O 141 -33.47 35.82 18.86
C LEU O 141 -32.72 35.76 17.53
N SER O 142 -32.59 36.89 16.84
CA SER O 142 -31.79 36.89 15.60
C SER O 142 -30.33 36.55 15.89
N ALA O 143 -29.77 37.15 16.94
CA ALA O 143 -28.38 36.83 17.29
C ALA O 143 -28.22 35.36 17.61
N GLY O 144 -29.14 34.80 18.40
CA GLY O 144 -29.06 33.38 18.73
C GLY O 144 -29.20 32.50 17.50
N PHE O 145 -30.11 32.85 16.59
CA PHE O 145 -30.28 32.09 15.37
C PHE O 145 -28.99 32.06 14.55
N LEU O 146 -28.37 33.22 14.38
CA LEU O 146 -27.13 33.26 13.61
C LEU O 146 -26.01 32.51 14.31
N LEU O 147 -25.96 32.59 15.64
CA LEU O 147 -24.95 31.83 16.37
C LEU O 147 -25.14 30.33 16.16
N VAL O 148 -26.39 29.86 16.23
CA VAL O 148 -26.65 28.45 16.01
C VAL O 148 -26.25 28.03 14.59
N ILE O 149 -26.58 28.86 13.62
CA ILE O 149 -26.26 28.53 12.23
C ILE O 149 -24.75 28.45 12.05
N HIS O 150 -24.01 29.41 12.60
CA HIS O 150 -22.56 29.38 12.48
C HIS O 150 -21.96 28.15 13.17
N GLY O 151 -22.44 27.83 14.37
CA GLY O 151 -21.89 26.71 15.10
C GLY O 151 -22.18 25.38 14.44
N ALA O 152 -23.41 25.19 13.95
CA ALA O 152 -23.80 23.89 13.42
C ALA O 152 -23.12 23.59 12.09
N THR O 153 -22.79 24.62 11.31
CA THR O 153 -22.12 24.41 10.04
C THR O 153 -20.61 24.45 10.15
N ASP O 154 -20.07 24.58 11.35
CA ASP O 154 -18.62 24.56 11.55
C ASP O 154 -18.06 23.21 11.14
N LYS O 155 -16.83 23.23 10.62
CA LYS O 155 -16.21 22.00 10.12
C LYS O 155 -15.99 20.97 11.22
N PHE O 156 -16.02 21.38 12.48
CA PHE O 156 -15.83 20.45 13.59
C PHE O 156 -17.15 19.96 14.18
N ALA O 157 -18.28 20.41 13.67
CA ALA O 157 -19.58 19.95 14.13
C ALA O 157 -19.95 18.64 13.44
N PRO O 158 -20.90 17.89 14.01
CA PRO O 158 -21.33 16.64 13.36
C PRO O 158 -21.81 16.90 11.95
N ALA O 159 -21.39 16.04 11.02
CA ALA O 159 -21.65 16.26 9.60
C ALA O 159 -23.04 15.78 9.23
N GLY O 160 -23.79 16.63 8.53
CA GLY O 160 -25.11 16.29 8.04
C GLY O 160 -26.26 16.62 8.98
N PHE O 161 -25.98 17.06 10.20
CA PHE O 161 -27.02 17.33 11.19
C PHE O 161 -27.47 18.79 11.20
N ALA O 162 -26.82 19.67 10.44
CA ALA O 162 -27.12 21.10 10.52
C ALA O 162 -28.57 21.43 10.22
N PRO O 163 -29.20 20.86 9.18
CA PRO O 163 -30.60 21.23 8.90
C PRO O 163 -31.53 20.97 10.08
N ILE O 164 -31.32 19.87 10.81
CA ILE O 164 -32.17 19.57 11.95
C ILE O 164 -32.03 20.65 13.02
N ALA O 165 -30.79 21.00 13.34
CA ALA O 165 -30.55 22.02 14.36
C ALA O 165 -31.15 23.35 13.97
N ILE O 166 -30.95 23.77 12.71
CA ILE O 166 -31.43 25.07 12.28
C ILE O 166 -32.95 25.12 12.26
N GLY O 167 -33.60 24.08 11.73
CA GLY O 167 -35.05 24.06 11.72
C GLY O 167 -35.66 24.05 13.11
N LEU O 168 -35.10 23.23 14.01
CA LEU O 168 -35.64 23.20 15.37
C LEU O 168 -35.36 24.50 16.09
N ALA O 169 -34.25 25.18 15.78
CA ALA O 169 -34.01 26.50 16.34
C ALA O 169 -35.08 27.49 15.90
N LEU O 170 -35.46 27.46 14.61
CA LEU O 170 -36.53 28.34 14.16
C LEU O 170 -37.84 28.02 14.87
N THR O 171 -38.14 26.74 15.05
CA THR O 171 -39.34 26.36 15.79
C THR O 171 -39.31 26.92 17.20
N LEU O 172 -38.17 26.82 17.88
CA LEU O 172 -38.05 27.34 19.24
C LEU O 172 -38.23 28.86 19.26
N ILE O 173 -37.65 29.55 18.28
CA ILE O 173 -37.78 31.01 18.22
C ILE O 173 -39.25 31.39 18.10
N HIS O 174 -39.99 30.70 17.24
CA HIS O 174 -41.42 30.99 17.13
C HIS O 174 -42.15 30.71 18.44
N LEU O 175 -41.88 29.56 19.05
CA LEU O 175 -42.50 29.20 20.32
C LEU O 175 -42.29 30.30 21.35
N ILE O 176 -41.12 30.93 21.34
CA ILE O 176 -40.84 31.98 22.31
C ILE O 176 -41.58 33.26 21.95
N SER O 177 -41.46 33.72 20.71
CA SER O 177 -41.72 35.11 20.39
C SER O 177 -43.01 35.38 19.65
N ILE O 178 -43.82 34.37 19.33
CA ILE O 178 -45.06 34.64 18.59
C ILE O 178 -45.94 35.67 19.29
N PRO O 179 -46.19 35.59 20.60
CA PRO O 179 -47.08 36.57 21.24
C PRO O 179 -46.57 38.00 21.19
N VAL O 180 -45.26 38.22 21.03
CA VAL O 180 -44.72 39.58 21.14
C VAL O 180 -44.85 40.32 19.81
N THR O 181 -44.29 39.76 18.74
CA THR O 181 -44.25 40.44 17.45
C THR O 181 -44.74 39.58 16.30
N ASN O 182 -45.14 38.34 16.54
CA ASN O 182 -45.48 37.35 15.52
C ASN O 182 -44.23 36.70 14.94
N THR O 183 -43.06 36.90 15.55
CA THR O 183 -41.86 36.12 15.25
C THR O 183 -41.44 36.25 13.78
N SER O 184 -40.95 37.43 13.43
CA SER O 184 -40.43 37.62 12.08
C SER O 184 -39.05 37.02 11.90
N VAL O 185 -38.05 37.59 12.59
CA VAL O 185 -36.63 37.26 12.40
C VAL O 185 -36.29 36.94 10.94
N ASN O 186 -37.08 37.45 10.00
CA ASN O 186 -36.90 37.17 8.58
C ASN O 186 -37.54 38.28 7.76
N PRO O 187 -36.75 39.22 7.24
CA PRO O 187 -37.35 40.36 6.52
C PRO O 187 -38.19 39.96 5.33
N ALA O 188 -37.79 38.92 4.58
CA ALA O 188 -38.54 38.53 3.40
C ALA O 188 -39.93 38.02 3.78
N ARG O 189 -40.01 37.20 4.84
CA ARG O 189 -41.31 36.71 5.29
C ARG O 189 -42.21 37.84 5.74
N SER O 190 -41.65 38.83 6.43
CA SER O 190 -42.45 39.97 6.85
C SER O 190 -42.97 40.75 5.64
N THR O 191 -42.09 41.00 4.67
CA THR O 191 -42.47 41.78 3.50
C THR O 191 -43.57 41.09 2.70
N ALA O 192 -43.44 39.77 2.52
CA ALA O 192 -44.39 39.05 1.67
C ALA O 192 -45.82 39.24 2.14
N VAL O 193 -46.06 39.13 3.44
CA VAL O 193 -47.41 39.28 3.96
C VAL O 193 -47.79 40.74 4.19
N ALA O 194 -46.81 41.60 4.50
CA ALA O 194 -47.13 43.02 4.68
C ALA O 194 -47.64 43.63 3.38
N ILE O 195 -47.11 43.19 2.24
CA ILE O 195 -47.56 43.73 0.97
C ILE O 195 -49.05 43.48 0.78
N PHE O 196 -49.52 42.29 1.11
CA PHE O 196 -50.92 41.94 0.89
C PHE O 196 -51.83 42.43 2.01
N GLN O 197 -51.30 42.65 3.21
CA GLN O 197 -52.12 43.29 4.25
C GLN O 197 -52.50 44.70 3.83
N GLY O 198 -51.53 45.47 3.34
CA GLY O 198 -51.79 46.74 2.70
C GLY O 198 -52.04 47.91 3.63
N GLY O 199 -52.01 47.71 4.93
CA GLY O 199 -52.33 48.79 5.85
C GLY O 199 -51.21 49.14 6.81
N TRP O 200 -51.47 48.97 8.11
CA TRP O 200 -50.47 49.27 9.12
C TRP O 200 -49.22 48.40 8.96
N ALA O 201 -49.34 47.24 8.32
CA ALA O 201 -48.19 46.36 8.17
C ALA O 201 -47.08 47.04 7.36
N LEU O 202 -47.45 47.76 6.31
CA LEU O 202 -46.44 48.45 5.51
C LEU O 202 -45.82 49.62 6.27
N GLU O 203 -46.58 50.23 7.19
CA GLU O 203 -46.03 51.34 7.96
C GLU O 203 -44.92 50.86 8.89
N GLN O 204 -45.07 49.69 9.48
CA GLN O 204 -44.11 49.14 10.43
C GLN O 204 -43.10 48.21 9.79
N LEU O 205 -43.14 48.05 8.46
CA LEU O 205 -42.29 47.05 7.81
C LEU O 205 -40.81 47.36 8.04
N TRP O 206 -40.43 48.64 8.00
CA TRP O 206 -39.03 48.99 8.18
C TRP O 206 -38.44 48.37 9.43
N PHE O 207 -39.21 48.34 10.53
CA PHE O 207 -38.71 47.82 11.79
C PHE O 207 -38.21 46.39 11.64
N PHE O 208 -38.88 45.60 10.80
CA PHE O 208 -38.54 44.19 10.63
C PHE O 208 -37.54 43.96 9.52
N TRP O 209 -37.01 45.02 8.92
CA TRP O 209 -35.83 44.92 8.07
C TRP O 209 -34.56 45.31 8.79
N VAL O 210 -34.64 46.20 9.77
CA VAL O 210 -33.47 46.70 10.47
C VAL O 210 -33.11 45.81 11.66
N VAL O 211 -34.07 45.55 12.54
CA VAL O 211 -33.75 44.82 13.78
C VAL O 211 -33.24 43.42 13.50
N PRO O 212 -33.91 42.59 12.69
CA PRO O 212 -33.36 41.25 12.41
C PRO O 212 -31.96 41.29 11.82
N ILE O 213 -31.76 42.06 10.75
CA ILE O 213 -30.46 42.08 10.10
C ILE O 213 -29.37 42.46 11.08
N VAL O 214 -29.57 43.56 11.82
CA VAL O 214 -28.59 43.96 12.82
C VAL O 214 -28.31 42.80 13.77
N GLY O 215 -29.38 42.19 14.30
CA GLY O 215 -29.18 41.06 15.18
C GLY O 215 -28.33 39.98 14.54
N GLY O 216 -28.66 39.62 13.30
CA GLY O 216 -27.87 38.62 12.62
C GLY O 216 -26.40 38.99 12.59
N ILE O 217 -26.11 40.24 12.22
CA ILE O 217 -24.72 40.67 12.18
C ILE O 217 -24.05 40.42 13.52
N ILE O 218 -24.72 40.83 14.60
CA ILE O 218 -24.13 40.65 15.93
C ILE O 218 -23.79 39.18 16.13
N GLY O 219 -24.75 38.30 15.84
CA GLY O 219 -24.49 36.88 15.99
C GLY O 219 -23.24 36.47 15.27
N GLY O 220 -23.15 36.81 13.97
CA GLY O 220 -21.96 36.45 13.24
C GLY O 220 -20.71 36.95 13.93
N LEU O 221 -20.69 38.22 14.30
CA LEU O 221 -19.50 38.78 14.92
C LEU O 221 -19.10 37.95 16.13
N ILE O 222 -20.06 37.58 16.97
CA ILE O 222 -19.72 36.83 18.17
C ILE O 222 -18.97 35.56 17.78
N TYR O 223 -19.55 34.77 16.87
CA TYR O 223 -18.91 33.51 16.52
C TYR O 223 -17.56 33.77 15.88
N ARG O 224 -17.42 34.90 15.18
CA ARG O 224 -16.16 35.18 14.51
C ARG O 224 -15.06 35.54 15.51
N THR O 225 -15.44 36.13 16.64
CA THR O 225 -14.43 36.72 17.52
C THR O 225 -14.24 35.98 18.83
N LEU O 226 -15.25 35.24 19.31
CA LEU O 226 -15.17 34.61 20.61
C LEU O 226 -15.20 33.09 20.59
N LEU O 227 -15.75 32.46 19.55
CA LEU O 227 -15.96 31.03 19.55
C LEU O 227 -15.20 30.27 18.48
N ARG O 228 -15.02 30.84 17.30
CA ARG O 228 -14.31 30.13 16.25
C ARG O 228 -12.84 29.94 16.63
N ALA O 229 -12.31 28.76 16.31
CA ALA O 229 -10.92 28.46 16.59
C ALA O 229 -10.01 29.04 15.52
N SER O 230 -8.91 29.64 15.95
CA SER O 230 -7.95 30.21 15.02
C SER O 230 -7.13 29.10 14.35
N ARG O 231 -6.36 29.50 13.35
CA ARG O 231 -5.51 28.55 12.64
C ARG O 231 -4.50 27.90 13.58
N LEU O 232 -3.85 28.71 14.42
CA LEU O 232 -2.92 28.15 15.40
C LEU O 232 -3.62 27.20 16.35
N GLU O 233 -4.84 27.54 16.78
CA GLU O 233 -5.57 26.65 17.68
C GLU O 233 -5.92 25.33 17.01
N GLU O 234 -6.32 25.37 15.73
CA GLU O 234 -6.57 24.14 15.01
C GLU O 234 -5.32 23.28 14.92
N GLU O 235 -4.19 23.89 14.59
CA GLU O 235 -2.94 23.13 14.52
C GLU O 235 -2.58 22.55 15.88
N LEU O 236 -2.78 23.32 16.95
CA LEU O 236 -2.48 22.83 18.29
C LEU O 236 -3.35 21.64 18.65
N ARG O 237 -4.64 21.70 18.33
CA ARG O 237 -5.51 20.56 18.60
C ARG O 237 -5.06 19.33 17.81
N ARG O 238 -4.75 19.52 16.53
CA ARG O 238 -4.28 18.40 15.72
C ARG O 238 -3.03 17.77 16.33
N ARG O 239 -2.07 18.59 16.77
CA ARG O 239 -0.86 18.05 17.36
C ARG O 239 -1.13 17.38 18.71
N LEU O 240 -2.06 17.93 19.50
CA LEU O 240 -2.40 17.35 20.78
C LEU O 240 -3.16 16.04 20.66
N THR O 241 -3.75 15.75 19.50
CA THR O 241 -4.44 14.49 19.27
C THR O 241 -3.62 13.52 18.43
N GLU O 242 -2.29 13.49 18.64
CA GLU O 242 -1.43 12.58 17.90
C GLU O 242 -0.85 11.51 18.83
N PRO O 243 -0.95 10.23 18.47
CA PRO O 243 -0.41 9.18 19.33
C PRO O 243 1.11 9.25 19.40
N GLY O 244 1.66 8.82 20.53
CA GLY O 244 3.10 8.83 20.74
C GLY O 244 3.62 7.53 21.32
N GLU P 3 16.60 34.69 15.80
CA GLU P 3 15.60 33.66 16.06
C GLU P 3 15.30 33.56 17.55
N VAL P 4 14.33 32.71 17.89
CA VAL P 4 13.88 32.58 19.27
C VAL P 4 14.78 31.58 19.99
N GLN P 5 15.14 31.90 21.23
CA GLN P 5 15.93 31.03 22.09
C GLN P 5 15.13 30.69 23.33
N LEU P 6 15.02 29.39 23.63
CA LEU P 6 14.22 28.91 24.74
C LEU P 6 15.13 28.30 25.80
N GLN P 7 14.97 28.74 27.05
CA GLN P 7 15.73 28.24 28.18
C GLN P 7 14.76 27.65 29.21
N GLU P 8 14.92 26.37 29.51
CA GLU P 8 14.03 25.68 30.43
C GLU P 8 14.69 25.55 31.80
N SER P 9 13.89 25.12 32.77
CA SER P 9 14.36 24.90 34.13
C SER P 9 13.42 23.91 34.80
N GLY P 10 13.74 23.58 36.05
CA GLY P 10 12.93 22.64 36.79
C GLY P 10 13.16 21.20 36.36
N GLY P 11 12.30 20.32 36.87
CA GLY P 11 12.39 18.91 36.58
C GLY P 11 13.36 18.17 37.48
N GLY P 12 13.39 16.87 37.33
CA GLY P 12 14.27 16.04 38.12
C GLY P 12 13.57 14.76 38.55
N LEU P 13 13.90 14.30 39.76
CA LEU P 13 13.39 13.05 40.30
C LEU P 13 12.24 13.33 41.26
N VAL P 14 11.20 12.52 41.16
CA VAL P 14 10.04 12.64 42.04
C VAL P 14 9.39 11.27 42.18
N GLN P 15 8.94 10.96 43.39
CA GLN P 15 8.23 9.71 43.64
C GLN P 15 6.79 9.81 43.13
N PRO P 16 6.15 8.66 42.90
CA PRO P 16 4.78 8.70 42.38
C PRO P 16 3.84 9.47 43.31
N GLY P 17 2.91 10.20 42.73
CA GLY P 17 2.00 11.02 43.48
C GLY P 17 2.51 12.40 43.84
N GLY P 18 3.76 12.71 43.51
CA GLY P 18 4.32 14.02 43.79
C GLY P 18 3.95 15.04 42.73
N SER P 19 4.51 16.23 42.88
CA SER P 19 4.24 17.34 41.98
C SER P 19 5.55 18.00 41.57
N LEU P 20 5.56 18.57 40.37
CA LEU P 20 6.72 19.25 39.82
C LEU P 20 6.27 20.48 39.07
N ARG P 21 7.19 21.42 38.88
CA ARG P 21 6.92 22.64 38.13
C ARG P 21 8.07 22.92 37.18
N LEU P 22 7.79 22.88 35.89
CA LEU P 22 8.74 23.25 34.86
C LEU P 22 8.47 24.68 34.40
N SER P 23 9.53 25.39 34.06
CA SER P 23 9.42 26.76 33.57
C SER P 23 10.28 26.90 32.33
N CYS P 24 9.90 27.85 31.48
CA CYS P 24 10.64 28.11 30.25
C CYS P 24 10.52 29.59 29.91
N THR P 25 11.63 30.19 29.51
CA THR P 25 11.69 31.60 29.16
C THR P 25 12.25 31.75 27.75
N ALA P 26 11.70 32.72 27.02
CA ALA P 26 12.11 32.98 25.65
C ALA P 26 12.92 34.27 25.57
N SER P 27 13.86 34.29 24.63
CA SER P 27 14.72 35.45 24.44
C SER P 27 15.04 35.58 22.96
N GLY P 28 15.51 36.75 22.57
CA GLY P 28 15.80 37.03 21.18
C GLY P 28 14.59 37.37 20.33
N VAL P 29 13.46 37.68 20.96
CA VAL P 29 12.23 38.02 20.24
C VAL P 29 11.51 39.11 21.04
N THR P 30 10.91 40.05 20.33
CA THR P 30 10.17 41.11 20.98
C THR P 30 8.85 40.59 21.54
N ILE P 31 8.32 41.31 22.52
CA ILE P 31 7.07 40.88 23.17
C ILE P 31 5.93 40.84 22.16
N SER P 32 5.83 41.87 21.32
CA SER P 32 4.74 41.91 20.34
C SER P 32 4.84 40.73 19.37
N ALA P 33 6.04 40.41 18.91
CA ALA P 33 6.20 39.29 17.99
C ALA P 33 5.85 37.97 18.65
N LEU P 34 6.25 37.79 19.92
CA LEU P 34 5.96 36.54 20.60
C LEU P 34 4.47 36.41 20.93
N ASN P 35 3.78 37.53 21.14
CA ASN P 35 2.37 37.46 21.46
C ASN P 35 1.54 36.83 20.35
N ALA P 36 2.07 36.78 19.12
CA ALA P 36 1.37 36.18 18.00
C ALA P 36 1.75 34.71 17.79
N MET P 37 2.40 34.09 18.78
CA MET P 37 2.84 32.71 18.69
C MET P 37 2.24 31.89 19.82
N ALA P 38 2.26 30.58 19.65
CA ALA P 38 1.78 29.66 20.67
C ALA P 38 2.95 29.11 21.46
N MET P 39 2.75 28.91 22.77
CA MET P 39 3.80 28.41 23.64
C MET P 39 3.33 27.14 24.34
N GLY P 40 4.10 26.07 24.22
CA GLY P 40 3.66 24.80 24.78
C GLY P 40 4.76 23.87 25.23
N TRP P 41 4.39 22.62 25.50
CA TRP P 41 5.31 21.62 26.02
C TRP P 41 5.17 20.33 25.24
N TYR P 42 6.29 19.80 24.76
CA TYR P 42 6.37 18.48 24.17
C TYR P 42 7.00 17.53 25.19
N ARG P 43 6.82 16.23 24.98
CA ARG P 43 7.50 15.26 25.82
C ARG P 43 7.80 14.01 24.99
N GLN P 44 8.96 13.42 25.25
CA GLN P 44 9.39 12.18 24.61
C GLN P 44 9.75 11.18 25.70
N ALA P 45 9.08 10.04 25.69
CA ALA P 45 9.39 8.96 26.61
C ALA P 45 10.32 7.96 25.96
N PRO P 46 11.06 7.18 26.75
CA PRO P 46 12.06 6.27 26.19
C PRO P 46 11.54 5.41 25.05
N GLY P 47 12.08 5.63 23.85
CA GLY P 47 11.74 4.82 22.69
C GLY P 47 10.47 5.22 21.96
N GLU P 48 9.86 6.35 22.29
CA GLU P 48 8.60 6.75 21.68
C GLU P 48 8.74 8.09 20.96
N ARG P 49 7.61 8.58 20.49
CA ARG P 49 7.54 9.85 19.77
C ARG P 49 7.82 11.01 20.70
N ARG P 50 8.13 12.16 20.09
CA ARG P 50 8.07 13.45 20.79
C ARG P 50 6.74 14.10 20.45
N VAL P 51 5.83 14.16 21.43
CA VAL P 51 4.46 14.60 21.18
C VAL P 51 4.10 15.71 22.14
N MET P 52 3.16 16.56 21.72
CA MET P 52 2.71 17.69 22.50
C MET P 52 1.76 17.22 23.61
N VAL P 53 1.88 17.84 24.79
CA VAL P 53 1.05 17.45 25.93
C VAL P 53 0.18 18.62 26.37
N ALA P 54 0.66 19.85 26.17
CA ALA P 54 -0.09 21.02 26.59
C ALA P 54 0.40 22.23 25.82
N ALA P 55 -0.45 23.25 25.73
CA ALA P 55 -0.09 24.46 25.00
C ALA P 55 -1.00 25.60 25.42
N VAL P 56 -0.55 26.82 25.15
CA VAL P 56 -1.35 28.03 25.29
C VAL P 56 -1.23 28.80 23.98
N SER P 57 -2.37 29.09 23.37
CA SER P 57 -2.40 29.74 22.07
C SER P 57 -2.19 31.25 22.21
N GLU P 58 -2.06 31.91 21.07
CA GLU P 58 -1.82 33.35 21.05
C GLU P 58 -2.94 34.13 21.71
N ARG P 59 -4.13 33.56 21.83
CA ARG P 59 -5.26 34.23 22.46
C ARG P 59 -5.42 33.85 23.93
N GLY P 60 -4.53 33.03 24.48
CA GLY P 60 -4.60 32.68 25.88
C GLY P 60 -5.43 31.47 26.21
N ASN P 61 -5.76 30.63 25.23
CA ASN P 61 -6.56 29.45 25.47
C ASN P 61 -5.65 28.26 25.79
N ALA P 62 -5.82 27.70 26.98
CA ALA P 62 -5.03 26.55 27.40
C ALA P 62 -5.62 25.27 26.83
N MET P 63 -4.79 24.46 26.20
CA MET P 63 -5.20 23.22 25.56
C MET P 63 -4.34 22.08 26.07
N TYR P 64 -4.94 20.91 26.24
CA TYR P 64 -4.28 19.77 26.86
C TYR P 64 -4.50 18.52 26.04
N ARG P 65 -3.54 17.59 26.14
CA ARG P 65 -3.75 16.24 25.65
C ARG P 65 -4.71 15.50 26.57
N GLU P 66 -5.52 14.62 25.97
CA GLU P 66 -6.59 13.98 26.74
C GLU P 66 -6.04 13.19 27.92
N SER P 67 -4.95 12.45 27.72
CA SER P 67 -4.43 11.59 28.75
C SER P 67 -3.79 12.34 29.91
N VAL P 68 -3.57 13.65 29.78
CA VAL P 68 -2.92 14.43 30.84
C VAL P 68 -3.83 15.50 31.42
N GLN P 69 -4.95 15.81 30.77
CA GLN P 69 -5.86 16.82 31.32
C GLN P 69 -6.43 16.35 32.64
N GLY P 70 -6.49 17.25 33.61
CA GLY P 70 -6.88 16.93 34.96
C GLY P 70 -5.71 16.77 35.92
N ARG P 71 -4.50 16.57 35.41
CA ARG P 71 -3.30 16.51 36.22
C ARG P 71 -2.28 17.58 35.89
N PHE P 72 -2.28 18.10 34.67
CA PHE P 72 -1.33 19.12 34.23
C PHE P 72 -2.04 20.47 34.11
N THR P 73 -1.31 21.53 34.44
CA THR P 73 -1.81 22.90 34.33
C THR P 73 -0.75 23.75 33.65
N VAL P 74 -1.07 24.27 32.47
CA VAL P 74 -0.14 25.09 31.70
C VAL P 74 -0.54 26.55 31.84
N THR P 75 0.43 27.40 32.16
CA THR P 75 0.21 28.82 32.34
C THR P 75 1.18 29.60 31.47
N ARG P 76 0.75 30.77 31.00
CA ARG P 76 1.57 31.61 30.13
C ARG P 76 1.56 33.03 30.65
N ASP P 77 2.74 33.62 30.78
CA ASP P 77 2.92 35.02 31.13
C ASP P 77 3.42 35.74 29.88
N PHE P 78 2.54 36.54 29.27
CA PHE P 78 2.88 37.19 28.01
C PHE P 78 3.90 38.31 28.23
N THR P 79 3.74 39.09 29.29
CA THR P 79 4.66 40.19 29.55
C THR P 79 6.08 39.68 29.79
N ASN P 80 6.22 38.61 30.57
CA ASN P 80 7.53 38.05 30.88
C ASN P 80 8.01 37.04 29.85
N LYS P 81 7.23 36.79 28.80
CA LYS P 81 7.60 35.83 27.77
C LYS P 81 7.92 34.47 28.38
N MET P 82 7.08 34.02 29.31
CA MET P 82 7.35 32.81 30.07
C MET P 82 6.20 31.82 29.92
N VAL P 83 6.51 30.54 29.96
CA VAL P 83 5.50 29.49 29.96
C VAL P 83 5.88 28.45 31.00
N SER P 84 4.92 28.06 31.84
CA SER P 84 5.18 27.15 32.94
C SER P 84 4.17 26.00 32.91
N LEU P 85 4.61 24.86 33.41
CA LEU P 85 3.79 23.66 33.49
C LEU P 85 3.85 23.11 34.91
N GLN P 86 2.68 22.86 35.49
CA GLN P 86 2.57 22.29 36.82
C GLN P 86 1.97 20.89 36.71
N MET P 87 2.69 19.91 37.26
CA MET P 87 2.29 18.51 37.18
C MET P 87 1.98 18.01 38.59
N ASP P 88 0.79 17.46 38.76
CA ASP P 88 0.34 16.94 40.05
C ASP P 88 -0.14 15.50 39.87
N ASN P 89 0.04 14.70 40.93
CA ASN P 89 -0.31 13.29 40.92
C ASN P 89 0.40 12.62 39.73
N LEU P 90 1.72 12.56 39.86
CA LEU P 90 2.56 12.01 38.80
C LEU P 90 2.49 10.49 38.79
N LYS P 91 2.67 9.92 37.60
CA LYS P 91 2.59 8.49 37.38
C LYS P 91 3.85 8.02 36.66
N PRO P 92 4.12 6.72 36.70
CA PRO P 92 5.34 6.22 36.01
C PRO P 92 5.37 6.55 34.54
N GLU P 93 4.21 6.65 33.88
CA GLU P 93 4.17 6.98 32.46
C GLU P 93 4.55 8.42 32.19
N ASP P 94 4.68 9.25 33.21
CA ASP P 94 5.08 10.64 33.03
C ASP P 94 6.60 10.82 32.97
N THR P 95 7.38 9.75 33.11
CA THR P 95 8.83 9.85 33.04
C THR P 95 9.25 10.05 31.60
N ALA P 96 9.93 11.17 31.32
CA ALA P 96 10.36 11.48 29.96
C ALA P 96 11.19 12.75 29.91
N VAL P 97 11.62 13.12 28.71
CA VAL P 97 12.29 14.40 28.47
C VAL P 97 11.25 15.39 27.97
N TYR P 98 11.11 16.51 28.66
CA TYR P 98 10.13 17.53 28.35
C TYR P 98 10.82 18.71 27.69
N TYR P 99 10.24 19.18 26.58
CA TYR P 99 10.81 20.25 25.78
C TYR P 99 9.86 21.44 25.76
N CYS P 100 10.39 22.62 26.04
CA CYS P 100 9.66 23.85 25.78
C CYS P 100 9.57 24.07 24.28
N HIS P 101 8.39 24.47 23.80
CA HIS P 101 8.15 24.57 22.38
C HIS P 101 7.44 25.89 22.05
N VAL P 102 7.77 26.45 20.90
CA VAL P 102 7.12 27.65 20.39
C VAL P 102 6.69 27.40 18.96
N LEU P 103 5.42 27.67 18.67
CA LEU P 103 4.85 27.48 17.35
C LEU P 103 4.54 28.84 16.74
N GLU P 104 5.02 29.07 15.52
CA GLU P 104 4.85 30.33 14.81
C GLU P 104 4.13 30.08 13.50
N ASP P 105 3.18 30.96 13.19
CA ASP P 105 2.38 30.84 11.97
C ASP P 105 3.06 31.63 10.86
N ARG P 106 3.32 30.98 9.74
CA ARG P 106 3.97 31.60 8.59
C ARG P 106 3.06 31.59 7.36
N VAL P 107 1.75 31.71 7.58
CA VAL P 107 0.77 31.81 6.50
C VAL P 107 0.59 30.45 5.82
N ASP P 108 1.61 30.00 5.08
CA ASP P 108 1.52 28.75 4.33
C ASP P 108 2.13 27.57 5.08
N SER P 109 2.61 27.76 6.30
CA SER P 109 3.21 26.68 7.07
C SER P 109 3.48 27.17 8.48
N PHE P 110 3.90 26.26 9.33
CA PHE P 110 4.20 26.55 10.72
C PHE P 110 5.68 26.28 10.98
N HIS P 111 6.25 27.05 11.91
CA HIS P 111 7.66 26.93 12.26
C HIS P 111 7.78 26.63 13.76
N ASP P 112 8.69 25.72 14.08
CA ASP P 112 8.89 25.23 15.44
C ASP P 112 10.20 25.75 16.01
N TYR P 113 10.15 26.18 17.27
CA TYR P 113 11.34 26.49 18.05
C TYR P 113 11.36 25.57 19.26
N TRP P 114 12.50 24.93 19.48
CA TRP P 114 12.63 23.88 20.49
C TRP P 114 13.54 24.32 21.63
N GLY P 115 13.28 23.77 22.81
CA GLY P 115 14.16 23.98 23.95
C GLY P 115 15.21 22.88 24.07
N GLN P 116 16.06 23.02 25.09
CA GLN P 116 17.12 22.04 25.30
C GLN P 116 16.54 20.69 25.73
N GLY P 117 15.61 20.71 26.68
CA GLY P 117 15.03 19.48 27.20
C GLY P 117 15.39 19.31 28.67
N THR P 118 14.45 18.79 29.43
CA THR P 118 14.65 18.55 30.86
C THR P 118 14.10 17.18 31.23
N GLN P 119 14.84 16.47 32.08
CA GLN P 119 14.49 15.11 32.45
C GLN P 119 13.53 15.11 33.64
N VAL P 120 12.45 14.34 33.53
CA VAL P 120 11.52 14.13 34.63
C VAL P 120 11.38 12.64 34.83
N THR P 121 11.82 12.16 35.99
CA THR P 121 11.80 10.74 36.31
C THR P 121 10.95 10.52 37.56
N VAL P 122 9.92 9.69 37.42
CA VAL P 122 9.03 9.38 38.53
C VAL P 122 9.24 7.92 38.93
N SER P 123 10.11 7.70 39.92
CA SER P 123 10.41 6.37 40.40
C SER P 123 10.19 6.32 41.90
N SER P 124 9.47 5.29 42.36
CA SER P 124 9.18 5.12 43.77
C SER P 124 10.41 4.60 44.51
C1 CDL Q . 63.97 10.29 -24.15
O1 CDL Q . 64.18 11.66 -23.79
CA2 CDL Q . 62.84 9.85 -23.26
OA2 CDL Q . 63.21 10.00 -21.86
PA1 CDL Q . 62.20 10.60 -20.82
OA3 CDL Q . 60.84 9.93 -21.01
OA4 CDL Q . 62.16 12.07 -20.89
OA5 CDL Q . 62.79 10.09 -19.44
CA3 CDL Q . 63.32 11.02 -18.48
CA4 CDL Q . 62.95 10.53 -17.10
OA6 CDL Q . 61.61 9.98 -17.30
CA5 CDL Q . 60.60 10.82 -17.59
OA7 CDL Q . 60.57 11.51 -18.56
C11 CDL Q . 59.53 10.76 -16.55
C12 CDL Q . 58.48 11.85 -16.74
C13 CDL Q . 57.59 12.05 -15.52
C14 CDL Q . 56.10 12.01 -15.80
C15 CDL Q . 55.26 11.48 -14.65
C16 CDL Q . 54.94 12.52 -13.59
C17 CDL Q . 54.69 11.96 -12.21
C18 CDL Q . 53.63 10.88 -12.14
C19 CDL Q . 52.28 11.27 -12.70
C20 CDL Q . 51.29 10.13 -12.80
C21 CDL Q . 50.33 10.25 -13.97
C22 CDL Q . 49.02 9.51 -13.80
C23 CDL Q . 48.11 9.58 -15.01
C24 CDL Q . 47.63 10.98 -15.35
C25 CDL Q . 48.48 11.72 -16.36
C26 CDL Q . 48.46 13.23 -16.24
C27 CDL Q . 49.09 13.76 -14.97
CA6 CDL Q . 62.72 11.73 -16.20
OA8 CDL Q . 63.99 12.14 -15.65
CA7 CDL Q . 64.43 11.48 -14.57
OA9 CDL Q . 65.20 10.57 -14.62
C31 CDL Q . 63.85 12.05 -13.31
C32 CDL Q . 63.97 11.12 -12.11
C33 CDL Q . 62.88 10.06 -12.07
C34 CDL Q . 61.50 10.59 -11.72
C35 CDL Q . 60.67 9.66 -10.86
C36 CDL Q . 59.18 9.94 -10.87
C37 CDL Q . 58.32 8.74 -10.55
C38 CDL Q . 56.83 9.02 -10.44
C39 CDL Q . 56.06 8.07 -9.55
C40 CDL Q . 54.59 7.94 -9.86
C41 CDL Q . 53.69 7.71 -8.66
C42 CDL Q . 52.20 7.96 -8.87
C43 CDL Q . 51.66 7.54 -10.22
C44 CDL Q . 50.15 7.55 -10.32
C45 CDL Q . 49.57 6.44 -11.18
C46 CDL Q . 48.15 6.02 -10.81
C47 CDL Q . 47.42 5.28 -11.91
CB2 CDL Q . 63.38 10.34 -25.54
OB2 CDL Q . 62.77 11.62 -25.81
PB2 CDL Q . 61.74 11.80 -27.00
OB3 CDL Q . 61.01 10.48 -27.21
OB4 CDL Q . 62.42 12.33 -28.19
OB5 CDL Q . 60.71 12.86 -26.41
CB3 CDL Q . 59.60 12.45 -25.60
CB4 CDL Q . 58.86 13.68 -25.16
OB6 CDL Q . 58.08 13.19 -24.04
CB5 CDL Q . 58.51 13.49 -22.80
OB7 CDL Q . 59.59 13.19 -22.38
C51 CDL Q . 57.47 14.26 -22.04
C52 CDL Q . 56.67 13.37 -21.10
C53 CDL Q . 55.53 14.11 -20.42
C54 CDL Q . 54.17 13.47 -20.55
C55 CDL Q . 53.13 14.37 -21.21
C56 CDL Q . 52.81 15.62 -20.40
C57 CDL Q . 51.44 16.20 -20.69
C58 CDL Q . 51.49 17.53 -21.44
C59 CDL Q . 50.12 18.08 -21.77
C60 CDL Q . 49.57 19.05 -20.72
C61 CDL Q . 48.08 19.35 -20.86
C62 CDL Q . 47.53 19.19 -22.26
C63 CDL Q . 46.15 19.79 -22.47
C64 CDL Q . 46.01 20.60 -23.75
C65 CDL Q . 44.76 21.47 -23.80
C66 CDL Q . 44.61 22.24 -25.11
C67 CDL Q . 43.21 22.73 -25.34
CB6 CDL Q . 57.81 13.98 -26.19
OB8 CDL Q . 57.17 15.22 -25.82
CB7 CDL Q . 55.90 15.38 -26.20
OB9 CDL Q . 54.95 15.14 -25.50
C71 CDL Q . 55.81 15.90 -27.61
C72 CDL Q . 55.39 14.85 -28.61
C73 CDL Q . 54.16 15.23 -29.41
C74 CDL Q . 53.94 14.41 -30.66
C75 CDL Q . 52.52 13.91 -30.85
C76 CDL Q . 52.16 13.55 -32.28
C77 CDL Q . 50.68 13.59 -32.59
C78 CDL Q . 50.23 12.47 -33.51
C79 CDL Q . 48.78 12.53 -33.95
C80 CDL Q . 48.54 12.27 -35.43
C81 CDL Q . 47.10 11.97 -35.79
C82 CDL Q . 46.82 11.75 -37.26
C83 CDL Q . 45.44 12.21 -37.73
C84 CDL Q . 44.98 11.58 -39.03
C85 CDL Q . 46.05 11.47 -40.10
C86 CDL Q . 45.53 11.12 -41.48
C87 CDL Q . 46.23 11.85 -42.61
H1 CDL Q . 64.77 9.73 -24.08
H1O1 CDL Q . 63.42 12.05 -23.73
HA22 CDL Q . 62.63 8.91 -23.43
HA21 CDL Q . 62.06 10.40 -23.44
HA32 CDL Q . 64.29 11.05 -18.55
HA31 CDL Q . 62.95 11.90 -18.63
HA4 CDL Q . 63.59 9.90 -16.73
H112 CDL Q . 59.93 10.88 -15.67
H111 CDL Q . 59.10 9.90 -16.59
H122 CDL Q . 57.91 11.60 -17.49
H121 CDL Q . 58.93 12.68 -16.93
H132 CDL Q . 57.80 12.91 -15.13
H131 CDL Q . 57.81 11.35 -14.88
H142 CDL Q . 55.94 11.44 -16.57
H141 CDL Q . 55.81 12.90 -16.00
H152 CDL Q . 55.75 10.76 -14.22
H151 CDL Q . 54.43 11.14 -15.00
H162 CDL Q . 54.14 13.01 -13.87
H161 CDL Q . 55.68 13.15 -13.54
H172 CDL Q . 54.43 12.69 -11.63
H171 CDL Q . 55.53 11.58 -11.89
H182 CDL Q . 53.51 10.64 -11.20
H181 CDL Q . 53.95 10.11 -12.63
H192 CDL Q . 52.42 11.63 -13.58
H191 CDL Q . 51.90 11.95 -12.12
H202 CDL Q . 50.76 10.11 -11.99
H201 CDL Q . 51.78 9.31 -12.90
H212 CDL Q . 50.78 9.89 -14.76
H211 CDL Q . 50.13 11.19 -14.10
H222 CDL Q . 48.55 9.90 -13.05
H221 CDL Q . 49.22 8.58 -13.63
H232 CDL Q . 47.33 9.03 -14.84
H231 CDL Q . 48.60 9.24 -15.78
H242 CDL Q . 46.73 10.90 -15.71
H241 CDL Q . 47.61 11.49 -14.53
H252 CDL Q . 48.18 11.48 -17.25
H251 CDL Q . 49.41 11.43 -16.24
H262 CDL Q . 48.92 13.61 -17.00
H261 CDL Q . 47.53 13.52 -16.25
H273 CDL Q . 48.57 13.50 -14.21
H272 CDL Q . 49.15 14.73 -15.02
H271 CDL Q . 49.98 13.40 -14.90
HA62 CDL Q . 62.12 11.47 -15.47
HA61 CDL Q . 62.35 12.46 -16.70
H312 CDL Q . 64.33 12.88 -13.10
H311 CDL Q . 62.92 12.24 -13.46
H322 CDL Q . 64.83 10.66 -12.15
H321 CDL Q . 63.92 11.65 -11.30
H332 CDL Q . 63.12 9.40 -11.41
H331 CDL Q . 62.83 9.65 -12.95
H342 CDL Q . 61.01 10.75 -12.55
H341 CDL Q . 61.60 11.43 -11.25
H352 CDL Q . 60.98 9.74 -9.94
H351 CDL Q . 60.82 8.76 -11.17
H362 CDL Q . 58.93 10.27 -11.75
H361 CDL Q . 58.99 10.64 -10.22
H372 CDL Q . 58.61 8.38 -9.69
H371 CDL Q . 58.45 8.08 -11.25
H382 CDL Q . 56.46 8.95 -11.33
H381 CDL Q . 56.73 9.92 -10.09
H392 CDL Q . 56.14 8.38 -8.63
H391 CDL Q . 56.46 7.18 -9.64
H402 CDL Q . 54.47 7.19 -10.46
H401 CDL Q . 54.29 8.76 -10.30
H412 CDL Q . 53.98 8.30 -7.95
H411 CDL Q . 53.79 6.79 -8.39
H422 CDL Q . 52.04 8.90 -8.75
H421 CDL Q . 51.72 7.45 -8.19
H432 CDL Q . 51.98 6.65 -10.42
H431 CDL Q . 52.00 8.18 -10.88
H442 CDL Q . 49.87 8.40 -10.71
H441 CDL Q . 49.78 7.46 -9.43
H452 CDL Q . 50.13 5.65 -11.09
H451 CDL Q . 49.56 6.73 -12.10
H462 CDL Q . 47.65 6.84 -10.61
H461 CDL Q . 48.19 5.46 -10.03
H473 CDL Q . 47.89 4.45 -12.10
H472 CDL Q . 47.37 5.83 -12.71
H471 CDL Q . 46.52 5.07 -11.60
HB22 CDL Q . 64.09 10.19 -26.18
HB21 CDL Q . 62.70 9.65 -25.60
HB32 CDL Q . 59.92 11.96 -24.83
HB31 CDL Q . 59.01 11.87 -26.12
HB4 CDL Q . 59.45 14.44 -24.96
H512 CDL Q . 56.87 14.68 -22.66
H511 CDL Q . 57.90 14.94 -21.51
H522 CDL Q . 56.30 12.63 -21.62
H521 CDL Q . 57.26 13.01 -20.42
H532 CDL Q . 55.74 14.18 -19.47
H531 CDL Q . 55.49 15.00 -20.80
H542 CDL Q . 54.23 12.65 -21.07
H541 CDL Q . 53.85 13.24 -19.67
H552 CDL Q . 53.48 14.65 -22.08
H551 CDL Q . 52.32 13.87 -21.34
H562 CDL Q . 53.48 16.30 -20.60
H561 CDL Q . 52.86 15.40 -19.46
H572 CDL Q . 50.98 16.34 -19.85
H571 CDL Q . 50.94 15.57 -21.22
H582 CDL Q . 51.97 17.40 -22.27
H581 CDL Q . 51.97 18.16 -20.88
H592 CDL Q . 49.50 17.35 -21.84
H591 CDL Q . 50.18 18.56 -22.60
H602 CDL Q . 50.06 19.87 -20.78
H601 CDL Q . 49.71 18.66 -19.84
H612 CDL Q . 47.94 20.27 -20.58
H611 CDL Q . 47.60 18.75 -20.27
H622 CDL Q . 47.46 18.24 -22.47
H621 CDL Q . 48.14 19.62 -22.88
H632 CDL Q . 45.95 20.37 -21.71
H631 CDL Q . 45.51 19.07 -22.49
H642 CDL Q . 45.98 19.99 -24.50
H641 CDL Q . 46.79 21.18 -23.82
H652 CDL Q . 43.99 20.90 -23.69
H651 CDL Q . 44.81 22.11 -23.07
H662 CDL Q . 45.20 23.01 -25.07
H661 CDL Q . 44.85 21.65 -25.84
H673 CDL Q . 43.17 23.24 -26.17
H672 CDL Q . 42.93 23.30 -24.61
H671 CDL Q . 42.60 21.97 -25.40
HB62 CDL Q . 58.23 14.08 -27.06
HB61 CDL Q . 57.16 13.26 -26.22
H712 CDL Q . 55.15 16.62 -27.62
H711 CDL Q . 56.67 16.25 -27.86
H722 CDL Q . 55.21 14.02 -28.14
H721 CDL Q . 56.12 14.71 -29.24
H732 CDL Q . 54.24 16.17 -29.66
H731 CDL Q . 53.39 15.12 -28.83
H742 CDL Q . 54.52 13.63 -30.62
H741 CDL Q . 54.17 14.95 -31.43
H752 CDL Q . 52.39 13.13 -30.29
H751 CDL Q . 51.90 14.61 -30.55
H762 CDL Q . 52.48 12.65 -32.45
H761 CDL Q . 52.60 14.18 -32.86
H772 CDL Q . 50.46 14.44 -33.00
H771 CDL Q . 50.18 13.53 -31.76
H782 CDL Q . 50.78 12.51 -34.31
H781 CDL Q . 50.35 11.63 -33.03
H792 CDL Q . 48.44 13.41 -33.75
H791 CDL Q . 48.29 11.85 -33.46
H802 CDL Q . 49.08 11.51 -35.69
H801 CDL Q . 48.82 13.06 -35.92
H812 CDL Q . 46.84 11.17 -35.31
H811 CDL Q . 46.56 12.74 -35.51
H822 CDL Q . 46.87 10.79 -37.43
H821 CDL Q . 47.47 12.24 -37.77
H832 CDL Q . 45.47 13.17 -37.85
H831 CDL Q . 44.79 12.00 -37.04
H842 CDL Q . 44.68 10.67 -38.84
H841 CDL Q . 44.25 12.10 -39.38
H852 CDL Q . 46.50 12.34 -40.15
H851 CDL Q . 46.69 10.79 -39.83
H862 CDL Q . 44.59 11.35 -41.51
H861 CDL Q . 45.65 10.18 -41.61
H873 CDL Q . 47.18 11.64 -42.59
H872 CDL Q . 45.85 11.57 -43.46
H871 CDL Q . 46.10 12.81 -42.50
C1 CDL R . 40.28 -18.72 -53.00
O1 CDL R . 39.54 -18.19 -54.10
CA2 CDL R . 39.75 -17.96 -51.81
OA2 CDL R . 39.97 -16.53 -51.98
PA1 CDL R . 38.86 -15.48 -51.62
OA3 CDL R . 38.28 -15.85 -50.25
OA4 CDL R . 37.85 -15.39 -52.70
OA5 CDL R . 39.68 -14.14 -51.46
CA3 CDL R . 39.50 -13.05 -52.37
CA4 CDL R . 39.59 -11.77 -51.58
OA6 CDL R . 38.94 -12.11 -50.31
CA5 CDL R . 37.62 -12.36 -50.30
OA7 CDL R . 37.11 -13.24 -50.93
C11 CDL R . 36.88 -11.40 -49.42
C12 CDL R . 35.38 -11.52 -49.55
C13 CDL R . 34.63 -10.35 -48.96
C14 CDL R . 33.53 -10.72 -47.98
C15 CDL R . 33.28 -9.70 -46.89
C16 CDL R . 32.39 -8.55 -47.31
C17 CDL R . 32.63 -7.26 -46.54
C18 CDL R . 32.55 -7.39 -45.04
C19 CDL R . 31.26 -7.98 -44.51
C20 CDL R . 31.26 -8.28 -43.02
C21 CDL R . 30.43 -9.48 -42.63
C22 CDL R . 29.95 -9.49 -41.20
C23 CDL R . 29.17 -10.73 -40.81
C24 CDL R . 27.87 -10.93 -41.57
C25 CDL R . 27.99 -11.78 -42.82
C26 CDL R . 26.98 -11.49 -43.90
C27 CDL R . 27.15 -10.13 -44.54
CA6 CDL R . 38.65 -10.75 -52.19
OA8 CDL R . 39.35 -10.07 -53.27
CA7 CDL R . 40.15 -9.06 -52.93
OA9 CDL R . 41.33 -9.16 -52.77
C31 CDL R . 39.38 -7.77 -52.80
C32 CDL R . 40.13 -6.68 -52.03
C33 CDL R . 40.01 -6.84 -50.53
C34 CDL R . 38.64 -6.52 -49.97
C35 CDL R . 38.67 -5.83 -48.61
C36 CDL R . 37.37 -5.90 -47.84
C37 CDL R . 37.53 -5.77 -46.34
C38 CDL R . 36.23 -5.73 -45.55
C39 CDL R . 36.31 -5.01 -44.22
C40 CDL R . 35.28 -5.42 -43.19
C41 CDL R . 34.81 -4.31 -42.27
C42 CDL R . 33.52 -4.58 -41.50
C43 CDL R . 33.35 -6.01 -41.02
C44 CDL R . 32.20 -6.20 -40.04
C45 CDL R . 32.48 -7.23 -38.94
C46 CDL R . 31.70 -7.01 -37.66
C47 CDL R . 31.61 -8.21 -36.76
CB2 CDL R . 39.75 -20.12 -52.82
OB2 CDL R . 38.44 -20.28 -53.41
PB2 CDL R . 37.52 -21.49 -53.02
OB3 CDL R . 37.83 -21.90 -51.59
OB4 CDL R . 37.62 -22.57 -54.01
OB5 CDL R . 36.06 -20.85 -53.05
CB3 CDL R . 35.52 -20.16 -51.90
CB4 CDL R . 34.17 -19.63 -52.27
OB6 CDL R . 33.94 -18.62 -51.24
CB5 CDL R . 34.12 -17.34 -51.59
OB7 CDL R . 35.13 -16.88 -52.02
C51 CDL R . 32.85 -16.55 -51.36
C52 CDL R . 32.87 -15.78 -50.06
C53 CDL R . 31.55 -15.08 -49.77
C54 CDL R . 30.95 -15.38 -48.41
C55 CDL R . 29.55 -15.99 -48.48
C56 CDL R . 28.52 -15.05 -49.08
C57 CDL R . 27.10 -15.36 -48.65
C58 CDL R . 26.23 -15.93 -49.76
C59 CDL R . 24.83 -16.28 -49.31
C60 CDL R . 23.81 -15.16 -49.52
C61 CDL R . 22.49 -15.35 -48.78
C62 CDL R . 22.13 -16.80 -48.49
C63 CDL R . 20.70 -17.02 -48.05
C64 CDL R . 20.02 -18.20 -48.72
C65 CDL R . 18.51 -18.22 -48.55
C66 CDL R . 17.84 -19.43 -49.19
C67 CDL R . 16.45 -19.69 -48.66
CB6 CDL R . 33.15 -20.67 -51.93
OB8 CDL R . 31.87 -20.20 -52.37
CB7 CDL R . 30.79 -20.63 -51.71
OB9 CDL R . 30.27 -20.03 -50.81
C71 CDL R . 30.33 -21.96 -52.22
C72 CDL R . 30.68 -23.12 -51.30
C73 CDL R . 29.48 -23.94 -50.87
C74 CDL R . 29.82 -25.30 -50.28
C75 CDL R . 29.08 -25.63 -49.00
C76 CDL R . 29.00 -27.11 -48.68
C77 CDL R . 27.86 -27.51 -47.77
C78 CDL R . 28.23 -28.58 -46.77
C79 CDL R . 27.10 -29.10 -45.92
C80 CDL R . 27.04 -30.61 -45.76
C81 CDL R . 26.14 -31.10 -44.64
C82 CDL R . 26.03 -32.60 -44.47
C83 CDL R . 24.68 -33.09 -43.97
C84 CDL R . 24.71 -34.49 -43.37
C85 CDL R . 25.54 -35.49 -44.14
C86 CDL R . 25.34 -36.93 -43.72
C87 CDL R . 25.34 -37.92 -44.87
H1 CDL R . 41.25 -18.66 -53.11
H1O1 CDL R . 38.71 -18.12 -53.88
HA22 CDL R . 40.21 -18.25 -51.00
HA21 CDL R . 38.80 -18.11 -51.72
HA32 CDL R . 40.19 -13.05 -53.04
HA31 CDL R . 38.63 -13.11 -52.80
HA4 CDL R . 40.50 -11.44 -51.49
H112 CDL R . 37.14 -10.50 -49.66
H111 CDL R . 37.14 -11.57 -48.50
H122 CDL R . 35.09 -12.33 -49.09
H121 CDL R . 35.15 -11.59 -50.50
H132 CDL R . 34.22 -9.85 -49.68
H131 CDL R . 35.27 -9.79 -48.50
H142 CDL R . 33.76 -11.56 -47.56
H141 CDL R . 32.70 -10.84 -48.48
H152 CDL R . 34.14 -9.33 -46.62
H151 CDL R . 32.88 -10.14 -46.13
H162 CDL R . 31.46 -8.81 -47.17
H161 CDL R . 32.53 -8.37 -48.25
H172 CDL R . 31.97 -6.61 -46.84
H171 CDL R . 33.51 -6.93 -46.78
H182 CDL R . 32.64 -6.50 -44.66
H181 CDL R . 33.28 -7.94 -44.74
H192 CDL R . 31.09 -8.80 -44.98
H191 CDL R . 30.54 -7.34 -44.69
H202 CDL R . 30.91 -7.51 -42.56
H201 CDL R . 32.18 -8.45 -42.75
H212 CDL R . 30.97 -10.28 -42.77
H211 CDL R . 29.65 -9.50 -43.21
H222 CDL R . 29.36 -8.72 -41.08
H221 CDL R . 30.72 -9.41 -40.62
H232 CDL R . 28.97 -10.68 -39.86
H231 CDL R . 29.74 -11.51 -40.98
H242 CDL R . 27.24 -11.35 -40.97
H241 CDL R . 27.55 -10.06 -41.83
H252 CDL R . 27.89 -12.71 -42.55
H251 CDL R . 28.88 -11.65 -43.19
H262 CDL R . 27.05 -12.16 -44.59
H261 CDL R . 26.08 -11.53 -43.51
H273 CDL R . 26.95 -9.44 -43.91
H272 CDL R . 26.54 -10.06 -45.30
H271 CDL R . 28.06 -10.04 -44.85
HA62 CDL R . 38.40 -10.09 -51.52
HA61 CDL R . 37.88 -11.17 -52.56
H312 CDL R . 39.20 -7.44 -53.70
H311 CDL R . 38.55 -7.95 -52.34
H322 CDL R . 41.07 -6.72 -52.27
H321 CDL R . 39.77 -5.82 -52.28
H332 CDL R . 40.65 -6.25 -50.11
H331 CDL R . 40.22 -7.77 -50.31
H342 CDL R . 38.14 -7.35 -49.87
H341 CDL R . 38.17 -5.94 -50.59
H352 CDL R . 38.88 -4.89 -48.76
H351 CDL R . 39.36 -6.23 -48.08
H362 CDL R . 36.93 -6.75 -48.03
H361 CDL R . 36.78 -5.18 -48.15
H372 CDL R . 38.01 -4.95 -46.16
H371 CDL R . 38.04 -6.54 -46.03
H382 CDL R . 35.96 -6.64 -45.37
H381 CDL R . 35.57 -5.28 -46.10
H392 CDL R . 36.20 -4.06 -44.39
H391 CDL R . 37.19 -5.17 -43.84
H402 CDL R . 35.68 -6.12 -42.64
H401 CDL R . 34.51 -5.78 -43.66
H412 CDL R . 34.65 -3.53 -42.82
H411 CDL R . 35.50 -4.15 -41.62
H422 CDL R . 32.78 -4.36 -42.08
H421 CDL R . 33.52 -4.01 -40.72
H432 CDL R . 34.16 -6.29 -40.59
H431 CDL R . 33.16 -6.56 -41.80
H442 CDL R . 31.42 -6.51 -40.53
H441 CDL R . 32.01 -5.36 -39.61
H452 CDL R . 33.42 -7.19 -38.72
H451 CDL R . 32.24 -8.10 -39.28
H462 CDL R . 30.79 -6.73 -37.90
H461 CDL R . 32.13 -6.29 -37.16
H473 CDL R . 32.51 -8.48 -36.49
H472 CDL R . 31.18 -8.94 -37.24
H471 CDL R . 31.08 -7.99 -35.97
HB22 CDL R . 40.36 -20.73 -53.27
HB21 CDL R . 39.70 -20.31 -51.88
HB32 CDL R . 36.11 -19.44 -51.65
HB31 CDL R . 35.45 -20.79 -51.15
HB4 CDL R . 34.12 -19.30 -53.19
H512 CDL R . 32.10 -17.16 -51.37
H511 CDL R . 32.74 -15.92 -52.09
H522 CDL R . 33.06 -16.40 -49.34
H521 CDL R . 33.57 -15.11 -50.09
H532 CDL R . 31.70 -14.13 -49.84
H531 CDL R . 30.92 -15.36 -50.45
H542 CDL R . 31.52 -15.99 -47.92
H541 CDL R . 30.90 -14.55 -47.92
H552 CDL R . 29.60 -16.79 -49.03
H551 CDL R . 29.28 -16.22 -47.59
H562 CDL R . 28.57 -15.13 -50.06
H561 CDL R . 28.73 -14.15 -48.83
H572 CDL R . 26.69 -14.54 -48.34
H571 CDL R . 27.12 -15.99 -47.92
H582 CDL R . 26.65 -16.74 -50.09
H581 CDL R . 26.18 -15.28 -50.47
H592 CDL R . 24.85 -16.48 -48.37
H591 CDL R . 24.53 -17.04 -49.81
H602 CDL R . 23.63 -15.09 -50.47
H601 CDL R . 24.20 -14.32 -49.21
H612 CDL R . 21.79 -14.97 -49.33
H611 CDL R . 22.55 -14.88 -47.94
H622 CDL R . 22.71 -17.12 -47.77
H621 CDL R . 22.28 -17.31 -49.29
H632 CDL R . 20.19 -16.21 -48.24
H631 CDL R . 20.70 -17.17 -47.09
H642 CDL R . 20.38 -19.01 -48.35
H641 CDL R . 20.21 -18.15 -49.67
H652 CDL R . 18.31 -18.22 -47.60
H651 CDL R . 18.14 -17.42 -48.95
H662 CDL R . 17.77 -19.27 -50.14
H661 CDL R . 18.38 -20.21 -49.01
H673 CDL R . 16.07 -20.46 -49.12
H672 CDL R . 15.89 -18.92 -48.80
H671 CDL R . 16.50 -19.88 -47.70
HB62 CDL R . 33.37 -21.50 -52.40
HB61 CDL R . 33.14 -20.83 -50.97
H712 CDL R . 29.37 -21.94 -52.32
H711 CDL R . 30.74 -22.12 -53.08
H722 CDL R . 31.11 -22.77 -50.50
H721 CDL R . 31.31 -23.71 -51.76
H732 CDL R . 28.92 -24.08 -51.65
H731 CDL R . 29.00 -23.43 -50.20
H742 CDL R . 30.77 -25.31 -50.09
H741 CDL R . 29.61 -25.97 -50.93
H752 CDL R . 29.52 -25.18 -48.26
H751 CDL R . 28.17 -25.29 -49.07
H762 CDL R . 29.83 -27.36 -48.25
H761 CDL R . 28.90 -27.59 -49.52
H772 CDL R . 27.12 -27.83 -48.32
H771 CDL R . 27.56 -26.72 -47.29
H782 CDL R . 28.59 -29.33 -47.27
H781 CDL R . 28.90 -28.20 -46.17
H792 CDL R . 26.26 -28.82 -46.32
H791 CDL R . 27.19 -28.73 -45.03
H802 CDL R . 27.93 -30.93 -45.59
H801 CDL R . 26.70 -30.98 -46.60
H812 CDL R . 26.49 -30.74 -43.81
H811 CDL R . 25.24 -30.75 -44.81
H822 CDL R . 26.70 -32.88 -43.83
H821 CDL R . 26.18 -33.00 -45.34
H832 CDL R . 24.06 -33.09 -44.71
H831 CDL R . 24.36 -32.47 -43.29
H842 CDL R . 25.09 -34.42 -42.48
H841 CDL R . 23.80 -34.81 -43.32
H852 CDL R . 25.31 -35.41 -45.09
H851 CDL R . 26.48 -35.27 -44.02
H862 CDL R . 24.48 -37.00 -43.27
H861 CDL R . 26.05 -37.17 -43.11
H873 CDL R . 26.20 -37.87 -45.33
H872 CDL R . 25.22 -38.82 -44.52
H871 CDL R . 24.61 -37.71 -45.48
C1 CDL S . 40.78 -52.26 -19.69
O1 CDL S . 39.84 -53.33 -19.74
CA2 CDL S . 39.92 -51.02 -19.75
OA2 CDL S . 39.14 -51.01 -20.97
PA1 CDL S . 37.62 -50.59 -20.95
OA3 CDL S . 37.47 -49.32 -20.13
OA4 CDL S . 36.77 -51.71 -20.51
OA5 CDL S . 37.36 -50.22 -22.47
CA3 CDL S . 36.46 -51.00 -23.28
CA4 CDL S . 35.71 -50.06 -24.19
OA6 CDL S . 35.49 -48.88 -23.34
CA5 CDL S . 34.67 -48.98 -22.28
OA7 CDL S . 34.85 -49.75 -21.37
C11 CDL S . 33.51 -48.04 -22.39
C12 CDL S . 32.46 -48.28 -21.32
C13 CDL S . 31.15 -47.60 -21.62
C14 CDL S . 30.60 -46.74 -20.49
C15 CDL S . 29.77 -45.56 -20.95
C16 CDL S . 28.33 -45.89 -21.26
C17 CDL S . 27.68 -44.96 -22.27
C18 CDL S . 27.76 -43.49 -21.92
C19 CDL S . 27.20 -43.11 -20.57
C20 CDL S . 27.45 -41.68 -20.15
C21 CDL S . 27.63 -41.49 -18.66
C22 CDL S . 27.33 -40.10 -18.15
C23 CDL S . 27.58 -39.91 -16.67
C24 CDL S . 26.72 -40.76 -15.76
C25 CDL S . 27.33 -42.10 -15.37
C26 CDL S . 26.34 -43.20 -15.06
C27 CDL S . 25.55 -43.66 -16.26
CA6 CDL S . 34.32 -50.59 -24.40
OA8 CDL S . 34.35 -51.54 -25.51
CA7 CDL S . 34.29 -51.04 -26.74
OA9 CDL S . 35.25 -50.81 -27.42
C31 CDL S . 32.87 -50.80 -27.17
C32 CDL S . 32.73 -49.86 -28.36
C33 CDL S . 32.80 -48.40 -27.97
C34 CDL S . 31.58 -47.89 -27.24
C35 CDL S . 31.19 -46.46 -27.58
C36 CDL S . 30.29 -45.79 -26.57
C37 CDL S . 30.37 -44.27 -26.58
C38 CDL S . 29.40 -43.57 -25.65
C39 CDL S . 29.03 -42.16 -26.06
C40 CDL S . 28.57 -41.25 -24.94
C41 CDL S . 27.51 -40.24 -25.33
C42 CDL S . 26.75 -39.59 -24.17
C43 CDL S . 27.58 -39.29 -22.94
C44 CDL S . 26.88 -38.41 -21.91
C45 CDL S . 27.80 -37.43 -21.20
C46 CDL S . 27.11 -36.19 -20.68
C47 CDL S . 27.88 -35.45 -19.61
CB2 CDL S . 41.32 -52.29 -18.28
OB2 CDL S . 40.42 -52.97 -17.38
PB2 CDL S . 40.55 -52.78 -15.82
OB3 CDL S . 41.11 -51.39 -15.53
OB4 CDL S . 41.31 -53.89 -15.22
OB5 CDL S . 39.04 -52.82 -15.33
CB3 CDL S . 38.21 -51.64 -15.33
CB4 CDL S . 36.84 -52.02 -14.89
OB6 CDL S . 36.03 -50.90 -15.35
CB5 CDL S . 35.30 -51.07 -16.46
OB7 CDL S . 35.75 -51.39 -17.52
C51 CDL S . 33.84 -50.84 -16.17
C52 CDL S . 33.39 -49.44 -16.59
C53 CDL S . 31.95 -49.16 -16.19
C54 CDL S . 31.74 -47.89 -15.40
C55 CDL S . 31.09 -48.12 -14.04
C56 CDL S . 29.68 -48.67 -14.12
C57 CDL S . 28.84 -48.36 -12.91
C58 CDL S . 28.53 -49.59 -12.05
C59 CDL S . 27.72 -49.27 -10.81
C60 CDL S . 26.21 -49.41 -10.99
C61 CDL S . 25.38 -48.78 -9.89
C62 CDL S . 26.07 -48.69 -8.54
C63 CDL S . 25.16 -48.37 -7.37
C64 CDL S . 25.41 -49.21 -6.15
C65 CDL S . 24.30 -49.14 -5.10
C66 CDL S . 24.58 -49.96 -3.85
C67 CDL S . 23.73 -49.55 -2.67
CB6 CDL S . 36.78 -51.88 -13.40
OB8 CDL S . 35.48 -52.34 -12.95
CB7 CDL S . 34.99 -51.80 -11.84
OB9 CDL S . 34.23 -50.87 -11.82
C71 CDL S . 35.51 -52.49 -10.62
C72 CDL S . 36.57 -51.70 -9.87
C73 CDL S . 36.23 -51.44 -8.42
C74 CDL S . 37.40 -51.00 -7.56
C75 CDL S . 37.11 -49.82 -6.66
C76 CDL S . 38.04 -49.69 -5.47
C77 CDL S . 37.48 -48.91 -4.30
C78 CDL S . 38.50 -48.02 -3.63
C79 CDL S . 38.02 -47.31 -2.38
C80 CDL S . 38.99 -47.34 -1.20
C81 CDL S . 38.67 -46.34 -0.10
C82 CDL S . 39.59 -46.37 1.10
C83 CDL S . 38.92 -46.01 2.42
C84 CDL S . 39.89 -45.58 3.52
C85 CDL S . 41.15 -46.42 3.61
C86 CDL S . 41.97 -46.18 4.86
C87 CDL S . 42.58 -47.44 5.44
H1 CDL S . 41.47 -52.30 -20.38
H1O1 CDL S . 39.18 -53.16 -19.21
HA22 CDL S . 40.49 -50.23 -19.72
HA21 CDL S . 39.32 -51.00 -18.99
HA32 CDL S . 36.97 -51.62 -23.83
HA31 CDL S . 35.84 -51.49 -22.72
HA4 CDL S . 36.18 -49.87 -25.02
H112 CDL S . 33.10 -48.15 -23.26
H111 CDL S . 33.85 -47.13 -22.32
H122 CDL S . 32.80 -47.94 -20.48
H121 CDL S . 32.31 -49.24 -21.25
H132 CDL S . 30.49 -48.28 -21.82
H131 CDL S . 31.26 -47.04 -22.40
H142 CDL S . 31.34 -46.41 -19.96
H141 CDL S . 30.05 -47.30 -19.92
H152 CDL S . 30.18 -45.20 -21.75
H151 CDL S . 29.79 -44.89 -20.25
H162 CDL S . 27.82 -45.84 -20.43
H161 CDL S . 28.29 -46.79 -21.60
H172 CDL S . 26.75 -45.21 -22.35
H171 CDL S . 28.12 -45.10 -23.12
H182 CDL S . 27.25 -43.00 -22.60
H181 CDL S . 28.68 -43.21 -21.96
H192 CDL S . 27.60 -43.69 -19.91
H191 CDL S . 26.23 -43.26 -20.59
H202 CDL S . 26.69 -41.15 -20.43
H201 CDL S . 28.26 -41.37 -20.59
H212 CDL S . 28.57 -41.68 -18.45
H211 CDL S . 27.05 -42.12 -18.21
H222 CDL S . 26.38 -39.92 -18.31
H221 CDL S . 27.87 -39.47 -18.64
H232 CDL S . 27.43 -38.98 -16.45
H231 CDL S . 28.52 -40.14 -16.49
H242 CDL S . 26.54 -40.26 -14.96
H241 CDL S . 25.89 -40.94 -16.23
H252 CDL S . 27.88 -41.95 -14.59
H251 CDL S . 27.89 -42.40 -16.11
H262 CDL S . 26.82 -43.96 -14.70
H261 CDL S . 25.71 -42.87 -14.39
H273 CDL S . 24.96 -42.96 -16.56
H272 CDL S . 25.02 -44.44 -16.02
H271 CDL S . 26.16 -43.90 -16.97
HA62 CDL S . 33.71 -49.87 -24.63
HA61 CDL S . 34.00 -51.07 -23.63
H312 CDL S . 32.48 -51.66 -27.41
H311 CDL S . 32.38 -50.42 -26.43
H322 CDL S . 33.46 -50.05 -28.99
H321 CDL S . 31.88 -50.03 -28.80
H332 CDL S . 32.90 -47.88 -28.78
H331 CDL S . 33.58 -48.28 -27.40
H342 CDL S . 31.76 -47.92 -26.28
H341 CDL S . 30.83 -48.47 -27.44
H352 CDL S . 30.72 -46.48 -28.43
H351 CDL S . 31.99 -45.94 -27.67
H362 CDL S . 30.52 -46.11 -25.68
H361 CDL S . 29.37 -46.04 -26.76
H372 CDL S . 30.20 -43.97 -27.47
H371 CDL S . 31.27 -44.03 -26.31
H382 CDL S . 29.81 -43.52 -24.77
H381 CDL S . 28.59 -44.10 -25.61
H392 CDL S . 28.31 -42.22 -26.71
H391 CDL S . 29.80 -41.76 -26.47
H402 CDL S . 29.34 -40.76 -24.61
H401 CDL S . 28.20 -41.81 -24.23
H412 CDL S . 26.85 -40.70 -25.87
H411 CDL S . 27.94 -39.53 -25.82
H422 CDL S . 26.03 -40.18 -23.92
H421 CDL S . 26.39 -38.75 -24.50
H432 CDL S . 28.39 -38.85 -23.22
H431 CDL S . 27.77 -40.14 -22.51
H442 CDL S . 26.48 -38.99 -21.24
H441 CDL S . 26.19 -37.90 -22.36
H452 CDL S . 28.49 -37.15 -21.82
H451 CDL S . 28.19 -37.88 -20.44
H462 CDL S . 26.25 -36.45 -20.31
H461 CDL S . 26.98 -35.58 -21.43
H473 CDL S . 28.73 -35.16 -19.97
H472 CDL S . 28.03 -36.04 -18.85
H471 CDL S . 27.36 -34.67 -19.32
HB22 CDL S . 42.17 -52.76 -18.29
HB21 CDL S . 41.44 -51.38 -17.98
HB32 CDL S . 38.18 -51.27 -16.23
HB31 CDL S . 38.59 -50.98 -14.73
HB4 CDL S . 36.55 -52.90 -15.22
H512 CDL S . 33.68 -50.96 -15.23
H511 CDL S . 33.31 -51.49 -16.66
H522 CDL S . 33.97 -48.80 -16.16
H521 CDL S . 33.47 -49.36 -17.55
H532 CDL S . 31.42 -49.10 -17.01
H531 CDL S . 31.64 -49.91 -15.67
H542 CDL S . 32.59 -47.44 -15.26
H541 CDL S . 31.17 -47.29 -15.91
H552 CDL S . 31.65 -48.75 -13.55
H551 CDL S . 31.07 -47.28 -13.56
H562 CDL S . 29.74 -49.64 -14.22
H561 CDL S . 29.25 -48.30 -14.90
H572 CDL S . 28.00 -47.98 -13.20
H571 CDL S . 29.29 -47.71 -12.36
H582 CDL S . 29.36 -49.98 -11.77
H581 CDL S . 28.04 -50.22 -12.60
H592 CDL S . 27.90 -48.36 -10.55
H591 CDL S . 27.99 -49.88 -10.11
H602 CDL S . 26.00 -50.35 -11.05
H601 CDL S . 25.96 -48.98 -11.83
H612 CDL S . 24.58 -49.32 -9.78
H611 CDL S . 25.13 -47.89 -10.17
H622 CDL S . 26.74 -47.97 -8.60
H621 CDL S . 26.50 -49.53 -8.36
H632 CDL S . 24.24 -48.49 -7.66
H631 CDL S . 25.29 -47.43 -7.14
H642 CDL S . 26.23 -48.92 -5.72
H641 CDL S . 25.50 -50.14 -6.43
H652 CDL S . 24.19 -48.22 -4.85
H651 CDL S . 23.48 -49.47 -5.51
H662 CDL S . 24.39 -50.89 -4.05
H661 CDL S . 25.51 -49.84 -3.61
H673 CDL S . 23.94 -50.12 -1.91
H672 CDL S . 22.79 -49.64 -2.89
H671 CDL S . 23.92 -48.63 -2.44
HB62 CDL S . 37.48 -52.42 -12.98
HB61 CDL S . 36.89 -50.96 -13.15
H712 CDL S . 34.76 -52.65 -10.02
H711 CDL S . 35.89 -53.34 -10.88
H722 CDL S . 36.68 -50.84 -10.31
H721 CDL S . 37.41 -52.19 -9.91
H732 CDL S . 35.87 -52.27 -8.05
H731 CDL S . 35.54 -50.76 -8.39
H742 CDL S . 38.13 -50.76 -8.15
H741 CDL S . 37.67 -51.75 -7.01
H752 CDL S . 37.17 -49.01 -7.19
H751 CDL S . 36.20 -49.91 -6.32
H762 CDL S . 38.84 -49.24 -5.77
H761 CDL S . 38.25 -50.58 -5.16
H772 CDL S . 37.12 -49.53 -3.65
H771 CDL S . 36.74 -48.35 -4.62
H782 CDL S . 39.25 -48.58 -3.37
H781 CDL S . 38.77 -47.34 -4.27
H792 CDL S . 37.20 -47.72 -2.09
H791 CDL S . 37.87 -46.37 -2.60
H802 CDL S . 39.87 -47.15 -1.53
H801 CDL S . 38.96 -48.22 -0.82
H812 CDL S . 38.72 -45.45 -0.49
H811 CDL S . 37.76 -46.52 0.20
H822 CDL S . 40.30 -45.72 0.95
H821 CDL S . 39.94 -47.26 1.19
H832 CDL S . 38.43 -46.78 2.74
H831 CDL S . 38.29 -45.28 2.27
H842 CDL S . 40.15 -44.66 3.34
H841 CDL S . 39.42 -45.62 4.36
H852 CDL S . 40.89 -47.35 3.58
H851 CDL S . 41.71 -46.20 2.84
H862 CDL S . 41.38 -45.80 5.53
H861 CDL S . 42.68 -45.56 4.65
H873 CDL S . 43.17 -47.84 4.78
H872 CDL S . 43.10 -47.21 6.23
H871 CDL S . 41.88 -48.06 5.68
C1 CDL T . 64.47 -23.25 9.16
O1 CDL T . 64.48 -23.49 10.57
CA2 CDL T . 63.01 -23.22 8.80
OA2 CDL T . 62.38 -24.46 9.15
PA1 CDL T . 60.97 -24.50 9.85
OA3 CDL T . 60.04 -23.54 9.11
OA4 CDL T . 61.08 -24.25 11.29
OA5 CDL T . 60.47 -25.97 9.55
CA3 CDL T . 60.29 -26.93 10.61
CA4 CDL T . 59.07 -27.76 10.29
OA6 CDL T . 58.16 -26.80 9.67
CA5 CDL T . 57.65 -25.81 10.43
OA7 CDL T . 58.32 -24.99 10.99
C11 CDL T . 56.16 -25.88 10.48
C12 CDL T . 55.56 -24.91 11.49
C13 CDL T . 54.11 -25.20 11.82
C14 CDL T . 53.18 -24.01 11.70
C15 CDL T . 51.76 -24.38 11.31
C16 CDL T . 50.88 -24.81 12.46
C17 CDL T . 49.75 -25.75 12.07
C18 CDL T . 48.84 -25.22 10.97
C19 CDL T . 48.22 -23.87 11.24
C20 CDL T . 47.48 -23.27 10.07
C21 CDL T . 47.53 -21.76 10.00
C22 CDL T . 46.40 -21.10 9.25
C23 CDL T . 46.53 -19.59 9.13
C24 CDL T . 46.47 -18.86 10.46
C25 CDL T . 47.82 -18.59 11.09
C26 CDL T . 47.82 -18.48 12.60
C27 CDL T . 47.49 -19.77 13.31
CA6 CDL T . 58.38 -28.13 11.59
OA8 CDL T . 58.99 -29.34 12.11
CA7 CDL T . 58.57 -30.50 11.61
OA9 CDL T . 59.12 -31.09 10.73
C31 CDL T . 57.34 -30.98 12.33
C32 CDL T . 56.57 -32.06 11.56
C33 CDL T . 55.67 -31.50 10.48
C34 CDL T . 54.44 -30.78 11.01
C35 CDL T . 53.19 -30.98 10.17
C36 CDL T . 52.11 -29.94 10.40
C37 CDL T . 51.17 -29.76 9.22
C38 CDL T . 50.00 -28.82 9.46
C39 CDL T . 48.78 -29.09 8.61
C40 CDL T . 47.87 -27.89 8.39
C41 CDL T . 46.39 -28.22 8.29
C42 CDL T . 45.43 -27.05 8.46
C43 CDL T . 45.90 -25.74 7.86
C44 CDL T . 44.83 -24.66 7.80
C45 CDL T . 44.89 -23.77 6.56
C46 CDL T . 43.57 -23.15 6.17
C47 CDL T . 43.69 -21.95 5.25
CB2 CDL T . 64.95 -21.83 9.01
OB2 CDL T . 64.75 -21.07 10.22
PB2 CDL T . 64.78 -19.49 10.21
OB3 CDL T . 64.29 -19.01 8.85
OB4 CDL T . 66.10 -18.99 10.60
OB5 CDL T . 63.69 -19.11 11.30
CB3 CDL T . 62.29 -19.02 10.97
CB4 CDL T . 61.53 -18.71 12.22
OB6 CDL T . 60.17 -19.08 11.86
CB5 CDL T . 59.70 -20.25 12.32
OB7 CDL T . 60.20 -21.31 12.12
C51 CDL T . 58.45 -20.03 13.15
C52 CDL T . 57.18 -20.30 12.36
C53 CDL T . 55.93 -19.96 13.16
C54 CDL T . 54.96 -19.04 12.46
C55 CDL T . 54.67 -17.76 13.23
C56 CDL T . 53.97 -18.00 14.56
C57 CDL T . 53.18 -16.81 15.05
C58 CDL T . 53.79 -16.13 16.27
C59 CDL T . 53.01 -14.91 16.73
C60 CDL T . 51.97 -15.20 17.81
C61 CDL T . 50.97 -14.08 18.04
C62 CDL T . 51.47 -12.69 17.69
C63 CDL T . 50.62 -11.56 18.20
C64 CDL T . 51.40 -10.42 18.83
C65 CDL T . 50.56 -9.45 19.64
C66 CDL T . 51.35 -8.29 20.23
C67 CDL T . 50.49 -7.13 20.64
CB6 CDL T . 61.44 -17.22 12.35
OB8 CDL T . 60.78 -16.92 13.60
CB7 CDL T . 60.10 -15.78 13.67
OB9 CDL T . 58.91 -15.70 13.49
C71 CDL T . 60.99 -14.62 14.00
C72 CDL T . 61.28 -13.72 12.81
C73 CDL T . 60.90 -12.27 13.04
C74 CDL T . 61.52 -11.30 12.05
C75 CDL T . 60.54 -10.28 11.49
C76 CDL T . 61.20 -9.03 10.94
C77 CDL T . 60.30 -7.81 10.88
C78 CDL T . 60.49 -6.97 9.63
C79 CDL T . 59.71 -5.67 9.59
C80 CDL T . 60.49 -4.46 9.13
C81 CDL T . 59.63 -3.27 8.74
C82 CDL T . 60.37 -2.02 8.31
C83 CDL T . 59.68 -0.71 8.66
C84 CDL T . 60.16 0.49 7.85
C85 CDL T . 61.66 0.55 7.65
C86 CDL T . 62.16 1.88 7.10
C87 CDL T . 63.47 2.34 7.70
H1 CDL T . 64.99 -23.90 8.65
H1O1 CDL T . 63.89 -22.99 10.94
HA22 CDL T . 62.91 -23.06 7.85
HA21 CDL T . 62.57 -22.50 9.29
HA32 CDL T . 61.06 -27.51 10.66
HA31 CDL T . 60.17 -26.47 11.45
HA4 CDL T . 59.27 -28.53 9.73
H112 CDL T . 55.89 -26.78 10.72
H111 CDL T . 55.81 -25.67 9.60
H122 CDL T . 55.62 -24.01 11.13
H121 CDL T . 56.08 -24.97 12.31
H132 CDL T . 54.07 -25.52 12.73
H131 CDL T . 53.80 -25.90 11.22
H142 CDL T . 53.53 -23.41 11.02
H141 CDL T . 53.15 -23.56 12.55
H152 CDL T . 51.80 -25.11 10.66
H151 CDL T . 51.35 -23.61 10.89
H162 CDL T . 50.50 -24.02 12.87
H161 CDL T . 51.44 -25.27 13.11
H172 CDL T . 49.21 -25.91 12.86
H171 CDL T . 50.14 -26.58 11.77
H182 CDL T . 48.12 -25.86 10.86
H181 CDL T . 49.35 -25.16 10.16
H192 CDL T . 48.93 -23.26 11.49
H191 CDL T . 47.60 -23.96 11.99
H202 CDL T . 46.55 -23.53 10.14
H201 CDL T . 47.86 -23.62 9.25
H212 CDL T . 48.37 -21.51 9.56
H211 CDL T . 47.53 -21.42 10.91
H222 CDL T . 45.57 -21.30 9.72
H221 CDL T . 46.38 -21.48 8.35
H232 CDL T . 45.79 -19.27 8.57
H231 CDL T . 47.37 -19.39 8.71
H242 CDL T . 46.03 -18.01 10.30
H241 CDL T . 45.95 -19.39 11.07
H252 CDL T . 48.17 -17.76 10.72
H251 CDL T . 48.42 -19.33 10.84
H262 CDL T . 48.70 -18.18 12.89
H261 CDL T . 47.15 -17.82 12.85
H273 CDL T . 46.58 -20.02 13.13
H272 CDL T . 47.63 -19.66 14.26
H271 CDL T . 48.09 -20.47 12.99
HA62 CDL T . 57.44 -28.31 11.41
HA61 CDL T . 58.48 -27.43 12.24
H312 CDL T . 57.61 -31.35 13.18
H311 CDL T . 56.75 -30.23 12.46
H322 CDL T . 57.22 -32.66 11.14
H321 CDL T . 56.03 -32.56 12.19
H332 CDL T . 55.37 -32.22 9.93
H331 CDL T . 56.19 -30.86 9.96
H342 CDL T . 54.63 -29.82 11.04
H341 CDL T . 54.26 -31.10 11.92
H352 CDL T . 52.83 -31.85 10.38
H351 CDL T . 53.45 -30.95 9.24
H362 CDL T . 52.52 -29.09 10.60
H361 CDL T . 51.58 -30.22 11.17
H372 CDL T . 50.80 -30.63 8.99
H371 CDL T . 51.69 -29.41 8.48
H382 CDL T . 50.30 -27.92 9.27
H381 CDL T . 49.75 -28.90 10.39
H392 CDL T . 48.26 -29.78 9.06
H391 CDL T . 49.08 -29.39 7.75
H402 CDL T . 48.13 -27.46 7.56
H401 CDL T . 47.99 -27.28 9.14
H412 CDL T . 46.19 -28.86 9.00
H411 CDL T . 46.23 -28.60 7.42
H422 CDL T . 45.29 -26.91 9.41
H421 CDL T . 44.60 -27.29 8.03
H432 CDL T . 46.20 -25.91 6.96
H431 CDL T . 46.62 -25.40 8.41
H442 CDL T . 44.93 -24.08 8.58
H441 CDL T . 43.97 -25.09 7.82
H452 CDL T . 45.20 -24.31 5.82
H451 CDL T . 45.51 -23.05 6.73
H462 CDL T . 43.10 -22.87 6.97
H461 CDL T . 43.04 -23.83 5.70
H473 CDL T . 44.12 -22.22 4.42
H472 CDL T . 44.21 -21.27 5.69
H471 CDL T . 42.80 -21.61 5.06
HB22 CDL T . 65.89 -21.84 8.80
HB21 CDL T . 64.44 -21.41 8.29
HB32 CDL T . 61.99 -19.87 10.60
HB31 CDL T . 62.16 -18.31 10.31
HB4 CDL T . 61.88 -19.16 13.01
H512 CDL T . 58.45 -19.12 13.47
H511 CDL T . 58.48 -20.63 13.92
H522 CDL T . 57.20 -19.76 11.56
H521 CDL T . 57.16 -21.24 12.12
H532 CDL T . 55.47 -20.80 13.35
H531 CDL T . 56.21 -19.55 13.98
H542 CDL T . 55.30 -18.80 11.58
H541 CDL T . 54.12 -19.51 12.32
H552 CDL T . 55.51 -17.31 13.40
H551 CDL T . 54.12 -17.19 12.68
H562 CDL T . 54.65 -18.21 15.23
H561 CDL T . 53.38 -18.75 14.47
H572 CDL T . 52.29 -17.11 15.28
H571 CDL T . 53.11 -16.16 14.34
H582 CDL T . 54.69 -15.85 16.05
H581 CDL T . 53.82 -16.77 16.99
H592 CDL T . 52.56 -14.53 15.97
H591 CDL T . 53.64 -14.28 17.10
H602 CDL T . 52.43 -15.38 18.63
H601 CDL T . 51.47 -16.00 17.54
H612 CDL T . 50.74 -14.09 18.98
H611 CDL T . 50.18 -14.27 17.50
H622 CDL T . 51.50 -12.61 16.71
H621 CDL T . 52.36 -12.58 18.05
H632 CDL T . 50.00 -11.90 18.87
H631 CDL T . 50.10 -11.20 17.46
H642 CDL T . 51.84 -9.92 18.12
H641 CDL T . 52.07 -10.81 19.42
H652 CDL T . 49.87 -9.09 19.06
H651 CDL T . 50.15 -9.94 20.37
H662 CDL T . 51.82 -8.61 21.01
H661 CDL T . 51.98 -7.98 19.56
H673 CDL T . 51.04 -6.43 21.03
H672 CDL T . 49.83 -7.42 21.29
H671 CDL T . 50.02 -6.78 19.86
HB62 CDL T . 62.33 -16.84 12.34
HB61 CDL T . 60.92 -16.86 11.62
H712 CDL T . 60.55 -14.09 14.69
H711 CDL T . 61.83 -14.96 14.34
H722 CDL T . 60.78 -14.05 12.04
H721 CDL T . 62.23 -13.76 12.61
H732 CDL T . 61.19 -12.03 13.94
H731 CDL T . 59.94 -12.20 12.98
H742 CDL T . 61.88 -11.81 11.31
H741 CDL T . 62.23 -10.82 12.50
H752 CDL T . 60.03 -10.70 10.78
H751 CDL T . 59.93 -10.01 12.20
H762 CDL T . 61.49 -9.23 10.04
H761 CDL T . 61.96 -8.81 11.50
H772 CDL T . 60.46 -7.26 11.66
H771 CDL T . 59.37 -8.11 10.91
H782 CDL T . 61.44 -6.74 9.59
H781 CDL T . 60.22 -7.51 8.87
H792 CDL T . 59.38 -5.49 10.48
H791 CDL T . 58.97 -5.80 8.97
H802 CDL T . 61.02 -4.71 8.36
H801 CDL T . 61.07 -4.19 9.86
H812 CDL T . 59.07 -3.54 8.00
H811 CDL T . 59.09 -3.03 9.52
H822 CDL T . 60.47 -2.05 7.35
H821 CDL T . 61.23 -2.02 8.76
H832 CDL T . 59.84 -0.52 9.60
H831 CDL T . 58.72 -0.82 8.52
H842 CDL T . 59.75 0.43 6.97
H841 CDL T . 59.87 1.29 8.30
H852 CDL T . 62.08 0.40 8.50
H851 CDL T . 61.92 -0.15 7.03
H862 CDL T . 61.49 2.55 7.29
H861 CDL T . 62.28 1.78 6.14
H873 CDL T . 64.16 1.67 7.53
H872 CDL T . 63.73 3.18 7.29
H871 CDL T . 63.37 2.46 8.66
C1 CDL U . -35.84 44.67 38.75
O1 CDL U . -34.85 45.66 39.02
CA2 CDL U . -35.31 43.93 37.54
OA2 CDL U . -35.13 44.85 36.43
PA1 CDL U . -33.85 44.79 35.52
OA3 CDL U . -33.58 43.33 35.16
OA4 CDL U . -32.71 45.47 36.18
OA5 CDL U . -34.32 45.54 34.22
CA3 CDL U . -33.72 46.79 33.83
CA4 CDL U . -33.59 46.81 32.33
OA6 CDL U . -33.25 45.43 32.01
CA5 CDL U . -32.05 44.96 32.40
OA7 CDL U . -31.70 44.90 33.55
C11 CDL U . -31.22 44.52 31.23
C12 CDL U . -29.80 44.18 31.62
C13 CDL U . -28.86 44.09 30.43
C14 CDL U . -28.04 42.81 30.35
C15 CDL U . -27.70 42.37 28.95
C16 CDL U . -26.49 43.06 28.36
C17 CDL U . -26.49 43.14 26.84
C18 CDL U . -26.66 41.81 26.13
C19 CDL U . -25.66 40.75 26.51
C20 CDL U . -25.95 39.37 25.95
C21 CDL U . -25.52 38.23 26.85
C22 CDL U . -25.26 36.92 26.14
C23 CDL U . -24.89 35.78 27.06
C24 CDL U . -23.60 35.97 27.82
C25 CDL U . -23.75 36.60 29.19
C26 CDL U . -22.55 37.38 29.68
C27 CDL U . -22.28 38.64 28.89
CA6 CDL U . -32.37 47.59 31.96
OA8 CDL U . -32.70 49.00 31.89
CA7 CDL U . -33.25 49.44 30.75
OA9 CDL U . -34.43 49.56 30.59
C31 CDL U . -32.20 49.78 29.73
C32 CDL U . -32.75 49.89 28.31
C33 CDL U . -32.89 48.53 27.63
C34 CDL U . -31.57 47.88 27.25
C35 CDL U . -31.61 47.12 25.94
C36 CDL U . -30.50 46.11 25.76
C37 CDL U . -30.83 44.97 24.81
C38 CDL U . -29.69 44.02 24.53
C39 CDL U . -29.77 43.30 23.19
C40 CDL U . -29.04 41.98 23.12
C41 CDL U . -28.43 41.66 21.77
C42 CDL U . -27.37 40.55 21.75
C43 CDL U . -27.64 39.39 22.69
C44 CDL U . -26.73 38.19 22.47
C45 CDL U . -27.42 36.85 22.68
C46 CDL U . -26.79 35.69 21.90
C47 CDL U . -27.15 34.33 22.42
CB2 CDL U . -35.73 43.68 39.89
OB2 CDL U . -34.43 43.75 40.52
PB2 CDL U . -33.91 42.59 41.44
OB3 CDL U . -34.52 41.27 40.95
OB4 CDL U . -34.15 42.89 42.86
OB5 CDL U . -32.35 42.55 41.13
CB3 CDL U . -31.82 41.81 40.01
CB4 CDL U . -30.35 42.04 39.97
OB6 CDL U . -30.01 41.64 38.60
CB5 CDL U . -29.80 42.61 37.70
OB7 CDL U . -30.59 43.46 37.43
C51 CDL U . -28.41 42.50 37.11
C52 CDL U . -28.42 41.82 35.76
C53 CDL U . -27.02 41.59 35.21
C54 CDL U . -26.71 40.17 34.80
C55 CDL U . -25.53 39.56 35.54
C56 CDL U . -24.21 40.26 35.24
C57 CDL U . -23.00 39.38 35.45
C58 CDL U . -22.16 39.79 36.66
C59 CDL U . -20.95 38.88 36.89
C60 CDL U . -19.68 39.36 36.23
C61 CDL U . -18.57 38.31 36.17
C62 CDL U . -18.63 37.25 37.26
C63 CDL U . -17.39 36.41 37.40
C64 CDL U . -16.94 36.20 38.83
C65 CDL U . -15.53 35.65 38.97
C66 CDL U . -15.11 35.40 40.42
C67 CDL U . -13.92 34.48 40.54
CB6 CDL U . -29.68 40.98 40.79
OB8 CDL U . -28.26 41.24 40.81
CB7 CDL U . -27.45 40.20 40.96
OB9 CDL U . -26.92 39.63 40.04
C71 CDL U . -27.28 39.84 42.40
C72 CDL U . -28.04 38.58 42.81
C73 CDL U . -27.16 37.51 43.41
C74 CDL U . -27.92 36.43 44.16
C75 CDL U . -27.48 35.02 43.84
C76 CDL U . -27.82 33.99 44.91
C77 CDL U . -26.96 32.74 44.90
C78 CDL U . -27.74 31.47 45.18
C79 CDL U . -26.90 30.22 45.30
C80 CDL U . -27.26 29.31 46.47
C81 CDL U . -26.68 27.91 46.39
C82 CDL U . -26.99 26.99 47.55
C83 CDL U . -25.90 25.98 47.87
C84 CDL U . -26.37 24.79 48.70
C85 CDL U . -27.31 25.14 49.83
C86 CDL U . -27.55 24.01 50.81
C87 CDL U . -27.64 24.46 52.26
H1 CDL U . -36.74 45.03 38.63
H1O1 CDL U . -34.08 45.30 38.96
HA22 CDL U . -35.94 43.24 37.28
HA21 CDL U . -34.45 43.54 37.76
HA32 CDL U . -34.30 47.53 34.11
HA31 CDL U . -32.86 46.90 34.25
HA4 CDL U . -34.40 47.14 31.88
H112 CDL U . -31.21 45.24 30.58
H111 CDL U . -31.64 43.75 30.83
H122 CDL U . -29.80 43.33 32.08
H121 CDL U . -29.47 44.87 32.22
H132 CDL U . -28.24 44.83 30.48
H131 CDL U . -29.39 44.16 29.62
H142 CDL U . -28.54 42.10 30.79
H141 CDL U . -27.22 42.95 30.85
H152 CDL U . -28.47 42.55 28.38
H151 CDL U . -27.54 41.41 28.96
H162 CDL U . -25.69 42.58 28.63
H161 CDL U . -26.45 43.96 28.70
H172 CDL U . -25.66 43.54 26.56
H171 CDL U . -27.23 43.72 26.57
H182 CDL U . -26.58 41.97 25.18
H181 CDL U . -27.55 41.47 26.33
H192 CDL U . -25.64 40.68 27.48
H191 CDL U . -24.78 41.03 26.19
H202 CDL U . -25.48 39.28 25.11
H201 CDL U . -26.91 39.29 25.81
H212 CDL U . -26.22 38.08 27.50
H211 CDL U . -24.70 38.50 27.29
H222 CDL U . -24.52 37.05 25.52
H221 CDL U . -26.06 36.68 25.65
H232 CDL U . -24.82 34.96 26.53
H231 CDL U . -25.61 35.67 27.71
H242 CDL U . -23.18 35.10 27.93
H241 CDL U . -23.03 36.54 27.29
H252 CDL U . -23.93 35.89 29.82
H251 CDL U . -24.52 37.21 29.16
H262 CDL U . -22.70 37.63 30.60
H261 CDL U . -21.77 36.81 29.62
H273 CDL U . -22.00 38.41 28.00
H272 CDL U . -21.58 39.14 29.33
H271 CDL U . -23.08 39.17 28.86
HA62 CDL U . -32.05 47.30 31.09
HA61 CDL U . -31.67 47.49 32.62
H312 CDL U . -31.82 50.64 29.97
H311 CDL U . -31.52 49.10 29.75
H322 CDL U . -33.63 50.31 28.34
H321 CDL U . -32.15 50.43 27.79
H332 CDL U . -33.41 48.66 26.83
H331 CDL U . -33.36 47.94 28.25
H342 CDL U . -31.32 47.25 27.96
H341 CDL U . -30.89 48.57 27.18
H352 CDL U . -31.55 47.76 25.22
H351 CDL U . -32.46 46.65 25.88
H362 CDL U . -30.27 45.73 26.62
H361 CDL U . -29.71 46.57 25.42
H372 CDL U . -31.11 45.36 23.97
H371 CDL U . -31.56 44.47 25.20
H382 CDL U . -29.69 43.34 25.22
H381 CDL U . -28.86 44.52 24.55
H392 CDL U . -29.39 43.89 22.52
H391 CDL U . -30.71 43.13 23.00
H402 CDL U . -29.67 41.28 23.33
H401 CDL U . -28.32 41.99 23.78
H412 CDL U . -28.00 42.46 21.44
H411 CDL U . -29.14 41.38 21.18
H422 CDL U . -26.53 40.95 21.99
H421 CDL U . -27.34 40.20 20.85
H432 CDL U . -28.56 39.11 22.57
H431 CDL U . -27.49 39.71 23.60
H442 CDL U . -26.00 38.25 23.10
H441 CDL U . -26.40 38.21 21.56
H452 CDL U . -28.34 36.92 22.39
H451 CDL U . -27.37 36.62 23.62
H462 CDL U . -25.82 35.80 21.94
H461 CDL U . -27.10 35.76 20.98
H473 CDL U . -28.11 34.20 22.37
H472 CDL U . -26.85 34.24 23.35
H471 CDL U . -26.70 33.65 21.88
HB22 CDL U . -36.40 43.90 40.55
HB21 CDL U . -35.86 42.80 39.53
HB32 CDL U . -32.24 42.13 39.19
HB31 CDL U . -32.01 40.87 40.13
HB4 CDL U . -30.08 42.95 40.20
H512 CDL U . -27.85 42.01 37.72
H511 CDL U . -28.05 43.39 37.01
H522 CDL U . -28.87 40.96 35.85
H521 CDL U . -28.92 42.36 35.13
H532 CDL U . -26.91 42.16 34.44
H531 CDL U . -26.39 41.85 35.90
H542 CDL U . -27.49 39.60 34.95
H541 CDL U . -26.52 40.16 33.85
H552 CDL U . -25.70 39.62 36.49
H551 CDL U . -25.45 38.63 35.28
H562 CDL U . -24.14 41.04 35.83
H561 CDL U . -24.22 40.57 34.32
H572 CDL U . -22.44 39.44 34.66
H571 CDL U . -23.28 38.47 35.57
H582 CDL U . -22.72 39.76 37.45
H581 CDL U . -21.84 40.69 36.52
H592 CDL U . -21.17 38.01 36.55
H591 CDL U . -20.80 38.84 37.85
H602 CDL U . -19.35 40.13 36.72
H601 CDL U . -19.88 39.63 35.32
H612 CDL U . -17.72 38.78 36.26
H611 CDL U . -18.62 37.88 35.31
H622 CDL U . -19.37 36.65 37.04
H621 CDL U . -18.80 37.69 38.10
H632 CDL U . -16.67 36.84 36.91
H631 CDL U . -17.56 35.54 37.00
H642 CDL U . -17.55 35.57 39.26
H641 CDL U . -16.98 37.06 39.29
H652 CDL U . -15.48 34.82 38.49
H651 CDL U . -14.91 36.30 38.58
H662 CDL U . -14.87 36.25 40.81
H661 CDL U . -15.86 35.00 40.88
H673 CDL U . -13.69 34.37 41.48
H672 CDL U . -13.17 34.84 40.06
H671 CDL U . -14.15 33.61 40.16
HB62 CDL U . -30.04 41.00 41.69
HB61 CDL U . -29.84 40.10 40.39
H712 CDL U . -26.33 39.69 42.57
H711 CDL U . -27.59 40.57 42.95
H722 CDL U . -28.47 38.22 42.02
H721 CDL U . -28.72 38.83 43.46
H732 CDL U . -26.55 37.94 44.03
H731 CDL U . -26.66 37.10 42.70
H742 CDL U . -28.86 36.51 43.94
H741 CDL U . -27.80 36.58 45.11
H752 CDL U . -27.89 34.74 43.01
H751 CDL U . -26.51 35.01 43.73
H762 CDL U . -28.75 33.72 44.76
H761 CDL U . -27.73 34.42 45.77
H772 CDL U . -26.26 32.84 45.56
H771 CDL U . -26.54 32.67 44.02
H782 CDL U . -28.20 31.60 46.02
H781 CDL U . -28.36 31.34 44.44
H792 CDL U . -25.98 30.48 45.41
H791 CDL U . -27.02 29.69 44.49
H802 CDL U . -28.22 29.24 46.52
H801 CDL U . -26.92 29.72 47.28
H812 CDL U . -27.04 27.50 45.58
H811 CDL U . -25.72 28.00 46.32
H822 CDL U . -27.79 26.49 47.34
H821 CDL U . -27.11 27.54 48.33
H832 CDL U . -25.19 26.44 48.37
H831 CDL U . -25.52 25.65 47.04
H842 CDL U . -26.83 24.18 48.10
H841 CDL U . -25.60 24.36 49.06
H852 CDL U . -26.93 25.90 50.31
H851 CDL U . -28.17 25.39 49.44
H862 CDL U . -26.81 23.39 50.74
H861 CDL U . -28.38 23.58 50.58
H873 CDL U . -28.38 25.09 52.35
H872 CDL U . -27.80 23.69 52.82
H871 CDL U . -26.81 24.89 52.51
C1 CDL V . -49.63 0.44 48.14
O1 CDL V . -49.00 -0.30 49.19
CA2 CDL V . -48.49 0.89 47.27
OA2 CDL V . -47.56 1.70 48.04
PA1 CDL V . -46.00 1.52 47.91
OA3 CDL V . -45.65 1.43 46.42
OA4 CDL V . -45.54 0.36 48.71
OA5 CDL V . -45.44 2.88 48.47
CA3 CDL V . -44.67 2.93 49.68
CA4 CDL V . -43.58 3.95 49.50
OA6 CDL V . -43.20 3.79 48.10
CA5 CDL V . -42.59 2.66 47.73
OA7 CDL V . -43.08 1.57 47.83
C11 CDL V . -41.23 2.93 47.17
C12 CDL V . -40.43 1.65 46.93
C13 CDL V . -38.95 1.90 46.71
C14 CDL V . -38.37 1.26 45.47
C15 CDL V . -37.21 2.02 44.86
C16 CDL V . -35.87 1.74 45.50
C17 CDL V . -34.87 2.87 45.38
C18 CDL V . -34.61 3.35 43.96
C19 CDL V . -34.18 2.28 42.99
C20 CDL V . -34.11 2.72 41.54
C21 CDL V . -34.45 1.63 40.55
C22 CDL V . -33.87 1.83 39.17
C23 CDL V . -34.27 0.77 38.16
C24 CDL V . -33.79 -0.63 38.49
C25 CDL V . -34.77 -1.47 39.30
C26 CDL V . -34.15 -2.53 40.17
C27 CDL V . -33.34 -1.98 41.33
CA6 CDL V . -42.37 3.51 50.27
OA8 CDL V . -42.48 3.95 51.64
CA7 CDL V . -42.12 5.21 51.91
OA9 CDL V . -42.89 6.13 51.96
C31 CDL V . -40.64 5.31 52.15
C32 CDL V . -40.10 6.74 52.05
C33 CDL V . -39.84 7.17 50.61
C34 CDL V . -38.64 6.50 49.96
C35 CDL V . -37.86 7.40 49.03
C36 CDL V . -36.97 6.68 48.05
C37 CDL V . -36.66 7.47 46.79
C38 CDL V . -35.68 6.80 45.84
C39 CDL V . -34.90 7.76 44.95
C40 CDL V . -34.39 7.17 43.66
C41 CDL V . -33.06 7.73 43.18
C42 CDL V . -32.33 6.91 42.12
C43 CDL V . -33.22 6.25 41.08
C44 CDL V . -32.47 5.67 39.89
C45 CDL V . -33.21 5.81 38.57
C46 CDL V . -32.30 5.82 37.35
C47 CDL V . -32.99 5.51 36.05
CB2 CDL V . -50.36 -0.60 47.32
OB2 CDL V . -49.80 -1.92 47.52
PB2 CDL V . -50.09 -3.08 46.50
OB3 CDL V . -50.31 -2.47 45.11
OB4 CDL V . -51.19 -3.94 46.97
OB5 CDL V . -48.72 -3.89 46.47
CB3 CDL V . -47.63 -3.50 45.62
CB4 CDL V . -46.49 -4.42 45.89
OB6 CDL V . -45.36 -3.68 45.32
CB5 CDL V . -44.55 -3.04 46.17
OB7 CDL V . -44.90 -2.21 46.95
C51 CDL V . -43.13 -3.53 46.03
C52 CDL V . -42.28 -2.60 45.16
C53 CDL V . -40.89 -3.16 44.92
C54 CDL V . -40.47 -3.23 43.47
C55 CDL V . -40.11 -4.63 43.01
C56 CDL V . -38.89 -5.20 43.70
C57 CDL V . -38.17 -6.27 42.90
C58 CDL V . -38.31 -7.67 43.49
C59 CDL V . -37.62 -8.74 42.66
C60 CDL V . -36.20 -9.04 43.09
C61 CDL V . -35.40 -9.86 42.09
C62 CDL V . -36.23 -10.75 41.17
C63 CDL V . -35.44 -11.78 40.40
C64 CDL V . -36.06 -13.15 40.39
C65 CDL V . -35.13 -14.26 39.92
C66 CDL V . -35.78 -15.64 39.87
C67 CDL V . -35.04 -16.62 39.01
CB6 CDL V . -46.60 -5.59 44.96
OB8 CDL V . -45.53 -6.52 45.27
CB7 CDL V . -45.09 -7.29 44.29
OB9 CDL V . -44.12 -7.04 43.62
C71 CDL V . -45.93 -8.51 44.12
C72 CDL V . -46.85 -8.46 42.91
C73 CDL V . -46.66 -9.62 41.95
C74 CDL V . -47.79 -9.81 40.95
C75 CDL V . -47.33 -10.03 39.53
C76 CDL V . -48.36 -10.71 38.64
C77 CDL V . -47.78 -11.42 37.43
C78 CDL V . -48.63 -11.27 36.18
C79 CDL V . -48.17 -12.07 34.98
C80 CDL V . -49.26 -12.81 34.23
C81 CDL V . -48.86 -13.29 32.85
C82 CDL V . -49.91 -14.06 32.08
C83 CDL V . -49.37 -15.14 31.16
C84 CDL V . -50.34 -15.58 30.07
C85 CDL V . -51.77 -15.76 30.54
C86 CDL V . -52.67 -16.46 29.54
C87 CDL V . -53.66 -17.42 30.17
H1 CDL V . -50.20 1.16 48.46
H1O1 CDL V . -48.40 -0.82 48.85
HA22 CDL V . -48.83 1.41 46.53
HA21 CDL V . -48.01 0.12 46.93
HA32 CDL V . -45.24 3.20 50.42
HA31 CDL V . -44.29 2.06 49.86
HA4 CDL V . -43.87 4.85 49.74
H112 CDL V . -40.73 3.48 47.79
H111 CDL V . -41.32 3.41 46.33
H122 CDL V . -40.79 1.21 46.14
H121 CDL V . -40.54 1.07 47.70
H132 CDL V . -38.48 1.54 47.48
H131 CDL V . -38.81 2.86 46.66
H142 CDL V . -39.07 1.18 44.80
H141 CDL V . -38.07 0.36 45.69
H152 CDL V . -37.40 2.97 44.94
H151 CDL V . -37.15 1.79 43.92
H162 CDL V . -35.49 0.95 45.08
H161 CDL V . -36.01 1.56 46.44
H172 CDL V . -34.03 2.57 45.76
H171 CDL V . -35.21 3.62 45.90
H182 CDL V . -33.91 4.02 44.00
H181 CDL V . -35.42 3.75 43.63
H192 CDL V . -34.80 1.54 43.05
H191 CDL V . -33.29 1.97 43.26
H202 CDL V . -33.21 3.02 41.37
H201 CDL V . -34.74 3.44 41.42
H212 CDL V . -35.42 1.60 40.46
H211 CDL V . -34.11 0.79 40.90
H222 CDL V . -32.90 1.81 39.24
H221 CDL V . -34.16 2.69 38.83
H232 CDL V . -33.91 1.01 37.29
H231 CDL V . -35.25 0.75 38.12
H242 CDL V . -33.61 -1.09 37.66
H241 CDL V . -32.98 -0.55 39.01
H252 CDL V . -35.37 -1.90 38.67
H251 CDL V . -35.29 -0.86 39.87
H262 CDL V . -34.86 -3.08 40.54
H261 CDL V . -33.56 -3.08 39.63
H273 CDL V . -32.56 -1.53 40.99
H272 CDL V . -33.08 -2.71 41.91
H271 CDL V . -33.89 -1.36 41.83
HA62 CDL V . -41.57 3.91 49.88
HA61 CDL V . -42.29 2.55 50.27
H312 CDL V . -40.46 4.98 53.04
H311 CDL V . -40.18 4.77 51.50
H322 CDL V . -40.75 7.35 52.44
H321 CDL V . -39.27 6.79 52.54
H332 CDL V . -39.70 8.12 50.61
H331 CDL V . -40.64 6.95 50.09
H342 CDL V . -38.97 5.74 49.44
H341 CDL V . -38.05 6.18 50.65
H352 CDL V . -37.30 7.98 49.58
H351 CDL V . -38.48 7.95 48.54
H362 CDL V . -37.39 5.85 47.79
H361 CDL V . -36.13 6.47 48.49
H372 CDL V . -36.29 8.32 47.05
H371 CDL V . -37.50 7.60 46.31
H382 CDL V . -36.18 6.21 45.26
H381 CDL V . -35.05 6.30 46.37
H392 CDL V . -34.14 8.08 45.46
H391 CDL V . -35.49 8.50 44.73
H402 CDL V . -35.05 7.35 42.97
H401 CDL V . -34.28 6.21 43.78
H412 CDL V . -32.47 7.77 43.95
H411 CDL V . -33.22 8.60 42.81
H422 CDL V . -31.83 6.22 42.57
H421 CDL V . -31.73 7.51 41.65
H432 CDL V . -33.84 6.91 40.76
H431 CDL V . -33.69 5.52 41.52
H442 CDL V . -32.33 4.72 40.06
H441 CDL V . -31.62 6.12 39.81
H452 CDL V . -33.70 6.64 38.57
H451 CDL V . -33.80 5.05 38.47
H462 CDL V . -31.59 5.17 37.49
H461 CDL V . -31.91 6.72 37.28
H473 CDL V . -33.68 6.18 35.88
H472 CDL V . -33.38 4.63 36.09
H471 CDL V . -32.34 5.53 35.32
HB22 CDL V . -51.29 -0.61 47.60
HB21 CDL V . -50.28 -0.36 46.39
HB32 CDL V . -47.38 -2.59 45.81
HB31 CDL V . -47.91 -3.58 44.68
HB4 CDL V . -46.38 -4.66 46.82
H512 CDL V . -43.14 -4.41 45.64
H511 CDL V . -42.72 -3.59 46.91
H522 CDL V . -42.73 -2.48 44.32
H521 CDL V . -42.20 -1.75 45.62
H532 CDL V . -40.25 -2.59 45.39
H531 CDL V . -40.85 -4.05 45.29
H542 CDL V . -41.19 -2.90 42.90
H541 CDL V . -39.71 -2.65 43.34
H552 CDL V . -40.87 -5.21 43.18
H551 CDL V . -39.94 -4.60 42.05
H562 CDL V . -39.17 -5.59 44.55
H561 CDL V . -38.27 -4.48 43.89
H572 CDL V . -37.23 -6.05 42.87
H571 CDL V . -38.51 -6.28 42.00
H582 CDL V . -39.25 -7.88 43.55
H581 CDL V . -37.92 -7.66 44.38
H592 CDL V . -37.61 -8.45 41.75
H591 CDL V . -38.14 -9.55 42.75
H602 CDL V . -36.23 -9.53 43.93
H601 CDL V . -35.73 -8.20 43.23
H612 CDL V . -34.79 -10.43 42.59
H611 CDL V . -34.89 -9.24 41.54
H622 CDL V . -36.67 -10.16 40.52
H621 CDL V . -36.88 -11.20 41.71
H632 CDL V . -34.55 -11.84 40.79
H631 CDL V . -35.35 -11.47 39.48
H642 CDL V . -36.84 -13.14 39.80
H641 CDL V . -36.34 -13.36 41.30
H652 CDL V . -34.82 -14.04 39.03
H651 CDL V . -34.38 -14.31 40.53
H662 CDL V . -35.81 -15.99 40.77
H661 CDL V . -36.68 -15.54 39.51
H673 CDL V . -35.49 -17.49 39.04
H672 CDL V . -34.13 -16.72 39.33
H671 CDL V . -35.01 -16.30 38.09
HB62 CDL V . -47.46 -6.02 45.08
HB61 CDL V . -46.51 -5.30 44.04
H712 CDL V . -45.35 -9.29 44.03
H711 CDL V . -46.48 -8.63 44.91
H722 CDL V . -46.67 -7.64 42.42
H721 CDL V . -47.77 -8.46 43.21
H732 CDL V . -46.58 -10.44 42.48
H731 CDL V . -45.83 -9.47 41.47
H742 CDL V . -48.34 -9.01 40.97
H741 CDL V . -48.31 -10.57 41.23
H752 CDL V . -47.11 -9.18 39.14
H751 CDL V . -46.53 -10.59 39.54
H762 CDL V . -48.97 -10.02 38.32
H761 CDL V . -48.83 -11.36 39.18
H772 CDL V . -47.69 -12.37 37.64
H771 CDL V . -46.90 -11.07 37.25
H782 CDL V . -49.52 -11.58 36.40
H781 CDL V . -48.62 -10.33 35.93
H792 CDL V . -47.53 -12.73 35.28
H791 CDL V . -47.75 -11.45 34.36
H802 CDL V . -50.01 -12.21 34.13
H801 CDL V . -49.51 -13.58 34.75
H812 CDL V . -48.62 -12.51 32.32
H811 CDL V . -48.08 -13.87 32.96
H822 CDL V . -50.40 -13.43 31.53
H821 CDL V . -50.49 -14.49 32.72
H832 CDL V . -49.14 -15.92 31.70
H831 CDL V . -48.56 -14.81 30.73
H842 CDL V . -50.33 -14.91 29.37
H841 CDL V . -50.03 -16.42 29.71
H852 CDL V . -51.76 -16.27 31.35
H851 CDL V . -52.14 -14.87 30.70
H862 CDL V . -52.11 -16.97 28.93
H861 CDL V . -53.17 -15.79 29.05
H873 CDL V . -54.24 -16.92 30.78
H872 CDL V . -54.21 -17.82 29.47
H871 CDL V . -53.19 -18.11 30.65
C1 CDL W . -68.91 -2.70 5.09
O1 CDL W . -69.17 -3.98 4.52
CA2 CDL W . -67.45 -2.76 5.46
OA2 CDL W . -67.21 -3.85 6.40
PA1 CDL W . -65.97 -4.80 6.24
OA3 CDL W . -64.73 -3.94 5.98
OA4 CDL W . -66.22 -5.83 5.23
OA5 CDL W . -65.83 -5.42 7.70
CA3 CDL W . -66.04 -6.82 7.92
CA4 CDL W . -65.05 -7.29 8.95
OA6 CDL W . -63.85 -6.53 8.62
CA5 CDL W . -63.22 -6.78 7.47
OA7 CDL W . -63.72 -6.67 6.39
C11 CDL W . -61.82 -7.24 7.71
C12 CDL W . -61.14 -7.75 6.44
C13 CDL W . -59.88 -8.54 6.71
C14 CDL W . -58.66 -8.07 5.92
C15 CDL W . -57.34 -8.30 6.64
C16 CDL W . -56.78 -9.70 6.49
C17 CDL W . -55.88 -10.14 7.64
C18 CDL W . -54.72 -9.20 7.93
C19 CDL W . -53.82 -8.90 6.75
C20 CDL W . -52.79 -7.82 7.00
C21 CDL W . -52.45 -6.99 5.79
C22 CDL W . -51.09 -6.33 5.82
C23 CDL W . -50.80 -5.45 4.62
C24 CDL W . -50.74 -6.18 3.30
C25 CDL W . -52.06 -6.22 2.54
C26 CDL W . -52.24 -7.41 1.62
C27 CDL W . -52.36 -8.73 2.35
CA6 CDL W . -64.68 -8.72 8.65
OA8 CDL W . -65.65 -9.60 9.27
CA7 CDL W . -65.47 -9.88 10.56
OA9 CDL W . -66.02 -9.31 11.46
C31 CDL W . -64.52 -11.03 10.74
C32 CDL W . -63.96 -11.14 12.16
C33 CDL W . -62.79 -10.20 12.41
C34 CDL W . -61.50 -10.59 11.70
C35 CDL W . -60.24 -10.31 12.50
C36 CDL W . -58.97 -10.26 11.69
C37 CDL W . -57.86 -9.44 12.30
C38 CDL W . -56.54 -9.47 11.56
C39 CDL W . -55.32 -9.21 12.42
C40 CDL W . -54.12 -8.66 11.67
C41 CDL W . -52.77 -9.12 12.22
C42 CDL W . -51.57 -8.92 11.29
C43 CDL W . -51.60 -7.64 10.48
C44 CDL W . -50.29 -7.33 9.76
C45 CDL W . -49.95 -5.85 9.70
C46 CDL W . -48.47 -5.55 9.60
C47 CDL W . -48.15 -4.16 9.09
CB2 CDL W . -68.97 -1.74 3.93
OB2 CDL W . -68.76 -2.41 2.67
PB2 CDL W . -68.38 -1.60 1.37
OB3 CDL W . -67.59 -0.36 1.79
OB4 CDL W . -69.57 -1.33 0.55
OB5 CDL W . -67.39 -2.59 0.62
CB3 CDL W . -65.99 -2.63 0.92
CB4 CDL W . -65.36 -3.69 0.09
OB6 CDL W . -64.10 -3.94 0.78
CB5 CDL W . -64.01 -5.03 1.56
OB7 CDL W . -64.74 -5.27 2.47
C51 CDL W . -62.89 -5.92 1.10
C52 CDL W . -61.63 -5.73 1.94
C53 CDL W . -60.46 -6.54 1.40
C54 CDL W . -59.19 -5.75 1.15
C55 CDL W . -58.70 -5.82 -0.29
C56 CDL W . -58.28 -7.21 -0.72
C57 CDL W . -57.28 -7.22 -1.86
C58 CDL W . -57.86 -7.73 -3.17
C59 CDL W . -56.87 -7.70 -4.32
C60 CDL W . -56.10 -9.00 -4.52
C61 CDL W . -54.89 -8.88 -5.43
C62 CDL W . -54.96 -7.76 -6.45
C63 CDL W . -53.93 -7.84 -7.55
C64 CDL W . -54.48 -7.58 -8.95
C65 CDL W . -53.54 -7.98 -10.07
C66 CDL W . -54.08 -7.68 -11.46
C67 CDL W . -53.01 -7.66 -12.52
CB6 CDL W . -64.91 -3.08 -1.20
OB8 CDL W . -64.37 -4.13 -2.04
CB7 CDL W . -63.44 -3.79 -2.92
OB9 CDL W . -62.26 -3.90 -2.72
C71 CDL W . -64.04 -3.24 -4.19
C72 CDL W . -63.92 -1.74 -4.32
C73 CDL W . -63.22 -1.30 -5.59
C74 CDL W . -63.42 0.17 -5.94
C75 CDL W . -62.15 0.89 -6.33
C76 CDL W . -62.37 2.15 -7.16
C77 CDL W . -61.19 2.58 -8.00
C78 CDL W . -60.99 4.08 -8.04
C79 CDL W . -59.90 4.56 -8.97
C80 CDL W . -60.27 5.76 -9.84
C81 CDL W . -59.08 6.45 -10.49
C82 CDL W . -59.42 7.62 -11.39
C83 CDL W . -58.47 7.82 -12.57
C84 CDL W . -58.51 9.21 -13.17
C85 CDL W . -59.89 9.79 -13.34
C86 CDL W . -59.95 11.04 -14.20
C87 CDL W . -61.17 11.12 -15.09
H1 CDL W . -69.50 -2.47 5.83
H1O1 CDL W . -68.53 -4.19 3.98
HA22 CDL W . -67.18 -1.92 5.87
HA21 CDL W . -66.92 -2.91 4.67
HA32 CDL W . -66.95 -6.96 8.27
HA31 CDL W . -65.94 -7.32 7.10
HA4 CDL W . -65.37 -7.17 9.87
H112 CDL W . -61.83 -7.97 8.36
H111 CDL W . -61.30 -6.50 8.06
H122 CDL W . -60.91 -6.98 5.89
H121 CDL W . -61.77 -8.32 5.96
H132 CDL W . -60.04 -9.46 6.48
H131 CDL W . -59.68 -8.47 7.65
H142 CDL W . -58.75 -7.13 5.75
H141 CDL W . -58.63 -8.56 5.09
H152 CDL W . -57.47 -8.13 7.59
H151 CDL W . -56.69 -7.68 6.29
H162 CDL W . -56.26 -9.74 5.67
H161 CDL W . -57.52 -10.32 6.44
H172 CDL W . -55.52 -11.01 7.42
H171 CDL W . -56.43 -10.21 8.44
H182 CDL W . -54.18 -9.62 8.62
H181 CDL W . -55.08 -8.37 8.26
H192 CDL W . -54.38 -8.62 6.01
H191 CDL W . -53.35 -9.72 6.51
H202 CDL W . -51.98 -8.25 7.31
H201 CDL W . -53.13 -7.23 7.68
H212 CDL W . -53.12 -6.29 5.71
H211 CDL W . -52.48 -7.57 5.01
H222 CDL W . -50.41 -7.03 5.84
H221 CDL W . -51.04 -5.79 6.62
H232 CDL W . -49.94 -5.01 4.76
H231 CDL W . -51.50 -4.77 4.56
H242 CDL W . -50.09 -5.74 2.74
H241 CDL W . -50.47 -7.09 3.47
H252 CDL W . -52.12 -5.41 2.00
H251 CDL W . -52.79 -6.23 3.20
H262 CDL W . -53.04 -7.28 1.10
H261 CDL W . -51.47 -7.47 1.04
H273 CDL W . -51.53 -8.95 2.78
H272 CDL W . -52.59 -9.42 1.71
H271 CDL W . -53.06 -8.66 3.01
HA62 CDL W . -63.80 -8.90 9.03
HA61 CDL W . -64.68 -8.88 7.70
H312 CDL W . -64.99 -11.85 10.54
H311 CDL W . -63.78 -10.91 10.14
H322 CDL W . -64.67 -10.92 12.80
H321 CDL W . -63.66 -12.05 12.31
H332 CDL W . -62.62 -10.18 13.36
H331 CDL W . -63.05 -9.31 12.10
H342 CDL W . -61.45 -10.08 10.87
H341 CDL W . -61.54 -11.53 11.50
H352 CDL W . -60.15 -11.02 13.16
H351 CDL W . -60.35 -9.47 12.96
H362 CDL W . -59.18 -9.89 10.81
H361 CDL W . -58.65 -11.17 11.56
H372 CDL W . -57.71 -9.78 13.20
H371 CDL W . -58.17 -8.52 12.35
H382 CDL W . -56.57 -8.77 10.88
H381 CDL W . -56.45 -10.34 11.16
H392 CDL W . -55.06 -10.05 12.83
H391 CDL W . -55.56 -8.57 13.10
H402 CDL W . -54.14 -7.70 11.74
H401 CDL W . -54.18 -8.94 10.75
H412 CDL W . -52.84 -10.08 12.39
H411 CDL W . -52.59 -8.63 13.03
H422 CDL W . -51.54 -9.67 10.68
H421 CDL W . -50.78 -8.90 11.84
H432 CDL W . -51.81 -6.91 11.07
H431 CDL W . -52.28 -7.75 9.79
H442 CDL W . -50.35 -7.65 8.85
H441 CDL W . -49.57 -7.77 10.23
H452 CDL W . -50.28 -5.42 10.51
H451 CDL W . -50.38 -5.47 8.92
H462 CDL W . -48.07 -6.19 8.99
H461 CDL W . -48.08 -5.64 10.48
H473 CDL W . -48.52 -3.50 9.70
H472 CDL W . -48.53 -4.04 8.20
H471 CDL W . -47.18 -4.05 9.03
HB22 CDL W . -69.85 -1.33 3.92
HB21 CDL W . -68.28 -1.07 4.05
HB32 CDL W . -65.87 -2.82 1.86
HB31 CDL W . -65.59 -1.76 0.72
HB4 CDL W . -65.92 -4.49 -0.03
H512 CDL W . -62.69 -5.73 0.17
H511 CDL W . -63.17 -6.85 1.17
H522 CDL W . -61.40 -4.79 1.93
H521 CDL W . -61.81 -6.01 2.84
H532 CDL W . -60.26 -7.24 2.04
H531 CDL W . -60.72 -6.94 0.56
H542 CDL W . -59.33 -4.81 1.38
H541 CDL W . -58.49 -6.09 1.73
H552 CDL W . -59.42 -5.51 -0.87
H551 CDL W . -57.94 -5.22 -0.38
H562 CDL W . -59.08 -7.69 -1.00
H561 CDL W . -57.89 -7.67 0.04
H572 CDL W . -56.54 -7.79 -1.61
H571 CDL W . -56.95 -6.33 -2.00
H582 CDL W . -58.62 -7.17 -3.41
H581 CDL W . -58.16 -8.64 -3.03
H592 CDL W . -56.24 -7.00 -4.15
H591 CDL W . -57.36 -7.52 -5.13
H602 CDL W . -56.71 -9.65 -4.89
H601 CDL W . -55.79 -9.31 -3.65
H612 CDL W . -54.80 -9.72 -5.91
H611 CDL W . -54.11 -8.73 -4.87
H622 CDL W . -54.83 -6.91 -5.99
H621 CDL W . -55.84 -7.79 -6.86
H632 CDL W . -53.52 -8.72 -7.53
H631 CDL W . -53.24 -7.18 -7.37
H642 CDL W . -54.66 -6.63 -9.03
H641 CDL W . -55.30 -8.09 -9.04
H652 CDL W . -52.71 -7.50 -9.95
H651 CDL W . -53.37 -8.94 -10.01
H662 CDL W . -54.72 -8.37 -11.69
H661 CDL W . -54.51 -6.81 -11.43
H673 CDL W . -53.42 -7.48 -13.39
H672 CDL W . -52.55 -8.51 -12.55
H671 CDL W . -52.37 -6.96 -12.32
HB62 CDL W . -65.65 -2.65 -1.63
HB61 CDL W . -64.22 -2.43 -1.03
H712 CDL W . -63.58 -3.66 -4.94
H711 CDL W . -64.98 -3.49 -4.21
H722 CDL W . -63.42 -1.40 -3.55
H721 CDL W . -64.81 -1.35 -4.31
H732 CDL W . -63.56 -1.84 -6.32
H731 CDL W . -62.27 -1.46 -5.48
H742 CDL W . -63.79 0.62 -5.16
H741 CDL W . -64.04 0.22 -6.68
H752 CDL W . -61.67 1.14 -5.53
H751 CDL W . -61.59 0.29 -6.86
H762 CDL W . -62.57 2.87 -6.54
H761 CDL W . -63.12 1.99 -7.75
H772 CDL W . -61.32 2.25 -8.91
H771 CDL W . -60.39 2.16 -7.65
H782 CDL W . -61.82 4.47 -8.35
H781 CDL W . -60.76 4.37 -7.15
H792 CDL W . -59.66 3.84 -9.57
H791 CDL W . -59.14 4.83 -8.43
H802 CDL W . -60.73 6.40 -9.29
H801 CDL W . -60.85 5.44 -10.55
H812 CDL W . -58.51 6.78 -9.78
H811 CDL W . -58.61 5.79 -11.03
H822 CDL W . -59.38 8.43 -10.86
H821 CDL W . -60.30 7.48 -11.75
H832 CDL W . -58.70 7.18 -13.26
H831 CDL W . -57.56 7.63 -12.26
H842 CDL W . -58.00 9.80 -12.59
H841 CDL W . -58.09 9.17 -14.04
H852 CDL W . -60.46 9.12 -13.73
H851 CDL W . -60.23 10.03 -12.45
H862 CDL W . -59.16 11.06 -14.76
H861 CDL W . -59.96 11.82 -13.61
H873 CDL W . -61.97 11.11 -14.53
H872 CDL W . -61.14 11.95 -15.60
H871 CDL W . -61.18 10.36 -15.70
C1 CDL X . -55.12 41.52 -4.31
O1 CDL X . -55.02 41.98 -5.66
CA2 CDL X . -54.28 40.27 -4.27
OA2 CDL X . -54.78 39.30 -5.21
PA1 CDL X . -53.81 38.48 -6.14
OA3 CDL X . -52.66 37.96 -5.28
OA4 CDL X . -53.39 39.27 -7.30
OA5 CDL X . -54.70 37.24 -6.55
CA3 CDL X . -55.10 37.04 -7.92
CA4 CDL X . -55.06 35.57 -8.22
OA6 CDL X . -53.90 35.11 -7.46
CA5 CDL X . -52.68 35.51 -7.85
OA7 CDL X . -52.34 36.66 -7.88
C11 CDL X . -51.81 34.35 -8.23
C12 CDL X . -50.51 34.79 -8.87
C13 CDL X . -49.79 33.66 -9.57
C14 CDL X . -48.33 33.48 -9.18
C15 CDL X . -47.83 32.05 -9.26
C16 CDL X . -47.40 31.62 -10.65
C17 CDL X . -47.50 30.13 -10.91
C18 CDL X . -46.77 29.26 -9.90
C19 CDL X . -45.31 29.57 -9.73
C20 CDL X . -44.63 28.83 -8.59
C21 CDL X . -43.53 29.61 -7.91
C22 CDL X . -42.49 28.76 -7.21
C23 CDL X . -41.42 29.56 -6.49
C24 CDL X . -40.55 30.42 -7.39
C25 CDL X . -41.04 31.85 -7.57
C26 CDL X . -40.64 32.50 -8.87
C27 CDL X . -41.29 31.88 -10.09
CA6 CDL X . -54.67 35.37 -9.66
OA8 CDL X . -55.86 35.45 -10.49
CA7 CDL X . -56.60 34.35 -10.59
OA9 CDL X . -57.57 34.12 -9.92
C31 CDL X . -56.08 33.44 -11.67
C32 CDL X . -56.60 32.01 -11.58
C33 CDL X . -55.84 31.17 -10.57
C34 CDL X . -54.42 30.79 -11.01
C35 CDL X . -54.00 29.40 -10.59
C36 CDL X . -52.50 29.17 -10.60
C37 CDL X . -52.03 28.07 -9.67
C38 CDL X . -50.55 27.75 -9.75
C39 CDL X . -50.19 26.33 -9.34
C40 CDL X . -48.76 26.14 -8.86
C41 CDL X . -48.14 24.81 -9.20
C42 CDL X . -46.62 24.72 -9.08
C43 CDL X . -46.02 25.50 -7.92
C44 CDL X . -44.55 25.19 -7.66
C45 CDL X . -44.17 25.19 -6.18
C46 CDL X . -42.97 24.32 -5.86
C47 CDL X . -42.30 24.66 -4.53
CB2 CDL X . -54.34 42.55 -3.50
OB2 CDL X . -53.40 43.26 -4.33
PB2 CDL X . -52.20 44.07 -3.69
OB3 CDL X . -51.81 43.39 -2.37
OB4 CDL X . -52.54 45.50 -3.56
OB5 CDL X . -51.03 43.86 -4.73
CB3 CDL X . -50.18 42.69 -4.68
CB4 CDL X . -49.23 42.77 -5.83
OB6 CDL X . -48.75 41.38 -5.94
CB5 CDL X . -49.27 40.63 -6.91
OB7 CDL X . -50.43 40.41 -7.05
C51 CDL X . -48.18 40.11 -7.82
C52 CDL X . -47.77 38.69 -7.48
C53 CDL X . -46.59 38.21 -8.31
C54 CDL X . -45.43 37.65 -7.52
C55 CDL X . -44.12 38.38 -7.76
C56 CDL X . -43.61 38.26 -9.19
C57 CDL X . -42.11 38.43 -9.31
C58 CDL X . -41.71 39.73 -10.00
C59 CDL X . -40.20 39.92 -10.09
C60 CDL X . -39.58 39.41 -11.38
C61 CDL X . -38.06 39.29 -11.34
C62 CDL X . -37.38 40.23 -10.37
C63 CDL X . -35.88 40.35 -10.56
C64 CDL X . -35.35 41.78 -10.50
C65 CDL X . -33.93 41.94 -11.01
C66 CDL X . -33.41 43.35 -10.92
C67 CDL X . -31.90 43.44 -11.00
CB6 CDL X . -47.99 43.49 -5.37
OB8 CDL X . -47.10 43.64 -6.51
CB7 CDL X . -45.80 43.71 -6.25
OB9 CDL X . -45.06 42.76 -6.30
C71 CDL X . -45.39 45.10 -5.90
C72 CDL X . -45.11 45.31 -4.42
C73 CDL X . -43.73 45.83 -4.13
C74 CDL X . -43.55 46.40 -2.73
C75 CDL X . -42.28 45.94 -2.02
C76 CDL X . -41.84 46.85 -0.89
C77 CDL X . -40.37 46.74 -0.54
C78 CDL X . -40.10 46.82 0.95
C79 CDL X . -38.64 46.85 1.35
C80 CDL X . -38.27 47.88 2.40
C81 CDL X . -36.91 47.65 3.05
C82 CDL X . -36.49 48.68 4.08
C83 CDL X . -34.99 48.94 4.15
C84 CDL X . -34.54 49.58 5.45
C85 CDL X . -35.43 50.70 5.96
C86 CDL X . -34.83 51.52 7.08
C87 CDL X . -35.15 53.00 7.00
H1 CDL X . -56.04 41.40 -4.01
H1O1 CDL X . -54.20 41.92 -5.92
HA22 CDL X . -54.29 39.90 -3.37
HA21 CDL X . -53.37 40.50 -4.50
HA32 CDL X . -56.01 37.37 -8.04
HA31 CDL X . -54.51 37.53 -8.52
HA4 CDL X . -55.90 35.12 -7.99
H112 CDL X . -52.30 33.79 -8.86
H111 CDL X . -51.62 33.83 -7.44
H122 CDL X . -49.93 35.14 -8.17
H121 CDL X . -50.70 35.48 -9.52
H132 CDL X . -49.82 33.82 -10.53
H131 CDL X . -50.26 32.83 -9.38
H142 CDL X . -48.22 33.79 -8.27
H141 CDL X . -47.79 34.03 -9.77
H152 CDL X . -48.54 31.46 -8.97
H151 CDL X . -47.07 31.96 -8.66
H162 CDL X . -46.47 31.89 -10.78
H161 CDL X . -47.95 32.08 -11.30
H172 CDL X . -47.15 29.95 -11.79
H171 CDL X . -48.45 29.89 -10.89
H182 CDL X . -46.85 28.34 -10.20
H181 CDL X . -47.21 29.36 -9.04
H192 CDL X . -45.21 30.52 -9.56
H191 CDL X . -44.85 29.34 -10.56
H202 CDL X . -44.25 28.01 -8.95
H201 CDL X . -45.30 28.63 -7.92
H212 CDL X . -43.93 30.19 -7.26
H211 CDL X . -43.07 30.13 -8.60
H222 CDL X . -42.04 28.21 -7.88
H221 CDL X . -42.94 28.20 -6.57
H232 CDL X . -40.85 28.94 -6.01
H231 CDL X . -41.87 30.15 -5.85
H242 CDL X . -39.66 30.45 -7.00
H241 CDL X . -40.52 29.99 -8.25
H252 CDL X . -40.68 32.38 -6.84
H251 CDL X . -42.02 31.84 -7.52
H262 CDL X . -40.89 33.43 -8.84
H261 CDL X . -39.68 32.41 -8.98
H273 CDL X . -40.97 30.99 -10.22
H272 CDL X . -41.09 32.42 -10.87
H271 CDL X . -42.25 31.87 -9.96
HA62 CDL X . -54.27 34.49 -9.76
HA61 CDL X . -54.06 36.06 -9.94
H312 CDL X . -56.35 33.80 -12.53
H311 CDL X . -55.12 33.42 -11.61
H322 CDL X . -57.54 32.04 -11.30
H321 CDL X . -56.53 31.59 -12.45
H332 CDL X . -56.33 30.35 -10.42
H331 CDL X . -55.77 31.68 -9.74
H342 CDL X . -53.81 31.43 -10.61
H341 CDL X . -54.38 30.85 -11.97
H352 CDL X . -54.40 28.77 -11.20
H351 CDL X . -54.32 29.24 -9.69
H362 CDL X . -52.06 29.99 -10.36
H361 CDL X . -52.23 28.94 -11.51
H372 CDL X . -52.52 27.27 -9.88
H371 CDL X . -52.23 28.35 -8.76
H382 CDL X . -50.08 28.35 -9.15
H381 CDL X . -50.27 27.88 -10.66
H392 CDL X . -50.31 25.76 -10.12
H391 CDL X . -50.78 26.06 -8.62
H402 CDL X . -48.76 26.23 -7.89
H401 CDL X . -48.21 26.84 -9.25
H412 CDL X . -48.36 24.60 -10.13
H411 CDL X . -48.51 24.15 -8.60
H422 CDL X . -46.24 25.06 -9.90
H421 CDL X . -46.39 23.79 -8.96
H432 CDL X . -46.52 25.29 -7.12
H431 CDL X . -46.09 26.44 -8.13
H442 CDL X . -44.02 25.87 -8.10
H441 CDL X . -44.35 24.32 -8.02
H452 CDL X . -44.91 24.86 -5.67
H451 CDL X . -43.96 26.10 -5.92
H462 CDL X . -42.30 24.43 -6.56
H461 CDL X . -43.26 23.40 -5.82
H473 CDL X . -42.94 24.53 -3.81
H472 CDL X . -42.01 25.58 -4.54
H471 CDL X . -41.54 24.07 -4.40
HB22 CDL X . -54.97 43.19 -3.13
HB21 CDL X . -53.85 42.08 -2.81
HB32 CDL X . -50.72 41.89 -4.75
HB31 CDL X . -49.69 42.68 -3.84
HB4 CDL X . -49.61 43.12 -6.65
H512 CDL X . -47.40 40.69 -7.74
H511 CDL X . -48.49 40.14 -8.74
H522 CDL X . -47.53 38.65 -6.54
H521 CDL X . -48.53 38.10 -7.64
H532 CDL X . -46.91 37.52 -8.91
H531 CDL X . -46.28 38.96 -8.83
H542 CDL X . -45.63 37.68 -6.57
H541 CDL X . -45.32 36.72 -7.76
H552 CDL X . -44.26 39.32 -7.56
H551 CDL X . -43.46 38.02 -7.15
H562 CDL X . -44.05 38.93 -9.72
H561 CDL X . -43.85 37.38 -9.52
H572 CDL X . -41.75 37.69 -9.82
H571 CDL X . -41.71 38.42 -8.43
H582 CDL X . -42.08 40.47 -9.51
H581 CDL X . -42.08 39.71 -10.90
H592 CDL X . -39.80 39.46 -9.35
H591 CDL X . -40.03 40.87 -10.04
H602 CDL X . -39.83 40.00 -12.10
H601 CDL X . -39.94 38.52 -11.56
H612 CDL X . -37.74 39.49 -12.23
H611 CDL X . -37.84 38.38 -11.10
H622 CDL X . -37.53 39.89 -9.47
H621 CDL X . -37.76 41.11 -10.48
H632 CDL X . -35.64 39.96 -11.41
H631 CDL X . -35.44 39.84 -9.85
H642 CDL X . -35.38 42.08 -9.59
H641 CDL X . -35.94 42.33 -11.05
H652 CDL X . -33.36 41.36 -10.50
H651 CDL X . -33.91 41.67 -11.95
H662 CDL X . -33.77 43.87 -11.65
H661 CDL X . -33.68 43.73 -10.07
H673 CDL X . -31.62 44.37 -10.95
H672 CDL X . -31.59 43.06 -11.83
H671 CDL X . -31.51 42.95 -10.25
HB62 CDL X . -48.25 44.36 -5.04
HB61 CDL X . -47.55 42.98 -4.67
H712 CDL X . -44.57 45.31 -6.39
H711 CDL X . -46.09 45.72 -6.17
H722 CDL X . -45.22 44.45 -3.97
H721 CDL X . -45.76 45.94 -4.08
H732 CDL X . -43.53 46.54 -4.77
H731 CDL X . -43.10 45.11 -4.25
H742 CDL X . -44.31 46.13 -2.20
H741 CDL X . -43.53 47.36 -2.79
H752 CDL X . -42.45 45.06 -1.66
H751 CDL X . -41.57 45.89 -2.67
H762 CDL X . -42.35 46.62 -0.11
H761 CDL X . -42.02 47.76 -1.15
H772 CDL X . -39.89 47.46 -0.99
H771 CDL X . -40.03 45.90 -0.87
H782 CDL X . -40.50 47.64 1.27
H781 CDL X . -40.50 46.04 1.36
H792 CDL X . -38.12 47.04 0.56
H791 CDL X . -38.41 45.97 1.70
H802 CDL X . -38.94 47.85 3.10
H801 CDL X . -38.26 48.75 1.97
H812 CDL X . -36.93 46.79 3.48
H811 CDL X . -36.24 47.66 2.34
H822 CDL X . -36.77 48.36 4.95
H821 CDL X . -36.92 49.51 3.86
H832 CDL X . -34.75 49.54 3.42
H831 CDL X . -34.52 48.10 4.04
H842 CDL X . -34.50 48.89 6.13
H841 CDL X . -33.66 49.95 5.31
H852 CDL X . -35.63 51.29 5.22
H851 CDL X . -36.25 50.29 6.30
H862 CDL X . -33.87 51.42 7.05
H861 CDL X . -35.17 51.19 7.92
H873 CDL X . -36.12 53.12 7.02
H872 CDL X . -34.74 53.46 7.75
H871 CDL X . -34.80 53.35 6.17
#